data_2YII
#
_entry.id   2YII
#
_cell.length_a   99.454
_cell.length_b   145.999
_cell.length_c   99.680
_cell.angle_alpha   90.00
_cell.angle_beta   99.51
_cell.angle_gamma   90.00
#
_symmetry.space_group_name_H-M   'P 1 21 1'
#
loop_
_entity.id
_entity.type
_entity.pdbx_description
1 polymer 'PHENYLALANINE AMMONIA-LYASE'
2 non-polymer BETA-MERCAPTOETHANOL
3 non-polymer 'FORMIC ACID'
4 non-polymer GLYCEROL
5 water water
#
_entity_poly.entity_id   1
_entity_poly.type   'polypeptide(L)'
_entity_poly.pdbx_seq_one_letter_code
;MGSSHHHHHHSSGLVPRGSHMGFAVESRSHVKDILGLINAFNEVKKITVDGTTPITVAHVAALARRHDVKVALEAEQCRA
RVETCSSWVQRKAEDGADIYGVTTGFGACSSRRTNRLSELQESLIRCLLAGVFTKGCAPSVDELPATATRSAMLLRLNSF
TYGCSGIRWEVMEALEKLLNSNVSPKVPLRGSVS(MDO)DLIPLAYIAGLLIGKPSVIARIGDDVEVPAPEALSRVGLRP
FKLQAKEGLALVNGTSFATAVASTVMYDANVLLLLVETLCGMFCEVIFGREEFAHPLIHKVKPHPGQIESAELLEWLLRS
SPFQELSREYYSIDKLKKPKQDRYALRSSPQWLAPLVQTIRDATTTVETEVNSANDNPIIDHANDRALHGANFQGSAVGF
YMDYVRIAVAGLGKLLFAQFTELMIEYYSNGLPGNLSLGPDLSVDYGLKGLDIAMAAYSSELQYLANPVTTHVHSAEQHN
QDINSLALISARKTEEALDILKLMIASHLTAMCQAVDLRQLEEALVKVVENVVSTLADECGLPNDTKARLLYVAKAVPVY
TYLESPCDPTLPLLLGLKQSCFDTILALHKKDGIETDTLVDRLAEFEKRLSDRLENEMTAVRVLYEKKGHKTADNNDALV
RIQGSKFLPFYRFVREELDTGVMSARREQTPQEDVQKVFDAIADGRITVPLLHCLQGFLGQPNGCANGV
;
_entity_poly.pdbx_strand_id   A,B,C,D
#
loop_
_chem_comp.id
_chem_comp.type
_chem_comp.name
_chem_comp.formula
BME non-polymer BETA-MERCAPTOETHANOL 'C2 H6 O S'
FMT non-polymer 'FORMIC ACID' 'C H2 O2'
GOL non-polymer GLYCEROL 'C3 H8 O3'
#
# COMPACT_ATOMS: atom_id res chain seq x y z
N SER A 29 -22.11 -3.63 -27.26
CA SER A 29 -22.03 -3.11 -25.86
C SER A 29 -21.64 -4.17 -24.85
N HIS A 30 -20.79 -3.79 -23.90
CA HIS A 30 -20.43 -4.66 -22.79
C HIS A 30 -21.66 -5.15 -22.03
N VAL A 31 -22.74 -4.37 -22.09
CA VAL A 31 -24.01 -4.74 -21.43
C VAL A 31 -24.60 -6.01 -22.04
N LYS A 32 -24.56 -6.14 -23.37
CA LYS A 32 -25.02 -7.37 -24.04
C LYS A 32 -24.13 -8.55 -23.65
N ASP A 33 -22.81 -8.32 -23.66
CA ASP A 33 -21.83 -9.32 -23.25
C ASP A 33 -22.09 -9.87 -21.83
N ILE A 34 -22.35 -8.99 -20.88
CA ILE A 34 -22.59 -9.42 -19.50
C ILE A 34 -23.91 -10.21 -19.42
N LEU A 35 -24.95 -9.73 -20.10
CA LEU A 35 -26.22 -10.46 -20.19
C LEU A 35 -26.02 -11.86 -20.80
N GLY A 36 -25.18 -11.93 -21.84
CA GLY A 36 -24.78 -13.20 -22.44
C GLY A 36 -24.13 -14.13 -21.43
N LEU A 37 -23.29 -13.57 -20.56
CA LEU A 37 -22.66 -14.34 -19.47
C LEU A 37 -23.66 -14.84 -18.44
N ILE A 38 -24.63 -14.00 -18.07
CA ILE A 38 -25.65 -14.38 -17.10
C ILE A 38 -26.53 -15.50 -17.66
N ASN A 39 -26.98 -15.32 -18.90
CA ASN A 39 -27.77 -16.34 -19.59
C ASN A 39 -27.03 -17.67 -19.69
N ALA A 40 -25.75 -17.60 -20.08
CA ALA A 40 -24.93 -18.80 -20.20
C ALA A 40 -24.74 -19.53 -18.86
N PHE A 41 -24.51 -18.76 -17.79
CA PHE A 41 -24.39 -19.31 -16.44
C PHE A 41 -25.65 -20.08 -16.01
N ASN A 42 -26.82 -19.57 -16.41
CA ASN A 42 -28.09 -20.18 -16.06
C ASN A 42 -28.55 -21.31 -16.98
N GLU A 43 -28.14 -21.25 -18.24
CA GLU A 43 -28.64 -22.20 -19.25
C GLU A 43 -27.79 -23.45 -19.45
N VAL A 44 -26.51 -23.38 -19.10
CA VAL A 44 -25.57 -24.48 -19.37
C VAL A 44 -25.94 -25.74 -18.57
N LYS A 45 -25.92 -26.89 -19.25
CA LYS A 45 -26.21 -28.17 -18.62
C LYS A 45 -24.95 -29.04 -18.60
N LYS A 46 -24.16 -28.91 -19.67
CA LYS A 46 -22.95 -29.69 -19.86
C LYS A 46 -21.79 -28.79 -20.25
N ILE A 47 -20.63 -29.00 -19.64
CA ILE A 47 -19.42 -28.31 -20.07
C ILE A 47 -18.61 -29.26 -20.94
N THR A 48 -18.56 -28.94 -22.23
CA THR A 48 -17.80 -29.74 -23.19
C THR A 48 -16.30 -29.45 -23.05
N VAL A 49 -15.53 -30.50 -22.77
CA VAL A 49 -14.09 -30.39 -22.58
C VAL A 49 -13.45 -31.22 -23.68
N ASP A 50 -12.92 -30.55 -24.71
CA ASP A 50 -12.57 -31.24 -25.95
C ASP A 50 -11.36 -30.68 -26.70
N GLY A 51 -10.71 -29.66 -26.14
CA GLY A 51 -9.51 -29.11 -26.74
C GLY A 51 -9.72 -28.00 -27.77
N THR A 52 -10.98 -27.66 -28.03
CA THR A 52 -11.31 -26.64 -29.03
C THR A 52 -12.43 -25.69 -28.58
N THR A 53 -13.45 -26.24 -27.94
CA THR A 53 -14.56 -25.46 -27.42
C THR A 53 -14.09 -24.64 -26.22
N PRO A 54 -14.19 -23.30 -26.31
CA PRO A 54 -13.80 -22.42 -25.22
C PRO A 54 -14.60 -22.65 -23.94
N ILE A 55 -13.93 -22.59 -22.79
CA ILE A 55 -14.61 -22.57 -21.51
C ILE A 55 -14.61 -21.12 -21.02
N THR A 56 -15.80 -20.58 -20.73
CA THR A 56 -15.92 -19.20 -20.27
C THR A 56 -15.99 -19.14 -18.74
N VAL A 57 -15.90 -17.92 -18.17
CA VAL A 57 -15.99 -17.77 -16.71
C VAL A 57 -17.37 -18.14 -16.20
N ALA A 58 -18.39 -17.98 -17.05
CA ALA A 58 -19.75 -18.43 -16.74
C ALA A 58 -19.80 -19.94 -16.56
N HIS A 59 -19.17 -20.67 -17.49
CA HIS A 59 -19.11 -22.13 -17.41
C HIS A 59 -18.42 -22.62 -16.14
N VAL A 60 -17.30 -21.99 -15.79
CA VAL A 60 -16.58 -22.32 -14.55
C VAL A 60 -17.46 -22.03 -13.33
N ALA A 61 -18.03 -20.83 -13.29
CA ALA A 61 -18.93 -20.44 -12.19
C ALA A 61 -20.11 -21.40 -12.05
N ALA A 62 -20.65 -21.82 -13.19
CA ALA A 62 -21.77 -22.78 -13.22
C ALA A 62 -21.39 -24.15 -12.67
N LEU A 63 -20.24 -24.68 -13.10
CA LEU A 63 -19.73 -25.94 -12.54
C LEU A 63 -19.59 -25.82 -11.01
N ALA A 64 -18.99 -24.73 -10.57
CA ALA A 64 -18.71 -24.50 -9.15
C ALA A 64 -19.99 -24.40 -8.33
N ARG A 65 -21.02 -23.77 -8.88
CA ARG A 65 -22.20 -23.37 -8.10
C ARG A 65 -23.46 -24.18 -8.35
N ARG A 66 -23.58 -24.79 -9.53
CA ARG A 66 -24.75 -25.62 -9.84
C ARG A 66 -24.30 -27.06 -9.98
N HIS A 67 -24.64 -27.89 -8.98
CA HIS A 67 -24.19 -29.29 -8.95
C HIS A 67 -24.79 -30.18 -10.06
N ASP A 68 -25.90 -29.74 -10.64
CA ASP A 68 -26.51 -30.44 -11.79
C ASP A 68 -25.73 -30.24 -13.10
N VAL A 69 -24.83 -29.26 -13.14
CA VAL A 69 -23.95 -29.06 -14.30
C VAL A 69 -22.87 -30.14 -14.32
N LYS A 70 -22.70 -30.78 -15.47
CA LYS A 70 -21.78 -31.90 -15.59
C LYS A 70 -20.68 -31.64 -16.61
N VAL A 71 -19.54 -32.28 -16.40
CA VAL A 71 -18.41 -32.20 -17.31
C VAL A 71 -18.56 -33.32 -18.34
N ALA A 72 -18.35 -32.99 -19.61
CA ALA A 72 -18.31 -33.98 -20.69
C ALA A 72 -16.96 -33.93 -21.42
N LEU A 73 -16.09 -34.87 -21.06
CA LEU A 73 -14.80 -35.01 -21.70
C LEU A 73 -14.99 -35.79 -22.99
N GLU A 74 -14.71 -35.13 -24.12
CA GLU A 74 -15.01 -35.70 -25.44
C GLU A 74 -13.81 -36.40 -26.07
N ALA A 75 -13.85 -37.72 -26.09
CA ALA A 75 -12.82 -38.55 -26.69
C ALA A 75 -12.62 -38.22 -28.17
N GLU A 76 -13.74 -38.20 -28.90
CA GLU A 76 -13.76 -37.92 -30.34
C GLU A 76 -12.79 -36.82 -30.76
N GLN A 77 -12.66 -35.79 -29.94
CA GLN A 77 -11.93 -34.57 -30.34
C GLN A 77 -10.46 -34.48 -29.94
N CYS A 78 -10.08 -35.16 -28.86
CA CYS A 78 -8.73 -34.97 -28.29
C CYS A 78 -8.04 -36.21 -27.72
N ARG A 79 -8.78 -37.30 -27.55
CA ARG A 79 -8.22 -38.54 -27.02
C ARG A 79 -7.00 -38.99 -27.84
N ALA A 80 -7.13 -38.93 -29.16
CA ALA A 80 -6.05 -39.27 -30.08
C ALA A 80 -4.76 -38.51 -29.76
N ARG A 81 -4.84 -37.17 -29.75
CA ARG A 81 -3.65 -36.35 -29.50
C ARG A 81 -3.07 -36.54 -28.08
N VAL A 82 -3.95 -36.83 -27.12
CA VAL A 82 -3.55 -37.12 -25.74
C VAL A 82 -2.72 -38.41 -25.65
N GLU A 83 -3.14 -39.44 -26.38
CA GLU A 83 -2.43 -40.72 -26.39
C GLU A 83 -1.12 -40.69 -27.16
N THR A 84 -1.05 -39.85 -28.20
CA THR A 84 0.19 -39.66 -28.96
C THR A 84 1.24 -39.02 -28.05
N CYS A 85 0.82 -37.97 -27.33
CA CYS A 85 1.70 -37.23 -26.44
C CYS A 85 2.12 -38.08 -25.25
N SER A 86 1.18 -38.85 -24.73
CA SER A 86 1.40 -39.79 -23.64
C SER A 86 2.47 -40.83 -24.01
N SER A 87 2.28 -41.44 -25.18
CA SER A 87 3.19 -42.47 -25.69
C SER A 87 4.58 -41.89 -25.98
N TRP A 88 4.62 -40.69 -26.57
CA TRP A 88 5.87 -40.01 -26.88
C TRP A 88 6.73 -39.80 -25.63
N VAL A 89 6.15 -39.19 -24.59
CA VAL A 89 6.84 -38.91 -23.34
C VAL A 89 7.41 -40.18 -22.69
N GLN A 90 6.57 -41.21 -22.61
CA GLN A 90 6.97 -42.47 -21.96
C GLN A 90 8.11 -43.18 -22.70
N ARG A 91 8.05 -43.19 -24.04
CA ARG A 91 9.08 -43.85 -24.84
C ARG A 91 10.40 -43.09 -24.79
N LYS A 92 10.32 -41.76 -24.87
CA LYS A 92 11.53 -40.92 -24.80
C LYS A 92 12.22 -41.06 -23.45
N ALA A 93 11.41 -41.07 -22.38
CA ALA A 93 11.92 -41.25 -21.03
C ALA A 93 12.64 -42.60 -20.87
N GLU A 94 12.05 -43.65 -21.41
CA GLU A 94 12.65 -44.98 -21.37
C GLU A 94 13.91 -45.06 -22.22
N ASP A 95 13.94 -44.30 -23.32
CA ASP A 95 15.11 -44.22 -24.18
C ASP A 95 16.22 -43.40 -23.53
N GLY A 96 15.89 -42.73 -22.43
CA GLY A 96 16.85 -41.91 -21.71
C GLY A 96 17.09 -40.55 -22.34
N ALA A 97 16.06 -39.98 -22.96
CA ALA A 97 16.15 -38.61 -23.48
C ALA A 97 16.23 -37.63 -22.32
N ASP A 98 16.97 -36.54 -22.53
CA ASP A 98 17.20 -35.54 -21.49
C ASP A 98 16.07 -34.49 -21.52
N ILE A 99 15.06 -34.70 -20.68
CA ILE A 99 13.88 -33.83 -20.65
C ILE A 99 13.58 -33.38 -19.23
N TYR A 100 13.37 -32.07 -19.06
CA TYR A 100 13.12 -31.50 -17.73
C TYR A 100 11.95 -32.16 -17.02
N GLY A 101 12.17 -32.49 -15.75
CA GLY A 101 11.13 -33.06 -14.89
C GLY A 101 10.63 -34.42 -15.32
N VAL A 102 11.30 -35.02 -16.30
CA VAL A 102 10.99 -36.35 -16.80
C VAL A 102 12.17 -37.27 -16.48
N THR A 103 13.37 -36.83 -16.86
CA THR A 103 14.60 -37.51 -16.51
C THR A 103 15.54 -36.56 -15.76
N THR A 104 14.99 -35.46 -15.23
CA THR A 104 15.79 -34.50 -14.46
C THR A 104 15.06 -34.04 -13.20
N GLY A 105 15.82 -33.49 -12.25
CA GLY A 105 15.25 -32.90 -11.05
C GLY A 105 14.41 -31.69 -11.35
N PHE A 106 13.75 -31.16 -10.32
CA PHE A 106 12.77 -30.08 -10.48
C PHE A 106 13.30 -28.73 -10.02
N GLY A 107 12.82 -27.67 -10.66
CA GLY A 107 13.20 -26.31 -10.30
C GLY A 107 14.70 -26.11 -10.31
N ALA A 108 15.24 -25.70 -9.16
CA ALA A 108 16.68 -25.46 -8.99
C ALA A 108 17.51 -26.75 -9.00
N CYS A 109 16.85 -27.91 -8.94
CA CYS A 109 17.55 -29.19 -8.92
C CYS A 109 17.63 -29.77 -10.33
N SER A 110 17.51 -28.58 -11.96
CA SER A 110 17.35 -29.31 -13.25
C SER A 110 18.65 -30.01 -13.68
N SER A 111 19.73 -29.81 -12.94
CA SER A 111 21.03 -30.39 -13.31
C SER A 111 21.18 -31.87 -12.89
N ARG A 112 20.26 -32.36 -12.07
CA ARG A 112 20.30 -33.74 -11.60
C ARG A 112 19.48 -34.67 -12.49
N ARG A 113 20.13 -35.69 -13.05
CA ARG A 113 19.45 -36.65 -13.91
C ARG A 113 19.08 -37.93 -13.16
N THR A 114 18.05 -38.61 -13.66
CA THR A 114 17.60 -39.90 -13.12
C THR A 114 17.06 -40.77 -14.23
N ASN A 115 17.11 -42.09 -14.03
CA ASN A 115 16.33 -43.02 -14.83
C ASN A 115 15.19 -43.65 -14.01
N ARG A 116 15.02 -43.19 -12.77
CA ARG A 116 13.98 -43.70 -11.89
C ARG A 116 12.68 -42.92 -12.12
N LEU A 117 12.03 -43.25 -13.23
CA LEU A 117 10.97 -42.41 -13.80
C LEU A 117 9.76 -42.19 -12.90
N SER A 118 9.23 -43.27 -12.35
CA SER A 118 8.05 -43.19 -11.48
C SER A 118 8.36 -42.58 -10.12
N GLU A 119 9.48 -42.98 -9.53
CA GLU A 119 9.86 -42.47 -8.20
C GLU A 119 10.17 -40.96 -8.23
N LEU A 120 10.71 -40.47 -9.34
CA LEU A 120 10.94 -39.04 -9.53
C LEU A 120 9.64 -38.26 -9.37
N GLN A 121 8.59 -38.74 -10.03
CA GLN A 121 7.27 -38.11 -9.98
C GLN A 121 6.63 -38.18 -8.59
N GLU A 122 6.81 -39.30 -7.89
CA GLU A 122 6.19 -39.49 -6.58
C GLU A 122 6.93 -38.71 -5.50
N SER A 123 8.22 -38.48 -5.68
CA SER A 123 9.01 -37.67 -4.75
C SER A 123 8.59 -36.20 -4.83
N LEU A 124 8.16 -35.79 -6.02
CA LEU A 124 7.64 -34.43 -6.23
C LEU A 124 6.31 -34.20 -5.49
N ILE A 125 5.40 -35.18 -5.54
CA ILE A 125 4.14 -35.07 -4.82
C ILE A 125 4.37 -35.09 -3.30
N ARG A 126 5.22 -36.01 -2.84
CA ARG A 126 5.56 -36.11 -1.41
C ARG A 126 6.04 -34.78 -0.89
N CYS A 127 6.96 -34.16 -1.64
CA CYS A 127 7.56 -32.90 -1.28
C CYS A 127 6.56 -31.71 -1.26
N LEU A 128 5.56 -31.74 -2.13
CA LEU A 128 4.60 -30.63 -2.24
C LEU A 128 3.35 -30.75 -1.38
N LEU A 129 3.17 -31.88 -0.71
CA LEU A 129 2.09 -32.01 0.27
C LEU A 129 2.58 -31.35 1.54
N ALA A 130 2.57 -30.02 1.52
CA ALA A 130 3.30 -29.19 2.48
C ALA A 130 2.48 -27.99 2.97
N GLY A 131 1.18 -28.00 2.69
CA GLY A 131 0.29 -27.00 3.21
C GLY A 131 -0.07 -27.30 4.66
N VAL A 132 -0.66 -26.31 5.33
CA VAL A 132 -1.10 -26.47 6.73
C VAL A 132 -2.55 -25.99 6.83
N PHE A 133 -3.38 -26.76 7.54
CA PHE A 133 -4.73 -26.32 7.84
C PHE A 133 -4.75 -25.42 9.08
N THR A 134 -4.89 -24.13 8.83
CA THR A 134 -4.95 -23.11 9.86
C THR A 134 -6.41 -22.86 10.26
N LYS A 135 -6.63 -22.33 11.46
CA LYS A 135 -7.99 -22.00 11.91
C LYS A 135 -8.43 -20.57 11.53
N VAL A 141 -12.05 -23.92 10.07
CA VAL A 141 -10.74 -24.16 9.45
C VAL A 141 -10.62 -23.44 8.11
N ASP A 142 -9.46 -22.83 7.86
CA ASP A 142 -9.19 -22.12 6.60
C ASP A 142 -8.75 -23.11 5.55
N GLU A 143 -9.29 -22.95 4.36
CA GLU A 143 -9.00 -23.85 3.25
C GLU A 143 -9.52 -23.23 1.97
N LEU A 144 -8.96 -23.66 0.85
CA LEU A 144 -9.57 -23.34 -0.44
C LEU A 144 -10.87 -24.15 -0.49
N PRO A 145 -12.01 -23.48 -0.73
CA PRO A 145 -13.30 -24.15 -0.69
C PRO A 145 -13.48 -25.15 -1.84
N ALA A 146 -14.45 -26.04 -1.69
CA ALA A 146 -14.76 -27.07 -2.69
C ALA A 146 -15.06 -26.45 -4.06
N THR A 147 -15.76 -25.32 -4.07
CA THR A 147 -16.06 -24.59 -5.31
C THR A 147 -14.78 -24.30 -6.10
N ALA A 148 -13.78 -23.74 -5.41
CA ALA A 148 -12.49 -23.43 -6.02
C ALA A 148 -11.72 -24.67 -6.43
N THR A 149 -11.77 -25.71 -5.58
CA THR A 149 -11.04 -26.94 -5.83
C THR A 149 -11.57 -27.67 -7.07
N ARG A 150 -12.90 -27.78 -7.17
CA ARG A 150 -13.55 -28.42 -8.32
C ARG A 150 -13.33 -27.61 -9.60
N SER A 151 -13.37 -26.29 -9.50
CA SER A 151 -13.03 -25.41 -10.62
C SER A 151 -11.58 -25.64 -11.07
N ALA A 152 -10.66 -25.75 -10.11
CA ALA A 152 -9.26 -26.06 -10.40
C ALA A 152 -9.11 -27.42 -11.09
N MET A 153 -9.94 -28.39 -10.70
CA MET A 153 -9.92 -29.72 -11.33
C MET A 153 -10.36 -29.63 -12.79
N LEU A 154 -11.43 -28.88 -13.05
CA LEU A 154 -11.91 -28.59 -14.40
C LEU A 154 -10.82 -27.97 -15.28
N LEU A 155 -10.17 -26.94 -14.74
CA LEU A 155 -9.17 -26.20 -15.48
C LEU A 155 -7.92 -27.04 -15.77
N ARG A 156 -7.54 -27.92 -14.83
CA ARG A 156 -6.43 -28.84 -15.06
C ARG A 156 -6.75 -29.87 -16.14
N LEU A 157 -7.95 -30.44 -16.06
CA LEU A 157 -8.43 -31.39 -17.06
C LEU A 157 -8.45 -30.74 -18.45
N ASN A 158 -8.97 -29.52 -18.51
CA ASN A 158 -9.01 -28.75 -19.76
C ASN A 158 -7.62 -28.52 -20.35
N SER A 159 -6.66 -28.14 -19.51
CA SER A 159 -5.27 -27.97 -19.94
C SER A 159 -4.78 -29.20 -20.70
N PHE A 160 -5.14 -30.37 -20.18
CA PHE A 160 -4.66 -31.65 -20.70
C PHE A 160 -5.19 -32.00 -22.09
N THR A 161 -6.34 -31.44 -22.46
CA THR A 161 -6.97 -31.73 -23.74
C THR A 161 -6.21 -31.18 -24.94
N TYR A 162 -5.29 -30.24 -24.69
CA TYR A 162 -4.49 -29.65 -25.78
C TYR A 162 -3.38 -30.58 -26.26
N GLY A 163 -3.09 -31.61 -25.47
CA GLY A 163 -2.18 -32.68 -25.87
C GLY A 163 -0.72 -32.30 -25.83
N CYS A 164 -0.34 -31.48 -24.86
CA CYS A 164 1.06 -31.08 -24.69
C CYS A 164 1.67 -31.64 -23.41
N SER A 165 0.86 -32.32 -22.60
CA SER A 165 1.24 -32.64 -21.22
C SER A 165 1.90 -34.01 -20.97
N GLY A 166 1.50 -35.01 -21.74
CA GLY A 166 2.00 -36.38 -21.55
C GLY A 166 1.25 -37.17 -20.49
N ILE A 167 0.21 -36.57 -19.93
CA ILE A 167 -0.65 -37.27 -18.96
C ILE A 167 -1.45 -38.35 -19.69
N ARG A 168 -1.74 -39.44 -19.00
CA ARG A 168 -2.56 -40.52 -19.56
C ARG A 168 -4.04 -40.12 -19.67
N TRP A 169 -4.68 -40.60 -20.73
CA TRP A 169 -6.12 -40.39 -20.93
C TRP A 169 -6.93 -40.88 -19.72
N GLU A 170 -6.54 -42.03 -19.17
CA GLU A 170 -7.21 -42.62 -18.02
C GLU A 170 -7.25 -41.68 -16.80
N VAL A 171 -6.17 -40.94 -16.58
CA VAL A 171 -6.10 -39.96 -15.50
C VAL A 171 -7.12 -38.84 -15.72
N MET A 172 -7.23 -38.37 -16.97
CA MET A 172 -8.21 -37.36 -17.35
C MET A 172 -9.64 -37.85 -17.12
N GLU A 173 -9.92 -39.09 -17.55
CA GLU A 173 -11.19 -39.76 -17.27
C GLU A 173 -11.50 -39.82 -15.77
N ALA A 174 -10.46 -40.04 -14.96
CA ALA A 174 -10.63 -40.05 -13.51
C ALA A 174 -11.03 -38.68 -12.97
N LEU A 175 -10.45 -37.62 -13.53
CA LEU A 175 -10.77 -36.25 -13.13
C LEU A 175 -12.23 -35.92 -13.45
N GLU A 176 -12.66 -36.26 -14.66
CA GLU A 176 -14.06 -36.12 -15.07
C GLU A 176 -15.00 -36.84 -14.09
N LYS A 177 -14.67 -38.09 -13.78
CA LYS A 177 -15.46 -38.90 -12.85
C LYS A 177 -15.50 -38.32 -11.43
N LEU A 178 -14.36 -37.85 -10.95
CA LEU A 178 -14.32 -37.19 -9.62
C LEU A 178 -15.16 -35.91 -9.61
N LEU A 179 -15.11 -35.16 -10.71
CA LEU A 179 -15.88 -33.92 -10.84
C LEU A 179 -17.39 -34.16 -10.82
N ASN A 180 -17.85 -35.15 -11.58
CA ASN A 180 -19.27 -35.48 -11.66
C ASN A 180 -19.81 -36.21 -10.44
N SER A 181 -18.93 -36.83 -9.67
CA SER A 181 -19.32 -37.52 -8.44
C SER A 181 -19.21 -36.63 -7.21
N ASN A 182 -18.84 -35.36 -7.41
CA ASN A 182 -18.66 -34.41 -6.30
C ASN A 182 -17.60 -34.81 -5.27
N VAL A 183 -16.54 -35.46 -5.74
CA VAL A 183 -15.40 -35.80 -4.89
C VAL A 183 -14.30 -34.77 -5.13
N SER A 184 -13.75 -34.22 -4.04
CA SER A 184 -12.66 -33.24 -4.13
C SER A 184 -11.83 -33.22 -2.85
N PRO A 185 -10.51 -33.00 -2.99
CA PRO A 185 -9.65 -33.00 -1.82
C PRO A 185 -9.81 -31.73 -0.98
N LYS A 186 -9.57 -31.87 0.33
CA LYS A 186 -9.47 -30.73 1.23
C LYS A 186 -8.10 -30.10 1.00
N VAL A 187 -8.09 -28.84 0.57
CA VAL A 187 -6.85 -28.16 0.21
C VAL A 187 -6.56 -26.98 1.15
N PRO A 188 -5.33 -26.91 1.71
CA PRO A 188 -4.90 -25.74 2.49
C PRO A 188 -4.94 -24.44 1.68
N LEU A 189 -5.23 -23.33 2.35
CA LEU A 189 -5.48 -22.07 1.70
C LEU A 189 -4.23 -21.44 1.10
N ARG A 190 -3.12 -21.50 1.84
CA ARG A 190 -1.90 -20.81 1.47
C ARG A 190 -0.73 -21.75 1.12
N GLY A 191 0.28 -21.18 0.46
CA GLY A 191 1.48 -21.93 0.10
C GLY A 191 1.91 -21.77 -1.35
N SER A 192 0.98 -21.33 -2.20
CA SER A 192 1.27 -21.10 -3.62
C SER A 192 1.76 -19.68 -3.94
N VAL A 193 2.81 -19.58 -4.74
CA VAL A 193 3.20 -18.31 -5.35
C VAL A 193 2.76 -18.25 -6.82
N SER A 194 1.99 -19.26 -7.25
CA SER A 194 1.40 -19.30 -8.59
C SER A 194 2.43 -19.13 -9.73
N1 MDO A 195 3.42 -19.89 -9.54
CA1 MDO A 195 4.39 -20.08 -10.61
C1 MDO A 195 4.70 -21.59 -10.84
CB MDO A 195 5.68 -19.28 -10.32
N2 MDO A 195 5.94 -22.07 -10.99
CA2 MDO A 195 5.81 -23.38 -11.21
C2 MDO A 195 4.47 -23.71 -11.18
O2 MDO A 195 3.93 -24.94 -11.35
CB2 MDO A 195 6.94 -24.39 -11.45
N3 MDO A 195 3.80 -22.58 -10.95
CA3 MDO A 195 2.33 -22.50 -10.86
C3 MDO A 195 1.83 -23.01 -9.49
O3 MDO A 195 2.69 -22.51 -8.48
N ASP A 196 0.64 -23.40 -9.30
CA ASP A 196 -0.07 -23.63 -8.02
C ASP A 196 0.31 -25.00 -7.47
N LEU A 197 1.62 -25.16 -7.25
CA LEU A 197 2.28 -26.41 -6.89
C LEU A 197 1.69 -27.13 -5.67
N ILE A 198 1.70 -26.45 -4.52
CA ILE A 198 1.20 -27.08 -3.30
C ILE A 198 -0.29 -27.45 -3.38
N PRO A 199 -1.17 -26.50 -3.75
CA PRO A 199 -2.58 -26.86 -3.79
C PRO A 199 -2.95 -27.93 -4.84
N LEU A 200 -2.28 -27.92 -6.00
CA LEU A 200 -2.50 -28.96 -7.01
C LEU A 200 -1.98 -30.35 -6.59
N ALA A 201 -1.00 -30.36 -5.70
CA ALA A 201 -0.46 -31.60 -5.17
C ALA A 201 -1.48 -32.40 -4.35
N TYR A 202 -2.53 -31.73 -3.88
CA TYR A 202 -3.62 -32.39 -3.15
C TYR A 202 -4.59 -33.11 -4.08
N ILE A 203 -4.81 -32.54 -5.27
CA ILE A 203 -5.55 -33.20 -6.34
C ILE A 203 -4.78 -34.42 -6.85
N ALA A 204 -3.47 -34.25 -7.09
CA ALA A 204 -2.60 -35.37 -7.43
C ALA A 204 -2.59 -36.41 -6.31
N GLY A 205 -2.58 -35.96 -5.06
CA GLY A 205 -2.58 -36.85 -3.89
C GLY A 205 -3.82 -37.72 -3.79
N LEU A 206 -4.97 -37.12 -4.10
CA LEU A 206 -6.22 -37.85 -4.23
C LEU A 206 -6.12 -38.94 -5.30
N LEU A 207 -5.62 -38.57 -6.48
CA LEU A 207 -5.54 -39.49 -7.62
C LEU A 207 -4.64 -40.69 -7.39
N ILE A 208 -3.58 -40.51 -6.58
CA ILE A 208 -2.64 -41.59 -6.26
C ILE A 208 -2.90 -42.28 -4.91
N GLY A 209 -3.97 -41.87 -4.24
CA GLY A 209 -4.42 -42.54 -3.01
C GLY A 209 -3.62 -42.29 -1.76
N LYS A 210 -3.11 -41.07 -1.58
CA LYS A 210 -2.39 -40.70 -0.35
C LYS A 210 -3.33 -40.78 0.85
N PRO A 211 -3.01 -41.63 1.85
CA PRO A 211 -3.84 -41.76 3.05
C PRO A 211 -4.03 -40.43 3.79
N SER A 212 -3.00 -39.58 3.72
CA SER A 212 -2.99 -38.28 4.41
C SER A 212 -3.93 -37.24 3.80
N VAL A 213 -4.29 -37.43 2.53
CA VAL A 213 -5.16 -36.49 1.84
C VAL A 213 -6.63 -36.82 2.12
N ILE A 214 -7.37 -35.85 2.64
CA ILE A 214 -8.80 -36.02 2.93
C ILE A 214 -9.63 -35.50 1.75
N ALA A 215 -10.60 -36.31 1.33
CA ALA A 215 -11.53 -35.91 0.27
C ALA A 215 -12.95 -35.71 0.79
N ARG A 216 -13.63 -34.69 0.26
CA ARG A 216 -15.05 -34.49 0.49
C ARG A 216 -15.82 -35.30 -0.54
N ILE A 217 -16.94 -35.88 -0.13
CA ILE A 217 -17.90 -36.48 -1.07
C ILE A 217 -19.26 -35.85 -0.77
N GLY A 218 -19.67 -34.92 -1.62
CA GLY A 218 -20.86 -34.11 -1.36
C GLY A 218 -20.54 -33.11 -0.25
N ASP A 219 -21.53 -32.80 0.57
CA ASP A 219 -21.39 -31.76 1.59
C ASP A 219 -21.08 -32.25 3.00
N ASP A 220 -21.50 -33.48 3.31
CA ASP A 220 -21.38 -34.00 4.69
C ASP A 220 -20.63 -35.34 4.79
N VAL A 221 -19.71 -35.59 3.86
CA VAL A 221 -18.85 -36.77 3.96
C VAL A 221 -17.38 -36.41 3.73
N GLU A 222 -16.53 -36.83 4.66
CA GLU A 222 -15.09 -36.66 4.52
C GLU A 222 -14.40 -37.98 4.84
N VAL A 223 -13.64 -38.49 3.88
CA VAL A 223 -12.89 -39.74 4.04
C VAL A 223 -11.48 -39.58 3.47
N PRO A 224 -10.53 -40.44 3.93
CA PRO A 224 -9.21 -40.47 3.32
C PRO A 224 -9.29 -40.80 1.83
N ALA A 225 -8.35 -40.28 1.05
CA ALA A 225 -8.28 -40.49 -0.41
C ALA A 225 -8.50 -41.93 -0.90
N PRO A 226 -7.83 -42.94 -0.28
CA PRO A 226 -8.05 -44.32 -0.75
C PRO A 226 -9.52 -44.74 -0.70
N GLU A 227 -10.22 -44.38 0.37
CA GLU A 227 -11.64 -44.71 0.54
C GLU A 227 -12.52 -43.99 -0.49
N ALA A 228 -12.23 -42.72 -0.75
CA ALA A 228 -13.00 -41.94 -1.73
C ALA A 228 -12.86 -42.44 -3.16
N LEU A 229 -11.67 -42.91 -3.54
CA LEU A 229 -11.48 -43.51 -4.86
C LEU A 229 -12.28 -44.81 -4.99
N SER A 230 -12.25 -45.61 -3.93
CA SER A 230 -12.99 -46.87 -3.84
C SER A 230 -14.50 -46.66 -4.04
N ARG A 231 -15.05 -45.63 -3.38
CA ARG A 231 -16.49 -45.36 -3.45
C ARG A 231 -16.98 -44.91 -4.82
N VAL A 232 -16.07 -44.46 -5.69
CA VAL A 232 -16.47 -44.05 -7.03
C VAL A 232 -15.98 -45.00 -8.12
N GLY A 233 -15.44 -46.14 -7.70
CA GLY A 233 -15.01 -47.19 -8.62
C GLY A 233 -13.66 -46.95 -9.29
N LEU A 234 -12.79 -46.19 -8.63
CA LEU A 234 -11.46 -45.93 -9.14
C LEU A 234 -10.40 -46.57 -8.27
N ARG A 235 -9.26 -46.87 -8.86
CA ARG A 235 -8.10 -47.37 -8.12
C ARG A 235 -7.00 -46.31 -8.10
N PRO A 236 -6.17 -46.28 -7.03
CA PRO A 236 -5.06 -45.32 -7.02
C PRO A 236 -4.16 -45.48 -8.23
N PHE A 237 -3.84 -44.36 -8.86
CA PHE A 237 -2.91 -44.34 -9.99
C PHE A 237 -1.45 -44.46 -9.53
N LYS A 238 -0.65 -45.16 -10.34
CA LYS A 238 0.79 -45.16 -10.17
C LYS A 238 1.33 -44.21 -11.22
N LEU A 239 2.02 -43.16 -10.77
CA LEU A 239 2.49 -42.09 -11.67
C LEU A 239 3.54 -42.59 -12.65
N GLN A 240 3.29 -42.32 -13.92
CA GLN A 240 4.25 -42.64 -14.97
C GLN A 240 5.11 -41.41 -15.23
N ALA A 241 5.99 -41.49 -16.24
CA ALA A 241 6.89 -40.40 -16.57
C ALA A 241 6.15 -39.10 -16.80
N LYS A 242 6.61 -38.04 -16.11
CA LYS A 242 6.11 -36.66 -16.24
C LYS A 242 4.75 -36.37 -15.58
N GLU A 243 4.07 -37.41 -15.11
CA GLU A 243 2.67 -37.29 -14.64
C GLU A 243 2.50 -36.48 -13.36
N GLY A 244 3.40 -36.68 -12.40
CA GLY A 244 3.43 -35.88 -11.19
C GLY A 244 3.54 -34.41 -11.55
N LEU A 245 4.57 -34.06 -12.32
CA LEU A 245 4.78 -32.67 -12.75
C LEU A 245 3.61 -32.13 -13.56
N ALA A 246 3.08 -32.95 -14.46
CA ALA A 246 1.95 -32.56 -15.29
C ALA A 246 0.73 -32.17 -14.44
N LEU A 247 0.50 -32.92 -13.37
CA LEU A 247 -0.64 -32.67 -12.50
C LEU A 247 -0.49 -31.38 -11.70
N VAL A 248 0.73 -31.03 -11.32
CA VAL A 248 0.95 -29.87 -10.44
C VAL A 248 1.41 -28.57 -11.13
N ASN A 249 1.84 -28.67 -12.38
CA ASN A 249 2.59 -27.59 -13.03
C ASN A 249 1.73 -26.56 -13.77
N GLY A 250 0.57 -26.23 -13.22
CA GLY A 250 -0.33 -25.29 -13.88
C GLY A 250 -0.77 -24.13 -13.01
N THR A 251 -1.62 -23.27 -13.58
CA THR A 251 -2.14 -22.09 -12.90
C THR A 251 -3.58 -22.31 -12.45
N SER A 252 -3.95 -23.58 -12.25
CA SER A 252 -5.37 -23.98 -12.09
C SER A 252 -6.11 -23.32 -10.93
N PHE A 253 -5.45 -23.15 -9.79
CA PHE A 253 -6.11 -22.57 -8.62
C PHE A 253 -6.27 -21.05 -8.72
N ALA A 254 -5.20 -20.35 -9.07
CA ALA A 254 -5.28 -18.90 -9.33
C ALA A 254 -6.38 -18.59 -10.34
N THR A 255 -6.40 -19.35 -11.43
CA THR A 255 -7.30 -19.12 -12.55
C THR A 255 -8.73 -19.54 -12.21
N ALA A 256 -8.87 -20.56 -11.35
CA ALA A 256 -10.19 -20.99 -10.86
C ALA A 256 -10.86 -19.91 -10.02
N VAL A 257 -10.13 -19.39 -9.02
CA VAL A 257 -10.64 -18.29 -8.20
C VAL A 257 -10.84 -17.03 -9.07
N ALA A 258 -9.93 -16.76 -10.00
CA ALA A 258 -10.08 -15.63 -10.92
C ALA A 258 -11.32 -15.72 -11.83
N SER A 259 -11.71 -16.94 -12.20
CA SER A 259 -12.86 -17.13 -13.08
C SER A 259 -14.18 -16.75 -12.40
N THR A 260 -14.36 -17.21 -11.17
CA THR A 260 -15.56 -16.89 -10.40
C THR A 260 -15.51 -15.45 -9.93
N VAL A 261 -14.31 -14.94 -9.67
CA VAL A 261 -14.11 -13.52 -9.38
C VAL A 261 -14.59 -12.67 -10.56
N MET A 262 -14.21 -13.04 -11.78
CA MET A 262 -14.56 -12.26 -12.97
C MET A 262 -16.03 -12.38 -13.35
N TYR A 263 -16.61 -13.57 -13.20
CA TYR A 263 -18.04 -13.72 -13.42
C TYR A 263 -18.78 -12.75 -12.49
N ASP A 264 -18.50 -12.85 -11.19
CA ASP A 264 -19.11 -11.96 -10.19
C ASP A 264 -18.87 -10.48 -10.50
N ALA A 265 -17.64 -10.14 -10.89
CA ALA A 265 -17.30 -8.76 -11.22
C ALA A 265 -18.13 -8.20 -12.37
N ASN A 266 -18.39 -9.02 -13.39
CA ASN A 266 -19.25 -8.62 -14.52
C ASN A 266 -20.70 -8.35 -14.06
N VAL A 267 -21.27 -9.33 -13.37
CA VAL A 267 -22.63 -9.21 -12.84
C VAL A 267 -22.77 -8.02 -11.90
N LEU A 268 -21.83 -7.86 -10.96
CA LEU A 268 -21.94 -6.78 -9.98
C LEU A 268 -21.68 -5.42 -10.63
N LEU A 269 -20.82 -5.40 -11.65
CA LEU A 269 -20.61 -4.19 -12.43
C LEU A 269 -21.92 -3.73 -13.08
N LEU A 270 -22.57 -4.62 -13.82
CA LEU A 270 -23.82 -4.27 -14.48
C LEU A 270 -24.87 -3.81 -13.45
N LEU A 271 -24.91 -4.52 -12.32
CA LEU A 271 -25.79 -4.18 -11.21
C LEU A 271 -25.56 -2.76 -10.70
N VAL A 272 -24.30 -2.41 -10.44
CA VAL A 272 -23.94 -1.05 -10.00
C VAL A 272 -24.36 -0.01 -11.07
N GLU A 273 -24.02 -0.27 -12.34
CA GLU A 273 -24.36 0.63 -13.44
C GLU A 273 -25.86 0.91 -13.53
N THR A 274 -26.65 -0.15 -13.41
CA THR A 274 -28.10 -0.07 -13.51
C THR A 274 -28.65 0.78 -12.37
N LEU A 275 -28.17 0.50 -11.16
CA LEU A 275 -28.65 1.16 -9.95
C LEU A 275 -28.28 2.64 -9.86
N CYS A 276 -27.32 3.08 -10.67
CA CYS A 276 -27.08 4.52 -10.86
C CYS A 276 -28.34 5.21 -11.40
N GLY A 277 -29.10 4.50 -12.22
CA GLY A 277 -30.35 5.01 -12.75
C GLY A 277 -31.42 5.09 -11.68
N MET A 278 -31.46 4.08 -10.81
CA MET A 278 -32.38 4.07 -9.69
C MET A 278 -32.02 5.17 -8.68
N PHE A 279 -30.72 5.40 -8.48
CA PHE A 279 -30.26 6.52 -7.66
C PHE A 279 -30.74 7.87 -8.21
N CYS A 280 -30.55 8.09 -9.51
CA CYS A 280 -31.05 9.31 -10.16
C CYS A 280 -32.54 9.52 -9.87
N GLU A 281 -33.33 8.46 -9.96
CA GLU A 281 -34.78 8.56 -9.74
C GLU A 281 -35.17 8.99 -8.33
N VAL A 282 -34.60 8.35 -7.31
CA VAL A 282 -34.90 8.66 -5.91
C VAL A 282 -34.28 9.96 -5.39
N ILE A 283 -33.09 10.32 -5.87
CA ILE A 283 -32.41 11.54 -5.44
C ILE A 283 -32.92 12.83 -6.13
N PHE A 284 -33.86 12.67 -7.07
CA PHE A 284 -34.29 13.75 -7.97
C PHE A 284 -33.11 14.31 -8.78
N GLY A 285 -32.47 13.44 -9.53
CA GLY A 285 -31.36 13.85 -10.38
C GLY A 285 -31.84 14.44 -11.70
N ARG A 286 -30.90 15.06 -12.41
CA ARG A 286 -31.12 15.54 -13.77
C ARG A 286 -30.51 14.52 -14.73
N GLU A 287 -31.34 13.93 -15.60
CA GLU A 287 -30.89 12.84 -16.47
C GLU A 287 -29.99 13.26 -17.64
N GLU A 288 -29.85 14.58 -17.82
CA GLU A 288 -29.02 15.17 -18.86
C GLU A 288 -27.55 14.74 -18.79
N PHE A 289 -27.12 14.24 -17.63
CA PHE A 289 -25.74 13.79 -17.45
C PHE A 289 -25.37 12.61 -18.36
N ALA A 290 -26.38 11.86 -18.80
CA ALA A 290 -26.21 10.70 -19.65
C ALA A 290 -26.42 11.00 -21.15
N HIS A 291 -26.64 12.26 -21.47
CA HIS A 291 -26.87 12.72 -22.86
C HIS A 291 -25.74 12.26 -23.78
N PRO A 292 -26.09 11.60 -24.90
CA PRO A 292 -25.13 10.98 -25.81
C PRO A 292 -23.99 11.88 -26.30
N LEU A 293 -24.27 13.16 -26.52
CA LEU A 293 -23.25 14.10 -27.02
C LEU A 293 -22.14 14.40 -26.02
N ILE A 294 -22.47 14.45 -24.73
CA ILE A 294 -21.47 14.66 -23.67
C ILE A 294 -20.38 13.62 -23.78
N HIS A 295 -20.79 12.39 -24.04
CA HIS A 295 -19.92 11.23 -24.05
C HIS A 295 -19.30 10.93 -25.42
N LYS A 296 -20.00 11.34 -26.49
CA LYS A 296 -19.43 11.32 -27.84
C LYS A 296 -18.13 12.13 -27.92
N VAL A 297 -18.11 13.30 -27.28
CA VAL A 297 -16.93 14.19 -27.33
C VAL A 297 -15.83 13.86 -26.31
N LYS A 298 -16.03 12.78 -25.56
CA LYS A 298 -15.02 12.22 -24.66
C LYS A 298 -15.21 10.70 -24.70
N PRO A 299 -14.84 10.09 -25.84
CA PRO A 299 -15.35 8.77 -26.22
C PRO A 299 -14.64 7.54 -25.63
N HIS A 300 -14.44 7.51 -24.30
CA HIS A 300 -14.04 6.26 -23.64
C HIS A 300 -15.21 5.27 -23.75
N PRO A 301 -14.96 4.06 -24.29
CA PRO A 301 -16.06 3.12 -24.56
C PRO A 301 -16.92 2.80 -23.33
N GLY A 302 -16.29 2.64 -22.18
CA GLY A 302 -17.03 2.40 -20.93
C GLY A 302 -17.91 3.58 -20.55
N GLN A 303 -17.48 4.78 -20.94
CA GLN A 303 -18.23 6.01 -20.66
C GLN A 303 -19.42 6.11 -21.60
N ILE A 304 -19.18 5.92 -22.89
CA ILE A 304 -20.27 5.88 -23.88
C ILE A 304 -21.29 4.81 -23.52
N GLU A 305 -20.82 3.60 -23.24
CA GLU A 305 -21.71 2.46 -23.03
C GLU A 305 -22.51 2.54 -21.73
N SER A 306 -21.90 3.04 -20.66
CA SER A 306 -22.64 3.24 -19.40
C SER A 306 -23.70 4.35 -19.53
N ALA A 307 -23.30 5.46 -20.15
CA ALA A 307 -24.22 6.58 -20.42
C ALA A 307 -25.43 6.17 -21.26
N GLU A 308 -25.19 5.29 -22.24
CA GLU A 308 -26.20 4.78 -23.14
C GLU A 308 -27.23 3.94 -22.38
N LEU A 309 -26.73 3.08 -21.49
CA LEU A 309 -27.61 2.34 -20.58
C LEU A 309 -28.45 3.30 -19.72
N LEU A 310 -27.79 4.26 -19.09
CA LEU A 310 -28.46 5.21 -18.19
C LEU A 310 -29.47 6.12 -18.90
N GLU A 311 -29.15 6.57 -20.11
CA GLU A 311 -30.10 7.33 -20.93
C GLU A 311 -31.42 6.55 -21.11
N TRP A 312 -31.28 5.27 -21.43
CA TRP A 312 -32.41 4.39 -21.76
C TRP A 312 -33.25 4.03 -20.53
N LEU A 313 -32.58 3.83 -19.40
CA LEU A 313 -33.26 3.51 -18.14
C LEU A 313 -34.15 4.66 -17.65
N LEU A 314 -33.76 5.89 -17.99
CA LEU A 314 -34.40 7.09 -17.44
C LEU A 314 -35.29 7.85 -18.44
N ARG A 315 -35.34 7.38 -19.69
CA ARG A 315 -35.98 8.13 -20.78
C ARG A 315 -37.45 8.50 -20.55
N SER A 316 -38.26 7.53 -20.13
CA SER A 316 -39.68 7.82 -19.89
C SER A 316 -40.03 7.64 -18.41
N SER A 317 -39.10 8.04 -17.55
CA SER A 317 -39.24 7.83 -16.12
C SER A 317 -40.30 8.75 -15.48
N PRO A 318 -41.23 8.15 -14.70
CA PRO A 318 -42.18 8.93 -13.90
C PRO A 318 -41.46 9.75 -12.82
N PHE A 319 -40.36 9.22 -12.30
CA PHE A 319 -39.62 9.91 -11.25
C PHE A 319 -38.89 11.14 -11.77
N GLN A 320 -38.37 11.05 -13.00
CA GLN A 320 -37.76 12.21 -13.65
C GLN A 320 -38.78 13.32 -13.91
N GLU A 321 -40.06 12.95 -14.07
CA GLU A 321 -41.13 13.94 -14.19
C GLU A 321 -41.29 14.71 -12.88
N LEU A 322 -41.31 13.98 -11.76
CA LEU A 322 -41.33 14.60 -10.43
C LEU A 322 -40.14 15.50 -10.22
N SER A 323 -38.98 15.06 -10.70
CA SER A 323 -37.73 15.82 -10.60
C SER A 323 -37.85 17.14 -11.35
N ARG A 324 -38.33 17.09 -12.60
CA ARG A 324 -38.57 18.28 -13.41
C ARG A 324 -39.54 19.26 -12.74
N GLU A 325 -40.60 18.72 -12.14
CA GLU A 325 -41.57 19.51 -11.37
C GLU A 325 -40.91 20.15 -10.14
N TYR A 326 -40.12 19.36 -9.42
CA TYR A 326 -39.41 19.83 -8.22
C TYR A 326 -38.53 21.04 -8.49
N TYR A 327 -37.74 20.98 -9.57
CA TYR A 327 -36.83 22.08 -9.88
C TYR A 327 -37.51 23.28 -10.53
N SER A 328 -38.77 23.13 -10.94
CA SER A 328 -39.54 24.27 -11.44
C SER A 328 -40.12 25.11 -10.30
N ILE A 329 -40.19 24.53 -9.10
CA ILE A 329 -40.62 25.26 -7.91
C ILE A 329 -39.41 25.90 -7.23
N ASP A 330 -39.44 27.22 -7.08
CA ASP A 330 -38.30 28.00 -6.57
C ASP A 330 -37.01 27.63 -7.29
N LYS A 331 -37.02 27.76 -8.62
CA LYS A 331 -35.91 27.30 -9.47
C LYS A 331 -34.56 27.93 -9.09
N LEU A 332 -34.57 29.23 -8.82
CA LEU A 332 -33.35 29.98 -8.56
C LEU A 332 -32.87 29.87 -7.10
N LYS A 333 -33.43 28.92 -6.36
CA LYS A 333 -33.00 28.65 -4.99
C LYS A 333 -32.48 27.22 -4.85
N LYS A 334 -32.44 26.50 -5.96
CA LYS A 334 -32.05 25.09 -5.98
C LYS A 334 -30.87 24.84 -6.92
N PRO A 335 -30.05 23.80 -6.63
CA PRO A 335 -28.85 23.53 -7.43
C PRO A 335 -29.13 23.39 -8.94
N LYS A 336 -28.31 24.06 -9.74
CA LYS A 336 -28.38 23.91 -11.19
C LYS A 336 -27.87 22.53 -11.61
N GLN A 337 -26.87 22.03 -10.89
CA GLN A 337 -26.26 20.74 -11.18
C GLN A 337 -26.37 19.76 -10.02
N ASP A 338 -26.46 18.47 -10.34
CA ASP A 338 -26.32 17.41 -9.34
C ASP A 338 -24.86 17.33 -8.89
N ARG A 339 -24.64 16.77 -7.70
CA ARG A 339 -23.29 16.49 -7.20
C ARG A 339 -22.67 15.31 -7.97
N TYR A 340 -21.36 15.14 -7.87
CA TYR A 340 -20.61 14.18 -8.72
C TYR A 340 -21.08 12.73 -8.70
N ALA A 341 -21.54 12.24 -7.55
CA ALA A 341 -21.84 10.82 -7.37
C ALA A 341 -22.84 10.31 -8.42
N LEU A 342 -23.74 11.19 -8.84
CA LEU A 342 -24.58 10.89 -10.00
C LEU A 342 -24.01 11.46 -11.31
N ARG A 343 -23.77 12.77 -11.35
CA ARG A 343 -23.45 13.48 -12.59
C ARG A 343 -22.18 12.96 -13.27
N SER A 344 -21.21 12.55 -12.46
CA SER A 344 -19.93 12.06 -12.94
C SER A 344 -19.87 10.54 -13.03
N SER A 345 -21.03 9.87 -12.95
CA SER A 345 -21.02 8.39 -12.90
C SER A 345 -20.55 7.69 -14.18
N PRO A 346 -20.98 8.16 -15.39
CA PRO A 346 -20.44 7.52 -16.59
C PRO A 346 -18.93 7.66 -16.74
N GLN A 347 -18.40 8.85 -16.45
CA GLN A 347 -16.96 9.11 -16.51
C GLN A 347 -16.20 8.23 -15.51
N TRP A 348 -16.79 8.04 -14.33
CA TRP A 348 -16.20 7.25 -13.27
C TRP A 348 -16.23 5.76 -13.61
N LEU A 349 -17.38 5.30 -14.11
CA LEU A 349 -17.60 3.89 -14.46
C LEU A 349 -16.72 3.42 -15.63
N ALA A 350 -16.36 4.34 -16.51
CA ALA A 350 -15.68 4.03 -17.77
C ALA A 350 -14.44 3.14 -17.62
N PRO A 351 -13.45 3.56 -16.79
CA PRO A 351 -12.27 2.71 -16.67
C PRO A 351 -12.56 1.39 -15.94
N LEU A 352 -13.59 1.40 -15.09
CA LEU A 352 -13.96 0.22 -14.32
C LEU A 352 -14.59 -0.84 -15.20
N VAL A 353 -15.51 -0.39 -16.08
CA VAL A 353 -16.08 -1.25 -17.12
C VAL A 353 -14.99 -1.89 -17.96
N GLN A 354 -14.06 -1.07 -18.43
CA GLN A 354 -13.01 -1.53 -19.35
C GLN A 354 -12.02 -2.49 -18.69
N THR A 355 -11.75 -2.26 -17.40
CA THR A 355 -10.83 -3.12 -16.65
C THR A 355 -11.44 -4.50 -16.49
N ILE A 356 -12.69 -4.53 -16.04
CA ILE A 356 -13.38 -5.78 -15.79
C ILE A 356 -13.60 -6.57 -17.09
N ARG A 357 -13.91 -5.89 -18.19
CA ARG A 357 -14.08 -6.56 -19.47
C ARG A 357 -12.75 -7.16 -19.98
N ASP A 358 -11.69 -6.36 -20.03
CA ASP A 358 -10.38 -6.83 -20.48
C ASP A 358 -9.84 -7.96 -19.62
N ALA A 359 -10.00 -7.85 -18.30
CA ALA A 359 -9.56 -8.90 -17.36
C ALA A 359 -10.31 -10.22 -17.58
N THR A 360 -11.57 -10.12 -17.99
CA THR A 360 -12.35 -11.32 -18.28
C THR A 360 -11.75 -12.07 -19.48
N THR A 361 -11.44 -11.33 -20.53
CA THR A 361 -10.77 -11.88 -21.71
C THR A 361 -9.46 -12.57 -21.29
N THR A 362 -8.69 -11.90 -20.43
CA THR A 362 -7.39 -12.41 -19.99
C THR A 362 -7.51 -13.70 -19.21
N VAL A 363 -8.46 -13.77 -18.28
CA VAL A 363 -8.68 -14.97 -17.47
C VAL A 363 -9.11 -16.16 -18.34
N GLU A 364 -9.97 -15.91 -19.32
CA GLU A 364 -10.47 -16.97 -20.21
C GLU A 364 -9.37 -17.51 -21.15
N THR A 365 -8.49 -16.64 -21.61
CA THR A 365 -7.29 -17.06 -22.32
C THR A 365 -6.48 -18.05 -21.47
N GLU A 366 -6.34 -17.74 -20.17
CA GLU A 366 -5.66 -18.64 -19.25
C GLU A 366 -6.42 -19.96 -19.01
N VAL A 367 -7.74 -19.86 -18.84
CA VAL A 367 -8.62 -21.04 -18.71
C VAL A 367 -8.42 -22.00 -19.90
N ASN A 368 -8.34 -21.43 -21.09
CA ASN A 368 -8.14 -22.18 -22.33
C ASN A 368 -6.69 -22.15 -22.81
N SER A 369 -5.79 -22.66 -21.98
CA SER A 369 -4.37 -22.64 -22.27
C SER A 369 -3.74 -23.92 -21.76
N ALA A 370 -2.65 -24.32 -22.39
CA ALA A 370 -1.81 -25.37 -21.86
C ALA A 370 -0.82 -24.73 -20.88
N ASN A 371 -1.31 -24.45 -19.67
CA ASN A 371 -0.45 -24.02 -18.57
C ASN A 371 0.25 -25.26 -17.98
N ASP A 372 1.48 -25.46 -18.44
CA ASP A 372 2.27 -26.66 -18.15
C ASP A 372 3.68 -26.46 -18.70
N ASN A 373 4.62 -27.28 -18.23
CA ASN A 373 5.98 -27.30 -18.75
C ASN A 373 6.68 -28.63 -18.44
N PRO A 374 7.48 -29.17 -19.39
CA PRO A 374 7.69 -28.75 -20.77
C PRO A 374 6.45 -28.91 -21.64
N ILE A 375 6.41 -28.17 -22.75
CA ILE A 375 5.36 -28.33 -23.75
C ILE A 375 5.85 -29.38 -24.75
N ILE A 376 5.13 -30.50 -24.84
CA ILE A 376 5.54 -31.58 -25.74
C ILE A 376 5.07 -31.31 -27.17
N ASP A 377 6.02 -31.04 -28.06
CA ASP A 377 5.73 -30.87 -29.47
C ASP A 377 6.00 -32.21 -30.18
N HIS A 378 5.09 -33.15 -29.99
CA HIS A 378 5.23 -34.51 -30.54
C HIS A 378 5.30 -34.54 -32.07
N ALA A 379 4.53 -33.69 -32.73
CA ALA A 379 4.51 -33.59 -34.20
C ALA A 379 5.88 -33.24 -34.77
N ASN A 380 6.73 -32.60 -33.97
CA ASN A 380 8.09 -32.27 -34.37
C ASN A 380 9.16 -32.98 -33.54
N ASP A 381 8.74 -33.99 -32.78
CA ASP A 381 9.65 -34.86 -32.00
C ASP A 381 10.57 -34.07 -31.04
N ARG A 382 9.99 -33.20 -30.22
CA ARG A 382 10.77 -32.38 -29.28
C ARG A 382 9.97 -31.89 -28.07
N ALA A 383 10.65 -31.78 -26.93
CA ALA A 383 10.09 -31.19 -25.73
C ALA A 383 10.55 -29.73 -25.63
N LEU A 384 9.60 -28.83 -25.41
CA LEU A 384 9.88 -27.39 -25.37
C LEU A 384 9.87 -26.84 -23.94
N HIS A 385 10.99 -26.24 -23.55
CA HIS A 385 11.16 -25.76 -22.18
C HIS A 385 10.87 -24.26 -22.05
N GLY A 386 9.78 -23.95 -21.36
CA GLY A 386 9.33 -22.57 -21.15
C GLY A 386 8.74 -22.38 -19.76
N ALA A 387 7.75 -21.49 -19.67
CA ALA A 387 7.18 -21.11 -18.38
C ALA A 387 5.67 -20.85 -18.41
N ASN A 388 4.92 -21.71 -19.07
CA ASN A 388 3.47 -21.55 -19.14
C ASN A 388 2.75 -21.72 -17.81
N PHE A 389 3.48 -22.21 -16.82
CA PHE A 389 3.01 -22.27 -15.43
C PHE A 389 2.97 -20.90 -14.75
N GLN A 390 3.53 -19.87 -15.41
CA GLN A 390 3.60 -18.53 -14.82
C GLN A 390 2.25 -17.82 -14.92
N GLY A 391 1.62 -17.56 -13.77
CA GLY A 391 0.29 -16.95 -13.76
C GLY A 391 0.27 -15.44 -13.72
N SER A 392 1.21 -14.80 -14.43
CA SER A 392 1.39 -13.35 -14.36
C SER A 392 0.28 -12.55 -15.01
N ALA A 393 -0.22 -13.03 -16.15
CA ALA A 393 -1.38 -12.41 -16.79
C ALA A 393 -2.54 -12.26 -15.80
N VAL A 394 -2.87 -13.36 -15.12
CA VAL A 394 -3.93 -13.39 -14.11
C VAL A 394 -3.59 -12.54 -12.86
N GLY A 395 -2.38 -12.71 -12.34
CA GLY A 395 -1.93 -11.97 -11.17
C GLY A 395 -2.06 -10.46 -11.31
N PHE A 396 -1.51 -9.93 -12.40
CA PHE A 396 -1.56 -8.51 -12.67
C PHE A 396 -2.99 -7.98 -12.89
N TYR A 397 -3.81 -8.74 -13.59
CA TYR A 397 -5.19 -8.31 -13.84
C TYR A 397 -6.06 -8.39 -12.59
N MET A 398 -5.72 -9.31 -11.67
CA MET A 398 -6.39 -9.38 -10.38
C MET A 398 -6.12 -8.14 -9.54
N ASP A 399 -4.91 -7.62 -9.62
CA ASP A 399 -4.55 -6.35 -8.97
C ASP A 399 -5.34 -5.18 -9.56
N TYR A 400 -5.45 -5.15 -10.89
CA TYR A 400 -6.20 -4.09 -11.57
C TYR A 400 -7.68 -4.13 -11.20
N VAL A 401 -8.24 -5.34 -11.20
CA VAL A 401 -9.67 -5.53 -10.92
C VAL A 401 -10.00 -5.15 -9.47
N ARG A 402 -9.11 -5.47 -8.54
CA ARG A 402 -9.35 -5.11 -7.14
C ARG A 402 -9.43 -3.59 -7.00
N ILE A 403 -8.54 -2.89 -7.69
CA ILE A 403 -8.57 -1.41 -7.76
C ILE A 403 -9.89 -0.89 -8.36
N ALA A 404 -10.36 -1.52 -9.43
CA ALA A 404 -11.63 -1.16 -10.07
C ALA A 404 -12.85 -1.39 -9.17
N VAL A 405 -12.83 -2.53 -8.47
CA VAL A 405 -13.87 -2.89 -7.50
C VAL A 405 -13.89 -1.90 -6.33
N ALA A 406 -12.72 -1.45 -5.88
CA ALA A 406 -12.65 -0.39 -4.89
C ALA A 406 -13.31 0.88 -5.45
N GLY A 407 -13.05 1.18 -6.72
CA GLY A 407 -13.63 2.34 -7.39
C GLY A 407 -15.15 2.28 -7.46
N LEU A 408 -15.68 1.10 -7.73
CA LEU A 408 -17.13 0.86 -7.70
C LEU A 408 -17.70 1.05 -6.29
N GLY A 409 -16.94 0.62 -5.27
CA GLY A 409 -17.33 0.81 -3.88
C GLY A 409 -17.40 2.28 -3.47
N LYS A 410 -16.41 3.06 -3.90
CA LYS A 410 -16.37 4.49 -3.60
C LYS A 410 -17.58 5.20 -4.21
N LEU A 411 -17.92 4.83 -5.44
CA LEU A 411 -19.10 5.34 -6.10
C LEU A 411 -20.38 5.08 -5.29
N LEU A 412 -20.54 3.84 -4.83
CA LEU A 412 -21.72 3.46 -4.02
C LEU A 412 -21.76 4.18 -2.68
N PHE A 413 -20.58 4.34 -2.05
CA PHE A 413 -20.46 5.09 -0.79
C PHE A 413 -20.91 6.54 -0.94
N ALA A 414 -20.39 7.21 -1.98
CA ALA A 414 -20.71 8.62 -2.24
C ALA A 414 -22.22 8.81 -2.46
N GLN A 415 -22.82 7.92 -3.25
CA GLN A 415 -24.26 7.95 -3.49
C GLN A 415 -25.06 7.75 -2.19
N PHE A 416 -24.71 6.71 -1.45
CA PHE A 416 -25.36 6.39 -0.18
C PHE A 416 -25.27 7.57 0.79
N THR A 417 -24.08 8.16 0.89
CA THR A 417 -23.85 9.34 1.73
C THR A 417 -24.80 10.50 1.39
N GLU A 418 -24.92 10.83 0.11
CA GLU A 418 -25.81 11.91 -0.32
C GLU A 418 -27.25 11.61 0.08
N LEU A 419 -27.65 10.35 -0.11
CA LEU A 419 -29.00 9.90 0.17
C LEU A 419 -29.41 10.04 1.65
N MET A 420 -28.43 10.00 2.55
CA MET A 420 -28.70 10.04 4.00
C MET A 420 -28.74 11.45 4.59
N ILE A 421 -28.36 12.43 3.78
CA ILE A 421 -28.20 13.80 4.25
C ILE A 421 -29.22 14.71 3.60
N GLU A 422 -30.12 15.24 4.42
CA GLU A 422 -31.22 16.09 3.96
C GLU A 422 -30.77 17.28 3.11
N TYR A 423 -29.57 17.78 3.39
CA TYR A 423 -29.02 18.91 2.65
C TYR A 423 -28.74 18.56 1.19
N TYR A 424 -28.55 17.27 0.93
CA TYR A 424 -28.16 16.77 -0.39
C TYR A 424 -29.17 15.80 -1.03
N SER A 425 -30.31 15.57 -0.38
CA SER A 425 -31.28 14.58 -0.85
C SER A 425 -32.53 15.16 -1.53
N ASN A 426 -32.59 16.49 -1.60
CA ASN A 426 -33.66 17.19 -2.31
C ASN A 426 -35.07 16.84 -1.82
N GLY A 427 -35.26 16.86 -0.51
CA GLY A 427 -36.59 16.67 0.08
C GLY A 427 -36.71 15.47 1.02
N LEU A 428 -35.88 14.44 0.79
CA LEU A 428 -35.94 13.22 1.59
C LEU A 428 -35.47 13.46 3.03
N PRO A 429 -36.04 12.72 3.99
CA PRO A 429 -35.64 12.89 5.39
C PRO A 429 -34.22 12.37 5.64
N GLY A 430 -33.53 12.97 6.61
CA GLY A 430 -32.20 12.52 7.00
C GLY A 430 -32.24 11.06 7.45
N ASN A 431 -31.22 10.29 7.09
CA ASN A 431 -31.15 8.85 7.40
C ASN A 431 -32.29 8.05 6.76
N LEU A 432 -33.02 8.70 5.85
CA LEU A 432 -34.27 8.17 5.29
C LEU A 432 -35.22 7.68 6.37
N SER A 433 -35.23 8.39 7.51
CA SER A 433 -36.11 8.08 8.64
C SER A 433 -37.53 8.48 8.31
N LEU A 434 -38.44 7.50 8.28
CA LEU A 434 -39.86 7.79 8.08
C LEU A 434 -40.47 8.61 9.23
N GLY A 435 -40.08 8.28 10.47
CA GLY A 435 -40.70 8.88 11.64
C GLY A 435 -42.17 8.47 11.74
N PRO A 436 -43.09 9.44 11.85
CA PRO A 436 -42.86 10.89 11.89
C PRO A 436 -42.02 11.37 13.07
N ASP A 437 -42.06 10.64 14.19
CA ASP A 437 -41.25 11.01 15.35
C ASP A 437 -39.77 10.62 15.15
N LEU A 438 -38.96 11.60 14.75
CA LEU A 438 -37.56 11.37 14.41
C LEU A 438 -36.69 11.13 15.64
N SER A 439 -37.22 11.45 16.82
CA SER A 439 -36.47 11.25 18.06
C SER A 439 -36.33 9.77 18.41
N VAL A 440 -37.26 8.94 17.93
CA VAL A 440 -37.19 7.49 18.15
C VAL A 440 -37.20 6.69 16.83
N ASP A 441 -36.62 7.28 15.79
CA ASP A 441 -36.43 6.60 14.51
C ASP A 441 -35.20 7.17 13.80
N TYR A 442 -34.11 6.42 13.87
CA TYR A 442 -32.83 6.86 13.30
C TYR A 442 -32.61 6.22 11.92
N GLY A 443 -33.68 5.66 11.38
CA GLY A 443 -33.71 5.16 10.02
C GLY A 443 -32.56 4.24 9.68
N LEU A 444 -31.85 4.59 8.62
CA LEU A 444 -30.81 3.73 8.08
C LEU A 444 -29.41 4.15 8.54
N LYS A 445 -29.34 4.88 9.65
CA LYS A 445 -28.06 5.33 10.20
C LYS A 445 -27.09 4.16 10.44
N GLY A 446 -27.61 3.03 10.92
CA GLY A 446 -26.79 1.83 11.11
C GLY A 446 -26.12 1.40 9.82
N LEU A 447 -26.92 1.31 8.75
CA LEU A 447 -26.42 0.97 7.43
C LEU A 447 -25.43 2.01 6.91
N ASP A 448 -25.68 3.29 7.20
CA ASP A 448 -24.78 4.38 6.79
C ASP A 448 -23.39 4.26 7.42
N ILE A 449 -23.34 4.00 8.72
CA ILE A 449 -22.07 3.74 9.42
C ILE A 449 -21.36 2.54 8.79
N ALA A 450 -22.12 1.46 8.58
CA ALA A 450 -21.60 0.23 7.96
C ALA A 450 -20.98 0.46 6.59
N MET A 451 -21.60 1.32 5.79
CA MET A 451 -21.10 1.66 4.45
C MET A 451 -19.71 2.28 4.49
N ALA A 452 -19.46 3.12 5.50
CA ALA A 452 -18.12 3.69 5.68
C ALA A 452 -17.10 2.61 6.02
N ALA A 453 -17.49 1.67 6.89
CA ALA A 453 -16.62 0.55 7.25
C ALA A 453 -16.32 -0.36 6.06
N TYR A 454 -17.35 -0.61 5.26
CA TYR A 454 -17.20 -1.44 4.06
C TYR A 454 -16.20 -0.79 3.09
N SER A 455 -16.43 0.49 2.77
CA SER A 455 -15.57 1.21 1.84
C SER A 455 -14.13 1.33 2.36
N SER A 456 -13.99 1.64 3.64
CA SER A 456 -12.67 1.80 4.25
C SER A 456 -11.81 0.54 4.08
N GLU A 457 -12.36 -0.63 4.42
CA GLU A 457 -11.61 -1.89 4.30
C GLU A 457 -11.38 -2.26 2.83
N LEU A 458 -12.39 -2.01 2.00
CA LEU A 458 -12.29 -2.24 0.56
C LEU A 458 -11.11 -1.47 -0.09
N GLN A 459 -10.96 -0.19 0.27
CA GLN A 459 -9.86 0.63 -0.27
C GLN A 459 -8.51 0.07 0.13
N TYR A 460 -8.39 -0.34 1.39
CA TYR A 460 -7.18 -0.98 1.91
C TYR A 460 -6.81 -2.25 1.14
N LEU A 461 -7.82 -3.04 0.79
CA LEU A 461 -7.60 -4.32 0.13
C LEU A 461 -7.01 -4.14 -1.27
N ALA A 462 -7.28 -2.98 -1.85
CA ALA A 462 -6.98 -2.69 -3.26
C ALA A 462 -5.52 -2.36 -3.54
N ASN A 463 -4.69 -2.31 -2.50
CA ASN A 463 -3.24 -2.26 -2.70
C ASN A 463 -2.82 -3.53 -3.46
N PRO A 464 -1.76 -3.44 -4.28
CA PRO A 464 -1.40 -4.58 -5.12
C PRO A 464 -0.69 -5.70 -4.36
N VAL A 465 -0.85 -6.91 -4.84
CA VAL A 465 -0.09 -8.06 -4.36
C VAL A 465 1.17 -8.28 -5.22
N THR A 466 1.07 -8.02 -6.52
CA THR A 466 2.16 -8.30 -7.49
C THR A 466 3.45 -7.52 -7.23
N THR A 467 3.37 -6.46 -6.41
CA THR A 467 4.54 -5.69 -6.01
C THR A 467 5.37 -6.38 -4.92
N HIS A 468 4.86 -7.48 -4.37
CA HIS A 468 5.55 -8.15 -3.26
C HIS A 468 6.27 -9.44 -3.63
N VAL A 469 6.83 -9.47 -4.84
CA VAL A 469 7.53 -10.64 -5.33
C VAL A 469 8.85 -10.89 -4.59
N HIS A 470 8.94 -12.05 -3.97
CA HIS A 470 10.17 -12.50 -3.33
C HIS A 470 10.91 -13.44 -4.29
N SER A 471 12.24 -13.42 -4.20
CA SER A 471 13.07 -14.41 -4.88
C SER A 471 12.95 -15.77 -4.17
N ALA A 472 12.26 -16.70 -4.81
CA ALA A 472 11.81 -17.93 -4.16
C ALA A 472 12.44 -19.21 -4.72
N GLU A 473 12.37 -20.27 -3.91
CA GLU A 473 12.76 -21.64 -4.31
C GLU A 473 14.23 -21.76 -4.73
N GLN A 474 15.12 -21.59 -3.77
CA GLN A 474 16.56 -21.56 -4.02
C GLN A 474 16.90 -20.56 -5.14
N HIS A 475 16.16 -19.44 -5.15
CA HIS A 475 16.31 -18.34 -6.12
C HIS A 475 16.08 -18.75 -7.57
N ASN A 476 15.44 -19.90 -7.78
CA ASN A 476 15.04 -20.31 -9.12
C ASN A 476 13.85 -19.49 -9.59
N GLN A 477 12.89 -19.26 -8.68
CA GLN A 477 11.68 -18.50 -8.98
C GLN A 477 11.88 -17.06 -8.56
N ASP A 478 12.79 -16.38 -9.25
CA ASP A 478 13.14 -15.00 -8.91
C ASP A 478 12.13 -13.98 -9.43
N ILE A 479 11.21 -14.46 -10.26
CA ILE A 479 9.94 -13.77 -10.50
C ILE A 479 8.83 -14.79 -10.32
N ASN A 480 7.75 -14.40 -9.66
CA ASN A 480 6.58 -15.25 -9.50
C ASN A 480 5.33 -14.40 -9.39
N SER A 481 4.21 -14.93 -9.85
CA SER A 481 3.04 -14.09 -10.14
C SER A 481 2.19 -13.74 -8.93
N LEU A 482 2.22 -14.59 -7.90
CA LEU A 482 1.40 -14.41 -6.68
C LEU A 482 -0.10 -14.32 -7.00
N ALA A 483 -0.49 -14.90 -8.14
CA ALA A 483 -1.84 -14.77 -8.71
C ALA A 483 -2.98 -15.32 -7.85
N LEU A 484 -2.76 -16.46 -7.20
CA LEU A 484 -3.77 -17.00 -6.30
C LEU A 484 -4.00 -16.06 -5.11
N ILE A 485 -2.91 -15.56 -4.51
CA ILE A 485 -3.03 -14.61 -3.41
C ILE A 485 -3.81 -13.37 -3.87
N SER A 486 -3.47 -12.84 -5.04
CA SER A 486 -4.14 -11.68 -5.59
C SER A 486 -5.63 -11.95 -5.86
N ALA A 487 -5.92 -13.08 -6.51
CA ALA A 487 -7.31 -13.48 -6.76
C ALA A 487 -8.12 -13.60 -5.48
N ARG A 488 -7.54 -14.20 -4.43
CA ARG A 488 -8.18 -14.28 -3.13
C ARG A 488 -8.54 -12.91 -2.55
N LYS A 489 -7.63 -11.94 -2.70
CA LYS A 489 -7.87 -10.58 -2.20
C LYS A 489 -8.94 -9.86 -3.01
N THR A 490 -8.98 -10.11 -4.32
CA THR A 490 -10.00 -9.53 -5.18
C THR A 490 -11.38 -10.15 -4.86
N GLU A 491 -11.37 -11.46 -4.56
CA GLU A 491 -12.56 -12.18 -4.08
C GLU A 491 -13.12 -11.57 -2.78
N GLU A 492 -12.23 -11.25 -1.85
CA GLU A 492 -12.61 -10.63 -0.58
C GLU A 492 -13.19 -9.21 -0.80
N ALA A 493 -12.60 -8.47 -1.73
CA ALA A 493 -13.11 -7.16 -2.13
C ALA A 493 -14.53 -7.25 -2.70
N LEU A 494 -14.78 -8.26 -3.52
CA LEU A 494 -16.11 -8.49 -4.11
C LEU A 494 -17.17 -8.86 -3.08
N ASP A 495 -16.77 -9.60 -2.03
CA ASP A 495 -17.64 -9.85 -0.88
C ASP A 495 -18.10 -8.54 -0.26
N ILE A 496 -17.18 -7.61 -0.04
CA ILE A 496 -17.53 -6.31 0.53
C ILE A 496 -18.41 -5.52 -0.44
N LEU A 497 -18.07 -5.53 -1.73
CA LEU A 497 -18.91 -4.88 -2.73
C LEU A 497 -20.36 -5.41 -2.71
N LYS A 498 -20.54 -6.72 -2.54
CA LYS A 498 -21.87 -7.33 -2.40
C LYS A 498 -22.65 -6.77 -1.20
N LEU A 499 -21.98 -6.62 -0.05
CA LEU A 499 -22.54 -5.99 1.14
C LEU A 499 -23.02 -4.58 0.85
N MET A 500 -22.22 -3.82 0.10
CA MET A 500 -22.51 -2.43 -0.23
C MET A 500 -23.66 -2.30 -1.22
N ILE A 501 -23.70 -3.19 -2.21
CA ILE A 501 -24.79 -3.20 -3.17
C ILE A 501 -26.11 -3.53 -2.47
N ALA A 502 -26.10 -4.52 -1.59
CA ALA A 502 -27.31 -4.92 -0.86
C ALA A 502 -27.88 -3.77 -0.02
N SER A 503 -26.99 -3.05 0.64
CA SER A 503 -27.38 -1.88 1.45
C SER A 503 -27.90 -0.76 0.57
N HIS A 504 -27.19 -0.48 -0.51
CA HIS A 504 -27.55 0.58 -1.43
C HIS A 504 -28.95 0.35 -2.01
N LEU A 505 -29.20 -0.86 -2.51
CA LEU A 505 -30.51 -1.20 -3.08
C LEU A 505 -31.61 -1.14 -2.03
N THR A 506 -31.33 -1.56 -0.80
CA THR A 506 -32.29 -1.49 0.30
C THR A 506 -32.66 -0.04 0.62
N ALA A 507 -31.65 0.83 0.67
CA ALA A 507 -31.88 2.27 0.88
C ALA A 507 -32.69 2.90 -0.24
N MET A 508 -32.41 2.49 -1.47
CA MET A 508 -33.10 3.06 -2.62
C MET A 508 -34.56 2.61 -2.70
N CYS A 509 -34.83 1.40 -2.24
CA CYS A 509 -36.21 0.93 -2.10
C CYS A 509 -36.94 1.72 -1.01
N GLN A 510 -36.25 1.96 0.10
CA GLN A 510 -36.76 2.82 1.17
C GLN A 510 -37.11 4.19 0.61
N ALA A 511 -36.19 4.76 -0.17
CA ALA A 511 -36.36 6.08 -0.77
C ALA A 511 -37.49 6.14 -1.80
N VAL A 512 -37.73 5.02 -2.51
CA VAL A 512 -38.87 4.94 -3.42
C VAL A 512 -40.17 5.13 -2.65
N ASP A 513 -40.35 4.37 -1.57
CA ASP A 513 -41.51 4.51 -0.68
C ASP A 513 -41.67 5.91 -0.12
N LEU A 514 -40.54 6.52 0.26
CA LEU A 514 -40.56 7.85 0.84
C LEU A 514 -40.91 8.93 -0.20
N ARG A 515 -40.47 8.74 -1.44
CA ARG A 515 -40.83 9.65 -2.54
C ARG A 515 -42.32 9.54 -2.86
N GLN A 516 -42.84 8.32 -2.88
CA GLN A 516 -44.24 8.08 -3.18
C GLN A 516 -45.17 8.61 -2.09
N LEU A 517 -44.82 8.35 -0.83
CA LEU A 517 -45.50 8.93 0.31
C LEU A 517 -45.42 10.47 0.29
N GLU A 518 -44.25 11.00 -0.06
CA GLU A 518 -44.08 12.45 -0.18
C GLU A 518 -45.15 13.05 -1.09
N GLU A 519 -45.31 12.45 -2.26
CA GLU A 519 -46.23 12.93 -3.27
C GLU A 519 -47.68 12.91 -2.76
N ALA A 520 -48.07 11.78 -2.17
CA ALA A 520 -49.41 11.61 -1.60
C ALA A 520 -49.68 12.53 -0.40
N LEU A 521 -48.62 12.83 0.38
CA LEU A 521 -48.71 13.76 1.50
C LEU A 521 -48.89 15.21 1.05
N VAL A 522 -48.15 15.63 0.03
CA VAL A 522 -48.24 17.00 -0.48
C VAL A 522 -49.65 17.31 -0.99
N LYS A 523 -50.29 16.33 -1.61
CA LYS A 523 -51.66 16.48 -2.13
C LYS A 523 -52.69 16.64 -1.03
N VAL A 524 -52.52 15.90 0.07
CA VAL A 524 -53.34 16.06 1.26
C VAL A 524 -53.21 17.47 1.83
N VAL A 525 -51.97 17.93 2.00
CA VAL A 525 -51.70 19.28 2.52
C VAL A 525 -52.30 20.35 1.59
N GLU A 526 -52.08 20.20 0.29
CA GLU A 526 -52.68 21.09 -0.70
C GLU A 526 -54.21 21.07 -0.61
N ASN A 527 -54.80 19.87 -0.52
CA ASN A 527 -56.25 19.75 -0.37
C ASN A 527 -56.79 20.37 0.92
N VAL A 528 -56.11 20.13 2.04
CA VAL A 528 -56.52 20.66 3.34
C VAL A 528 -56.44 22.19 3.37
N VAL A 529 -55.33 22.74 2.85
CA VAL A 529 -55.15 24.19 2.78
C VAL A 529 -56.20 24.84 1.87
N SER A 530 -56.42 24.24 0.70
CA SER A 530 -57.36 24.76 -0.31
C SER A 530 -58.81 24.83 0.18
N THR A 531 -59.30 23.75 0.79
CA THR A 531 -60.69 23.68 1.25
C THR A 531 -60.95 24.51 2.50
N LEU A 532 -59.95 24.61 3.38
CA LEU A 532 -60.07 25.45 4.58
C LEU A 532 -60.02 26.93 4.27
N ALA A 533 -59.26 27.31 3.24
CA ALA A 533 -59.26 28.69 2.77
C ALA A 533 -60.62 29.07 2.18
N ASP A 534 -61.31 28.08 1.60
CA ASP A 534 -62.67 28.26 1.10
C ASP A 534 -63.68 28.41 2.23
N GLU A 535 -63.63 27.49 3.20
CA GLU A 535 -64.51 27.52 4.38
C GLU A 535 -64.39 28.82 5.17
N CYS A 536 -63.16 29.32 5.29
CA CYS A 536 -62.90 30.53 6.06
C CYS A 536 -63.12 31.82 5.27
N GLY A 537 -63.47 31.67 3.99
CA GLY A 537 -63.81 32.80 3.12
C GLY A 537 -62.67 33.75 2.81
N LEU A 538 -61.46 33.20 2.68
CA LEU A 538 -60.26 33.98 2.37
C LEU A 538 -60.25 34.36 0.89
N PRO A 539 -59.75 35.57 0.56
CA PRO A 539 -59.64 36.05 -0.82
C PRO A 539 -58.71 35.20 -1.70
N ASN A 540 -58.71 35.47 -3.00
CA ASN A 540 -57.93 34.70 -3.97
C ASN A 540 -56.44 35.02 -3.95
N ASP A 541 -56.10 36.22 -3.46
CA ASP A 541 -54.71 36.59 -3.20
C ASP A 541 -54.12 35.69 -2.12
N THR A 542 -54.83 35.61 -0.99
CA THR A 542 -54.44 34.77 0.14
C THR A 542 -54.34 33.30 -0.26
N LYS A 543 -55.40 32.79 -0.90
CA LYS A 543 -55.50 31.39 -1.29
C LYS A 543 -54.33 30.93 -2.16
N ALA A 544 -54.03 31.69 -3.21
CA ALA A 544 -52.92 31.38 -4.11
C ALA A 544 -51.55 31.34 -3.40
N ARG A 545 -51.33 32.29 -2.50
CA ARG A 545 -50.11 32.35 -1.69
C ARG A 545 -49.96 31.11 -0.81
N LEU A 546 -51.06 30.72 -0.17
CA LEU A 546 -51.08 29.60 0.77
C LEU A 546 -50.91 28.25 0.07
N LEU A 547 -51.49 28.13 -1.12
CA LEU A 547 -51.31 26.94 -1.95
C LEU A 547 -49.89 26.81 -2.49
N TYR A 548 -49.22 27.95 -2.70
CA TYR A 548 -47.83 27.94 -3.11
C TYR A 548 -46.93 27.38 -2.01
N VAL A 549 -47.12 27.86 -0.78
CA VAL A 549 -46.36 27.38 0.37
C VAL A 549 -46.51 25.86 0.52
N ALA A 550 -47.74 25.37 0.39
CA ALA A 550 -48.05 23.95 0.53
C ALA A 550 -47.35 23.08 -0.51
N LYS A 551 -47.17 23.62 -1.71
CA LYS A 551 -46.50 22.91 -2.80
C LYS A 551 -44.97 22.97 -2.68
N ALA A 552 -44.47 24.10 -2.21
CA ALA A 552 -43.03 24.42 -2.23
C ALA A 552 -42.21 23.89 -1.04
N VAL A 553 -42.82 23.88 0.14
CA VAL A 553 -42.13 23.45 1.36
C VAL A 553 -41.97 21.92 1.37
N PRO A 554 -40.73 21.43 1.53
CA PRO A 554 -40.51 19.98 1.59
C PRO A 554 -41.26 19.38 2.79
N VAL A 555 -42.15 18.42 2.52
CA VAL A 555 -43.04 17.88 3.56
C VAL A 555 -42.30 17.22 4.74
N TYR A 556 -41.15 16.62 4.47
CA TYR A 556 -40.43 15.90 5.51
C TYR A 556 -39.78 16.81 6.55
N THR A 557 -39.75 18.11 6.28
CA THR A 557 -39.25 19.10 7.27
C THR A 557 -40.28 19.43 8.35
N TYR A 558 -41.55 19.06 8.13
CA TYR A 558 -42.57 19.35 9.15
C TYR A 558 -43.46 18.15 9.49
N LEU A 559 -43.17 16.99 8.91
CA LEU A 559 -43.97 15.79 9.12
C LEU A 559 -44.08 15.37 10.60
N GLU A 560 -43.02 15.58 11.37
CA GLU A 560 -42.99 15.24 12.80
C GLU A 560 -44.10 15.93 13.61
N SER A 561 -44.49 17.13 13.18
CA SER A 561 -45.49 17.95 13.88
C SER A 561 -45.93 19.09 12.93
N PRO A 562 -46.86 18.79 12.02
CA PRO A 562 -47.20 19.70 10.92
C PRO A 562 -47.69 21.08 11.37
N CYS A 563 -48.29 21.16 12.56
CA CYS A 563 -48.82 22.43 13.04
C CYS A 563 -47.95 23.11 14.11
N ASP A 564 -46.73 22.60 14.29
CA ASP A 564 -45.72 23.26 15.10
C ASP A 564 -45.40 24.60 14.43
N PRO A 565 -45.62 25.73 15.15
CA PRO A 565 -45.41 27.08 14.60
C PRO A 565 -43.96 27.39 14.23
N THR A 566 -43.02 26.59 14.71
CA THR A 566 -41.59 26.80 14.44
C THR A 566 -41.05 25.97 13.26
N LEU A 567 -41.91 25.13 12.67
CA LEU A 567 -41.52 24.27 11.54
C LEU A 567 -41.96 24.88 10.19
N PRO A 568 -41.31 24.47 9.07
CA PRO A 568 -41.40 25.24 7.82
C PRO A 568 -42.80 25.47 7.20
N LEU A 569 -43.73 24.54 7.36
CA LEU A 569 -45.09 24.77 6.84
C LEU A 569 -45.75 26.00 7.45
N LEU A 570 -45.82 26.05 8.78
CA LEU A 570 -46.46 27.17 9.47
C LEU A 570 -45.65 28.46 9.42
N LEU A 571 -44.33 28.34 9.28
CA LEU A 571 -43.49 29.51 9.06
C LEU A 571 -43.84 30.16 7.73
N GLY A 572 -43.95 29.35 6.68
CA GLY A 572 -44.30 29.84 5.35
C GLY A 572 -45.71 30.40 5.27
N LEU A 573 -46.64 29.78 6.00
CA LEU A 573 -48.02 30.24 6.03
C LEU A 573 -48.18 31.54 6.82
N LYS A 574 -47.43 31.68 7.91
CA LYS A 574 -47.45 32.90 8.70
C LYS A 574 -46.84 34.09 7.95
N GLN A 575 -45.77 33.82 7.21
CA GLN A 575 -45.14 34.81 6.33
C GLN A 575 -46.08 35.27 5.21
N SER A 576 -46.79 34.31 4.62
CA SER A 576 -47.77 34.60 3.56
C SER A 576 -49.00 35.36 4.06
N CYS A 577 -49.42 35.06 5.28
CA CYS A 577 -50.57 35.71 5.90
C CYS A 577 -50.30 37.18 6.22
N PHE A 578 -49.05 37.48 6.60
CA PHE A 578 -48.66 38.87 6.83
C PHE A 578 -48.55 39.64 5.52
N ASP A 579 -48.07 38.97 4.48
CA ASP A 579 -47.93 39.55 3.15
C ASP A 579 -49.28 39.87 2.52
N THR A 580 -50.27 39.01 2.77
CA THR A 580 -51.62 39.22 2.25
C THR A 580 -52.38 40.29 3.06
N ILE A 581 -51.94 40.54 4.30
CA ILE A 581 -52.53 41.59 5.14
C ILE A 581 -52.07 42.98 4.71
N LEU A 582 -50.77 43.13 4.46
CA LEU A 582 -50.21 44.40 3.96
C LEU A 582 -50.70 44.72 2.55
N ALA A 583 -50.78 43.70 1.70
CA ALA A 583 -51.19 43.86 0.31
C ALA A 583 -52.65 44.26 0.17
N LEU A 584 -53.55 43.47 0.76
CA LEU A 584 -55.00 43.70 0.63
C LEU A 584 -55.54 44.73 1.62
N HIS A 585 -54.63 45.41 2.32
CA HIS A 585 -54.97 46.41 3.35
C HIS A 585 -56.07 47.39 2.92
N LYS A 586 -55.99 47.89 1.68
CA LYS A 586 -57.07 48.67 1.08
C LYS A 586 -57.36 48.20 -0.36
N ASP A 593 -59.73 43.89 9.61
CA ASP A 593 -60.28 43.42 10.89
C ASP A 593 -60.92 42.04 10.81
N THR A 594 -61.80 41.85 9.83
CA THR A 594 -62.46 40.56 9.63
C THR A 594 -61.54 39.59 8.88
N LEU A 595 -60.64 40.16 8.07
CA LEU A 595 -59.61 39.38 7.38
C LEU A 595 -58.69 38.69 8.39
N VAL A 596 -58.30 39.43 9.43
CA VAL A 596 -57.51 38.91 10.53
C VAL A 596 -58.27 37.83 11.32
N ASP A 597 -59.59 37.99 11.42
CA ASP A 597 -60.46 36.99 12.05
C ASP A 597 -60.49 35.68 11.26
N ARG A 598 -60.59 35.79 9.93
CA ARG A 598 -60.69 34.63 9.04
C ARG A 598 -59.35 33.89 8.90
N LEU A 599 -58.25 34.61 9.07
CA LEU A 599 -56.92 34.00 9.06
C LEU A 599 -56.64 33.26 10.37
N ALA A 600 -57.09 33.83 11.48
CA ALA A 600 -56.97 33.20 12.80
C ALA A 600 -57.81 31.93 12.90
N GLU A 601 -58.94 31.93 12.19
CA GLU A 601 -59.80 30.75 12.08
C GLU A 601 -59.13 29.68 11.22
N PHE A 602 -58.49 30.11 10.13
CA PHE A 602 -57.75 29.21 9.23
C PHE A 602 -56.66 28.45 9.98
N GLU A 603 -55.88 29.17 10.79
CA GLU A 603 -54.77 28.60 11.52
C GLU A 603 -55.23 27.62 12.61
N LYS A 604 -56.40 27.88 13.19
CA LYS A 604 -56.97 27.02 14.22
C LYS A 604 -57.59 25.74 13.61
N ARG A 605 -58.32 25.90 12.51
CA ARG A 605 -58.92 24.77 11.81
C ARG A 605 -57.86 23.85 11.19
N LEU A 606 -56.69 24.42 10.93
CA LEU A 606 -55.55 23.68 10.38
C LEU A 606 -54.97 22.70 11.40
N SER A 607 -54.80 23.16 12.64
CA SER A 607 -54.24 22.33 13.72
C SER A 607 -55.22 21.26 14.22
N ASP A 608 -56.45 21.30 13.71
CA ASP A 608 -57.47 20.31 14.04
C ASP A 608 -57.68 19.26 12.94
N ARG A 609 -57.44 19.65 11.69
CA ARG A 609 -57.74 18.76 10.56
C ARG A 609 -56.50 18.17 9.89
N LEU A 610 -55.42 18.95 9.83
CA LEU A 610 -54.26 18.62 8.99
C LEU A 610 -53.51 17.36 9.40
N GLU A 611 -53.08 17.31 10.67
CA GLU A 611 -52.29 16.18 11.17
C GLU A 611 -53.01 14.85 11.03
N ASN A 612 -54.30 14.83 11.39
CA ASN A 612 -55.14 13.63 11.29
C ASN A 612 -55.23 13.08 9.88
N GLU A 613 -55.31 13.98 8.90
CA GLU A 613 -55.42 13.58 7.50
C GLU A 613 -54.09 13.14 6.89
N MET A 614 -53.00 13.76 7.34
CA MET A 614 -51.66 13.36 6.93
C MET A 614 -51.32 12.01 7.55
N THR A 615 -51.65 11.83 8.83
CA THR A 615 -51.52 10.55 9.51
C THR A 615 -52.26 9.45 8.74
N ALA A 616 -53.50 9.75 8.35
CA ALA A 616 -54.36 8.79 7.67
C ALA A 616 -53.76 8.25 6.38
N VAL A 617 -53.27 9.15 5.52
CA VAL A 617 -52.66 8.76 4.24
C VAL A 617 -51.39 7.92 4.45
N ARG A 618 -50.61 8.26 5.48
CA ARG A 618 -49.40 7.53 5.83
C ARG A 618 -49.72 6.12 6.34
N VAL A 619 -50.67 6.03 7.28
CA VAL A 619 -51.12 4.74 7.81
C VAL A 619 -51.62 3.83 6.68
N LEU A 620 -52.40 4.41 5.76
CA LEU A 620 -52.85 3.68 4.57
C LEU A 620 -51.65 3.18 3.74
N TYR A 621 -50.65 4.04 3.57
CA TYR A 621 -49.46 3.67 2.79
C TYR A 621 -48.72 2.50 3.40
N GLU A 622 -48.58 2.52 4.72
CA GLU A 622 -47.87 1.47 5.46
C GLU A 622 -48.59 0.12 5.47
N LYS A 623 -49.92 0.15 5.34
CA LYS A 623 -50.70 -1.10 5.40
C LYS A 623 -51.01 -1.62 4.00
N VAL A 636 -49.15 4.32 -8.45
CA VAL A 636 -47.88 4.76 -7.87
C VAL A 636 -46.81 4.87 -8.95
N ARG A 637 -45.78 5.68 -8.69
CA ARG A 637 -44.78 6.03 -9.69
C ARG A 637 -43.80 4.89 -10.04
N ILE A 638 -43.56 3.99 -9.11
CA ILE A 638 -42.68 2.84 -9.37
C ILE A 638 -43.24 1.92 -10.46
N GLN A 639 -44.57 1.92 -10.61
CA GLN A 639 -45.24 1.08 -11.61
C GLN A 639 -44.88 1.45 -13.04
N GLY A 640 -44.52 2.70 -13.27
CA GLY A 640 -44.06 3.15 -14.59
C GLY A 640 -42.54 3.20 -14.74
N SER A 641 -41.81 2.86 -13.67
CA SER A 641 -40.35 2.91 -13.68
C SER A 641 -39.72 1.60 -14.15
N LYS A 642 -38.60 1.70 -14.88
CA LYS A 642 -37.87 0.53 -15.35
C LYS A 642 -37.26 -0.27 -14.19
N PHE A 643 -37.26 0.32 -13.00
CA PHE A 643 -36.70 -0.31 -11.81
C PHE A 643 -37.77 -0.99 -10.96
N LEU A 644 -38.99 -1.08 -11.49
CA LEU A 644 -40.08 -1.83 -10.87
C LEU A 644 -39.66 -3.26 -10.47
N PRO A 645 -38.98 -4.01 -11.37
CA PRO A 645 -38.58 -5.37 -10.96
C PRO A 645 -37.76 -5.42 -9.67
N PHE A 646 -36.85 -4.47 -9.47
CA PHE A 646 -36.07 -4.43 -8.21
C PHE A 646 -36.93 -4.12 -6.98
N TYR A 647 -37.78 -3.12 -7.10
CA TYR A 647 -38.67 -2.73 -6.00
C TYR A 647 -39.65 -3.85 -5.69
N ARG A 648 -40.19 -4.46 -6.73
CA ARG A 648 -41.11 -5.59 -6.59
C ARG A 648 -40.37 -6.80 -5.98
N PHE A 649 -39.14 -7.04 -6.44
CA PHE A 649 -38.35 -8.15 -5.93
C PHE A 649 -38.06 -8.01 -4.43
N VAL A 650 -37.58 -6.83 -4.02
CA VAL A 650 -37.19 -6.57 -2.64
C VAL A 650 -38.40 -6.52 -1.70
N ARG A 651 -39.45 -5.82 -2.11
CA ARG A 651 -40.65 -5.68 -1.29
C ARG A 651 -41.56 -6.90 -1.29
N GLU A 652 -41.83 -7.46 -2.48
CA GLU A 652 -42.79 -8.58 -2.58
C GLU A 652 -42.13 -9.96 -2.43
N GLU A 653 -41.24 -10.31 -3.36
CA GLU A 653 -40.54 -11.61 -3.31
C GLU A 653 -39.77 -11.84 -2.01
N LEU A 654 -39.04 -10.83 -1.55
CA LEU A 654 -38.27 -10.95 -0.32
C LEU A 654 -39.10 -10.61 0.92
N ASP A 655 -40.32 -10.11 0.71
CA ASP A 655 -41.26 -9.81 1.79
C ASP A 655 -40.69 -8.79 2.79
N THR A 656 -40.57 -7.55 2.33
CA THR A 656 -40.14 -6.44 3.18
C THR A 656 -41.15 -5.30 3.10
N GLY A 657 -40.87 -4.23 3.83
CA GLY A 657 -41.73 -3.06 3.84
C GLY A 657 -40.92 -1.82 4.15
N VAL A 658 -41.59 -0.66 4.10
CA VAL A 658 -40.94 0.59 4.47
C VAL A 658 -40.42 0.50 5.90
N MET A 659 -39.20 0.99 6.13
CA MET A 659 -38.55 0.87 7.42
C MET A 659 -39.00 1.97 8.36
N SER A 660 -39.36 1.59 9.59
CA SER A 660 -39.82 2.53 10.62
C SER A 660 -39.82 1.88 12.00
N ALA A 661 -40.10 2.68 13.02
CA ALA A 661 -40.25 2.19 14.40
C ALA A 661 -41.41 1.20 14.53
N ARG A 662 -42.36 1.27 13.60
CA ARG A 662 -43.52 0.38 13.62
C ARG A 662 -43.25 -0.97 12.95
N ARG A 663 -42.23 -1.04 12.10
CA ARG A 663 -41.82 -2.30 11.47
C ARG A 663 -40.77 -3.00 12.34
N GLU A 664 -41.10 -4.18 12.84
CA GLU A 664 -40.26 -4.84 13.84
C GLU A 664 -39.00 -5.52 13.30
N GLN A 665 -39.01 -5.86 12.01
CA GLN A 665 -37.83 -6.41 11.35
C GLN A 665 -36.68 -5.41 11.42
N THR A 666 -35.50 -5.92 11.79
CA THR A 666 -34.30 -5.09 11.91
C THR A 666 -33.70 -4.85 10.52
N PRO A 667 -32.90 -3.78 10.37
CA PRO A 667 -32.19 -3.57 9.11
C PRO A 667 -31.41 -4.82 8.66
N GLN A 668 -30.76 -5.50 9.61
CA GLN A 668 -30.06 -6.75 9.33
C GLN A 668 -30.95 -7.76 8.61
N GLU A 669 -32.14 -7.99 9.16
CA GLU A 669 -33.11 -8.92 8.59
C GLU A 669 -33.48 -8.58 7.16
N ASP A 670 -33.66 -7.30 6.89
CA ASP A 670 -34.03 -6.83 5.56
C ASP A 670 -32.86 -6.92 4.58
N VAL A 671 -31.70 -6.39 4.97
CA VAL A 671 -30.53 -6.39 4.09
C VAL A 671 -29.96 -7.79 3.83
N GLN A 672 -30.04 -8.67 4.81
CA GLN A 672 -29.59 -10.07 4.64
C GLN A 672 -30.32 -10.73 3.49
N LYS A 673 -31.64 -10.54 3.43
CA LYS A 673 -32.44 -11.06 2.33
C LYS A 673 -31.90 -10.60 0.98
N VAL A 674 -31.63 -9.29 0.87
CA VAL A 674 -31.12 -8.70 -0.38
C VAL A 674 -29.71 -9.24 -0.68
N PHE A 675 -28.87 -9.30 0.34
CA PHE A 675 -27.52 -9.84 0.18
C PHE A 675 -27.54 -11.31 -0.24
N ASP A 676 -28.35 -12.13 0.42
CA ASP A 676 -28.46 -13.55 0.08
C ASP A 676 -28.88 -13.72 -1.38
N ALA A 677 -29.78 -12.85 -1.85
CA ALA A 677 -30.27 -12.88 -3.23
C ALA A 677 -29.19 -12.49 -4.23
N ILE A 678 -28.36 -11.52 -3.86
CA ILE A 678 -27.22 -11.12 -4.68
C ILE A 678 -26.18 -12.24 -4.74
N ALA A 679 -25.90 -12.84 -3.58
CA ALA A 679 -24.88 -13.88 -3.48
C ALA A 679 -25.24 -15.15 -4.25
N ASP A 680 -26.54 -15.50 -4.28
CA ASP A 680 -26.95 -16.73 -4.96
C ASP A 680 -27.45 -16.55 -6.42
N GLY A 681 -27.43 -15.32 -6.92
CA GLY A 681 -27.79 -15.06 -8.32
C GLY A 681 -29.25 -14.73 -8.60
N ARG A 682 -30.11 -14.87 -7.59
CA ARG A 682 -31.53 -14.53 -7.74
C ARG A 682 -31.75 -13.08 -8.18
N ILE A 683 -30.78 -12.21 -7.90
CA ILE A 683 -30.84 -10.79 -8.28
C ILE A 683 -30.82 -10.58 -9.78
N THR A 684 -30.33 -11.57 -10.54
CA THR A 684 -30.24 -11.43 -12.00
C THR A 684 -31.61 -11.47 -12.66
N VAL A 685 -32.60 -12.05 -11.98
CA VAL A 685 -33.97 -12.10 -12.51
C VAL A 685 -34.55 -10.67 -12.61
N PRO A 686 -34.65 -9.94 -11.49
CA PRO A 686 -35.00 -8.51 -11.59
C PRO A 686 -34.09 -7.69 -12.50
N LEU A 687 -32.79 -8.01 -12.51
CA LEU A 687 -31.83 -7.30 -13.36
C LEU A 687 -32.16 -7.48 -14.85
N LEU A 688 -32.40 -8.74 -15.25
CA LEU A 688 -32.72 -9.05 -16.64
C LEU A 688 -34.08 -8.51 -17.05
N HIS A 689 -35.07 -8.53 -16.14
CA HIS A 689 -36.38 -7.95 -16.43
C HIS A 689 -36.25 -6.45 -16.68
N CYS A 690 -35.56 -5.76 -15.78
CA CYS A 690 -35.27 -4.32 -15.91
C CYS A 690 -34.64 -3.98 -17.26
N LEU A 691 -33.72 -4.82 -17.72
CA LEU A 691 -32.95 -4.57 -18.93
C LEU A 691 -33.58 -5.11 -20.23
N GLN A 692 -34.78 -5.70 -20.12
CA GLN A 692 -35.49 -6.21 -21.29
C GLN A 692 -35.73 -5.15 -22.36
N GLY A 693 -35.30 -5.45 -23.58
CA GLY A 693 -35.51 -4.53 -24.70
C GLY A 693 -34.40 -3.53 -24.96
N PHE A 694 -33.39 -3.50 -24.08
CA PHE A 694 -32.23 -2.65 -24.29
C PHE A 694 -31.33 -3.27 -25.36
N LEU A 695 -31.04 -2.50 -26.41
CA LEU A 695 -30.17 -2.98 -27.49
C LEU A 695 -29.19 -1.89 -27.94
N ARG B 28 -1.25 -6.71 -35.48
CA ARG B 28 0.02 -7.23 -36.07
C ARG B 28 1.10 -7.41 -34.99
N SER B 29 1.59 -6.31 -34.42
CA SER B 29 2.52 -6.34 -33.29
C SER B 29 2.63 -4.99 -32.60
N HIS B 30 2.60 -5.03 -31.26
CA HIS B 30 2.81 -3.83 -30.46
C HIS B 30 4.20 -3.24 -30.75
N VAL B 31 5.11 -4.10 -31.18
CA VAL B 31 6.49 -3.68 -31.51
C VAL B 31 6.51 -2.65 -32.67
N LYS B 32 5.67 -2.86 -33.67
CA LYS B 32 5.54 -1.92 -34.80
C LYS B 32 4.87 -0.62 -34.36
N ASP B 33 3.82 -0.75 -33.55
CA ASP B 33 3.14 0.41 -32.96
C ASP B 33 4.09 1.34 -32.17
N ILE B 34 4.98 0.74 -31.37
CA ILE B 34 5.94 1.51 -30.58
C ILE B 34 7.03 2.11 -31.46
N LEU B 35 7.49 1.34 -32.44
CA LEU B 35 8.41 1.87 -33.45
C LEU B 35 7.77 3.03 -34.19
N GLY B 36 6.46 2.93 -34.44
CA GLY B 36 5.69 4.02 -35.04
C GLY B 36 5.65 5.29 -34.19
N LEU B 37 5.52 5.12 -32.87
CA LEU B 37 5.54 6.24 -31.92
C LEU B 37 6.88 6.96 -31.90
N ILE B 38 7.97 6.18 -31.84
CA ILE B 38 9.32 6.73 -31.86
C ILE B 38 9.58 7.54 -33.14
N ASN B 39 9.25 6.98 -34.30
CA ASN B 39 9.43 7.65 -35.58
C ASN B 39 8.71 9.00 -35.62
N ALA B 40 7.43 9.00 -35.24
CA ALA B 40 6.63 10.22 -35.16
C ALA B 40 7.22 11.25 -34.21
N PHE B 41 7.74 10.81 -33.07
CA PHE B 41 8.34 11.72 -32.09
C PHE B 41 9.55 12.43 -32.67
N ASN B 42 10.37 11.67 -33.40
CA ASN B 42 11.57 12.21 -34.05
C ASN B 42 11.29 13.07 -35.27
N GLU B 43 10.25 12.71 -36.03
CA GLU B 43 10.04 13.26 -37.36
C GLU B 43 9.12 14.48 -37.45
N VAL B 44 8.15 14.58 -36.54
CA VAL B 44 7.16 15.66 -36.58
C VAL B 44 7.81 17.04 -36.42
N LYS B 45 7.32 18.01 -37.20
CA LYS B 45 7.84 19.37 -37.18
C LYS B 45 6.74 20.35 -36.76
N LYS B 46 5.50 20.00 -37.10
CA LYS B 46 4.34 20.80 -36.74
C LYS B 46 3.22 19.89 -36.24
N ILE B 47 2.66 20.23 -35.09
CA ILE B 47 1.47 19.56 -34.58
C ILE B 47 0.27 20.35 -35.05
N THR B 48 -0.54 19.73 -35.90
CA THR B 48 -1.72 20.38 -36.44
C THR B 48 -2.88 20.21 -35.46
N VAL B 49 -3.38 21.34 -34.97
CA VAL B 49 -4.52 21.35 -34.05
C VAL B 49 -5.72 21.88 -34.81
N ASP B 50 -6.63 20.97 -35.18
CA ASP B 50 -7.71 21.31 -36.10
C ASP B 50 -9.09 20.76 -35.71
N GLY B 51 -9.15 20.04 -34.59
CA GLY B 51 -10.41 19.48 -34.07
C GLY B 51 -10.88 18.22 -34.74
N THR B 52 -10.02 17.62 -35.56
CA THR B 52 -10.38 16.42 -36.30
C THR B 52 -9.23 15.40 -36.43
N THR B 53 -8.01 15.89 -36.68
CA THR B 53 -6.83 15.03 -36.75
C THR B 53 -6.26 14.81 -35.34
N PRO B 54 -6.09 13.53 -34.94
CA PRO B 54 -5.72 13.22 -33.56
C PRO B 54 -4.32 13.66 -33.17
N ILE B 55 -4.16 14.04 -31.90
CA ILE B 55 -2.86 14.24 -31.28
C ILE B 55 -2.52 12.96 -30.52
N THR B 56 -1.32 12.43 -30.74
CA THR B 56 -0.87 11.22 -30.06
C THR B 56 0.10 11.58 -28.93
N VAL B 57 0.45 10.59 -28.11
CA VAL B 57 1.41 10.79 -27.01
C VAL B 57 2.79 11.19 -27.52
N ALA B 58 3.14 10.74 -28.73
CA ALA B 58 4.38 11.13 -29.38
C ALA B 58 4.39 12.61 -29.72
N HIS B 59 3.28 13.11 -30.26
CA HIS B 59 3.14 14.54 -30.56
C HIS B 59 3.27 15.42 -29.32
N VAL B 60 2.61 15.03 -28.22
CA VAL B 60 2.69 15.78 -26.96
C VAL B 60 4.13 15.83 -26.48
N ALA B 61 4.76 14.65 -26.42
CA ALA B 61 6.16 14.51 -26.03
C ALA B 61 7.11 15.32 -26.92
N ALA B 62 6.87 15.31 -28.24
CA ALA B 62 7.67 16.12 -29.17
C ALA B 62 7.54 17.62 -28.89
N LEU B 63 6.31 18.12 -28.74
CA LEU B 63 6.11 19.51 -28.33
C LEU B 63 6.90 19.86 -27.08
N ALA B 64 6.81 18.98 -26.08
CA ALA B 64 7.42 19.22 -24.77
C ALA B 64 8.95 19.23 -24.78
N ARG B 65 9.55 18.40 -25.64
CA ARG B 65 10.97 18.11 -25.53
C ARG B 65 11.82 18.63 -26.70
N ARG B 66 11.15 18.94 -27.81
CA ARG B 66 11.82 19.47 -29.00
C ARG B 66 11.24 20.86 -29.31
N HIS B 67 12.03 21.91 -29.06
CA HIS B 67 11.50 23.27 -29.19
C HIS B 67 11.39 23.79 -30.62
N ASP B 68 11.97 23.05 -31.56
CA ASP B 68 11.78 23.29 -32.99
C ASP B 68 10.35 22.93 -33.43
N VAL B 69 9.68 22.07 -32.67
CA VAL B 69 8.30 21.66 -32.97
C VAL B 69 7.31 22.78 -32.62
N LYS B 70 6.48 23.15 -33.61
CA LYS B 70 5.54 24.27 -33.46
C LYS B 70 4.10 23.82 -33.59
N VAL B 71 3.20 24.50 -32.89
CA VAL B 71 1.77 24.26 -32.96
C VAL B 71 1.19 24.98 -34.17
N ALA B 72 0.27 24.33 -34.87
CA ALA B 72 -0.40 24.93 -36.01
C ALA B 72 -1.92 24.89 -35.85
N LEU B 73 -2.48 25.96 -35.30
CA LEU B 73 -3.92 26.07 -35.15
C LEU B 73 -4.55 26.43 -36.49
N GLU B 74 -5.29 25.49 -37.05
CA GLU B 74 -5.83 25.63 -38.40
C GLU B 74 -7.25 26.17 -38.37
N ALA B 75 -7.41 27.41 -38.83
CA ALA B 75 -8.71 28.09 -38.89
C ALA B 75 -9.67 27.52 -39.94
N GLU B 76 -9.18 26.56 -40.74
CA GLU B 76 -9.96 25.95 -41.82
C GLU B 76 -11.21 25.23 -41.29
N GLN B 77 -11.02 24.28 -40.38
CA GLN B 77 -12.10 23.37 -40.01
C GLN B 77 -12.71 23.57 -38.61
N CYS B 78 -12.26 24.59 -37.88
CA CYS B 78 -12.78 24.79 -36.53
C CYS B 78 -13.10 26.23 -36.11
N ARG B 79 -12.44 27.21 -36.74
CA ARG B 79 -12.69 28.63 -36.45
C ARG B 79 -14.18 28.99 -36.48
N ALA B 80 -14.88 28.51 -37.50
CA ALA B 80 -16.31 28.78 -37.66
C ALA B 80 -17.11 28.28 -36.45
N ARG B 81 -16.99 26.97 -36.17
CA ARG B 81 -17.74 26.36 -35.06
C ARG B 81 -17.35 26.91 -33.67
N VAL B 82 -16.11 27.35 -33.52
CA VAL B 82 -15.65 28.00 -32.29
C VAL B 82 -16.32 29.36 -32.09
N GLU B 83 -16.29 30.20 -33.13
CA GLU B 83 -16.93 31.52 -33.10
C GLU B 83 -18.43 31.43 -32.91
N THR B 84 -19.05 30.43 -33.55
CA THR B 84 -20.47 30.15 -33.37
C THR B 84 -20.76 29.86 -31.90
N CYS B 85 -19.95 28.99 -31.29
CA CYS B 85 -20.12 28.62 -29.89
C CYS B 85 -19.90 29.80 -28.98
N SER B 86 -18.86 30.57 -29.27
CA SER B 86 -18.47 31.76 -28.50
C SER B 86 -19.56 32.82 -28.43
N SER B 87 -20.19 33.09 -29.56
CA SER B 87 -21.25 34.10 -29.63
C SER B 87 -22.55 33.57 -29.03
N TRP B 88 -22.80 32.27 -29.20
CA TRP B 88 -23.97 31.62 -28.61
C TRP B 88 -23.98 31.78 -27.08
N VAL B 89 -22.86 31.44 -26.44
CA VAL B 89 -22.75 31.52 -24.98
C VAL B 89 -22.92 32.95 -24.49
N GLN B 90 -22.16 33.88 -25.09
CA GLN B 90 -22.21 35.29 -24.70
C GLN B 90 -23.61 35.89 -24.84
N ARG B 91 -24.32 35.48 -25.89
CA ARG B 91 -25.67 35.99 -26.18
C ARG B 91 -26.71 35.39 -25.23
N LYS B 92 -26.60 34.10 -24.96
CA LYS B 92 -27.49 33.42 -24.01
C LYS B 92 -27.33 33.94 -22.58
N ALA B 93 -26.08 34.22 -22.19
CA ALA B 93 -25.77 34.78 -20.88
C ALA B 93 -26.39 36.18 -20.70
N GLU B 94 -26.17 37.06 -21.68
CA GLU B 94 -26.72 38.42 -21.67
C GLU B 94 -28.25 38.42 -21.65
N ASP B 95 -28.84 37.43 -22.32
CA ASP B 95 -30.29 37.19 -22.35
C ASP B 95 -30.82 36.67 -21.01
N GLY B 96 -29.91 36.22 -20.13
CA GLY B 96 -30.28 35.73 -18.81
C GLY B 96 -30.70 34.26 -18.80
N ALA B 97 -30.12 33.47 -19.70
CA ALA B 97 -30.38 32.03 -19.72
C ALA B 97 -29.75 31.38 -18.50
N ASP B 98 -30.43 30.37 -17.95
CA ASP B 98 -29.94 29.66 -16.77
C ASP B 98 -28.94 28.55 -17.16
N ILE B 99 -27.65 28.87 -17.08
CA ILE B 99 -26.60 27.93 -17.47
C ILE B 99 -25.49 27.89 -16.42
N TYR B 100 -25.12 26.68 -16.00
CA TYR B 100 -24.10 26.51 -14.96
C TYR B 100 -22.77 27.18 -15.29
N GLY B 101 -22.26 27.94 -14.33
CA GLY B 101 -20.94 28.54 -14.45
C GLY B 101 -20.83 29.71 -15.40
N VAL B 102 -21.96 30.18 -15.91
CA VAL B 102 -22.01 31.37 -16.77
C VAL B 102 -23.02 32.40 -16.23
N THR B 103 -24.17 31.93 -15.79
CA THR B 103 -25.11 32.75 -15.05
C THR B 103 -25.37 32.14 -13.66
N THR B 104 -24.44 31.29 -13.24
CA THR B 104 -24.58 30.47 -12.04
C THR B 104 -23.26 30.38 -11.29
N GLY B 105 -23.34 30.29 -9.96
CA GLY B 105 -22.18 30.02 -9.11
C GLY B 105 -21.54 28.66 -9.34
N PHE B 106 -20.30 28.50 -8.88
CA PHE B 106 -19.52 27.31 -9.20
C PHE B 106 -19.60 26.21 -8.14
N GLY B 107 -19.54 24.96 -8.61
CA GLY B 107 -19.50 23.79 -7.73
C GLY B 107 -20.73 23.68 -6.84
N ALA B 108 -20.49 23.66 -5.52
CA ALA B 108 -21.55 23.54 -4.52
C ALA B 108 -22.40 24.81 -4.41
N CYS B 109 -21.91 25.92 -4.96
CA CYS B 109 -22.60 27.21 -4.86
C CYS B 109 -23.67 27.38 -5.92
N SER B 110 -24.00 25.87 -7.39
CA SER B 110 -24.82 26.09 -8.60
C SER B 110 -26.20 26.72 -8.30
N SER B 111 -26.58 26.76 -7.02
CA SER B 111 -27.85 27.39 -6.61
C SER B 111 -27.88 28.90 -6.84
N ARG B 112 -26.73 29.55 -6.69
CA ARG B 112 -26.66 31.01 -6.75
C ARG B 112 -26.53 31.53 -8.18
N ARG B 113 -27.50 32.33 -8.61
CA ARG B 113 -27.48 32.94 -9.94
C ARG B 113 -26.93 34.36 -9.91
N THR B 114 -26.43 34.82 -11.05
CA THR B 114 -25.95 36.19 -11.20
C THR B 114 -26.06 36.67 -12.64
N ASN B 115 -26.12 37.99 -12.82
CA ASN B 115 -26.02 38.60 -14.14
C ASN B 115 -24.67 39.32 -14.33
N ARG B 116 -23.82 39.23 -13.31
CA ARG B 116 -22.47 39.83 -13.35
C ARG B 116 -21.52 38.90 -14.09
N LEU B 117 -21.67 38.87 -15.42
CA LEU B 117 -21.04 37.90 -16.30
C LEU B 117 -19.52 37.81 -16.19
N SER B 118 -18.85 38.96 -16.28
CA SER B 118 -17.38 39.00 -16.30
C SER B 118 -16.77 38.80 -14.91
N GLU B 119 -17.36 39.44 -13.90
CA GLU B 119 -16.87 39.29 -12.52
C GLU B 119 -17.02 37.87 -11.99
N LEU B 120 -18.09 37.19 -12.41
CA LEU B 120 -18.27 35.78 -12.09
C LEU B 120 -17.02 34.98 -12.50
N GLN B 121 -16.55 35.22 -13.72
CA GLN B 121 -15.41 34.50 -14.28
C GLN B 121 -14.09 34.90 -13.61
N GLU B 122 -13.89 36.21 -13.40
CA GLU B 122 -12.72 36.69 -12.68
C GLU B 122 -12.64 36.19 -11.24
N SER B 123 -13.79 36.08 -10.58
CA SER B 123 -13.81 35.62 -9.18
C SER B 123 -13.43 34.14 -9.06
N LEU B 124 -13.72 33.36 -10.09
CA LEU B 124 -13.28 31.96 -10.16
C LEU B 124 -11.76 31.89 -10.22
N ILE B 125 -11.17 32.65 -11.13
CA ILE B 125 -9.72 32.67 -11.32
C ILE B 125 -9.02 33.14 -10.03
N ARG B 126 -9.52 34.22 -9.44
CA ARG B 126 -9.00 34.73 -8.17
C ARG B 126 -9.04 33.67 -7.06
N CYS B 127 -10.17 32.98 -6.95
CA CYS B 127 -10.35 31.94 -5.94
C CYS B 127 -9.45 30.71 -6.16
N LEU B 128 -9.17 30.41 -7.43
CA LEU B 128 -8.37 29.23 -7.81
C LEU B 128 -6.85 29.46 -7.85
N LEU B 129 -6.42 30.71 -7.76
CA LEU B 129 -5.00 31.01 -7.62
C LEU B 129 -4.58 30.77 -6.17
N ALA B 130 -4.48 29.49 -5.81
CA ALA B 130 -4.39 29.07 -4.42
C ALA B 130 -3.33 27.99 -4.17
N GLY B 131 -2.48 27.75 -5.18
CA GLY B 131 -1.32 26.90 -5.01
C GLY B 131 -0.24 27.60 -4.20
N VAL B 132 0.75 26.84 -3.75
CA VAL B 132 1.88 27.37 -2.99
C VAL B 132 3.18 26.78 -3.55
N PHE B 133 4.26 27.55 -3.51
CA PHE B 133 5.57 27.07 -3.96
C PHE B 133 6.44 26.59 -2.81
N THR B 134 6.53 25.26 -2.68
CA THR B 134 7.23 24.61 -1.57
C THR B 134 8.74 24.57 -1.80
N VAL B 141 12.33 25.77 -6.03
CA VAL B 141 10.97 25.41 -5.64
C VAL B 141 10.53 24.09 -6.29
N ASP B 142 9.54 23.44 -5.68
CA ASP B 142 8.80 22.36 -6.33
C ASP B 142 7.73 23.00 -7.20
N GLU B 143 7.59 22.51 -8.42
CA GLU B 143 6.62 23.06 -9.37
C GLU B 143 6.39 22.06 -10.48
N LEU B 144 5.26 22.19 -11.17
CA LEU B 144 5.06 21.48 -12.42
C LEU B 144 6.02 22.09 -13.46
N PRO B 145 6.85 21.25 -14.10
CA PRO B 145 7.86 21.77 -15.04
C PRO B 145 7.22 22.39 -16.28
N ALA B 146 7.98 23.21 -17.00
CA ALA B 146 7.52 23.83 -18.25
C ALA B 146 7.05 22.81 -19.28
N THR B 147 7.69 21.64 -19.30
CA THR B 147 7.30 20.56 -20.21
C THR B 147 5.85 20.13 -20.01
N ALA B 148 5.44 19.97 -18.75
CA ALA B 148 4.07 19.59 -18.44
C ALA B 148 3.08 20.73 -18.66
N THR B 149 3.51 21.94 -18.34
CA THR B 149 2.68 23.14 -18.50
C THR B 149 2.41 23.43 -19.97
N ARG B 150 3.46 23.43 -20.78
CA ARG B 150 3.30 23.65 -22.22
C ARG B 150 2.46 22.54 -22.85
N SER B 151 2.66 21.30 -22.37
CA SER B 151 1.83 20.17 -22.76
C SER B 151 0.37 20.38 -22.40
N ALA B 152 0.11 20.87 -21.20
CA ALA B 152 -1.25 21.17 -20.74
C ALA B 152 -1.88 22.29 -21.57
N MET B 153 -1.08 23.32 -21.88
CA MET B 153 -1.52 24.39 -22.78
C MET B 153 -1.99 23.83 -24.12
N LEU B 154 -1.21 22.90 -24.68
CA LEU B 154 -1.57 22.24 -25.95
C LEU B 154 -2.90 21.49 -25.86
N LEU B 155 -3.05 20.70 -24.81
CA LEU B 155 -4.24 19.86 -24.60
C LEU B 155 -5.50 20.70 -24.33
N ARG B 156 -5.36 21.80 -23.60
CA ARG B 156 -6.48 22.71 -23.39
C ARG B 156 -6.86 23.37 -24.71
N LEU B 157 -5.85 23.86 -25.44
CA LEU B 157 -6.07 24.40 -26.78
C LEU B 157 -6.82 23.41 -27.66
N ASN B 158 -6.35 22.15 -27.68
CA ASN B 158 -6.95 21.09 -28.49
C ASN B 158 -8.40 20.81 -28.12
N SER B 159 -8.68 20.77 -26.82
CA SER B 159 -10.02 20.53 -26.31
C SER B 159 -10.98 21.61 -26.81
N PHE B 160 -10.48 22.84 -26.91
CA PHE B 160 -11.27 23.98 -27.41
C PHE B 160 -11.69 23.88 -28.88
N THR B 161 -10.94 23.14 -29.69
CA THR B 161 -11.21 23.04 -31.14
C THR B 161 -12.48 22.27 -31.51
N TYR B 162 -13.04 21.52 -30.56
CA TYR B 162 -14.29 20.80 -30.80
C TYR B 162 -15.53 21.70 -30.72
N GLY B 163 -15.32 22.95 -30.29
CA GLY B 163 -16.38 23.97 -30.27
C GLY B 163 -17.52 23.71 -29.31
N CYS B 164 -17.18 23.18 -28.13
CA CYS B 164 -18.16 22.90 -27.09
C CYS B 164 -17.95 23.82 -25.88
N SER B 165 -16.90 24.63 -25.94
CA SER B 165 -16.41 25.39 -24.77
C SER B 165 -16.88 26.84 -24.66
N GLY B 166 -17.07 27.50 -25.79
CA GLY B 166 -17.54 28.89 -25.77
C GLY B 166 -16.43 29.91 -25.56
N ILE B 167 -15.18 29.46 -25.60
CA ILE B 167 -14.03 30.37 -25.52
C ILE B 167 -13.89 31.16 -26.84
N ARG B 168 -13.33 32.37 -26.77
CA ARG B 168 -13.10 33.17 -27.97
C ARG B 168 -11.91 32.61 -28.75
N TRP B 169 -12.07 32.52 -30.07
CA TRP B 169 -10.99 32.11 -30.97
C TRP B 169 -9.67 32.84 -30.69
N GLU B 170 -9.77 34.13 -30.34
CA GLU B 170 -8.61 34.96 -30.06
C GLU B 170 -7.79 34.47 -28.86
N VAL B 171 -8.45 33.91 -27.85
CA VAL B 171 -7.77 33.28 -26.71
C VAL B 171 -6.97 32.07 -27.18
N MET B 172 -7.55 31.32 -28.12
CA MET B 172 -6.90 30.17 -28.73
C MET B 172 -5.64 30.55 -29.53
N GLU B 173 -5.75 31.62 -30.31
CA GLU B 173 -4.60 32.19 -31.03
C GLU B 173 -3.51 32.60 -30.05
N ALA B 174 -3.93 33.20 -28.93
CA ALA B 174 -3.01 33.58 -27.87
C ALA B 174 -2.29 32.35 -27.29
N LEU B 175 -3.02 31.25 -27.12
CA LEU B 175 -2.43 29.99 -26.64
C LEU B 175 -1.38 29.46 -27.62
N GLU B 176 -1.74 29.47 -28.90
CA GLU B 176 -0.82 29.09 -29.98
C GLU B 176 0.46 29.94 -29.95
N LYS B 177 0.30 31.25 -29.80
CA LYS B 177 1.43 32.20 -29.78
C LYS B 177 2.32 31.99 -28.56
N LEU B 178 1.72 31.82 -27.39
CA LEU B 178 2.47 31.56 -26.16
C LEU B 178 3.26 30.25 -26.25
N LEU B 179 2.63 29.22 -26.80
CA LEU B 179 3.29 27.93 -27.06
C LEU B 179 4.51 28.05 -27.98
N ASN B 180 4.31 28.71 -29.12
CA ASN B 180 5.37 28.91 -30.11
C ASN B 180 6.45 29.91 -29.68
N SER B 181 6.12 30.75 -28.70
CA SER B 181 7.05 31.74 -28.15
C SER B 181 7.72 31.27 -26.87
N ASN B 182 7.45 30.02 -26.49
CA ASN B 182 7.99 29.42 -25.26
C ASN B 182 7.76 30.23 -24.00
N VAL B 183 6.54 30.73 -23.86
CA VAL B 183 6.11 31.44 -22.67
C VAL B 183 5.19 30.50 -21.88
N SER B 184 5.49 30.34 -20.59
CA SER B 184 4.75 29.42 -19.71
C SER B 184 4.60 30.02 -18.32
N PRO B 185 3.41 29.88 -17.72
CA PRO B 185 3.32 30.29 -16.32
C PRO B 185 4.06 29.30 -15.42
N LYS B 186 4.54 29.79 -14.28
CA LYS B 186 5.08 28.94 -13.24
C LYS B 186 3.87 28.44 -12.47
N VAL B 187 3.77 27.11 -12.31
CA VAL B 187 2.59 26.49 -11.72
C VAL B 187 2.98 25.64 -10.51
N PRO B 188 2.31 25.84 -9.36
CA PRO B 188 2.57 25.01 -8.18
C PRO B 188 2.28 23.53 -8.44
N LEU B 189 3.08 22.67 -7.81
CA LEU B 189 3.00 21.22 -8.05
C LEU B 189 1.66 20.64 -7.66
N ARG B 190 1.17 21.02 -6.47
CA ARG B 190 -0.01 20.38 -5.88
C ARG B 190 -1.23 21.31 -5.75
N GLY B 191 -2.40 20.69 -5.60
CA GLY B 191 -3.64 21.42 -5.35
C GLY B 191 -4.81 20.84 -6.10
N SER B 192 -4.52 20.01 -7.09
CA SER B 192 -5.54 19.44 -7.96
C SER B 192 -5.96 18.04 -7.54
N VAL B 193 -7.27 17.78 -7.56
CA VAL B 193 -7.81 16.43 -7.37
C VAL B 193 -8.24 15.86 -8.72
N SER B 194 -7.96 17.02 -10.46
CA SER B 194 -8.32 16.26 -11.68
C SER B 194 -9.80 15.88 -11.63
N1 MDO B 195 -10.52 16.68 -10.97
CA1 MDO B 195 -11.96 16.72 -11.29
C1 MDO B 195 -12.44 18.14 -11.68
CB MDO B 195 -12.79 16.13 -10.15
N2 MDO B 195 -13.54 18.72 -11.15
CA2 MDO B 195 -13.65 19.91 -11.74
C2 MDO B 195 -12.61 20.06 -12.62
O2 MDO B 195 -12.37 21.13 -13.41
CB2 MDO B 195 -14.76 20.94 -11.46
N3 MDO B 195 -11.88 18.96 -12.57
CA3 MDO B 195 -10.68 18.74 -13.39
C3 MDO B 195 -9.51 19.55 -12.84
O3 MDO B 195 -9.58 19.54 -11.41
N ASP B 196 -8.48 19.95 -13.46
CA ASP B 196 -7.24 20.47 -12.91
C ASP B 196 -7.36 21.97 -12.64
N LEU B 197 -8.35 22.34 -11.82
CA LEU B 197 -8.76 23.72 -11.59
C LEU B 197 -7.62 24.67 -11.25
N ILE B 198 -6.93 24.39 -10.14
CA ILE B 198 -5.87 25.25 -9.64
C ILE B 198 -4.69 25.38 -10.62
N PRO B 199 -4.10 24.24 -11.08
CA PRO B 199 -2.98 24.41 -12.01
C PRO B 199 -3.34 25.15 -13.30
N LEU B 200 -4.52 24.90 -13.86
CA LEU B 200 -4.98 25.59 -15.04
C LEU B 200 -5.27 27.08 -14.82
N ALA B 201 -5.61 27.45 -13.58
CA ALA B 201 -5.83 28.85 -13.22
C ALA B 201 -4.61 29.73 -13.47
N TYR B 202 -3.42 29.13 -13.42
CA TYR B 202 -2.17 29.84 -13.71
C TYR B 202 -1.97 30.14 -15.20
N ILE B 203 -2.49 29.28 -16.07
CA ILE B 203 -2.54 29.53 -17.51
C ILE B 203 -3.55 30.64 -17.83
N ALA B 204 -4.69 30.61 -17.15
CA ALA B 204 -5.71 31.66 -17.25
C ALA B 204 -5.22 32.98 -16.66
N GLY B 205 -4.53 32.91 -15.51
CA GLY B 205 -3.94 34.08 -14.86
C GLY B 205 -2.90 34.78 -15.71
N LEU B 206 -2.15 34.00 -16.49
CA LEU B 206 -1.25 34.53 -17.51
C LEU B 206 -2.02 35.27 -18.62
N LEU B 207 -3.10 34.66 -19.09
CA LEU B 207 -3.90 35.21 -20.18
C LEU B 207 -4.55 36.55 -19.85
N ILE B 208 -4.88 36.75 -18.57
CA ILE B 208 -5.56 37.96 -18.13
C ILE B 208 -4.61 38.96 -17.45
N GLY B 209 -3.31 38.67 -17.50
CA GLY B 209 -2.27 39.60 -17.01
C GLY B 209 -2.16 39.81 -15.51
N LYS B 210 -2.38 38.75 -14.73
CA LYS B 210 -2.27 38.86 -13.27
C LYS B 210 -0.83 39.11 -12.86
N PRO B 211 -0.58 40.19 -12.09
CA PRO B 211 0.79 40.53 -11.65
C PRO B 211 1.45 39.44 -10.80
N SER B 212 0.65 38.72 -10.02
CA SER B 212 1.16 37.68 -9.12
C SER B 212 1.60 36.39 -9.84
N VAL B 213 1.11 36.20 -11.07
CA VAL B 213 1.51 35.06 -11.89
C VAL B 213 2.86 35.36 -12.56
N ILE B 214 3.84 34.52 -12.29
CA ILE B 214 5.15 34.63 -12.95
C ILE B 214 5.18 33.74 -14.19
N ALA B 215 5.75 34.28 -15.27
CA ALA B 215 5.90 33.51 -16.50
C ALA B 215 7.36 33.36 -16.88
N ARG B 216 7.72 32.21 -17.42
CA ARG B 216 9.05 32.03 -17.99
C ARG B 216 9.04 32.22 -19.50
N ILE B 217 10.10 32.85 -20.02
CA ILE B 217 10.31 32.99 -21.46
C ILE B 217 11.60 32.26 -21.81
N GLY B 218 11.47 31.09 -22.42
CA GLY B 218 12.63 30.22 -22.65
C GLY B 218 13.20 29.71 -21.35
N ASP B 219 14.49 29.39 -21.36
CA ASP B 219 15.16 28.78 -20.21
C ASP B 219 15.75 29.78 -19.21
N ASP B 220 15.88 31.05 -19.63
CA ASP B 220 16.62 32.04 -18.84
C ASP B 220 15.76 32.98 -17.99
N VAL B 221 14.79 33.64 -18.60
CA VAL B 221 14.11 34.77 -17.95
C VAL B 221 12.74 34.44 -17.34
N GLU B 222 12.47 35.07 -16.20
CA GLU B 222 11.18 35.00 -15.52
C GLU B 222 10.68 36.41 -15.25
N VAL B 223 9.49 36.71 -15.77
CA VAL B 223 8.88 38.03 -15.60
C VAL B 223 7.42 37.89 -15.17
N PRO B 224 6.86 38.92 -14.52
CA PRO B 224 5.42 38.94 -14.23
C PRO B 224 4.59 38.77 -15.49
N ALA B 225 3.41 38.17 -15.33
CA ALA B 225 2.50 37.88 -16.46
C ALA B 225 2.26 39.04 -17.45
N PRO B 226 1.93 40.26 -16.94
CA PRO B 226 1.68 41.34 -17.91
C PRO B 226 2.88 41.71 -18.79
N GLU B 227 4.10 41.61 -18.25
CA GLU B 227 5.30 41.88 -19.04
C GLU B 227 5.61 40.75 -20.02
N ALA B 228 5.28 39.52 -19.64
CA ALA B 228 5.41 38.37 -20.53
C ALA B 228 4.51 38.53 -21.75
N LEU B 229 3.30 39.03 -21.52
CA LEU B 229 2.31 39.25 -22.58
C LEU B 229 2.76 40.30 -23.60
N SER B 230 3.31 41.43 -23.12
CA SER B 230 3.68 42.53 -24.01
C SER B 230 4.93 42.20 -24.82
N ARG B 231 5.78 41.34 -24.28
CA ARG B 231 7.00 40.90 -24.98
C ARG B 231 6.72 40.01 -26.20
N VAL B 232 5.49 39.52 -26.32
CA VAL B 232 5.10 38.68 -27.44
C VAL B 232 3.99 39.32 -28.28
N GLY B 233 3.73 40.60 -28.02
CA GLY B 233 2.73 41.35 -28.78
C GLY B 233 1.28 41.04 -28.40
N LEU B 234 1.07 40.70 -27.13
CA LEU B 234 -0.27 40.36 -26.63
C LEU B 234 -0.75 41.36 -25.58
N ARG B 235 -2.06 41.58 -25.54
CA ARG B 235 -2.69 42.41 -24.52
C ARG B 235 -3.49 41.52 -23.55
N PRO B 236 -3.57 41.91 -22.26
CA PRO B 236 -4.37 41.14 -21.30
C PRO B 236 -5.82 40.98 -21.76
N PHE B 237 -6.34 39.75 -21.70
CA PHE B 237 -7.75 39.50 -22.02
C PHE B 237 -8.65 39.87 -20.84
N LYS B 238 -9.85 40.34 -21.15
CA LYS B 238 -10.89 40.48 -20.16
C LYS B 238 -11.88 39.36 -20.39
N LEU B 239 -11.98 38.47 -19.40
CA LEU B 239 -12.83 37.28 -19.51
C LEU B 239 -14.28 37.65 -19.80
N GLN B 240 -14.82 37.04 -20.84
CA GLN B 240 -16.24 37.12 -21.15
C GLN B 240 -16.95 35.91 -20.56
N ALA B 241 -18.26 35.78 -20.82
CA ALA B 241 -19.06 34.72 -20.21
C ALA B 241 -18.46 33.31 -20.42
N LYS B 242 -18.35 32.56 -19.32
CA LYS B 242 -17.90 31.15 -19.33
C LYS B 242 -16.39 30.94 -19.57
N GLU B 243 -15.69 32.01 -19.98
CA GLU B 243 -14.29 31.91 -20.38
C GLU B 243 -13.35 31.48 -19.26
N GLY B 244 -13.57 31.99 -18.05
CA GLY B 244 -12.79 31.58 -16.89
C GLY B 244 -12.97 30.10 -16.61
N LEU B 245 -14.23 29.67 -16.60
CA LEU B 245 -14.56 28.27 -16.37
C LEU B 245 -14.03 27.35 -17.47
N ALA B 246 -14.13 27.81 -18.72
CA ALA B 246 -13.68 27.02 -19.86
C ALA B 246 -12.18 26.75 -19.80
N LEU B 247 -11.44 27.74 -19.31
CA LEU B 247 -9.99 27.65 -19.21
C LEU B 247 -9.50 26.71 -18.10
N VAL B 248 -10.28 26.56 -17.04
CA VAL B 248 -9.86 25.79 -15.85
C VAL B 248 -10.49 24.40 -15.69
N ASN B 249 -11.56 24.14 -16.43
CA ASN B 249 -12.43 22.99 -16.19
C ASN B 249 -12.06 21.73 -16.98
N GLY B 250 -10.76 21.45 -17.10
CA GLY B 250 -10.28 20.32 -17.88
C GLY B 250 -9.31 19.38 -17.19
N THR B 251 -8.93 18.32 -17.89
CA THR B 251 -8.02 17.31 -17.36
C THR B 251 -6.64 17.49 -17.96
N SER B 252 -6.34 18.73 -18.36
CA SER B 252 -5.17 19.08 -19.17
C SER B 252 -3.81 18.76 -18.54
N PHE B 253 -3.67 19.01 -17.24
CA PHE B 253 -2.42 18.73 -16.57
C PHE B 253 -2.19 17.25 -16.30
N ALA B 254 -3.23 16.56 -15.82
CA ALA B 254 -3.17 15.13 -15.57
C ALA B 254 -2.83 14.42 -16.87
N THR B 255 -3.51 14.84 -17.93
CA THR B 255 -3.36 14.20 -19.23
C THR B 255 -2.03 14.56 -19.89
N ALA B 256 -1.50 15.74 -19.57
CA ALA B 256 -0.19 16.16 -20.06
C ALA B 256 0.89 15.24 -19.53
N VAL B 257 0.98 15.13 -18.20
CA VAL B 257 1.92 14.23 -17.53
C VAL B 257 1.70 12.78 -17.99
N ALA B 258 0.45 12.36 -18.10
CA ALA B 258 0.11 11.01 -18.56
C ALA B 258 0.55 10.71 -20.00
N SER B 259 0.61 11.74 -20.83
CA SER B 259 0.98 11.59 -22.24
C SER B 259 2.47 11.32 -22.38
N THR B 260 3.28 12.08 -21.65
CA THR B 260 4.72 11.92 -21.68
C THR B 260 5.13 10.66 -20.91
N VAL B 261 4.39 10.35 -19.84
CA VAL B 261 4.49 9.08 -19.13
C VAL B 261 4.21 7.90 -20.08
N MET B 262 3.11 7.96 -20.82
CA MET B 262 2.77 6.84 -21.72
C MET B 262 3.71 6.70 -22.91
N TYR B 263 4.23 7.82 -23.42
CA TYR B 263 5.23 7.76 -24.46
C TYR B 263 6.49 7.08 -23.94
N ASP B 264 6.96 7.50 -22.78
CA ASP B 264 8.12 6.91 -22.14
C ASP B 264 7.91 5.43 -21.79
N ALA B 265 6.72 5.09 -21.28
CA ALA B 265 6.38 3.70 -20.93
C ALA B 265 6.51 2.77 -22.13
N ASN B 266 6.04 3.23 -23.29
CA ASN B 266 6.13 2.46 -24.54
C ASN B 266 7.57 2.21 -24.96
N VAL B 267 8.38 3.27 -24.93
CA VAL B 267 9.79 3.20 -25.34
C VAL B 267 10.61 2.32 -24.40
N LEU B 268 10.42 2.53 -23.10
CA LEU B 268 11.17 1.75 -22.11
C LEU B 268 10.75 0.29 -22.06
N LEU B 269 9.45 0.02 -22.24
CA LEU B 269 8.94 -1.35 -22.39
C LEU B 269 9.60 -2.11 -23.55
N LEU B 270 9.63 -1.49 -24.74
CA LEU B 270 10.26 -2.12 -25.91
C LEU B 270 11.75 -2.30 -25.66
N LEU B 271 12.37 -1.33 -25.00
CA LEU B 271 13.75 -1.43 -24.58
C LEU B 271 13.96 -2.64 -23.65
N VAL B 272 13.07 -2.80 -22.66
CA VAL B 272 13.16 -3.94 -21.73
C VAL B 272 12.96 -5.28 -22.45
N GLU B 273 11.92 -5.38 -23.28
CA GLU B 273 11.67 -6.59 -24.08
C GLU B 273 12.88 -7.00 -24.89
N THR B 274 13.45 -6.05 -25.59
CA THR B 274 14.61 -6.26 -26.46
C THR B 274 15.83 -6.73 -25.67
N LEU B 275 16.08 -6.07 -24.54
CA LEU B 275 17.26 -6.39 -23.70
C LEU B 275 17.14 -7.73 -22.97
N CYS B 276 15.94 -8.30 -22.92
CA CYS B 276 15.77 -9.68 -22.46
C CYS B 276 16.57 -10.64 -23.35
N GLY B 277 16.63 -10.31 -24.64
CA GLY B 277 17.39 -11.10 -25.62
C GLY B 277 18.89 -10.95 -25.43
N MET B 278 19.33 -9.73 -25.08
CA MET B 278 20.74 -9.49 -24.78
C MET B 278 21.12 -10.24 -23.51
N PHE B 279 20.17 -10.35 -22.57
CA PHE B 279 20.38 -11.08 -21.33
C PHE B 279 20.60 -12.57 -21.59
N CYS B 280 19.75 -13.16 -22.43
CA CYS B 280 19.91 -14.54 -22.89
C CYS B 280 21.31 -14.80 -23.44
N GLU B 281 21.76 -13.94 -24.35
CA GLU B 281 23.08 -14.06 -24.98
C GLU B 281 24.22 -14.08 -23.96
N VAL B 282 24.20 -13.17 -22.99
CA VAL B 282 25.30 -13.08 -22.01
C VAL B 282 25.25 -14.10 -20.87
N ILE B 283 24.04 -14.54 -20.51
CA ILE B 283 23.87 -15.47 -19.38
C ILE B 283 24.02 -16.93 -19.83
N PHE B 284 24.20 -17.14 -21.15
CA PHE B 284 24.15 -18.48 -21.75
C PHE B 284 22.81 -19.13 -21.48
N GLY B 285 21.76 -18.50 -21.99
CA GLY B 285 20.42 -19.05 -21.87
C GLY B 285 20.06 -19.96 -23.04
N ARG B 286 18.90 -20.60 -22.93
CA ARG B 286 18.39 -21.47 -23.97
C ARG B 286 17.24 -20.73 -24.65
N GLU B 287 17.45 -20.34 -25.90
CA GLU B 287 16.50 -19.50 -26.66
C GLU B 287 15.15 -20.18 -26.90
N GLU B 288 15.10 -21.46 -26.52
CA GLU B 288 13.92 -22.31 -26.55
C GLU B 288 12.67 -21.69 -25.90
N PHE B 289 12.88 -20.91 -24.84
CA PHE B 289 11.79 -20.28 -24.08
C PHE B 289 10.88 -19.41 -24.95
N ALA B 290 11.44 -18.91 -26.07
CA ALA B 290 10.73 -18.02 -27.00
C ALA B 290 10.08 -18.73 -28.19
N HIS B 291 10.21 -20.06 -28.25
CA HIS B 291 9.63 -20.86 -29.33
C HIS B 291 8.14 -20.54 -29.55
N PRO B 292 7.72 -20.33 -30.82
CA PRO B 292 6.34 -19.92 -31.13
C PRO B 292 5.23 -20.81 -30.56
N LEU B 293 5.48 -22.12 -30.47
CA LEU B 293 4.44 -23.05 -30.02
C LEU B 293 4.12 -22.94 -28.52
N ILE B 294 5.14 -22.68 -27.70
CA ILE B 294 4.91 -22.49 -26.26
C ILE B 294 3.82 -21.44 -26.06
N HIS B 295 3.92 -20.35 -26.79
CA HIS B 295 3.08 -19.18 -26.57
C HIS B 295 1.77 -19.20 -27.37
N LYS B 296 1.74 -19.98 -28.46
CA LYS B 296 0.51 -20.26 -29.18
C LYS B 296 -0.48 -21.05 -28.29
N VAL B 297 0.04 -21.93 -27.45
CA VAL B 297 -0.81 -22.72 -26.54
C VAL B 297 -1.19 -21.98 -25.24
N LYS B 298 -0.72 -20.73 -25.11
CA LYS B 298 -1.14 -19.82 -24.03
C LYS B 298 -1.22 -18.41 -24.61
N PRO B 299 -2.21 -18.16 -25.48
CA PRO B 299 -2.11 -17.02 -26.40
C PRO B 299 -2.47 -15.62 -25.89
N HIS B 300 -1.92 -15.21 -24.74
CA HIS B 300 -2.03 -13.79 -24.33
C HIS B 300 -1.24 -12.98 -25.36
N PRO B 301 -1.89 -11.98 -25.99
CA PRO B 301 -1.26 -11.24 -27.10
C PRO B 301 0.14 -10.70 -26.78
N GLY B 302 0.31 -10.14 -25.58
CA GLY B 302 1.62 -9.68 -25.11
C GLY B 302 2.64 -10.81 -24.96
N GLN B 303 2.17 -12.01 -24.65
CA GLN B 303 3.07 -13.17 -24.55
C GLN B 303 3.59 -13.59 -25.93
N ILE B 304 2.68 -13.78 -26.88
CA ILE B 304 3.03 -14.16 -28.26
C ILE B 304 3.95 -13.14 -28.93
N GLU B 305 3.64 -11.85 -28.75
CA GLU B 305 4.37 -10.79 -29.44
C GLU B 305 5.77 -10.56 -28.89
N SER B 306 5.91 -10.61 -27.56
CA SER B 306 7.22 -10.48 -26.93
C SER B 306 8.12 -11.68 -27.25
N ALA B 307 7.55 -12.88 -27.22
CA ALA B 307 8.29 -14.08 -27.59
C ALA B 307 8.65 -14.07 -29.09
N GLU B 308 7.74 -13.55 -29.91
CA GLU B 308 7.99 -13.39 -31.35
C GLU B 308 9.22 -12.52 -31.59
N LEU B 309 9.32 -11.42 -30.84
CA LEU B 309 10.47 -10.53 -30.90
C LEU B 309 11.75 -11.22 -30.46
N LEU B 310 11.67 -11.96 -29.36
CA LEU B 310 12.85 -12.63 -28.80
C LEU B 310 13.37 -13.78 -29.67
N GLU B 311 12.46 -14.54 -30.28
CA GLU B 311 12.84 -15.59 -31.24
C GLU B 311 13.69 -14.99 -32.37
N TRP B 312 13.18 -13.91 -32.97
CA TRP B 312 13.84 -13.23 -34.08
C TRP B 312 15.23 -12.68 -33.70
N LEU B 313 15.32 -12.08 -32.51
CA LEU B 313 16.57 -11.51 -32.01
C LEU B 313 17.64 -12.55 -31.78
N LEU B 314 17.21 -13.74 -31.38
CA LEU B 314 18.15 -14.78 -30.97
C LEU B 314 18.42 -15.83 -32.05
N ARG B 315 17.65 -15.79 -33.14
CA ARG B 315 17.82 -16.71 -34.28
C ARG B 315 19.22 -16.55 -34.88
N SER B 316 19.94 -17.67 -34.99
CA SER B 316 21.33 -17.70 -35.50
C SER B 316 22.26 -16.68 -34.82
N SER B 317 22.07 -16.49 -33.51
CA SER B 317 22.96 -15.68 -32.70
C SER B 317 24.29 -16.41 -32.44
N PRO B 318 25.42 -15.68 -32.55
CA PRO B 318 26.73 -16.27 -32.25
C PRO B 318 26.91 -16.61 -30.77
N PHE B 319 26.24 -15.87 -29.90
CA PHE B 319 26.29 -16.16 -28.45
C PHE B 319 25.53 -17.43 -28.10
N GLN B 320 24.38 -17.66 -28.75
CA GLN B 320 23.64 -18.91 -28.57
C GLN B 320 24.43 -20.12 -29.07
N GLU B 321 25.26 -19.93 -30.09
CA GLU B 321 26.24 -20.92 -30.51
C GLU B 321 27.14 -21.32 -29.35
N LEU B 322 27.74 -20.32 -28.70
CA LEU B 322 28.59 -20.54 -27.51
C LEU B 322 27.82 -21.21 -26.38
N SER B 323 26.58 -20.76 -26.18
CA SER B 323 25.68 -21.37 -25.19
C SER B 323 25.53 -22.87 -25.43
N ARG B 324 25.21 -23.23 -26.67
CA ARG B 324 25.05 -24.64 -27.06
C ARG B 324 26.30 -25.48 -26.79
N GLU B 325 27.47 -24.92 -27.07
CA GLU B 325 28.74 -25.62 -26.84
C GLU B 325 29.01 -25.77 -25.35
N TYR B 326 28.66 -24.74 -24.58
CA TYR B 326 28.80 -24.77 -23.11
C TYR B 326 28.04 -25.92 -22.46
N TYR B 327 26.78 -26.11 -22.85
CA TYR B 327 25.95 -27.16 -22.26
C TYR B 327 26.21 -28.56 -22.83
N SER B 328 27.01 -28.65 -23.89
CA SER B 328 27.40 -29.94 -24.45
C SER B 328 28.62 -30.51 -23.73
N ILE B 329 29.24 -29.68 -22.88
CA ILE B 329 30.42 -30.05 -22.11
C ILE B 329 30.00 -30.24 -20.64
N ASP B 330 30.25 -31.44 -20.12
CA ASP B 330 29.72 -31.89 -18.82
C ASP B 330 28.21 -31.61 -18.73
N LYS B 331 27.49 -32.07 -19.74
CA LYS B 331 26.06 -31.82 -19.94
C LYS B 331 25.20 -32.18 -18.73
N LEU B 332 25.49 -33.32 -18.11
CA LEU B 332 24.67 -33.87 -17.04
C LEU B 332 25.01 -33.31 -15.66
N LYS B 333 25.93 -32.34 -15.63
CA LYS B 333 26.30 -31.64 -14.39
C LYS B 333 25.83 -30.18 -14.42
N LYS B 334 25.15 -29.79 -15.51
CA LYS B 334 24.70 -28.40 -15.69
C LYS B 334 23.17 -28.35 -15.82
N PRO B 335 22.55 -27.22 -15.41
CA PRO B 335 21.08 -27.09 -15.43
C PRO B 335 20.46 -27.42 -16.79
N LYS B 336 19.37 -28.17 -16.79
CA LYS B 336 18.61 -28.42 -18.01
C LYS B 336 17.82 -27.17 -18.40
N GLN B 337 17.39 -26.41 -17.40
CA GLN B 337 16.58 -25.22 -17.62
C GLN B 337 17.22 -23.97 -17.02
N ASP B 338 16.98 -22.84 -17.67
CA ASP B 338 17.33 -21.52 -17.14
C ASP B 338 16.39 -21.16 -15.99
N ARG B 339 16.83 -20.22 -15.16
CA ARG B 339 16.00 -19.67 -14.11
C ARG B 339 14.92 -18.75 -14.70
N TYR B 340 13.93 -18.41 -13.88
CA TYR B 340 12.71 -17.73 -14.33
C TYR B 340 12.92 -16.39 -15.00
N ALA B 341 13.89 -15.60 -14.52
CA ALA B 341 14.07 -14.23 -14.97
C ALA B 341 14.25 -14.14 -16.49
N LEU B 342 14.82 -15.16 -17.10
CA LEU B 342 14.84 -15.24 -18.57
C LEU B 342 13.70 -16.09 -19.13
N ARG B 343 13.62 -17.34 -18.69
CA ARG B 343 12.73 -18.35 -19.28
C ARG B 343 11.24 -17.95 -19.21
N SER B 344 10.88 -17.29 -18.12
CA SER B 344 9.52 -16.83 -17.89
C SER B 344 9.27 -15.38 -18.35
N SER B 345 10.24 -14.77 -19.02
CA SER B 345 10.12 -13.36 -19.39
C SER B 345 8.95 -13.04 -20.34
N PRO B 346 8.67 -13.90 -21.35
CA PRO B 346 7.50 -13.60 -22.19
C PRO B 346 6.18 -13.65 -21.43
N GLN B 347 6.05 -14.59 -20.50
CA GLN B 347 4.83 -14.72 -19.67
C GLN B 347 4.66 -13.53 -18.72
N TRP B 348 5.78 -13.09 -18.14
CA TRP B 348 5.83 -11.92 -17.25
C TRP B 348 5.51 -10.62 -18.02
N LEU B 349 6.10 -10.47 -19.19
CA LEU B 349 5.92 -9.29 -20.03
C LEU B 349 4.50 -9.12 -20.55
N ALA B 350 3.80 -10.24 -20.73
CA ALA B 350 2.47 -10.24 -21.36
C ALA B 350 1.50 -9.18 -20.81
N PRO B 351 1.18 -9.23 -19.50
CA PRO B 351 0.27 -8.22 -18.94
C PRO B 351 0.85 -6.80 -18.96
N LEU B 352 2.17 -6.69 -18.92
CA LEU B 352 2.84 -5.40 -18.88
C LEU B 352 2.74 -4.70 -20.23
N VAL B 353 2.96 -5.46 -21.30
CA VAL B 353 2.76 -4.96 -22.66
C VAL B 353 1.32 -4.51 -22.83
N GLN B 354 0.39 -5.36 -22.43
CA GLN B 354 -1.03 -5.09 -22.63
C GLN B 354 -1.51 -3.86 -21.85
N THR B 355 -1.08 -3.75 -20.58
CA THR B 355 -1.43 -2.60 -19.74
C THR B 355 -0.95 -1.29 -20.36
N ILE B 356 0.30 -1.28 -20.81
CA ILE B 356 0.92 -0.08 -21.39
C ILE B 356 0.29 0.31 -22.74
N ARG B 357 -0.05 -0.68 -23.56
CA ARG B 357 -0.72 -0.41 -24.83
C ARG B 357 -2.16 0.07 -24.64
N ASP B 358 -2.93 -0.62 -23.80
CA ASP B 358 -4.30 -0.17 -23.48
C ASP B 358 -4.35 1.21 -22.83
N ALA B 359 -3.40 1.53 -21.94
CA ALA B 359 -3.38 2.84 -21.29
C ALA B 359 -3.03 3.97 -22.25
N THR B 360 -2.17 3.70 -23.22
CA THR B 360 -1.85 4.67 -24.26
C THR B 360 -3.11 5.08 -25.03
N THR B 361 -3.92 4.08 -25.40
CA THR B 361 -5.20 4.32 -26.07
C THR B 361 -6.12 5.24 -25.23
N THR B 362 -6.35 4.86 -23.98
CA THR B 362 -7.12 5.66 -23.02
C THR B 362 -6.63 7.10 -22.88
N VAL B 363 -5.32 7.26 -22.71
CA VAL B 363 -4.72 8.59 -22.56
C VAL B 363 -4.91 9.42 -23.85
N GLU B 364 -4.76 8.79 -25.00
CA GLU B 364 -4.98 9.50 -26.28
C GLU B 364 -6.43 9.89 -26.50
N THR B 365 -7.36 9.03 -26.09
CA THR B 365 -8.78 9.38 -26.11
C THR B 365 -9.05 10.65 -25.29
N GLU B 366 -8.35 10.79 -24.17
CA GLU B 366 -8.49 11.96 -23.29
C GLU B 366 -7.83 13.21 -23.88
N VAL B 367 -6.67 13.03 -24.53
CA VAL B 367 -5.99 14.12 -25.23
C VAL B 367 -6.93 14.70 -26.28
N ASN B 368 -7.63 13.81 -26.98
CA ASN B 368 -8.53 14.19 -28.05
C ASN B 368 -10.00 14.20 -27.63
N SER B 369 -10.29 14.94 -26.55
CA SER B 369 -11.63 15.03 -26.01
C SER B 369 -11.97 16.47 -25.63
N ALA B 370 -13.26 16.76 -25.61
CA ALA B 370 -13.77 18.01 -25.03
C ALA B 370 -13.97 17.81 -23.52
N ASN B 371 -12.88 17.96 -22.77
CA ASN B 371 -12.95 17.89 -21.32
C ASN B 371 -13.23 19.27 -20.77
N ASP B 372 -14.52 19.54 -20.58
CA ASP B 372 -15.03 20.84 -20.17
C ASP B 372 -16.49 20.61 -19.72
N ASN B 373 -17.06 21.61 -19.05
CA ASN B 373 -18.45 21.58 -18.60
C ASN B 373 -18.91 22.99 -18.29
N PRO B 374 -20.14 23.36 -18.70
CA PRO B 374 -21.06 22.58 -19.55
C PRO B 374 -20.55 22.38 -20.98
N ILE B 375 -21.14 21.41 -21.69
CA ILE B 375 -20.84 21.11 -23.08
C ILE B 375 -21.91 21.77 -23.95
N ILE B 376 -21.48 22.75 -24.75
CA ILE B 376 -22.42 23.55 -25.55
C ILE B 376 -22.81 22.86 -26.85
N ASP B 377 -24.05 22.42 -26.92
CA ASP B 377 -24.65 21.93 -28.16
C ASP B 377 -25.36 23.11 -28.84
N HIS B 378 -24.58 23.96 -29.50
CA HIS B 378 -25.11 25.18 -30.12
C HIS B 378 -26.08 24.89 -31.27
N ALA B 379 -25.88 23.76 -31.96
CA ALA B 379 -26.78 23.31 -33.01
C ALA B 379 -28.22 23.12 -32.51
N ASN B 380 -28.36 22.61 -31.29
CA ASN B 380 -29.67 22.34 -30.70
C ASN B 380 -30.05 23.31 -29.58
N ASP B 381 -29.24 24.36 -29.39
CA ASP B 381 -29.47 25.40 -28.38
C ASP B 381 -29.56 24.87 -26.94
N ARG B 382 -28.63 23.99 -26.59
CA ARG B 382 -28.60 23.39 -25.26
C ARG B 382 -27.20 23.41 -24.66
N ALA B 383 -27.13 23.84 -23.41
CA ALA B 383 -25.95 23.65 -22.59
C ALA B 383 -26.17 22.34 -21.85
N LEU B 384 -25.30 21.37 -22.10
CA LEU B 384 -25.45 20.04 -21.50
C LEU B 384 -24.60 19.92 -20.24
N HIS B 385 -25.24 19.51 -19.15
CA HIS B 385 -24.60 19.45 -17.84
C HIS B 385 -24.17 18.03 -17.47
N GLY B 386 -22.85 17.84 -17.42
CA GLY B 386 -22.24 16.55 -17.15
C GLY B 386 -20.93 16.73 -16.41
N ALA B 387 -19.96 15.86 -16.69
CA ALA B 387 -18.74 15.83 -15.89
C ALA B 387 -17.48 15.42 -16.65
N ASN B 388 -17.31 15.93 -17.86
CA ASN B 388 -16.14 15.61 -18.67
C ASN B 388 -14.80 16.10 -18.09
N PHE B 389 -14.87 16.93 -17.05
CA PHE B 389 -13.68 17.38 -16.31
C PHE B 389 -13.11 16.27 -15.42
N GLN B 390 -13.81 15.15 -15.31
CA GLN B 390 -13.40 14.03 -14.44
C GLN B 390 -12.33 13.19 -15.11
N GLY B 391 -11.12 13.24 -14.55
CA GLY B 391 -9.98 12.52 -15.13
C GLY B 391 -9.86 11.08 -14.69
N SER B 392 -10.98 10.42 -14.44
CA SER B 392 -10.99 9.06 -13.89
C SER B 392 -10.39 8.01 -14.82
N ALA B 393 -10.67 8.12 -16.12
CA ALA B 393 -10.07 7.21 -17.10
C ALA B 393 -8.54 7.26 -17.04
N VAL B 394 -7.99 8.46 -16.94
CA VAL B 394 -6.54 8.65 -16.81
C VAL B 394 -6.02 8.23 -15.43
N GLY B 395 -6.76 8.56 -14.38
CA GLY B 395 -6.36 8.21 -13.01
C GLY B 395 -6.19 6.71 -12.75
N PHE B 396 -7.21 5.93 -13.09
CA PHE B 396 -7.16 4.48 -12.89
C PHE B 396 -6.09 3.82 -13.75
N TYR B 397 -5.93 4.27 -14.99
CA TYR B 397 -4.91 3.67 -15.87
C TYR B 397 -3.49 4.03 -15.45
N MET B 398 -3.32 5.22 -14.86
CA MET B 398 -2.02 5.60 -14.29
C MET B 398 -1.63 4.66 -13.14
N ASP B 399 -2.60 4.28 -12.32
CA ASP B 399 -2.42 3.28 -11.26
C ASP B 399 -2.00 1.92 -11.82
N TYR B 400 -2.65 1.48 -12.89
CA TYR B 400 -2.34 0.17 -13.51
C TYR B 400 -0.95 0.18 -14.11
N VAL B 401 -0.63 1.23 -14.85
CA VAL B 401 0.68 1.42 -15.49
C VAL B 401 1.82 1.48 -14.47
N ARG B 402 1.60 2.12 -13.33
CA ARG B 402 2.60 2.17 -12.27
C ARG B 402 2.88 0.76 -11.73
N ILE B 403 1.83 -0.05 -11.59
CA ILE B 403 1.98 -1.46 -11.21
C ILE B 403 2.76 -2.23 -12.27
N ALA B 404 2.51 -1.92 -13.54
CA ALA B 404 3.18 -2.62 -14.63
C ALA B 404 4.65 -2.20 -14.72
N VAL B 405 4.92 -0.93 -14.42
CA VAL B 405 6.30 -0.43 -14.42
C VAL B 405 7.09 -1.12 -13.31
N ALA B 406 6.47 -1.27 -12.15
CA ALA B 406 7.04 -2.02 -11.04
C ALA B 406 7.33 -3.46 -11.46
N GLY B 407 6.40 -4.07 -12.21
CA GLY B 407 6.64 -5.39 -12.78
C GLY B 407 7.85 -5.46 -13.71
N LEU B 408 8.04 -4.42 -14.52
CA LEU B 408 9.22 -4.32 -15.38
C LEU B 408 10.50 -4.14 -14.56
N GLY B 409 10.44 -3.32 -13.52
CA GLY B 409 11.59 -3.12 -12.63
C GLY B 409 12.01 -4.41 -11.96
N LYS B 410 11.03 -5.20 -11.53
CA LYS B 410 11.27 -6.47 -10.85
C LYS B 410 11.95 -7.47 -11.79
N LEU B 411 11.51 -7.48 -13.05
CA LEU B 411 12.12 -8.32 -14.08
C LEU B 411 13.61 -8.00 -14.25
N LEU B 412 13.94 -6.71 -14.41
CA LEU B 412 15.32 -6.23 -14.52
C LEU B 412 16.17 -6.55 -13.30
N PHE B 413 15.59 -6.38 -12.11
CA PHE B 413 16.30 -6.66 -10.86
C PHE B 413 16.61 -8.15 -10.72
N ALA B 414 15.66 -9.00 -11.12
CA ALA B 414 15.88 -10.45 -11.08
C ALA B 414 16.98 -10.90 -12.05
N GLN B 415 16.97 -10.32 -13.26
CA GLN B 415 18.01 -10.62 -14.26
C GLN B 415 19.36 -10.08 -13.81
N PHE B 416 19.39 -8.83 -13.31
CA PHE B 416 20.63 -8.23 -12.81
C PHE B 416 21.23 -9.08 -11.71
N THR B 417 20.38 -9.50 -10.77
CA THR B 417 20.81 -10.33 -9.63
C THR B 417 21.50 -11.62 -10.08
N GLU B 418 20.91 -12.30 -11.08
CA GLU B 418 21.48 -13.54 -11.60
C GLU B 418 22.89 -13.32 -12.16
N LEU B 419 23.02 -12.24 -12.94
CA LEU B 419 24.26 -11.88 -13.61
C LEU B 419 25.42 -11.62 -12.63
N MET B 420 25.11 -11.10 -11.44
CA MET B 420 26.12 -10.78 -10.42
C MET B 420 26.62 -12.00 -9.60
N ILE B 421 25.91 -13.12 -9.72
CA ILE B 421 26.20 -14.28 -8.86
C ILE B 421 26.77 -15.44 -9.68
N GLU B 422 27.98 -15.86 -9.33
CA GLU B 422 28.71 -16.87 -10.10
C GLU B 422 27.97 -18.21 -10.23
N TYR B 423 27.22 -18.58 -9.18
CA TYR B 423 26.44 -19.83 -9.17
C TYR B 423 25.29 -19.86 -10.21
N TYR B 424 24.81 -18.68 -10.60
CA TYR B 424 23.68 -18.55 -11.55
C TYR B 424 24.12 -17.95 -12.89
N SER B 425 25.43 -17.79 -13.03
CA SER B 425 26.07 -16.96 -14.04
C SER B 425 26.62 -17.76 -15.22
N ASN B 426 26.73 -19.08 -15.04
CA ASN B 426 27.28 -19.99 -16.06
C ASN B 426 28.67 -19.62 -16.58
N GLY B 427 29.58 -19.31 -15.66
CA GLY B 427 30.98 -19.05 -16.02
C GLY B 427 31.46 -17.63 -15.81
N LEU B 428 30.52 -16.69 -15.71
CA LEU B 428 30.89 -15.29 -15.50
C LEU B 428 31.34 -15.09 -14.04
N PRO B 429 32.26 -14.13 -13.80
CA PRO B 429 32.75 -13.91 -12.45
C PRO B 429 31.73 -13.18 -11.57
N GLY B 430 31.80 -13.40 -10.27
CA GLY B 430 30.95 -12.66 -9.33
C GLY B 430 31.10 -11.17 -9.53
N ASN B 431 29.97 -10.45 -9.50
CA ASN B 431 29.92 -8.99 -9.64
C ASN B 431 30.43 -8.51 -11.00
N LEU B 432 30.59 -9.46 -11.91
CA LEU B 432 31.22 -9.23 -13.22
C LEU B 432 32.60 -8.56 -13.09
N SER B 433 33.30 -8.88 -12.00
CA SER B 433 34.65 -8.39 -11.73
C SER B 433 35.65 -9.01 -12.69
N LEU B 434 36.32 -8.18 -13.47
CA LEU B 434 37.41 -8.66 -14.33
C LEU B 434 38.60 -9.14 -13.49
N GLY B 435 38.90 -8.41 -12.43
CA GLY B 435 40.12 -8.64 -11.67
C GLY B 435 41.33 -8.38 -12.56
N PRO B 436 42.24 -9.36 -12.68
CA PRO B 436 42.25 -10.71 -12.11
C PRO B 436 42.29 -10.75 -10.59
N ASP B 437 42.93 -9.77 -9.96
CA ASP B 437 42.96 -9.70 -8.50
C ASP B 437 41.60 -9.23 -7.99
N LEU B 438 40.79 -10.18 -7.54
CA LEU B 438 39.42 -9.91 -7.11
C LEU B 438 39.35 -9.27 -5.73
N SER B 439 40.48 -9.28 -5.01
CA SER B 439 40.53 -8.66 -3.70
C SER B 439 40.51 -7.13 -3.76
N VAL B 440 40.82 -6.57 -4.92
CA VAL B 440 40.82 -5.12 -5.09
C VAL B 440 39.96 -4.71 -6.29
N ASP B 441 38.95 -5.53 -6.58
CA ASP B 441 38.05 -5.26 -7.69
C ASP B 441 36.67 -5.87 -7.45
N TYR B 442 35.74 -5.06 -6.98
CA TYR B 442 34.40 -5.53 -6.62
C TYR B 442 33.39 -5.28 -7.75
N GLY B 443 33.94 -5.11 -8.95
CA GLY B 443 33.17 -4.93 -10.16
C GLY B 443 31.96 -4.04 -9.98
N LEU B 444 30.80 -4.61 -10.24
CA LEU B 444 29.56 -3.85 -10.27
C LEU B 444 28.72 -4.02 -9.00
N LYS B 445 29.37 -4.36 -7.89
CA LYS B 445 28.70 -4.55 -6.59
C LYS B 445 27.89 -3.31 -6.18
N GLY B 446 28.47 -2.13 -6.37
CA GLY B 446 27.78 -0.85 -6.16
C GLY B 446 26.48 -0.74 -6.95
N LEU B 447 26.55 -1.05 -8.24
CA LEU B 447 25.36 -1.02 -9.09
C LEU B 447 24.32 -2.05 -8.62
N ASP B 448 24.79 -3.21 -8.18
CA ASP B 448 23.93 -4.28 -7.64
C ASP B 448 23.13 -3.77 -6.45
N ILE B 449 23.80 -3.11 -5.51
CA ILE B 449 23.15 -2.55 -4.32
C ILE B 449 22.12 -1.49 -4.72
N ALA B 450 22.51 -0.60 -5.62
CA ALA B 450 21.61 0.42 -6.13
C ALA B 450 20.38 -0.19 -6.79
N MET B 451 20.54 -1.28 -7.53
CA MET B 451 19.39 -1.95 -8.19
C MET B 451 18.33 -2.43 -7.19
N ALA B 452 18.78 -2.94 -6.03
CA ALA B 452 17.87 -3.29 -4.96
C ALA B 452 17.15 -2.05 -4.42
N ALA B 453 17.90 -0.96 -4.24
CA ALA B 453 17.34 0.30 -3.73
C ALA B 453 16.33 0.89 -4.70
N TYR B 454 16.64 0.80 -5.99
CA TYR B 454 15.73 1.25 -7.05
C TYR B 454 14.43 0.42 -7.07
N SER B 455 14.57 -0.90 -7.08
CA SER B 455 13.42 -1.79 -7.09
C SER B 455 12.55 -1.62 -5.83
N SER B 456 13.18 -1.56 -4.66
CA SER B 456 12.45 -1.37 -3.40
C SER B 456 11.54 -0.14 -3.40
N GLU B 457 12.09 1.01 -3.81
CA GLU B 457 11.31 2.25 -3.87
C GLU B 457 10.22 2.17 -4.93
N LEU B 458 10.56 1.58 -6.08
CA LEU B 458 9.63 1.40 -7.18
C LEU B 458 8.42 0.55 -6.79
N GLN B 459 8.65 -0.53 -6.04
CA GLN B 459 7.55 -1.37 -5.58
C GLN B 459 6.62 -0.60 -4.63
N TYR B 460 7.23 0.24 -3.77
CA TYR B 460 6.49 1.12 -2.87
C TYR B 460 5.60 2.11 -3.62
N LEU B 461 6.15 2.71 -4.70
CA LEU B 461 5.44 3.73 -5.46
C LEU B 461 4.16 3.21 -6.11
N ALA B 462 4.15 1.92 -6.46
CA ALA B 462 3.06 1.31 -7.24
C ALA B 462 1.79 0.95 -6.45
N ASN B 463 1.70 1.35 -5.18
CA ASN B 463 0.41 1.36 -4.48
C ASN B 463 -0.50 2.37 -5.20
N PRO B 464 -1.83 2.12 -5.21
CA PRO B 464 -2.75 3.00 -5.92
C PRO B 464 -2.97 4.36 -5.24
N VAL B 465 -3.22 5.37 -6.07
CA VAL B 465 -3.63 6.69 -5.62
C VAL B 465 -5.16 6.79 -5.59
N THR B 466 -5.83 6.12 -6.54
CA THR B 466 -7.30 6.23 -6.71
C THR B 466 -8.12 5.65 -5.55
N THR B 467 -7.48 4.88 -4.68
CA THR B 467 -8.15 4.36 -3.48
C THR B 467 -8.23 5.40 -2.36
N HIS B 468 -7.69 6.60 -2.61
CA HIS B 468 -7.59 7.63 -1.58
C HIS B 468 -8.50 8.83 -1.83
N VAL B 469 -9.64 8.57 -2.46
CA VAL B 469 -10.62 9.62 -2.75
C VAL B 469 -11.29 10.16 -1.49
N HIS B 470 -11.16 11.48 -1.29
CA HIS B 470 -11.81 12.20 -0.20
C HIS B 470 -13.05 12.88 -0.76
N SER B 471 -14.07 13.07 0.09
CA SER B 471 -15.24 13.83 -0.30
C SER B 471 -14.89 15.32 -0.22
N ALA B 472 -14.78 15.95 -1.38
CA ALA B 472 -14.13 17.25 -1.49
C ALA B 472 -15.08 18.37 -1.92
N GLU B 473 -14.64 19.60 -1.67
CA GLU B 473 -15.29 20.83 -2.13
C GLU B 473 -16.73 20.95 -1.62
N GLN B 474 -16.88 21.14 -0.31
CA GLN B 474 -18.20 21.16 0.35
C GLN B 474 -19.04 19.93 -0.02
N HIS B 475 -18.36 18.79 -0.16
CA HIS B 475 -18.98 17.50 -0.49
C HIS B 475 -19.68 17.45 -1.86
N ASN B 476 -19.39 18.44 -2.71
CA ASN B 476 -19.82 18.40 -4.10
C ASN B 476 -19.03 17.36 -4.90
N GLN B 477 -17.72 17.40 -4.74
CA GLN B 477 -16.85 16.45 -5.44
C GLN B 477 -16.63 15.21 -4.57
N ASP B 478 -17.69 14.43 -4.38
CA ASP B 478 -17.65 13.26 -3.50
C ASP B 478 -17.04 12.03 -4.16
N ILE B 479 -16.84 12.10 -5.48
CA ILE B 479 -15.87 11.28 -6.18
C ILE B 479 -14.94 12.21 -7.00
N ASN B 480 -13.65 11.91 -6.98
CA ASN B 480 -12.66 12.66 -7.76
C ASN B 480 -11.48 11.78 -8.11
N SER B 481 -10.93 11.98 -9.30
CA SER B 481 -10.06 10.99 -9.93
C SER B 481 -8.64 10.94 -9.39
N LEU B 482 -8.15 12.08 -8.87
CA LEU B 482 -6.76 12.22 -8.43
C LEU B 482 -5.75 11.85 -9.54
N ALA B 483 -6.14 12.09 -10.79
CA ALA B 483 -5.36 11.65 -11.96
C ALA B 483 -3.95 12.24 -12.03
N LEU B 484 -3.82 13.55 -11.75
CA LEU B 484 -2.53 14.24 -11.80
C LEU B 484 -1.57 13.69 -10.75
N ILE B 485 -2.05 13.50 -9.54
CA ILE B 485 -1.23 12.91 -8.48
C ILE B 485 -0.76 11.52 -8.93
N SER B 486 -1.69 10.71 -9.43
CA SER B 486 -1.35 9.38 -9.92
C SER B 486 -0.31 9.43 -11.05
N ALA B 487 -0.53 10.31 -12.03
CA ALA B 487 0.38 10.50 -13.15
C ALA B 487 1.78 10.90 -12.70
N ARG B 488 1.84 11.75 -11.68
CA ARG B 488 3.11 12.16 -11.07
C ARG B 488 3.89 10.98 -10.47
N LYS B 489 3.19 10.03 -9.86
CA LYS B 489 3.85 8.90 -9.22
C LYS B 489 4.36 7.88 -10.24
N THR B 490 3.59 7.70 -11.32
CA THR B 490 4.01 6.84 -12.44
C THR B 490 5.24 7.43 -13.13
N GLU B 491 5.24 8.76 -13.31
CA GLU B 491 6.40 9.49 -13.80
C GLU B 491 7.62 9.23 -12.92
N GLU B 492 7.44 9.35 -11.61
CA GLU B 492 8.51 9.05 -10.67
C GLU B 492 8.98 7.59 -10.78
N ALA B 493 8.02 6.66 -10.86
CA ALA B 493 8.31 5.25 -11.12
C ALA B 493 9.12 5.02 -12.41
N LEU B 494 8.77 5.74 -13.46
CA LEU B 494 9.49 5.64 -14.73
C LEU B 494 10.92 6.19 -14.67
N ASP B 495 11.13 7.24 -13.88
CA ASP B 495 12.48 7.75 -13.61
C ASP B 495 13.37 6.67 -12.99
N ILE B 496 12.83 5.93 -12.02
CA ILE B 496 13.55 4.82 -11.41
C ILE B 496 13.79 3.69 -12.43
N LEU B 497 12.80 3.37 -13.26
CA LEU B 497 12.98 2.35 -14.30
C LEU B 497 14.15 2.70 -15.24
N LYS B 498 14.25 3.98 -15.62
CA LYS B 498 15.36 4.47 -16.44
C LYS B 498 16.72 4.21 -15.80
N LEU B 499 16.80 4.43 -14.48
CA LEU B 499 18.01 4.10 -13.73
C LEU B 499 18.33 2.62 -13.81
N MET B 500 17.30 1.79 -13.75
CA MET B 500 17.47 0.34 -13.78
C MET B 500 17.89 -0.17 -15.16
N ILE B 501 17.30 0.39 -16.21
CA ILE B 501 17.64 0.06 -17.59
C ILE B 501 19.08 0.48 -17.89
N ALA B 502 19.45 1.68 -17.44
CA ALA B 502 20.82 2.19 -17.61
C ALA B 502 21.86 1.28 -16.98
N SER B 503 21.58 0.82 -15.76
CA SER B 503 22.47 -0.09 -15.04
C SER B 503 22.51 -1.47 -15.70
N HIS B 504 21.34 -1.97 -16.10
CA HIS B 504 21.22 -3.29 -16.72
C HIS B 504 22.01 -3.38 -18.04
N LEU B 505 21.82 -2.40 -18.92
CA LEU B 505 22.55 -2.34 -20.19
C LEU B 505 24.06 -2.22 -19.98
N THR B 506 24.46 -1.40 -19.01
CA THR B 506 25.87 -1.25 -18.66
C THR B 506 26.45 -2.59 -18.21
N ALA B 507 25.72 -3.30 -17.35
CA ALA B 507 26.14 -4.61 -16.87
C ALA B 507 26.25 -5.61 -18.00
N MET B 508 25.34 -5.54 -18.96
CA MET B 508 25.37 -6.49 -20.06
C MET B 508 26.47 -6.23 -21.09
N CYS B 509 26.86 -4.97 -21.26
CA CYS B 509 28.04 -4.66 -22.07
C CYS B 509 29.31 -5.17 -21.37
N GLN B 510 29.33 -5.08 -20.04
CA GLN B 510 30.42 -5.66 -19.25
C GLN B 510 30.50 -7.17 -19.45
N ALA B 511 29.34 -7.82 -19.45
CA ALA B 511 29.25 -9.27 -19.63
C ALA B 511 29.64 -9.72 -21.04
N VAL B 512 29.29 -8.92 -22.04
CA VAL B 512 29.70 -9.19 -23.43
C VAL B 512 31.23 -9.26 -23.51
N ASP B 513 31.91 -8.27 -22.93
CA ASP B 513 33.37 -8.22 -22.91
C ASP B 513 33.95 -9.42 -22.17
N LEU B 514 33.33 -9.78 -21.04
CA LEU B 514 33.78 -10.91 -20.25
C LEU B 514 33.59 -12.25 -20.97
N ARG B 515 32.50 -12.40 -21.71
CA ARG B 515 32.25 -13.59 -22.53
C ARG B 515 33.25 -13.73 -23.68
N GLN B 516 33.57 -12.62 -24.33
CA GLN B 516 34.47 -12.63 -25.48
C GLN B 516 35.90 -12.87 -25.02
N LEU B 517 36.28 -12.23 -23.92
CA LEU B 517 37.56 -12.50 -23.28
C LEU B 517 37.64 -13.95 -22.81
N GLU B 518 36.55 -14.47 -22.24
CA GLU B 518 36.50 -15.85 -21.75
C GLU B 518 36.87 -16.83 -22.85
N GLU B 519 36.26 -16.66 -24.02
CA GLU B 519 36.51 -17.52 -25.17
C GLU B 519 37.98 -17.46 -25.60
N ALA B 520 38.54 -16.25 -25.67
CA ALA B 520 39.95 -16.05 -26.00
C ALA B 520 40.90 -16.68 -24.97
N LEU B 521 40.55 -16.55 -23.69
CA LEU B 521 41.32 -17.12 -22.60
C LEU B 521 41.34 -18.64 -22.63
N VAL B 522 40.18 -19.23 -22.87
CA VAL B 522 40.07 -20.69 -22.99
C VAL B 522 40.96 -21.24 -24.11
N LYS B 523 40.91 -20.59 -25.28
CA LYS B 523 41.80 -20.90 -26.40
C LYS B 523 43.26 -21.01 -26.00
N VAL B 524 43.73 -20.03 -25.21
CA VAL B 524 45.13 -19.96 -24.80
C VAL B 524 45.54 -21.09 -23.86
N VAL B 525 44.68 -21.38 -22.88
CA VAL B 525 44.92 -22.47 -21.94
C VAL B 525 44.99 -23.80 -22.70
N GLU B 526 44.06 -24.03 -23.62
CA GLU B 526 44.08 -25.22 -24.47
C GLU B 526 45.39 -25.35 -25.26
N ASN B 527 45.80 -24.27 -25.93
CA ASN B 527 47.04 -24.29 -26.71
C ASN B 527 48.28 -24.52 -25.85
N VAL B 528 48.35 -23.86 -24.69
CA VAL B 528 49.45 -24.06 -23.76
C VAL B 528 49.48 -25.49 -23.22
N VAL B 529 48.34 -26.01 -22.80
CA VAL B 529 48.25 -27.39 -22.31
C VAL B 529 48.61 -28.40 -23.41
N SER B 530 48.11 -28.14 -24.62
CA SER B 530 48.37 -29.02 -25.76
C SER B 530 49.86 -29.09 -26.09
N THR B 531 50.46 -27.94 -26.40
CA THR B 531 51.86 -27.89 -26.81
C THR B 531 52.80 -28.39 -25.70
N LEU B 532 52.55 -27.99 -24.45
CA LEU B 532 53.35 -28.47 -23.32
C LEU B 532 53.23 -29.97 -23.06
N ALA B 533 52.05 -30.55 -23.32
CA ALA B 533 51.86 -32.00 -23.24
C ALA B 533 52.74 -32.74 -24.25
N ASP B 534 52.82 -32.20 -25.46
CA ASP B 534 53.66 -32.79 -26.50
C ASP B 534 55.13 -32.67 -26.14
N GLU B 535 55.53 -31.48 -25.73
CA GLU B 535 56.93 -31.15 -25.43
C GLU B 535 57.49 -31.90 -24.24
N CYS B 536 56.61 -32.29 -23.32
CA CYS B 536 56.99 -33.09 -22.16
C CYS B 536 56.89 -34.58 -22.46
N GLY B 537 56.53 -34.92 -23.69
CA GLY B 537 56.42 -36.31 -24.13
C GLY B 537 55.38 -37.12 -23.37
N LEU B 538 54.22 -36.50 -23.13
CA LEU B 538 53.12 -37.19 -22.47
C LEU B 538 52.36 -38.08 -23.47
N PRO B 539 51.86 -39.24 -23.00
CA PRO B 539 51.02 -40.10 -23.83
C PRO B 539 49.76 -39.38 -24.29
N ASN B 540 49.15 -39.89 -25.35
CA ASN B 540 47.92 -39.32 -25.90
C ASN B 540 46.69 -39.54 -25.02
N ASP B 541 46.75 -40.55 -24.15
CA ASP B 541 45.74 -40.75 -23.10
C ASP B 541 45.73 -39.50 -22.22
N THR B 542 46.92 -39.13 -21.74
CA THR B 542 47.10 -37.99 -20.86
C THR B 542 46.72 -36.68 -21.54
N LYS B 543 47.29 -36.44 -22.72
CA LYS B 543 47.06 -35.23 -23.49
C LYS B 543 45.56 -34.93 -23.64
N ALA B 544 44.81 -35.94 -24.09
CA ALA B 544 43.37 -35.83 -24.25
C ALA B 544 42.62 -35.53 -22.94
N ARG B 545 43.03 -36.19 -21.85
CA ARG B 545 42.48 -35.91 -20.50
C ARG B 545 42.71 -34.46 -20.08
N LEU B 546 43.98 -34.04 -20.15
CA LEU B 546 44.37 -32.68 -19.76
C LEU B 546 43.64 -31.62 -20.58
N LEU B 547 43.50 -31.87 -21.88
CA LEU B 547 42.79 -30.97 -22.78
C LEU B 547 41.29 -30.85 -22.47
N TYR B 548 40.68 -31.93 -21.98
CA TYR B 548 39.29 -31.88 -21.52
C TYR B 548 39.14 -30.91 -20.34
N VAL B 549 40.00 -31.08 -19.34
CA VAL B 549 40.06 -30.17 -18.19
C VAL B 549 40.19 -28.71 -18.63
N ALA B 550 41.10 -28.45 -19.59
CA ALA B 550 41.31 -27.10 -20.12
C ALA B 550 40.04 -26.50 -20.72
N LYS B 551 39.24 -27.34 -21.38
CA LYS B 551 37.99 -26.92 -22.01
C LYS B 551 36.87 -26.77 -20.98
N ALA B 552 36.82 -27.69 -20.02
CA ALA B 552 35.68 -27.86 -19.12
C ALA B 552 35.65 -26.92 -17.91
N VAL B 553 36.82 -26.50 -17.43
CA VAL B 553 36.89 -25.66 -16.25
C VAL B 553 36.57 -24.19 -16.60
N PRO B 554 35.56 -23.59 -15.94
CA PRO B 554 35.31 -22.16 -16.15
C PRO B 554 36.52 -21.34 -15.77
N VAL B 555 37.06 -20.61 -16.75
CA VAL B 555 38.33 -19.89 -16.60
C VAL B 555 38.34 -18.84 -15.48
N TYR B 556 37.18 -18.22 -15.24
CA TYR B 556 37.10 -17.16 -14.22
C TYR B 556 37.23 -17.71 -12.81
N THR B 557 37.07 -19.02 -12.63
CA THR B 557 37.32 -19.65 -11.33
C THR B 557 38.82 -19.76 -11.01
N TYR B 558 39.69 -19.51 -11.99
CA TYR B 558 41.14 -19.55 -11.73
C TYR B 558 41.97 -18.39 -12.30
N LEU B 559 41.33 -17.48 -13.03
CA LEU B 559 42.03 -16.33 -13.64
C LEU B 559 42.87 -15.53 -12.64
N GLU B 560 42.41 -15.45 -11.39
CA GLU B 560 43.11 -14.72 -10.33
C GLU B 560 44.56 -15.16 -10.14
N SER B 561 44.80 -16.47 -10.23
CA SER B 561 46.12 -17.06 -10.06
C SER B 561 46.10 -18.45 -10.71
N PRO B 562 46.28 -18.49 -12.05
CA PRO B 562 46.09 -19.72 -12.84
C PRO B 562 46.82 -20.97 -12.32
N CYS B 563 47.98 -20.77 -11.69
CA CYS B 563 48.81 -21.89 -11.23
C CYS B 563 48.73 -22.16 -9.73
N ASP B 564 47.75 -21.55 -9.07
CA ASP B 564 47.43 -21.86 -7.68
C ASP B 564 46.96 -23.31 -7.60
N PRO B 565 47.69 -24.17 -6.86
CA PRO B 565 47.33 -25.59 -6.76
C PRO B 565 45.97 -25.86 -6.10
N THR B 566 45.39 -24.85 -5.45
CA THR B 566 44.10 -25.00 -4.78
C THR B 566 42.91 -24.51 -5.64
N LEU B 567 43.21 -23.98 -6.82
CA LEU B 567 42.16 -23.50 -7.73
C LEU B 567 41.83 -24.53 -8.82
N PRO B 568 40.61 -24.43 -9.40
CA PRO B 568 40.03 -25.52 -10.21
C PRO B 568 40.82 -26.05 -11.41
N LEU B 569 41.69 -25.25 -12.02
CA LEU B 569 42.47 -25.75 -13.16
C LEU B 569 43.49 -26.81 -12.73
N LEU B 570 44.31 -26.49 -11.73
CA LEU B 570 45.33 -27.41 -11.25
C LEU B 570 44.75 -28.60 -10.50
N LEU B 571 43.62 -28.38 -9.81
CA LEU B 571 42.87 -29.47 -9.19
C LEU B 571 42.52 -30.53 -10.26
N GLY B 572 41.94 -30.07 -11.36
CA GLY B 572 41.57 -30.95 -12.49
C GLY B 572 42.78 -31.64 -13.11
N LEU B 573 43.87 -30.90 -13.29
CA LEU B 573 45.08 -31.44 -13.89
C LEU B 573 45.75 -32.47 -12.98
N LYS B 574 45.81 -32.18 -11.68
CA LYS B 574 46.32 -33.15 -10.69
C LYS B 574 45.52 -34.45 -10.70
N GLN B 575 44.20 -34.34 -10.70
CA GLN B 575 43.30 -35.49 -10.76
C GLN B 575 43.55 -36.34 -12.02
N SER B 576 43.66 -35.66 -13.18
CA SER B 576 43.88 -36.34 -14.45
C SER B 576 45.26 -36.99 -14.52
N CYS B 577 46.26 -36.34 -13.93
CA CYS B 577 47.61 -36.88 -13.90
C CYS B 577 47.67 -38.17 -13.06
N PHE B 578 46.99 -38.19 -11.92
CA PHE B 578 46.94 -39.39 -11.10
C PHE B 578 46.25 -40.55 -11.80
N ASP B 579 45.13 -40.27 -12.48
CA ASP B 579 44.41 -41.27 -13.27
C ASP B 579 45.29 -41.84 -14.39
N THR B 580 46.12 -40.98 -14.97
CA THR B 580 47.08 -41.40 -16.01
C THR B 580 48.08 -42.41 -15.46
N ILE B 581 48.62 -42.14 -14.28
CA ILE B 581 49.56 -43.03 -13.60
C ILE B 581 48.90 -44.39 -13.33
N LEU B 582 47.63 -44.39 -12.90
CA LEU B 582 46.89 -45.62 -12.66
C LEU B 582 46.55 -46.40 -13.94
N ALA B 583 46.17 -45.66 -14.98
CA ALA B 583 45.77 -46.26 -16.26
C ALA B 583 46.91 -46.92 -17.03
N LEU B 584 48.12 -46.37 -16.88
CA LEU B 584 49.27 -46.80 -17.68
C LEU B 584 50.27 -47.63 -16.89
N HIS B 585 50.13 -47.65 -15.57
CA HIS B 585 50.97 -48.46 -14.70
C HIS B 585 50.46 -49.90 -14.64
N LYS B 587 51.15 -51.03 -17.64
CA LYS B 587 51.17 -51.34 -19.06
C LYS B 587 52.59 -51.64 -19.54
N ASP B 588 52.71 -52.07 -20.79
CA ASP B 588 53.96 -52.69 -21.29
C ASP B 588 55.11 -51.71 -21.57
N GLY B 589 54.83 -50.66 -22.34
CA GLY B 589 55.87 -49.70 -22.72
C GLY B 589 55.71 -48.34 -22.07
N ILE B 590 55.98 -48.26 -20.77
CA ILE B 590 55.79 -47.02 -20.01
C ILE B 590 57.01 -46.62 -19.17
N GLU B 591 57.39 -47.50 -18.23
CA GLU B 591 58.32 -47.19 -17.14
C GLU B 591 57.87 -45.96 -16.36
N THR B 592 57.22 -46.21 -15.21
CA THR B 592 56.55 -45.16 -14.43
C THR B 592 57.43 -43.99 -14.00
N ASP B 593 58.71 -44.27 -13.70
CA ASP B 593 59.64 -43.24 -13.24
C ASP B 593 59.84 -42.10 -14.23
N THR B 594 59.89 -42.43 -15.52
CA THR B 594 60.03 -41.40 -16.54
C THR B 594 58.69 -40.69 -16.83
N LEU B 595 57.59 -41.44 -16.68
CA LEU B 595 56.26 -40.86 -16.76
C LEU B 595 56.03 -39.82 -15.66
N VAL B 596 56.37 -40.18 -14.42
CA VAL B 596 56.26 -39.27 -13.28
C VAL B 596 57.14 -38.03 -13.45
N ASP B 597 58.35 -38.22 -13.99
CA ASP B 597 59.26 -37.10 -14.28
C ASP B 597 58.63 -36.13 -15.27
N ARG B 598 58.02 -36.66 -16.33
CA ARG B 598 57.41 -35.86 -17.39
C ARG B 598 56.16 -35.14 -16.90
N LEU B 599 55.35 -35.81 -16.08
CA LEU B 599 54.18 -35.22 -15.45
C LEU B 599 54.56 -34.09 -14.49
N ALA B 600 55.61 -34.30 -13.70
CA ALA B 600 56.13 -33.28 -12.78
C ALA B 600 56.66 -32.08 -13.55
N GLU B 601 57.33 -32.33 -14.68
CA GLU B 601 57.82 -31.27 -15.54
C GLU B 601 56.66 -30.50 -16.16
N PHE B 602 55.63 -31.24 -16.60
CA PHE B 602 54.44 -30.61 -17.16
C PHE B 602 53.86 -29.57 -16.22
N GLU B 603 53.74 -29.94 -14.94
CA GLU B 603 53.17 -29.08 -13.91
C GLU B 603 54.04 -27.85 -13.69
N LYS B 604 55.36 -28.07 -13.59
CA LYS B 604 56.35 -26.99 -13.40
C LYS B 604 56.38 -26.01 -14.57
N ARG B 605 56.41 -26.53 -15.79
CA ARG B 605 56.51 -25.71 -17.00
C ARG B 605 55.27 -24.86 -17.23
N LEU B 606 54.12 -25.37 -16.78
CA LEU B 606 52.86 -24.64 -16.83
C LEU B 606 52.93 -23.37 -15.96
N SER B 607 53.61 -23.46 -14.81
CA SER B 607 53.82 -22.31 -13.94
C SER B 607 54.59 -21.19 -14.62
N ASP B 608 55.65 -21.57 -15.34
CA ASP B 608 56.52 -20.63 -16.06
C ASP B 608 55.83 -19.89 -17.20
N ARG B 609 54.76 -20.48 -17.76
CA ARG B 609 54.24 -20.06 -19.06
C ARG B 609 52.78 -19.58 -19.07
N LEU B 610 51.90 -20.30 -18.38
CA LEU B 610 50.45 -20.12 -18.53
C LEU B 610 49.93 -18.73 -18.15
N GLU B 611 50.38 -18.22 -17.00
CA GLU B 611 49.92 -16.90 -16.54
C GLU B 611 50.33 -15.77 -17.49
N ASN B 612 51.58 -15.83 -17.98
CA ASN B 612 52.09 -14.84 -18.93
C ASN B 612 51.27 -14.77 -20.22
N GLU B 613 50.86 -15.94 -20.71
CA GLU B 613 50.05 -16.04 -21.92
C GLU B 613 48.62 -15.52 -21.69
N MET B 614 48.05 -15.85 -20.51
CA MET B 614 46.72 -15.39 -20.15
C MET B 614 46.68 -13.88 -19.89
N THR B 615 47.67 -13.38 -19.16
CA THR B 615 47.84 -11.94 -18.94
C THR B 615 47.90 -11.19 -20.27
N ALA B 616 48.67 -11.72 -21.22
CA ALA B 616 48.86 -11.09 -22.53
C ALA B 616 47.57 -10.93 -23.33
N VAL B 617 46.76 -11.99 -23.44
CA VAL B 617 45.50 -11.88 -24.19
C VAL B 617 44.50 -10.94 -23.50
N ARG B 618 44.50 -10.93 -22.17
CA ARG B 618 43.68 -10.00 -21.41
C ARG B 618 44.09 -8.55 -21.66
N VAL B 619 45.36 -8.25 -21.45
CA VAL B 619 45.88 -6.90 -21.64
C VAL B 619 45.66 -6.43 -23.08
N LEU B 620 45.85 -7.36 -24.02
CA LEU B 620 45.58 -7.14 -25.44
C LEU B 620 44.08 -6.88 -25.69
N TYR B 621 43.20 -7.60 -25.00
CA TYR B 621 41.75 -7.35 -25.10
C TYR B 621 41.39 -5.98 -24.55
N GLU B 622 41.93 -5.63 -23.39
CA GLU B 622 41.72 -4.31 -22.79
C GLU B 622 42.16 -3.15 -23.71
N LYS B 623 43.15 -3.43 -24.56
CA LYS B 623 43.62 -2.47 -25.58
C LYS B 623 42.55 -2.20 -26.64
N LYS B 624 42.08 -3.25 -27.31
CA LYS B 624 41.02 -3.12 -28.32
C LYS B 624 39.67 -2.82 -27.71
N VAL B 636 34.97 -10.89 -33.42
CA VAL B 636 34.33 -11.23 -32.14
C VAL B 636 32.84 -11.57 -32.31
N ARG B 637 32.27 -12.18 -31.28
CA ARG B 637 30.90 -12.69 -31.34
C ARG B 637 29.80 -11.62 -31.32
N ILE B 638 30.09 -10.47 -30.70
CA ILE B 638 29.13 -9.36 -30.71
C ILE B 638 28.93 -8.77 -32.12
N GLN B 639 29.94 -8.89 -32.98
CA GLN B 639 29.85 -8.41 -34.36
C GLN B 639 28.78 -9.14 -35.19
N GLY B 640 28.45 -10.37 -34.80
CA GLY B 640 27.39 -11.14 -35.45
C GLY B 640 26.06 -11.10 -34.72
N SER B 641 26.04 -10.43 -33.56
CA SER B 641 24.85 -10.35 -32.72
C SER B 641 23.97 -9.18 -33.12
N LYS B 642 22.65 -9.38 -33.06
CA LYS B 642 21.69 -8.30 -33.28
C LYS B 642 21.77 -7.17 -32.23
N PHE B 643 22.52 -7.41 -31.16
CA PHE B 643 22.69 -6.43 -30.10
C PHE B 643 23.95 -5.59 -30.27
N LEU B 644 24.67 -5.83 -31.37
CA LEU B 644 25.83 -5.04 -31.73
C LEU B 644 25.62 -3.52 -31.61
N PRO B 645 24.48 -2.98 -32.13
CA PRO B 645 24.22 -1.53 -32.01
C PRO B 645 24.24 -0.99 -30.58
N PHE B 646 23.72 -1.75 -29.61
CA PHE B 646 23.77 -1.33 -28.20
C PHE B 646 25.20 -1.34 -27.68
N TYR B 647 25.92 -2.42 -28.01
CA TYR B 647 27.30 -2.55 -27.60
C TYR B 647 28.17 -1.45 -28.23
N ARG B 648 28.04 -1.24 -29.54
CA ARG B 648 28.76 -0.15 -30.22
C ARG B 648 28.39 1.21 -29.65
N PHE B 649 27.10 1.43 -29.41
CA PHE B 649 26.62 2.69 -28.85
C PHE B 649 27.24 2.98 -27.49
N VAL B 650 27.22 1.98 -26.59
CA VAL B 650 27.73 2.15 -25.24
C VAL B 650 29.25 2.25 -25.19
N ARG B 651 29.94 1.40 -25.96
CA ARG B 651 31.40 1.38 -25.92
C ARG B 651 32.04 2.51 -26.73
N GLU B 652 31.55 2.68 -27.96
CA GLU B 652 32.19 3.55 -28.94
C GLU B 652 31.63 4.97 -28.89
N GLU B 653 30.32 5.12 -29.11
CA GLU B 653 29.70 6.43 -29.14
C GLU B 653 29.72 7.13 -27.78
N LEU B 654 29.56 6.37 -26.69
CA LEU B 654 29.57 6.97 -25.35
C LEU B 654 30.96 7.01 -24.74
N ASP B 655 31.89 6.32 -25.39
CA ASP B 655 33.29 6.24 -24.97
C ASP B 655 33.46 5.60 -23.59
N THR B 656 33.20 4.30 -23.54
CA THR B 656 33.43 3.52 -22.33
C THR B 656 34.29 2.32 -22.66
N GLY B 657 34.61 1.52 -21.65
CA GLY B 657 35.33 0.27 -21.85
C GLY B 657 35.04 -0.69 -20.72
N VAL B 658 35.59 -1.90 -20.82
CA VAL B 658 35.42 -2.92 -19.81
C VAL B 658 35.86 -2.37 -18.46
N MET B 659 35.05 -2.62 -17.44
CA MET B 659 35.29 -2.06 -16.12
C MET B 659 36.27 -2.92 -15.32
N SER B 660 37.22 -2.26 -14.66
CA SER B 660 38.26 -2.91 -13.88
C SER B 660 39.02 -1.88 -13.06
N ALA B 661 39.93 -2.34 -12.20
CA ALA B 661 40.78 -1.47 -11.39
C ALA B 661 41.75 -0.62 -12.23
N ARG B 662 41.88 -0.95 -13.51
CA ARG B 662 42.78 -0.23 -14.42
C ARG B 662 42.06 0.87 -15.19
N ARG B 663 40.74 0.77 -15.30
CA ARG B 663 39.93 1.82 -15.90
C ARG B 663 39.58 2.86 -14.82
N GLU B 664 40.01 4.10 -15.05
CA GLU B 664 39.89 5.17 -14.07
C GLU B 664 38.46 5.66 -13.84
N GLN B 665 37.64 5.61 -14.88
CA GLN B 665 36.25 6.07 -14.80
C GLN B 665 35.42 5.28 -13.78
N THR B 666 34.65 6.01 -12.96
CA THR B 666 33.80 5.38 -11.94
C THR B 666 32.58 4.72 -12.58
N PRO B 667 31.94 3.79 -11.85
CA PRO B 667 30.67 3.25 -12.34
C PRO B 667 29.65 4.37 -12.60
N GLN B 668 29.68 5.42 -11.79
CA GLN B 668 28.82 6.59 -11.98
C GLN B 668 28.99 7.23 -13.35
N GLU B 669 30.24 7.48 -13.73
CA GLU B 669 30.54 8.15 -15.00
C GLU B 669 30.06 7.34 -16.18
N ASP B 670 30.22 6.02 -16.11
CA ASP B 670 29.80 5.12 -17.18
C ASP B 670 28.28 5.02 -17.25
N VAL B 671 27.62 4.83 -16.10
CA VAL B 671 26.17 4.66 -16.04
C VAL B 671 25.42 5.98 -16.32
N GLN B 672 26.00 7.11 -15.90
CA GLN B 672 25.44 8.44 -16.21
C GLN B 672 25.27 8.66 -17.71
N LYS B 673 26.30 8.32 -18.49
CA LYS B 673 26.28 8.47 -19.94
C LYS B 673 25.12 7.67 -20.54
N VAL B 674 24.97 6.44 -20.08
CA VAL B 674 23.92 5.55 -20.58
C VAL B 674 22.56 6.10 -20.19
N PHE B 675 22.42 6.52 -18.93
CA PHE B 675 21.16 7.09 -18.42
C PHE B 675 20.74 8.33 -19.21
N ASP B 676 21.69 9.25 -19.40
CA ASP B 676 21.43 10.46 -20.21
C ASP B 676 20.92 10.14 -21.61
N ALA B 677 21.53 9.15 -22.25
CA ALA B 677 21.10 8.70 -23.58
C ALA B 677 19.70 8.11 -23.59
N ILE B 678 19.32 7.42 -22.50
CA ILE B 678 17.95 6.90 -22.36
C ILE B 678 16.97 8.06 -22.13
N ALA B 679 17.38 8.99 -21.25
CA ALA B 679 16.58 10.17 -20.91
C ALA B 679 16.29 11.07 -22.10
N ASP B 680 17.30 11.33 -22.94
CA ASP B 680 17.12 12.26 -24.07
C ASP B 680 16.70 11.62 -25.41
N GLY B 681 16.49 10.30 -25.40
CA GLY B 681 16.01 9.60 -26.60
C GLY B 681 17.06 9.09 -27.57
N ARG B 682 18.34 9.37 -27.30
CA ARG B 682 19.43 8.87 -28.15
C ARG B 682 19.48 7.34 -28.21
N ILE B 683 19.00 6.69 -27.14
CA ILE B 683 18.94 5.21 -27.07
C ILE B 683 18.04 4.60 -28.15
N THR B 684 17.13 5.39 -28.73
CA THR B 684 16.23 4.88 -29.76
C THR B 684 16.95 4.58 -31.08
N VAL B 685 18.09 5.20 -31.29
CA VAL B 685 18.87 4.97 -32.52
C VAL B 685 19.47 3.55 -32.52
N PRO B 686 20.23 3.16 -31.46
CA PRO B 686 20.63 1.76 -31.42
C PRO B 686 19.46 0.78 -31.36
N LEU B 687 18.34 1.20 -30.77
CA LEU B 687 17.16 0.35 -30.68
C LEU B 687 16.52 0.08 -32.03
N LEU B 688 16.35 1.14 -32.83
CA LEU B 688 15.78 1.02 -34.18
C LEU B 688 16.70 0.21 -35.12
N HIS B 689 18.01 0.42 -34.97
CA HIS B 689 19.02 -0.32 -35.72
C HIS B 689 18.92 -1.81 -35.38
N CYS B 690 18.94 -2.13 -34.09
CA CYS B 690 18.78 -3.50 -33.59
C CYS B 690 17.55 -4.22 -34.16
N LEU B 691 16.44 -3.50 -34.31
CA LEU B 691 15.17 -4.08 -34.73
C LEU B 691 14.89 -3.99 -36.25
N GLN B 692 15.84 -3.43 -37.00
CA GLN B 692 15.71 -3.30 -38.47
C GLN B 692 15.37 -4.63 -39.14
N GLY B 693 14.29 -4.62 -39.92
CA GLY B 693 13.89 -5.79 -40.69
C GLY B 693 12.91 -6.71 -39.98
N PHE B 694 12.62 -6.42 -38.71
CA PHE B 694 11.69 -7.24 -37.93
C PHE B 694 10.25 -7.09 -38.41
N LEU B 695 9.64 -8.23 -38.76
CA LEU B 695 8.21 -8.33 -39.05
C LEU B 695 7.67 -7.33 -40.08
N SER C 29 14.33 -6.34 31.43
CA SER C 29 14.22 -6.77 30.00
C SER C 29 12.79 -7.11 29.60
N HIS C 30 12.48 -6.88 28.32
CA HIS C 30 11.18 -7.24 27.76
C HIS C 30 10.97 -8.75 27.79
N VAL C 31 12.07 -9.50 27.79
CA VAL C 31 12.04 -10.97 27.87
C VAL C 31 11.31 -11.46 29.13
N LYS C 32 11.70 -10.89 30.27
CA LYS C 32 11.09 -11.22 31.56
C LYS C 32 9.64 -10.79 31.63
N ASP C 33 9.33 -9.66 31.01
CA ASP C 33 7.96 -9.18 30.89
C ASP C 33 7.08 -10.17 30.13
N ILE C 34 7.58 -10.68 29.01
CA ILE C 34 6.81 -11.62 28.18
C ILE C 34 6.66 -12.96 28.90
N LEU C 35 7.72 -13.42 29.55
CA LEU C 35 7.65 -14.61 30.40
C LEU C 35 6.56 -14.45 31.47
N GLY C 36 6.46 -13.24 32.03
CA GLY C 36 5.42 -12.89 32.99
C GLY C 36 4.02 -12.94 32.41
N LEU C 37 3.87 -12.51 31.15
CA LEU C 37 2.60 -12.64 30.43
C LEU C 37 2.20 -14.08 30.26
N ILE C 38 3.17 -14.93 29.90
CA ILE C 38 2.90 -16.35 29.65
C ILE C 38 2.52 -17.10 30.93
N ASN C 39 3.19 -16.80 32.04
CA ASN C 39 2.84 -17.38 33.33
C ASN C 39 1.45 -16.96 33.78
N ALA C 40 1.13 -15.67 33.62
CA ALA C 40 -0.19 -15.15 33.96
C ALA C 40 -1.29 -15.81 33.13
N PHE C 41 -1.02 -16.03 31.84
CA PHE C 41 -1.97 -16.70 30.96
C PHE C 41 -2.21 -18.15 31.40
N ASN C 42 -1.13 -18.83 31.76
CA ASN C 42 -1.20 -20.22 32.20
C ASN C 42 -1.89 -20.38 33.54
N GLU C 43 -1.64 -19.44 34.45
CA GLU C 43 -1.92 -19.63 35.87
C GLU C 43 -3.18 -18.93 36.42
N VAL C 44 -3.70 -17.94 35.68
CA VAL C 44 -4.91 -17.26 36.12
C VAL C 44 -6.12 -18.19 36.13
N LYS C 45 -6.96 -18.04 37.15
CA LYS C 45 -8.14 -18.88 37.34
C LYS C 45 -9.41 -18.04 37.40
N LYS C 46 -9.30 -16.86 38.01
CA LYS C 46 -10.40 -15.90 38.02
C LYS C 46 -9.93 -14.51 37.61
N ILE C 47 -10.72 -13.84 36.77
CA ILE C 47 -10.43 -12.46 36.42
C ILE C 47 -11.25 -11.54 37.32
N THR C 48 -10.53 -10.78 38.15
CA THR C 48 -11.14 -9.83 39.06
C THR C 48 -11.45 -8.52 38.33
N VAL C 49 -12.75 -8.22 38.21
CA VAL C 49 -13.14 -6.94 37.64
C VAL C 49 -13.83 -6.10 38.70
N ASP C 50 -13.15 -5.01 39.08
CA ASP C 50 -13.52 -4.23 40.26
C ASP C 50 -13.35 -2.73 40.07
N GLY C 51 -12.84 -2.33 38.91
CA GLY C 51 -12.65 -0.91 38.60
C GLY C 51 -11.36 -0.34 39.15
N THR C 52 -10.48 -1.23 39.61
CA THR C 52 -9.24 -0.81 40.25
C THR C 52 -8.09 -1.71 39.80
N THR C 53 -8.37 -3.01 39.69
CA THR C 53 -7.37 -4.00 39.32
C THR C 53 -7.24 -4.12 37.79
N PRO C 54 -6.01 -3.89 37.27
CA PRO C 54 -5.77 -3.92 35.84
C PRO C 54 -6.01 -5.29 35.22
N ILE C 55 -6.71 -5.31 34.10
CA ILE C 55 -6.80 -6.49 33.26
C ILE C 55 -5.73 -6.38 32.17
N THR C 56 -4.82 -7.36 32.13
CA THR C 56 -3.75 -7.38 31.12
C THR C 56 -4.22 -8.16 29.89
N VAL C 57 -3.42 -8.13 28.82
CA VAL C 57 -3.78 -8.85 27.58
C VAL C 57 -3.74 -10.36 27.77
N ALA C 58 -2.92 -10.81 28.72
CA ALA C 58 -2.86 -12.23 29.12
C ALA C 58 -4.17 -12.68 29.75
N HIS C 59 -4.75 -11.82 30.60
CA HIS C 59 -6.06 -12.12 31.18
C HIS C 59 -7.14 -12.25 30.12
N VAL C 60 -7.12 -11.36 29.14
CA VAL C 60 -8.09 -11.39 28.04
C VAL C 60 -7.95 -12.67 27.21
N ALA C 61 -6.72 -12.99 26.81
CA ALA C 61 -6.46 -14.22 26.08
C ALA C 61 -6.87 -15.46 26.87
N ALA C 62 -6.62 -15.44 28.18
CA ALA C 62 -6.97 -16.58 29.04
C ALA C 62 -8.49 -16.78 29.12
N LEU C 63 -9.20 -15.68 29.36
CA LEU C 63 -10.66 -15.67 29.33
C LEU C 63 -11.20 -16.25 28.03
N ALA C 64 -10.66 -15.77 26.90
CA ALA C 64 -11.10 -16.19 25.56
C ALA C 64 -10.84 -17.65 25.22
N ARG C 65 -9.71 -18.17 25.70
CA ARG C 65 -9.19 -19.47 25.23
C ARG C 65 -9.26 -20.59 26.27
N ARG C 66 -9.36 -20.23 27.56
CA ARG C 66 -9.44 -21.21 28.63
C ARG C 66 -10.80 -21.07 29.34
N HIS C 67 -11.69 -22.01 29.08
CA HIS C 67 -13.06 -21.87 29.56
C HIS C 67 -13.26 -22.11 31.06
N ASP C 68 -12.26 -22.69 31.71
CA ASP C 68 -12.25 -22.83 33.17
C ASP C 68 -11.96 -21.52 33.88
N VAL C 69 -11.56 -20.50 33.11
CA VAL C 69 -11.31 -19.16 33.66
C VAL C 69 -12.63 -18.42 33.82
N LYS C 70 -12.88 -17.95 35.04
CA LYS C 70 -14.15 -17.31 35.37
C LYS C 70 -13.98 -15.82 35.63
N VAL C 71 -15.03 -15.06 35.34
CA VAL C 71 -15.06 -13.64 35.64
C VAL C 71 -15.63 -13.47 37.05
N ALA C 72 -14.93 -12.67 37.86
CA ALA C 72 -15.40 -12.36 39.22
C ALA C 72 -15.62 -10.86 39.37
N LEU C 73 -16.88 -10.45 39.24
CA LEU C 73 -17.26 -9.06 39.45
C LEU C 73 -17.39 -8.81 40.95
N GLU C 74 -16.43 -8.07 41.51
CA GLU C 74 -16.36 -7.87 42.94
C GLU C 74 -16.94 -6.52 43.32
N ALA C 75 -18.03 -6.54 44.09
CA ALA C 75 -18.68 -5.35 44.62
C ALA C 75 -17.81 -4.67 45.70
N CYS C 78 -17.41 -0.31 44.34
CA CYS C 78 -17.59 -0.52 42.91
C CYS C 78 -19.07 -0.54 42.58
N ARG C 79 -19.80 -1.44 43.24
CA ARG C 79 -21.26 -1.48 43.14
C ARG C 79 -21.88 -0.14 43.54
N ALA C 80 -21.45 0.39 44.68
CA ALA C 80 -21.94 1.67 45.21
C ALA C 80 -21.81 2.78 44.18
N ARG C 81 -20.62 2.91 43.59
CA ARG C 81 -20.38 3.84 42.49
C ARG C 81 -21.38 3.66 41.35
N VAL C 82 -21.50 2.43 40.87
CA VAL C 82 -22.36 2.12 39.73
C VAL C 82 -23.82 2.50 40.02
N GLU C 83 -24.28 2.16 41.22
CA GLU C 83 -25.64 2.49 41.65
C GLU C 83 -25.87 4.00 41.79
N THR C 84 -24.89 4.70 42.36
CA THR C 84 -24.95 6.16 42.47
C THR C 84 -25.09 6.75 41.07
N CYS C 85 -24.25 6.26 40.15
CA CYS C 85 -24.25 6.72 38.77
C CYS C 85 -25.56 6.48 38.05
N SER C 86 -26.08 5.25 38.09
CA SER C 86 -27.31 4.93 37.34
C SER C 86 -28.56 5.64 37.87
N SER C 87 -28.60 5.89 39.17
CA SER C 87 -29.75 6.60 39.76
C SER C 87 -29.66 8.11 39.53
N TRP C 88 -28.43 8.64 39.46
CA TRP C 88 -28.23 10.03 39.05
C TRP C 88 -28.75 10.24 37.64
N VAL C 89 -28.37 9.35 36.72
CA VAL C 89 -28.79 9.44 35.32
C VAL C 89 -30.30 9.37 35.20
N GLN C 90 -30.89 8.34 35.80
CA GLN C 90 -32.34 8.14 35.79
C GLN C 90 -33.09 9.35 36.38
N ARG C 91 -32.62 9.83 37.53
CA ARG C 91 -33.21 11.02 38.17
C ARG C 91 -33.15 12.26 37.26
N LYS C 92 -31.97 12.57 36.74
CA LYS C 92 -31.77 13.73 35.85
C LYS C 92 -32.58 13.61 34.55
N ALA C 93 -32.62 12.41 33.98
CA ALA C 93 -33.39 12.16 32.76
C ALA C 93 -34.86 12.48 32.98
N GLU C 94 -35.39 12.02 34.10
CA GLU C 94 -36.80 12.22 34.43
C GLU C 94 -37.15 13.68 34.75
N ASP C 95 -36.16 14.41 35.27
CA ASP C 95 -36.30 15.84 35.50
C ASP C 95 -36.17 16.67 34.21
N GLY C 96 -35.99 15.99 33.09
CA GLY C 96 -35.86 16.64 31.79
C GLY C 96 -34.58 17.43 31.60
N ALA C 97 -33.49 16.98 32.22
CA ALA C 97 -32.18 17.61 32.02
C ALA C 97 -31.66 17.33 30.60
N ASP C 98 -30.85 18.25 30.09
CA ASP C 98 -30.33 18.18 28.73
C ASP C 98 -28.98 17.46 28.70
N ILE C 99 -29.00 16.19 28.31
CA ILE C 99 -27.83 15.32 28.34
C ILE C 99 -27.81 14.48 27.07
N TYR C 100 -26.66 14.48 26.38
CA TYR C 100 -26.54 13.76 25.11
C TYR C 100 -26.86 12.27 25.24
N GLY C 101 -27.67 11.76 24.32
CA GLY C 101 -27.99 10.34 24.24
C GLY C 101 -28.87 9.83 25.37
N VAL C 102 -29.33 10.75 26.21
CA VAL C 102 -30.22 10.44 27.33
C VAL C 102 -31.59 11.07 27.07
N THR C 103 -31.59 12.37 26.79
CA THR C 103 -32.80 13.13 26.46
C THR C 103 -32.57 13.80 25.10
N THR C 104 -31.63 13.22 24.36
CA THR C 104 -31.13 13.79 23.11
C THR C 104 -30.96 12.69 22.05
N GLY C 105 -31.15 13.06 20.79
CA GLY C 105 -30.85 12.14 19.68
C GLY C 105 -29.37 11.80 19.57
N PHE C 106 -29.05 10.80 18.75
CA PHE C 106 -27.68 10.27 18.66
C PHE C 106 -26.92 10.77 17.44
N GLY C 107 -25.60 10.91 17.59
CA GLY C 107 -24.72 11.29 16.50
C GLY C 107 -25.07 12.63 15.89
N ALA C 108 -25.26 12.64 14.58
CA ALA C 108 -25.63 13.85 13.86
C ALA C 108 -27.05 14.32 14.21
N CYS C 109 -27.81 13.46 14.91
CA CYS C 109 -29.17 13.79 15.31
C CYS C 109 -29.21 14.34 16.73
N SER C 110 -27.66 15.23 17.57
CA SER C 110 -27.83 15.63 18.99
C SER C 110 -28.78 16.85 19.16
N SER C 111 -29.31 17.37 18.06
CA SER C 111 -30.24 18.51 18.08
C SER C 111 -31.61 18.13 18.60
N ARG C 112 -32.03 16.90 18.34
CA ARG C 112 -33.37 16.46 18.67
C ARG C 112 -33.43 16.03 20.12
N ARG C 113 -34.31 16.68 20.87
CA ARG C 113 -34.56 16.34 22.27
C ARG C 113 -35.79 15.45 22.35
N THR C 114 -35.89 14.71 23.46
CA THR C 114 -37.04 13.85 23.71
C THR C 114 -37.19 13.50 25.20
N ASN C 115 -38.42 13.22 25.62
CA ASN C 115 -38.68 12.75 26.98
C ASN C 115 -39.07 11.27 27.00
N ARG C 116 -39.03 10.62 25.83
CA ARG C 116 -39.36 9.20 25.69
C ARG C 116 -38.12 8.35 25.98
N LEU C 117 -37.81 8.24 27.27
CA LEU C 117 -36.49 7.79 27.75
C LEU C 117 -36.08 6.38 27.34
N SER C 118 -37.01 5.44 27.46
CA SER C 118 -36.73 4.04 27.14
C SER C 118 -36.83 3.77 25.65
N GLU C 119 -37.79 4.40 24.99
CA GLU C 119 -38.00 4.22 23.56
C GLU C 119 -36.83 4.84 22.76
N LEU C 120 -36.24 5.92 23.29
CA LEU C 120 -35.00 6.47 22.72
C LEU C 120 -33.90 5.41 22.69
N GLN C 121 -33.68 4.75 23.82
CA GLN C 121 -32.65 3.72 23.94
C GLN C 121 -32.88 2.51 23.03
N GLU C 122 -34.13 2.04 22.98
CA GLU C 122 -34.50 0.89 22.15
C GLU C 122 -34.39 1.19 20.65
N SER C 123 -34.77 2.41 20.26
CA SER C 123 -34.66 2.84 18.87
C SER C 123 -33.20 2.78 18.39
N LEU C 124 -32.26 3.12 19.27
CA LEU C 124 -30.84 3.02 18.95
C LEU C 124 -30.38 1.60 18.65
N ILE C 125 -30.77 0.65 19.49
CA ILE C 125 -30.43 -0.76 19.29
C ILE C 125 -31.05 -1.30 17.99
N ARG C 126 -32.32 -0.95 17.73
CA ARG C 126 -32.99 -1.38 16.51
C ARG C 126 -32.23 -0.94 15.26
N CYS C 127 -31.78 0.31 15.27
CA CYS C 127 -31.07 0.89 14.13
C CYS C 127 -29.66 0.31 13.93
N LEU C 128 -29.02 -0.14 15.02
CA LEU C 128 -27.65 -0.66 14.96
C LEU C 128 -27.53 -2.16 14.64
N LEU C 129 -28.63 -2.89 14.77
CA LEU C 129 -28.67 -4.29 14.35
C LEU C 129 -28.74 -4.32 12.83
N ALA C 130 -27.59 -4.08 12.21
CA ALA C 130 -27.50 -3.68 10.80
C ALA C 130 -26.37 -4.39 10.04
N GLY C 131 -25.73 -5.35 10.69
CA GLY C 131 -24.70 -6.15 10.06
C GLY C 131 -25.31 -7.27 9.25
N VAL C 132 -24.50 -7.92 8.42
CA VAL C 132 -24.95 -9.02 7.57
C VAL C 132 -23.97 -10.19 7.69
N PHE C 133 -24.50 -11.41 7.73
CA PHE C 133 -23.65 -12.61 7.72
C PHE C 133 -23.33 -13.02 6.28
N THR C 134 -22.04 -12.97 5.94
CA THR C 134 -21.59 -13.23 4.57
C THR C 134 -20.99 -14.63 4.43
N VAL C 141 -19.77 -19.23 7.12
CA VAL C 141 -20.25 -17.89 7.46
C VAL C 141 -19.16 -17.05 8.13
N ASP C 142 -18.95 -15.84 7.63
CA ASP C 142 -18.02 -14.89 8.24
C ASP C 142 -18.69 -14.27 9.45
N GLU C 143 -18.00 -14.31 10.58
CA GLU C 143 -18.45 -13.60 11.78
C GLU C 143 -17.28 -13.35 12.72
N LEU C 144 -17.48 -12.42 13.65
CA LEU C 144 -16.55 -12.26 14.76
C LEU C 144 -16.69 -13.52 15.61
N PRO C 145 -15.58 -14.24 15.84
CA PRO C 145 -15.68 -15.50 16.56
C PRO C 145 -16.07 -15.31 18.03
N ALA C 146 -16.61 -16.36 18.63
CA ALA C 146 -17.01 -16.35 20.05
C ALA C 146 -15.89 -15.83 20.95
N THR C 147 -14.65 -16.20 20.65
CA THR C 147 -13.48 -15.71 21.40
C THR C 147 -13.41 -14.18 21.47
N ALA C 148 -13.61 -13.52 20.35
CA ALA C 148 -13.60 -12.05 20.28
C ALA C 148 -14.83 -11.44 20.96
N THR C 149 -15.98 -12.08 20.78
CA THR C 149 -17.23 -11.61 21.34
C THR C 149 -17.23 -11.70 22.86
N ARG C 150 -16.80 -12.84 23.39
CA ARG C 150 -16.68 -12.98 24.85
C ARG C 150 -15.65 -12.00 25.41
N SER C 151 -14.53 -11.81 24.70
CA SER C 151 -13.53 -10.81 25.10
C SER C 151 -14.13 -9.41 25.13
N ALA C 152 -14.93 -9.09 24.12
CA ALA C 152 -15.61 -7.79 24.03
C ALA C 152 -16.56 -7.58 25.21
N MET C 153 -17.26 -8.65 25.58
CA MET C 153 -18.17 -8.64 26.73
C MET C 153 -17.45 -8.37 28.05
N LEU C 154 -16.27 -8.99 28.23
CA LEU C 154 -15.42 -8.71 29.39
C LEU C 154 -15.01 -7.26 29.42
N LEU C 155 -14.59 -6.75 28.26
CA LEU C 155 -14.10 -5.38 28.16
C LEU C 155 -15.20 -4.36 28.44
N ARG C 156 -16.42 -4.62 27.94
CA ARG C 156 -17.56 -3.75 28.24
C ARG C 156 -17.90 -3.76 29.72
N LEU C 157 -17.92 -4.95 30.32
CA LEU C 157 -18.12 -5.09 31.76
C LEU C 157 -17.08 -4.26 32.55
N ASN C 158 -15.82 -4.34 32.13
CA ASN C 158 -14.74 -3.59 32.81
C ASN C 158 -14.91 -2.07 32.77
N SER C 159 -15.24 -1.55 31.59
CA SER C 159 -15.53 -0.13 31.41
C SER C 159 -16.61 0.36 32.35
N PHE C 160 -17.59 -0.50 32.60
CA PHE C 160 -18.72 -0.15 33.45
C PHE C 160 -18.34 0.02 34.92
N THR C 161 -17.25 -0.64 35.34
CA THR C 161 -16.86 -0.67 36.75
C THR C 161 -16.30 0.65 37.25
N TYR C 162 -15.96 1.54 36.34
CA TYR C 162 -15.44 2.85 36.73
C TYR C 162 -16.54 3.81 37.20
N GLY C 163 -17.81 3.39 37.03
CA GLY C 163 -18.97 4.16 37.50
C GLY C 163 -19.24 5.46 36.75
N CYS C 164 -18.92 5.48 35.46
CA CYS C 164 -19.13 6.67 34.63
C CYS C 164 -20.28 6.49 33.63
N SER C 165 -20.78 5.27 33.51
CA SER C 165 -21.64 4.90 32.38
C SER C 165 -23.14 5.00 32.60
N GLY C 166 -23.59 4.90 33.85
CA GLY C 166 -25.02 5.00 34.15
C GLY C 166 -25.82 3.73 33.93
N ILE C 167 -25.13 2.63 33.63
CA ILE C 167 -25.75 1.32 33.46
C ILE C 167 -26.13 0.74 34.83
N ARG C 168 -27.21 -0.04 34.88
CA ARG C 168 -27.62 -0.70 36.14
C ARG C 168 -26.65 -1.80 36.51
N TRP C 169 -26.38 -1.91 37.81
CA TRP C 169 -25.54 -2.98 38.34
C TRP C 169 -26.02 -4.38 37.94
N GLU C 170 -27.35 -4.54 37.87
CA GLU C 170 -27.98 -5.80 37.45
C GLU C 170 -27.62 -6.21 36.01
N VAL C 171 -27.45 -5.22 35.13
CA VAL C 171 -27.02 -5.49 33.76
C VAL C 171 -25.58 -6.02 33.76
N MET C 172 -24.75 -5.44 34.62
CA MET C 172 -23.37 -5.90 34.82
C MET C 172 -23.29 -7.34 35.36
N GLU C 173 -24.16 -7.67 36.31
CA GLU C 173 -24.23 -9.04 36.84
C GLU C 173 -24.62 -10.01 35.75
N ALA C 174 -25.58 -9.60 34.91
CA ALA C 174 -26.02 -10.41 33.78
C ALA C 174 -24.88 -10.67 32.79
N LEU C 175 -24.01 -9.68 32.60
CA LEU C 175 -22.82 -9.85 31.75
C LEU C 175 -21.84 -10.86 32.34
N GLU C 176 -21.58 -10.75 33.64
CA GLU C 176 -20.77 -11.73 34.36
C GLU C 176 -21.32 -13.14 34.20
N LYS C 177 -22.64 -13.29 34.37
CA LYS C 177 -23.32 -14.57 34.26
C LYS C 177 -23.22 -15.14 32.84
N LEU C 178 -23.48 -14.32 31.83
CA LEU C 178 -23.40 -14.76 30.43
C LEU C 178 -21.96 -15.21 30.10
N LEU C 179 -20.98 -14.40 30.50
CA LEU C 179 -19.57 -14.74 30.33
C LEU C 179 -19.21 -16.09 30.96
N ASN C 180 -19.64 -16.30 32.20
CA ASN C 180 -19.35 -17.54 32.92
C ASN C 180 -20.13 -18.77 32.42
N SER C 181 -21.17 -18.53 31.63
CA SER C 181 -22.02 -19.60 31.12
C SER C 181 -21.82 -19.85 29.63
N ASN C 182 -20.73 -19.31 29.08
CA ASN C 182 -20.35 -19.53 27.68
C ASN C 182 -21.43 -19.05 26.69
N VAL C 183 -22.20 -18.03 27.08
CA VAL C 183 -23.23 -17.46 26.20
C VAL C 183 -22.72 -16.20 25.50
N SER C 184 -22.87 -16.16 24.19
CA SER C 184 -22.51 -14.96 23.41
C SER C 184 -23.33 -14.87 22.13
N PRO C 185 -23.67 -13.64 21.72
CA PRO C 185 -24.39 -13.44 20.47
C PRO C 185 -23.50 -13.75 19.27
N LYS C 186 -24.09 -14.27 18.19
CA LYS C 186 -23.44 -14.34 16.90
C LYS C 186 -23.34 -12.92 16.37
N VAL C 187 -22.15 -12.50 15.99
CA VAL C 187 -21.93 -11.13 15.53
C VAL C 187 -21.36 -11.06 14.12
N PRO C 188 -22.01 -10.30 13.21
CA PRO C 188 -21.45 -10.12 11.87
C PRO C 188 -20.02 -9.57 11.92
N LEU C 189 -19.21 -9.96 10.95
CA LEU C 189 -17.79 -9.59 10.93
C LEU C 189 -17.55 -8.08 10.76
N ARG C 190 -18.31 -7.45 9.85
CA ARG C 190 -18.03 -6.09 9.42
C ARG C 190 -19.14 -5.09 9.77
N GLY C 191 -18.79 -3.80 9.74
CA GLY C 191 -19.75 -2.74 9.97
C GLY C 191 -19.29 -1.65 10.91
N SER C 192 -18.22 -1.92 11.65
CA SER C 192 -17.71 -0.97 12.61
C SER C 192 -16.55 -0.15 12.05
N VAL C 193 -16.57 1.16 12.31
CA VAL C 193 -15.44 2.05 12.07
C VAL C 193 -14.75 2.39 13.41
N SER C 194 -15.21 1.73 14.47
CA SER C 194 -14.62 1.83 15.81
C SER C 194 -14.51 3.29 16.29
N1 MDO C 195 -15.54 3.99 16.07
CA1 MDO C 195 -15.72 5.22 16.86
C1 MDO C 195 -17.10 5.27 17.57
CB MDO C 195 -15.50 6.44 15.95
N2 MDO C 195 -17.98 6.28 17.43
CA2 MDO C 195 -19.03 6.00 18.21
C2 MDO C 195 -18.77 4.79 18.84
O2 MDO C 195 -19.59 4.16 19.71
CB2 MDO C 195 -20.28 6.85 18.39
N3 MDO C 195 -17.60 4.36 18.43
CA3 MDO C 195 -16.97 3.11 18.89
C3 MDO C 195 -17.48 1.90 18.10
O3 MDO C 195 -18.03 2.29 16.84
N ASP C 196 -17.54 0.70 18.50
CA ASP C 196 -17.95 -0.54 17.82
C ASP C 196 -19.48 -0.73 17.93
N LEU C 197 -20.19 0.25 17.39
CA LEU C 197 -21.64 0.38 17.56
C LEU C 197 -22.45 -0.85 17.14
N ILE C 198 -22.32 -1.25 15.88
CA ILE C 198 -23.06 -2.38 15.34
C ILE C 198 -22.74 -3.70 16.08
N PRO C 199 -21.44 -4.08 16.16
CA PRO C 199 -21.15 -5.32 16.89
C PRO C 199 -21.61 -5.32 18.36
N LEU C 200 -21.45 -4.20 19.08
CA LEU C 200 -21.93 -4.12 20.46
C LEU C 200 -23.45 -4.14 20.58
N ALA C 201 -24.15 -3.73 19.52
CA ALA C 201 -25.60 -3.80 19.50
C ALA C 201 -26.15 -5.22 19.60
N TYR C 202 -25.35 -6.21 19.19
CA TYR C 202 -25.72 -7.63 19.29
C TYR C 202 -25.58 -8.15 20.72
N ILE C 203 -24.68 -7.53 21.49
CA ILE C 203 -24.60 -7.84 22.93
C ILE C 203 -25.81 -7.26 23.66
N ALA C 204 -26.15 -6.02 23.31
CA ALA C 204 -27.33 -5.35 23.81
C ALA C 204 -28.59 -6.11 23.40
N GLY C 205 -28.62 -6.55 22.14
CA GLY C 205 -29.73 -7.34 21.61
C GLY C 205 -29.97 -8.59 22.44
N LEU C 206 -28.88 -9.26 22.80
CA LEU C 206 -28.94 -10.42 23.68
C LEU C 206 -29.56 -10.07 25.03
N LEU C 207 -29.06 -9.01 25.67
CA LEU C 207 -29.53 -8.64 27.01
C LEU C 207 -31.00 -8.22 27.07
N ILE C 208 -31.54 -7.71 25.96
CA ILE C 208 -32.95 -7.31 25.86
C ILE C 208 -33.83 -8.38 25.19
N GLY C 209 -33.25 -9.54 24.92
CA GLY C 209 -33.97 -10.67 24.34
C GLY C 209 -34.63 -10.45 22.98
N LYS C 210 -33.96 -9.75 22.08
CA LYS C 210 -34.43 -9.62 20.69
C LYS C 210 -34.42 -10.98 20.01
N PRO C 211 -35.58 -11.44 19.50
CA PRO C 211 -35.67 -12.77 18.87
C PRO C 211 -34.77 -12.94 17.65
N SER C 212 -34.54 -11.86 16.92
CA SER C 212 -33.69 -11.89 15.71
C SER C 212 -32.20 -12.07 16.02
N VAL C 213 -31.82 -11.90 17.30
CA VAL C 213 -30.42 -12.05 17.71
C VAL C 213 -30.15 -13.48 18.15
N ILE C 214 -29.40 -14.21 17.32
CA ILE C 214 -29.04 -15.60 17.64
C ILE C 214 -27.83 -15.62 18.57
N ALA C 215 -27.91 -16.45 19.60
CA ALA C 215 -26.84 -16.56 20.58
C ALA C 215 -26.27 -17.98 20.63
N ARG C 216 -24.95 -18.05 20.73
CA ARG C 216 -24.26 -19.31 20.98
C ARG C 216 -24.28 -19.64 22.46
N ILE C 217 -24.36 -20.93 22.76
CA ILE C 217 -24.09 -21.43 24.10
C ILE C 217 -23.09 -22.57 23.91
N GLY C 218 -21.83 -22.28 24.18
CA GLY C 218 -20.76 -23.22 23.87
C GLY C 218 -20.49 -23.26 22.38
N ASP C 219 -20.00 -24.40 21.92
CA ASP C 219 -19.48 -24.52 20.55
C ASP C 219 -20.50 -24.95 19.49
N ASP C 220 -21.61 -25.56 19.91
CA ASP C 220 -22.60 -26.08 18.96
C ASP C 220 -23.96 -25.40 19.06
N VAL C 221 -24.45 -25.28 20.29
CA VAL C 221 -25.80 -24.79 20.53
C VAL C 221 -25.97 -23.34 20.06
N GLU C 222 -26.98 -23.12 19.23
CA GLU C 222 -27.37 -21.80 18.77
C GLU C 222 -28.88 -21.62 18.94
N VAL C 223 -29.27 -20.65 19.75
CA VAL C 223 -30.68 -20.38 20.04
C VAL C 223 -30.98 -18.87 19.99
N PRO C 224 -32.25 -18.48 19.73
CA PRO C 224 -32.60 -17.05 19.83
C PRO C 224 -32.29 -16.49 21.21
N ALA C 225 -32.06 -15.17 21.29
CA ALA C 225 -31.69 -14.52 22.55
C ALA C 225 -32.58 -14.84 23.76
N PRO C 226 -33.93 -14.81 23.58
CA PRO C 226 -34.80 -15.09 24.74
C PRO C 226 -34.58 -16.48 25.32
N GLU C 227 -34.45 -17.49 24.45
CA GLU C 227 -34.18 -18.87 24.88
C GLU C 227 -32.80 -19.01 25.54
N ALA C 228 -31.81 -18.30 24.99
CA ALA C 228 -30.47 -18.26 25.58
C ALA C 228 -30.48 -17.73 27.01
N LEU C 229 -31.23 -16.64 27.24
CA LEU C 229 -31.33 -16.04 28.56
C LEU C 229 -31.96 -17.01 29.55
N SER C 230 -33.08 -17.62 29.13
CA SER C 230 -33.81 -18.58 29.96
C SER C 230 -32.94 -19.77 30.37
N ARG C 231 -32.15 -20.30 29.44
CA ARG C 231 -31.26 -21.44 29.71
C ARG C 231 -30.18 -21.18 30.76
N VAL C 232 -29.92 -19.91 31.06
CA VAL C 232 -28.95 -19.56 32.11
C VAL C 232 -29.57 -18.76 33.25
N GLY C 233 -30.89 -18.86 33.38
CA GLY C 233 -31.61 -18.25 34.49
C GLY C 233 -31.69 -16.73 34.48
N LEU C 234 -31.82 -16.17 33.29
CA LEU C 234 -31.95 -14.70 33.14
C LEU C 234 -33.22 -14.31 32.40
N ARG C 235 -33.67 -13.09 32.68
CA ARG C 235 -34.83 -12.50 32.00
C ARG C 235 -34.38 -11.32 31.14
N PRO C 236 -35.08 -11.06 30.01
CA PRO C 236 -34.75 -9.91 29.18
C PRO C 236 -34.83 -8.60 29.96
N PHE C 237 -33.93 -7.67 29.67
CA PHE C 237 -33.96 -6.35 30.29
C PHE C 237 -34.77 -5.38 29.47
N LYS C 238 -35.42 -4.43 30.14
CA LYS C 238 -35.97 -3.27 29.47
C LYS C 238 -35.02 -2.11 29.72
N LEU C 239 -34.53 -1.51 28.64
CA LEU C 239 -33.52 -0.46 28.72
C LEU C 239 -34.05 0.79 29.42
N GLN C 240 -33.30 1.26 30.41
CA GLN C 240 -33.59 2.53 31.08
C GLN C 240 -32.80 3.64 30.40
N ALA C 241 -32.88 4.85 30.94
CA ALA C 241 -32.18 6.01 30.39
C ALA C 241 -30.68 5.76 30.22
N LYS C 242 -30.16 6.10 29.03
CA LYS C 242 -28.73 6.01 28.66
C LYS C 242 -28.16 4.58 28.48
N GLU C 243 -28.95 3.56 28.83
CA GLU C 243 -28.46 2.17 28.87
C GLU C 243 -28.13 1.57 27.50
N GLY C 244 -28.97 1.84 26.51
CA GLY C 244 -28.67 1.47 25.12
C GLY C 244 -27.33 2.04 24.68
N LEU C 245 -27.17 3.37 24.82
CA LEU C 245 -25.93 4.04 24.43
C LEU C 245 -24.74 3.49 25.20
N ALA C 246 -24.89 3.33 26.52
CA ALA C 246 -23.83 2.79 27.36
C ALA C 246 -23.35 1.42 26.88
N LEU C 247 -24.29 0.57 26.46
CA LEU C 247 -23.94 -0.76 25.97
C LEU C 247 -23.16 -0.73 24.65
N VAL C 248 -23.48 0.21 23.77
CA VAL C 248 -22.90 0.22 22.41
C VAL C 248 -21.76 1.20 22.16
N ASN C 249 -21.58 2.15 23.06
CA ASN C 249 -20.76 3.32 22.81
C ASN C 249 -19.33 3.15 23.33
N GLY C 250 -18.69 2.06 22.97
CA GLY C 250 -17.32 1.78 23.40
C GLY C 250 -16.44 1.18 22.33
N THR C 251 -15.23 0.81 22.72
CA THR C 251 -14.21 0.26 21.81
C THR C 251 -13.99 -1.23 22.04
N SER C 252 -14.96 -1.90 22.65
CA SER C 252 -14.80 -3.28 23.15
C SER C 252 -14.34 -4.31 22.12
N PHE C 253 -14.87 -4.27 20.91
CA PHE C 253 -14.50 -5.28 19.91
C PHE C 253 -13.08 -5.10 19.34
N ALA C 254 -12.73 -3.87 18.98
CA ALA C 254 -11.38 -3.56 18.47
C ALA C 254 -10.32 -3.90 19.52
N THR C 255 -10.58 -3.51 20.76
CA THR C 255 -9.67 -3.72 21.88
C THR C 255 -9.60 -5.19 22.28
N ALA C 256 -10.71 -5.91 22.15
CA ALA C 256 -10.72 -7.36 22.39
C ALA C 256 -9.82 -8.08 21.40
N VAL C 257 -10.02 -7.82 20.11
CA VAL C 257 -9.18 -8.41 19.06
C VAL C 257 -7.72 -7.97 19.23
N ALA C 258 -7.50 -6.69 19.55
CA ALA C 258 -6.14 -6.19 19.80
C ALA C 258 -5.44 -6.84 20.99
N SER C 259 -6.22 -7.22 22.01
CA SER C 259 -5.65 -7.83 23.22
C SER C 259 -5.05 -9.21 22.92
N THR C 260 -5.84 -10.07 22.30
CA THR C 260 -5.36 -11.38 21.89
C THR C 260 -4.25 -11.25 20.83
N VAL C 261 -4.39 -10.27 19.93
CA VAL C 261 -3.35 -9.93 18.97
C VAL C 261 -2.04 -9.62 19.69
N MET C 262 -2.09 -8.75 20.70
CA MET C 262 -0.90 -8.35 21.44
C MET C 262 -0.33 -9.47 22.32
N TYR C 263 -1.21 -10.29 22.89
CA TYR C 263 -0.72 -11.46 23.62
C TYR C 263 0.09 -12.37 22.68
N ASP C 264 -0.45 -12.64 21.49
CA ASP C 264 0.22 -13.51 20.52
C ASP C 264 1.52 -12.88 20.01
N ALA C 265 1.48 -11.58 19.74
CA ALA C 265 2.64 -10.84 19.24
C ALA C 265 3.81 -10.93 20.21
N ASN C 266 3.53 -10.82 21.51
CA ASN C 266 4.54 -10.95 22.56
C ASN C 266 5.19 -12.34 22.62
N VAL C 267 4.35 -13.38 22.57
CA VAL C 267 4.82 -14.77 22.60
C VAL C 267 5.65 -15.10 21.34
N LEU C 268 5.09 -14.76 20.17
CA LEU C 268 5.74 -15.06 18.90
C LEU C 268 7.04 -14.30 18.72
N LEU C 269 7.06 -13.03 19.16
CA LEU C 269 8.28 -12.23 19.20
C LEU C 269 9.40 -12.93 19.99
N LEU C 270 9.11 -13.35 21.22
CA LEU C 270 10.11 -14.02 22.03
C LEU C 270 10.55 -15.33 21.38
N LEU C 271 9.60 -16.04 20.79
CA LEU C 271 9.87 -17.24 20.04
C LEU C 271 10.81 -16.98 18.87
N VAL C 272 10.55 -15.92 18.10
CA VAL C 272 11.43 -15.55 16.97
C VAL C 272 12.85 -15.18 17.45
N GLU C 273 12.95 -14.34 18.50
CA GLU C 273 14.26 -13.96 19.05
C GLU C 273 15.06 -15.18 19.48
N THR C 274 14.39 -16.10 20.18
CA THR C 274 15.01 -17.32 20.67
C THR C 274 15.49 -18.22 19.54
N LEU C 275 14.65 -18.39 18.52
CA LEU C 275 15.01 -19.24 17.38
C LEU C 275 16.18 -18.70 16.54
N CYS C 276 16.51 -17.41 16.67
CA CYS C 276 17.69 -16.86 16.00
C CYS C 276 18.96 -17.53 16.51
N GLY C 277 18.95 -17.88 17.80
CA GLY C 277 20.04 -18.64 18.40
C GLY C 277 20.12 -20.04 17.82
N MET C 278 18.96 -20.68 17.68
CA MET C 278 18.89 -22.01 17.09
C MET C 278 19.35 -21.96 15.63
N PHE C 279 18.99 -20.88 14.94
CA PHE C 279 19.48 -20.65 13.58
C PHE C 279 21.01 -20.56 13.57
N CYS C 280 21.58 -19.75 14.46
CA CYS C 280 23.04 -19.64 14.56
C CYS C 280 23.71 -21.00 14.75
N GLU C 281 23.15 -21.84 15.62
CA GLU C 281 23.68 -23.17 15.88
C GLU C 281 23.72 -24.05 14.62
N VAL C 282 22.60 -24.16 13.91
CA VAL C 282 22.57 -25.04 12.73
C VAL C 282 23.27 -24.48 11.49
N ILE C 283 23.36 -23.15 11.36
CA ILE C 283 23.93 -22.52 10.15
C ILE C 283 25.45 -22.40 10.23
N PHE C 284 26.01 -22.70 11.40
CA PHE C 284 27.45 -22.48 11.71
C PHE C 284 27.74 -20.97 11.72
N GLY C 285 26.93 -20.23 12.46
CA GLY C 285 27.15 -18.80 12.64
C GLY C 285 28.31 -18.51 13.59
N ARG C 286 28.71 -17.24 13.61
CA ARG C 286 29.66 -16.72 14.58
C ARG C 286 28.89 -15.95 15.65
N GLU C 287 28.95 -16.42 16.89
CA GLU C 287 28.10 -15.87 17.97
C GLU C 287 28.48 -14.47 18.41
N GLU C 288 29.60 -13.96 17.90
CA GLU C 288 30.09 -12.62 18.24
C GLU C 288 29.15 -11.49 17.79
N PHE C 289 28.21 -11.80 16.90
CA PHE C 289 27.22 -10.81 16.44
C PHE C 289 26.42 -10.22 17.61
N ALA C 290 26.36 -10.99 18.70
CA ALA C 290 25.55 -10.67 19.87
C ALA C 290 26.37 -10.13 21.05
N HIS C 291 27.67 -9.93 20.82
CA HIS C 291 28.59 -9.38 21.82
C HIS C 291 28.09 -8.05 22.35
N PRO C 292 28.01 -7.90 23.68
CA PRO C 292 27.41 -6.71 24.32
C PRO C 292 28.00 -5.35 23.95
N LEU C 293 29.29 -5.29 23.61
CA LEU C 293 29.90 -4.01 23.27
C LEU C 293 29.34 -3.43 21.96
N ILE C 294 29.06 -4.31 20.99
CA ILE C 294 28.48 -3.90 19.72
C ILE C 294 27.17 -3.14 19.94
N HIS C 295 26.38 -3.62 20.89
CA HIS C 295 25.05 -3.05 21.10
C HIS C 295 25.02 -1.97 22.16
N LYS C 296 26.05 -1.95 23.02
CA LYS C 296 26.22 -0.84 23.96
C LYS C 296 26.46 0.47 23.21
N VAL C 297 27.24 0.39 22.13
CA VAL C 297 27.56 1.58 21.32
C VAL C 297 26.47 1.95 20.29
N LYS C 298 25.42 1.13 20.20
CA LYS C 298 24.20 1.49 19.45
C LYS C 298 22.97 1.07 20.26
N PRO C 299 22.72 1.80 21.38
CA PRO C 299 21.89 1.29 22.47
C PRO C 299 20.36 1.43 22.33
N HIS C 300 19.79 0.99 21.22
CA HIS C 300 18.33 0.81 21.16
C HIS C 300 18.00 -0.32 22.13
N PRO C 301 17.06 -0.07 23.06
CA PRO C 301 16.76 -1.07 24.11
C PRO C 301 16.47 -2.47 23.56
N GLY C 302 15.69 -2.55 22.49
CA GLY C 302 15.39 -3.82 21.85
C GLY C 302 16.60 -4.47 21.21
N GLN C 303 17.59 -3.66 20.83
CA GLN C 303 18.84 -4.17 20.28
C GLN C 303 19.68 -4.81 21.40
N ILE C 304 19.86 -4.09 22.50
CA ILE C 304 20.61 -4.58 23.67
C ILE C 304 19.98 -5.85 24.23
N GLU C 305 18.66 -5.84 24.41
CA GLU C 305 17.94 -6.95 25.05
C GLU C 305 17.84 -8.24 24.24
N SER C 306 17.70 -8.14 22.93
CA SER C 306 17.66 -9.34 22.09
C SER C 306 19.04 -9.98 22.02
N ALA C 307 20.06 -9.14 21.89
CA ALA C 307 21.46 -9.60 21.85
C ALA C 307 21.89 -10.23 23.16
N GLU C 308 21.47 -9.60 24.28
CA GLU C 308 21.74 -10.12 25.61
C GLU C 308 21.16 -11.51 25.76
N LEU C 309 19.95 -11.71 25.23
CA LEU C 309 19.32 -13.02 25.21
C LEU C 309 20.13 -14.00 24.36
N LEU C 310 20.47 -13.56 23.14
CA LEU C 310 21.19 -14.40 22.18
C LEU C 310 22.60 -14.78 22.67
N GLU C 311 23.30 -13.86 23.31
CA GLU C 311 24.61 -14.14 23.90
C GLU C 311 24.50 -15.28 24.93
N TRP C 312 23.48 -15.19 25.77
CA TRP C 312 23.24 -16.15 26.84
C TRP C 312 22.88 -17.53 26.29
N LEU C 313 22.09 -17.54 25.21
CA LEU C 313 21.66 -18.80 24.59
C LEU C 313 22.82 -19.52 23.91
N LEU C 314 23.76 -18.76 23.36
CA LEU C 314 24.84 -19.34 22.58
C LEU C 314 26.13 -19.57 23.37
N ARG C 315 26.17 -19.07 24.61
CA ARG C 315 27.34 -19.24 25.48
C ARG C 315 27.47 -20.72 25.85
N SER C 316 28.66 -21.28 25.64
CA SER C 316 28.91 -22.71 25.90
C SER C 316 28.14 -23.67 24.98
N SER C 317 27.64 -23.15 23.86
CA SER C 317 26.98 -24.01 22.87
C SER C 317 27.96 -25.03 22.28
N PRO C 318 27.55 -26.32 22.25
CA PRO C 318 28.34 -27.36 21.59
C PRO C 318 28.33 -27.19 20.07
N PHE C 319 27.29 -26.57 19.53
CA PHE C 319 27.23 -26.32 18.09
C PHE C 319 28.19 -25.21 17.70
N GLN C 320 28.33 -24.20 18.55
CA GLN C 320 29.33 -23.15 18.34
C GLN C 320 30.77 -23.70 18.40
N GLU C 321 30.96 -24.81 19.11
CA GLU C 321 32.22 -25.55 19.09
C GLU C 321 32.50 -26.11 17.70
N LEU C 322 31.50 -26.79 17.13
CA LEU C 322 31.60 -27.33 15.77
C LEU C 322 31.82 -26.22 14.76
N SER C 323 31.14 -25.11 14.97
CA SER C 323 31.27 -23.94 14.10
C SER C 323 32.71 -23.45 14.07
N ARG C 324 33.28 -23.19 15.24
CA ARG C 324 34.67 -22.75 15.37
C ARG C 324 35.65 -23.74 14.71
N GLU C 325 35.39 -25.04 14.86
CA GLU C 325 36.22 -26.07 14.24
C GLU C 325 36.10 -26.02 12.72
N TYR C 326 34.90 -25.76 12.24
CA TYR C 326 34.62 -25.69 10.81
C TYR C 326 35.39 -24.56 10.15
N TYR C 327 35.39 -23.38 10.77
CA TYR C 327 36.07 -22.21 10.23
C TYR C 327 37.60 -22.23 10.42
N SER C 328 38.10 -23.17 11.22
CA SER C 328 39.55 -23.31 11.37
C SER C 328 40.14 -24.19 10.27
N ILE C 329 39.27 -24.86 9.51
CA ILE C 329 39.67 -25.72 8.39
C ILE C 329 39.46 -24.96 7.07
N ASP C 330 40.55 -24.77 6.31
CA ASP C 330 40.57 -23.91 5.12
C ASP C 330 40.02 -22.51 5.43
N LYS C 331 40.51 -21.92 6.53
CA LYS C 331 39.97 -20.65 7.05
C LYS C 331 39.87 -19.56 5.98
N LEU C 332 40.87 -19.51 5.11
CA LEU C 332 40.98 -18.45 4.13
C LEU C 332 40.16 -18.71 2.86
N LYS C 333 39.52 -19.89 2.81
CA LYS C 333 38.56 -20.21 1.74
C LYS C 333 37.11 -20.02 2.20
N LYS C 334 36.92 -19.62 3.46
CA LYS C 334 35.58 -19.52 4.05
C LYS C 334 35.22 -18.08 4.49
N PRO C 335 33.93 -17.72 4.44
CA PRO C 335 33.46 -16.39 4.84
C PRO C 335 33.95 -15.96 6.22
N LYS C 336 34.47 -14.74 6.30
CA LYS C 336 34.83 -14.13 7.59
C LYS C 336 33.61 -13.73 8.42
N GLN C 337 32.57 -13.26 7.74
CA GLN C 337 31.33 -12.84 8.40
C GLN C 337 30.13 -13.65 7.90
N ASP C 338 29.14 -13.81 8.77
CA ASP C 338 27.84 -14.38 8.40
C ASP C 338 27.07 -13.38 7.57
N ARG C 339 26.08 -13.88 6.83
CA ARG C 339 25.13 -13.03 6.10
C ARG C 339 24.20 -12.30 7.08
N TYR C 340 23.45 -11.33 6.58
CA TYR C 340 22.66 -10.43 7.43
C TYR C 340 21.61 -11.10 8.31
N ALA C 341 20.93 -12.12 7.77
CA ALA C 341 19.77 -12.72 8.44
C ALA C 341 20.05 -13.19 9.88
N LEU C 342 21.30 -13.56 10.14
CA LEU C 342 21.73 -13.82 11.51
C LEU C 342 22.46 -12.64 12.13
N ARG C 343 23.51 -12.18 11.46
CA ARG C 343 24.41 -11.18 12.03
C ARG C 343 23.71 -9.86 12.34
N SER C 344 22.71 -9.53 11.55
CA SER C 344 21.95 -8.28 11.69
C SER C 344 20.63 -8.46 12.46
N SER C 345 20.40 -9.64 13.01
CA SER C 345 19.14 -9.93 13.73
C SER C 345 18.87 -9.05 14.96
N PRO C 346 19.89 -8.77 15.82
CA PRO C 346 19.59 -7.89 16.95
C PRO C 346 19.21 -6.47 16.52
N GLN C 347 19.83 -5.96 15.45
CA GLN C 347 19.51 -4.63 14.93
C GLN C 347 18.11 -4.62 14.29
N TRP C 348 17.78 -5.70 13.59
CA TRP C 348 16.48 -5.86 12.94
C TRP C 348 15.35 -5.94 13.97
N LEU C 349 15.55 -6.79 14.97
CA LEU C 349 14.57 -7.05 16.03
C LEU C 349 14.27 -5.82 16.90
N ALA C 350 15.25 -4.93 17.04
CA ALA C 350 15.14 -3.78 17.96
C ALA C 350 13.84 -2.96 17.85
N PRO C 351 13.53 -2.40 16.66
CA PRO C 351 12.27 -1.67 16.55
C PRO C 351 11.03 -2.56 16.71
N LEU C 352 11.17 -3.84 16.41
CA LEU C 352 10.05 -4.77 16.43
C LEU C 352 9.68 -5.11 17.89
N VAL C 353 10.70 -5.37 18.70
CA VAL C 353 10.54 -5.51 20.14
C VAL C 353 9.84 -4.27 20.71
N GLN C 354 10.39 -3.10 20.38
CA GLN C 354 9.90 -1.84 20.94
C GLN C 354 8.46 -1.54 20.53
N THR C 355 8.12 -1.85 19.28
CA THR C 355 6.77 -1.64 18.76
C THR C 355 5.75 -2.54 19.47
N ILE C 356 6.07 -3.82 19.58
CA ILE C 356 5.21 -4.80 20.22
C ILE C 356 5.03 -4.50 21.72
N ARG C 357 6.10 -4.13 22.41
CA ARG C 357 6.01 -3.81 23.83
C ARG C 357 5.22 -2.52 24.09
N ASP C 358 5.45 -1.49 23.28
CA ASP C 358 4.73 -0.22 23.43
C ASP C 358 3.26 -0.32 23.06
N ALA C 359 2.96 -1.09 22.03
CA ALA C 359 1.56 -1.36 21.67
C ALA C 359 0.82 -2.10 22.78
N THR C 360 1.50 -3.01 23.48
CA THR C 360 0.89 -3.75 24.59
C THR C 360 0.41 -2.81 25.70
N THR C 361 1.25 -1.85 26.07
CA THR C 361 0.91 -0.81 27.04
C THR C 361 -0.33 -0.04 26.61
N THR C 362 -0.34 0.38 25.35
CA THR C 362 -1.43 1.16 24.78
C THR C 362 -2.75 0.38 24.77
N VAL C 363 -2.69 -0.88 24.36
CA VAL C 363 -3.88 -1.72 24.34
C VAL C 363 -4.41 -1.91 25.78
N GLU C 364 -3.53 -2.20 26.72
CA GLU C 364 -3.94 -2.40 28.12
C GLU C 364 -4.53 -1.14 28.74
N THR C 365 -3.98 0.02 28.39
CA THR C 365 -4.56 1.30 28.79
C THR C 365 -6.03 1.41 28.33
N GLU C 366 -6.29 1.02 27.08
CA GLU C 366 -7.64 0.98 26.51
C GLU C 366 -8.55 -0.04 27.20
N VAL C 367 -8.03 -1.25 27.45
CA VAL C 367 -8.76 -2.28 28.20
C VAL C 367 -9.27 -1.70 29.53
N ASN C 368 -8.36 -1.05 30.24
CA ASN C 368 -8.66 -0.49 31.54
C ASN C 368 -9.06 0.98 31.47
N SER C 369 -10.11 1.26 30.68
CA SER C 369 -10.59 2.62 30.49
C SER C 369 -12.11 2.67 30.42
N ALA C 370 -12.67 3.83 30.75
CA ALA C 370 -14.09 4.08 30.56
C ALA C 370 -14.31 4.58 29.13
N ASN C 371 -14.38 3.65 28.18
CA ASN C 371 -14.72 3.97 26.81
C ASN C 371 -16.24 4.04 26.68
N ASP C 372 -16.74 5.27 26.76
CA ASP C 372 -18.17 5.56 26.79
C ASP C 372 -18.33 7.07 26.69
N ASN C 373 -19.55 7.51 26.40
CA ASN C 373 -19.90 8.92 26.30
C ASN C 373 -21.42 9.08 26.41
N PRO C 374 -21.90 10.10 27.16
CA PRO C 374 -21.18 11.05 28.01
C PRO C 374 -20.52 10.41 29.23
N ILE C 375 -19.56 11.14 29.80
CA ILE C 375 -18.87 10.73 31.03
C ILE C 375 -19.62 11.35 32.20
N ILE C 376 -20.26 10.51 33.01
CA ILE C 376 -21.06 10.99 34.14
C ILE C 376 -20.18 11.30 35.35
N ASP C 377 -20.09 12.59 35.66
CA ASP C 377 -19.35 13.07 36.82
C ASP C 377 -20.36 13.33 37.93
N HIS C 378 -20.96 12.26 38.45
CA HIS C 378 -22.04 12.38 39.45
C HIS C 378 -21.63 13.08 40.76
N ALA C 379 -20.33 13.05 41.08
CA ALA C 379 -19.81 13.72 42.27
C ALA C 379 -19.92 15.24 42.15
N ASN C 380 -19.69 15.74 40.94
CA ASN C 380 -19.78 17.17 40.65
C ASN C 380 -21.05 17.53 39.87
N ASP C 381 -22.02 16.63 39.92
CA ASP C 381 -23.37 16.86 39.38
C ASP C 381 -23.39 17.27 37.90
N ARG C 382 -22.57 16.60 37.10
CA ARG C 382 -22.34 17.00 35.71
C ARG C 382 -22.19 15.81 34.77
N ALA C 383 -22.75 15.95 33.56
CA ALA C 383 -22.47 15.01 32.49
C ALA C 383 -21.51 15.67 31.51
N LEU C 384 -20.37 15.03 31.28
CA LEU C 384 -19.30 15.58 30.43
C LEU C 384 -19.29 14.95 29.03
N HIS C 385 -19.22 15.81 28.01
CA HIS C 385 -19.37 15.41 26.62
C HIS C 385 -18.03 15.38 25.90
N GLY C 386 -17.61 14.18 25.51
CA GLY C 386 -16.31 13.97 24.88
C GLY C 386 -16.36 12.84 23.87
N ALA C 387 -15.29 12.07 23.79
CA ALA C 387 -15.19 11.05 22.72
C ALA C 387 -14.35 9.83 23.06
N ASN C 388 -14.55 9.26 24.25
CA ASN C 388 -13.80 8.07 24.67
C ASN C 388 -14.11 6.78 23.87
N PHE C 389 -15.15 6.85 23.04
CA PHE C 389 -15.51 5.75 22.13
C PHE C 389 -14.53 5.63 20.95
N GLN C 390 -13.70 6.66 20.77
CA GLN C 390 -12.77 6.75 19.64
C GLN C 390 -11.58 5.82 19.84
N GLY C 391 -11.47 4.77 19.02
CA GLY C 391 -10.43 3.76 19.20
C GLY C 391 -9.10 4.03 18.50
N SER C 392 -8.77 5.31 18.33
CA SER C 392 -7.59 5.71 17.55
C SER C 392 -6.25 5.23 18.11
N ALA C 393 -6.11 5.20 19.44
CA ALA C 393 -4.90 4.68 20.06
C ALA C 393 -4.66 3.23 19.62
N VAL C 394 -5.71 2.41 19.65
CA VAL C 394 -5.61 1.01 19.26
C VAL C 394 -5.38 0.90 17.75
N GLY C 395 -6.15 1.66 16.98
CA GLY C 395 -6.06 1.65 15.52
C GLY C 395 -4.67 1.88 14.97
N PHE C 396 -4.07 3.00 15.35
CA PHE C 396 -2.74 3.37 14.89
C PHE C 396 -1.68 2.36 15.32
N TYR C 397 -1.76 1.90 16.56
CA TYR C 397 -0.81 0.91 17.04
C TYR C 397 -1.00 -0.46 16.38
N MET C 398 -2.23 -0.78 15.98
CA MET C 398 -2.47 -1.99 15.20
C MET C 398 -1.79 -1.95 13.81
N ASP C 399 -1.82 -0.79 13.16
CA ASP C 399 -1.05 -0.58 11.93
C ASP C 399 0.46 -0.77 12.14
N TYR C 400 0.99 -0.19 13.22
CA TYR C 400 2.42 -0.30 13.49
C TYR C 400 2.81 -1.75 13.75
N VAL C 401 2.05 -2.44 14.59
CA VAL C 401 2.33 -3.83 14.93
C VAL C 401 2.30 -4.74 13.70
N ARG C 402 1.37 -4.49 12.80
CA ARG C 402 1.31 -5.25 11.55
C ARG C 402 2.57 -5.07 10.69
N ILE C 403 3.14 -3.86 10.68
CA ILE C 403 4.41 -3.61 9.98
C ILE C 403 5.54 -4.37 10.68
N ALA C 404 5.56 -4.32 12.01
CA ALA C 404 6.56 -5.05 12.81
C ALA C 404 6.48 -6.56 12.60
N VAL C 405 5.26 -7.08 12.54
CA VAL C 405 5.02 -8.52 12.30
C VAL C 405 5.53 -8.93 10.92
N ALA C 406 5.31 -8.06 9.92
CA ALA C 406 5.83 -8.27 8.59
C ALA C 406 7.36 -8.29 8.64
N GLY C 407 7.94 -7.44 9.49
CA GLY C 407 9.39 -7.39 9.68
C GLY C 407 9.94 -8.67 10.28
N LEU C 408 9.22 -9.24 11.25
CA LEU C 408 9.55 -10.55 11.81
C LEU C 408 9.48 -11.66 10.77
N GLY C 409 8.43 -11.62 9.94
CA GLY C 409 8.28 -12.57 8.84
C GLY C 409 9.39 -12.52 7.81
N LYS C 410 9.83 -11.31 7.46
CA LYS C 410 10.95 -11.14 6.52
C LYS C 410 12.24 -11.72 7.08
N LEU C 411 12.48 -11.51 8.37
CA LEU C 411 13.62 -12.09 9.08
C LEU C 411 13.60 -13.62 8.96
N LEU C 412 12.44 -14.21 9.21
CA LEU C 412 12.28 -15.66 9.12
C LEU C 412 12.46 -16.13 7.68
N PHE C 413 11.90 -15.39 6.73
CA PHE C 413 12.04 -15.76 5.33
C PHE C 413 13.51 -15.81 4.90
N ALA C 414 14.29 -14.82 5.35
CA ALA C 414 15.70 -14.71 4.97
C ALA C 414 16.51 -15.83 5.60
N GLN C 415 16.29 -16.07 6.89
CA GLN C 415 16.93 -17.21 7.55
C GLN C 415 16.60 -18.53 6.84
N PHE C 416 15.32 -18.75 6.58
CA PHE C 416 14.87 -19.99 5.94
C PHE C 416 15.52 -20.17 4.56
N THR C 417 15.56 -19.08 3.79
CA THR C 417 16.17 -19.07 2.47
C THR C 417 17.65 -19.50 2.51
N GLU C 418 18.41 -18.96 3.46
CA GLU C 418 19.83 -19.28 3.59
C GLU C 418 19.98 -20.77 3.85
N LEU C 419 19.14 -21.27 4.76
CA LEU C 419 19.17 -22.65 5.20
C LEU C 419 18.95 -23.66 4.07
N MET C 420 18.22 -23.26 3.01
CA MET C 420 17.88 -24.15 1.90
C MET C 420 18.94 -24.21 0.79
N ILE C 421 19.93 -23.31 0.84
CA ILE C 421 20.86 -23.18 -0.27
C ILE C 421 22.26 -23.59 0.16
N GLU C 422 22.77 -24.65 -0.47
CA GLU C 422 24.07 -25.22 -0.12
C GLU C 422 25.22 -24.19 -0.14
N TYR C 423 25.11 -23.17 -1.00
CA TYR C 423 26.11 -22.11 -1.11
C TYR C 423 26.17 -21.22 0.14
N TYR C 424 25.08 -21.19 0.90
CA TYR C 424 24.96 -20.31 2.06
C TYR C 424 24.82 -21.05 3.40
N SER C 425 24.77 -22.38 3.38
CA SER C 425 24.45 -23.16 4.58
C SER C 425 25.63 -23.85 5.28
N ASN C 426 26.83 -23.62 4.74
CA ASN C 426 28.08 -24.06 5.36
C ASN C 426 28.20 -25.57 5.62
N GLY C 427 27.87 -26.37 4.61
CA GLY C 427 27.97 -27.82 4.71
C GLY C 427 26.66 -28.57 4.54
N LEU C 428 25.53 -27.91 4.82
CA LEU C 428 24.24 -28.58 4.75
C LEU C 428 23.83 -28.87 3.30
N PRO C 429 23.05 -29.95 3.08
CA PRO C 429 22.59 -30.22 1.72
C PRO C 429 21.52 -29.21 1.29
N GLY C 430 21.45 -28.96 -0.02
CA GLY C 430 20.41 -28.12 -0.60
C GLY C 430 19.04 -28.63 -0.21
N ASN C 431 18.13 -27.71 0.13
CA ASN C 431 16.77 -28.04 0.55
C ASN C 431 16.71 -28.91 1.81
N LEU C 432 17.84 -29.03 2.50
CA LEU C 432 18.00 -29.95 3.63
C LEU C 432 17.58 -31.39 3.30
N SER C 433 17.82 -31.81 2.05
CA SER C 433 17.51 -33.16 1.59
C SER C 433 18.52 -34.15 2.14
N LEU C 434 18.03 -35.15 2.87
CA LEU C 434 18.90 -36.20 3.38
C LEU C 434 19.43 -37.12 2.26
N GLY C 435 18.59 -37.43 1.28
CA GLY C 435 18.95 -38.41 0.28
C GLY C 435 19.18 -39.78 0.93
N PRO C 436 20.34 -40.41 0.67
CA PRO C 436 21.45 -39.96 -0.17
C PRO C 436 21.09 -39.72 -1.63
N ASP C 437 20.08 -40.42 -2.16
CA ASP C 437 19.67 -40.20 -3.54
C ASP C 437 18.85 -38.91 -3.65
N LEU C 438 19.48 -37.86 -4.16
CA LEU C 438 18.88 -36.53 -4.22
C LEU C 438 17.96 -36.37 -5.42
N SER C 439 18.10 -37.26 -6.40
CA SER C 439 17.23 -37.27 -7.58
C SER C 439 15.77 -37.60 -7.22
N VAL C 440 15.57 -38.27 -6.08
CA VAL C 440 14.22 -38.59 -5.60
C VAL C 440 13.97 -38.15 -4.15
N ASP C 441 14.68 -37.11 -3.72
CA ASP C 441 14.41 -36.48 -2.42
C ASP C 441 14.66 -34.98 -2.50
N TYR C 442 13.56 -34.23 -2.63
CA TYR C 442 13.64 -32.78 -2.77
C TYR C 442 13.48 -32.07 -1.44
N GLY C 443 13.58 -32.84 -0.37
CA GLY C 443 13.61 -32.33 1.01
C GLY C 443 12.50 -31.36 1.33
N LEU C 444 12.89 -30.17 1.80
CA LEU C 444 11.95 -29.17 2.30
C LEU C 444 11.64 -28.07 1.27
N LYS C 445 11.80 -28.40 -0.01
CA LYS C 445 11.55 -27.48 -1.13
C LYS C 445 10.10 -26.97 -1.14
N GLY C 446 9.15 -27.84 -0.82
CA GLY C 446 7.74 -27.46 -0.70
C GLY C 446 7.54 -26.39 0.38
N LEU C 447 8.16 -26.62 1.54
CA LEU C 447 8.11 -25.66 2.63
C LEU C 447 8.79 -24.33 2.27
N ASP C 448 9.83 -24.42 1.44
CA ASP C 448 10.56 -23.24 0.96
C ASP C 448 9.67 -22.37 0.07
N ILE C 449 9.04 -22.99 -0.92
CA ILE C 449 8.08 -22.30 -1.79
C ILE C 449 6.96 -21.64 -0.99
N ALA C 450 6.43 -22.37 0.00
CA ALA C 450 5.35 -21.88 0.85
C ALA C 450 5.79 -20.66 1.68
N MET C 451 7.03 -20.67 2.15
CA MET C 451 7.61 -19.56 2.91
C MET C 451 7.62 -18.24 2.14
N ALA C 452 7.91 -18.30 0.84
CA ALA C 452 7.78 -17.13 -0.04
C ALA C 452 6.33 -16.68 -0.19
N ALA C 453 5.40 -17.62 -0.32
CA ALA C 453 3.98 -17.32 -0.40
C ALA C 453 3.47 -16.69 0.88
N TYR C 454 3.96 -17.18 2.01
CA TYR C 454 3.56 -16.62 3.31
C TYR C 454 4.06 -15.18 3.45
N SER C 455 5.36 -14.98 3.23
CA SER C 455 6.00 -13.69 3.40
C SER C 455 5.40 -12.64 2.47
N SER C 456 5.10 -13.02 1.23
CA SER C 456 4.53 -12.11 0.24
C SER C 456 3.16 -11.58 0.65
N GLU C 457 2.26 -12.47 1.07
CA GLU C 457 0.94 -12.05 1.54
C GLU C 457 1.07 -11.19 2.79
N LEU C 458 1.94 -11.62 3.70
CA LEU C 458 2.20 -10.90 4.94
C LEU C 458 2.66 -9.45 4.70
N GLN C 459 3.55 -9.25 3.73
CA GLN C 459 4.03 -7.90 3.42
C GLN C 459 2.90 -7.04 2.86
N TYR C 460 2.09 -7.63 1.99
CA TYR C 460 0.88 -6.99 1.49
C TYR C 460 -0.05 -6.55 2.63
N LEU C 461 -0.31 -7.44 3.57
CA LEU C 461 -1.24 -7.17 4.68
C LEU C 461 -0.85 -5.94 5.50
N ALA C 462 0.44 -5.68 5.57
CA ALA C 462 1.02 -4.65 6.45
C ALA C 462 0.89 -3.21 5.98
N ASN C 463 0.24 -2.98 4.84
CA ASN C 463 -0.16 -1.61 4.50
C ASN C 463 -1.14 -1.09 5.56
N PRO C 464 -1.13 0.24 5.81
CA PRO C 464 -1.94 0.78 6.91
C PRO C 464 -3.43 0.78 6.61
N VAL C 465 -4.23 0.66 7.66
CA VAL C 465 -5.68 0.77 7.54
C VAL C 465 -6.11 2.20 7.86
N THR C 466 -5.38 2.86 8.76
CA THR C 466 -5.80 4.17 9.29
C THR C 466 -5.73 5.30 8.27
N THR C 467 -5.04 5.07 7.17
CA THR C 467 -4.96 6.04 6.08
C THR C 467 -6.25 6.05 5.25
N HIS C 468 -7.22 5.21 5.61
CA HIS C 468 -8.44 5.06 4.80
C HIS C 468 -9.71 5.59 5.45
N VAL C 469 -9.56 6.64 6.25
CA VAL C 469 -10.68 7.27 6.95
C VAL C 469 -11.63 7.98 5.98
N HIS C 470 -12.89 7.54 5.99
CA HIS C 470 -13.97 8.18 5.27
C HIS C 470 -14.75 9.11 6.21
N SER C 471 -15.34 10.17 5.65
CA SER C 471 -16.25 11.02 6.38
C SER C 471 -17.60 10.32 6.52
N ALA C 472 -17.91 9.85 7.73
CA ALA C 472 -18.98 8.88 7.95
C ALA C 472 -20.14 9.42 8.79
N GLU C 473 -21.27 8.71 8.74
CA GLU C 473 -22.46 8.99 9.57
C GLU C 473 -22.94 10.44 9.48
N GLN C 474 -23.45 10.81 8.30
CA GLN C 474 -23.87 12.20 8.01
C GLN C 474 -22.77 13.21 8.32
N HIS C 475 -21.53 12.82 8.02
CA HIS C 475 -20.33 13.63 8.28
C HIS C 475 -20.16 14.06 9.73
N ASN C 476 -20.84 13.38 10.66
CA ASN C 476 -20.62 13.61 12.08
C ASN C 476 -19.29 12.98 12.50
N GLN C 477 -19.06 11.76 12.03
CA GLN C 477 -17.83 11.02 12.30
C GLN C 477 -16.80 11.28 11.20
N ASP C 478 -16.30 12.51 11.14
CA ASP C 478 -15.38 12.90 10.07
C ASP C 478 -13.91 12.49 10.32
N ILE C 479 -13.64 11.99 11.53
CA ILE C 479 -12.49 11.14 11.81
C ILE C 479 -13.00 9.89 12.52
N ASN C 480 -12.42 8.73 12.20
CA ASN C 480 -12.79 7.47 12.84
C ASN C 480 -11.64 6.50 12.69
N SER C 481 -11.44 5.69 13.73
CA SER C 481 -10.17 5.00 13.94
C SER C 481 -9.96 3.77 13.08
N LEU C 482 -11.06 3.13 12.70
CA LEU C 482 -11.00 1.85 11.98
C LEU C 482 -10.22 0.78 12.75
N ALA C 483 -10.21 0.89 14.08
CA ALA C 483 -9.39 0.04 14.94
C ALA C 483 -9.67 -1.46 14.82
N LEU C 484 -10.96 -1.82 14.76
CA LEU C 484 -11.37 -3.23 14.59
C LEU C 484 -10.93 -3.81 13.25
N ILE C 485 -11.11 -3.05 12.18
CA ILE C 485 -10.61 -3.47 10.86
C ILE C 485 -9.09 -3.67 10.90
N SER C 486 -8.36 -2.71 11.47
CA SER C 486 -6.90 -2.84 11.56
C SER C 486 -6.45 -4.01 12.44
N ALA C 487 -7.13 -4.21 13.57
CA ALA C 487 -6.83 -5.33 14.47
C ALA C 487 -7.07 -6.68 13.81
N ARG C 488 -8.14 -6.78 13.01
CA ARG C 488 -8.43 -7.99 12.23
C ARG C 488 -7.31 -8.33 11.24
N LYS C 489 -6.73 -7.30 10.62
CA LYS C 489 -5.66 -7.52 9.64
C LYS C 489 -4.35 -7.89 10.33
N THR C 490 -4.11 -7.32 11.51
CA THR C 490 -2.93 -7.70 12.28
C THR C 490 -3.04 -9.14 12.77
N GLU C 491 -4.26 -9.54 13.15
CA GLU C 491 -4.54 -10.92 13.54
C GLU C 491 -4.24 -11.88 12.38
N GLU C 492 -4.68 -11.54 11.18
CA GLU C 492 -4.41 -12.33 9.98
C GLU C 492 -2.89 -12.43 9.71
N ALA C 493 -2.19 -11.30 9.85
CA ALA C 493 -0.73 -11.29 9.71
C ALA C 493 -0.06 -12.25 10.69
N LEU C 494 -0.57 -12.30 11.92
CA LEU C 494 -0.04 -13.19 12.95
C LEU C 494 -0.33 -14.66 12.66
N ASP C 495 -1.49 -14.94 12.05
CA ASP C 495 -1.80 -16.29 11.56
C ASP C 495 -0.72 -16.74 10.60
N ILE C 496 -0.34 -15.87 9.66
CA ILE C 496 0.74 -16.17 8.72
C ILE C 496 2.08 -16.32 9.44
N LEU C 497 2.37 -15.42 10.39
CA LEU C 497 3.61 -15.53 11.17
C LEU C 497 3.73 -16.89 11.85
N LYS C 498 2.61 -17.40 12.36
CA LYS C 498 2.58 -18.72 12.98
C LYS C 498 2.96 -19.84 12.01
N LEU C 499 2.50 -19.72 10.77
CA LEU C 499 2.87 -20.67 9.72
C LEU C 499 4.36 -20.63 9.45
N MET C 500 4.93 -19.43 9.43
CA MET C 500 6.34 -19.24 9.12
C MET C 500 7.24 -19.75 10.24
N ILE C 501 6.81 -19.51 11.48
CA ILE C 501 7.52 -20.02 12.66
C ILE C 501 7.48 -21.55 12.69
N ALA C 502 6.30 -22.12 12.45
CA ALA C 502 6.14 -23.57 12.39
C ALA C 502 7.09 -24.21 11.38
N SER C 503 7.13 -23.65 10.17
CA SER C 503 8.03 -24.15 9.11
C SER C 503 9.50 -23.99 9.48
N HIS C 504 9.85 -22.81 10.02
CA HIS C 504 11.23 -22.50 10.42
C HIS C 504 11.74 -23.46 11.49
N LEU C 505 10.94 -23.67 12.54
CA LEU C 505 11.34 -24.59 13.62
C LEU C 505 11.47 -26.04 13.11
N THR C 506 10.56 -26.47 12.25
CA THR C 506 10.65 -27.78 11.61
C THR C 506 11.95 -27.90 10.79
N ALA C 507 12.26 -26.89 10.00
CA ALA C 507 13.49 -26.88 9.19
C ALA C 507 14.74 -26.94 10.05
N MET C 508 14.74 -26.20 11.16
CA MET C 508 15.88 -26.22 12.06
C MET C 508 16.08 -27.54 12.80
N CYS C 509 14.97 -28.22 13.14
CA CYS C 509 15.09 -29.56 13.71
C CYS C 509 15.68 -30.53 12.69
N GLN C 510 15.27 -30.39 11.43
CA GLN C 510 15.88 -31.12 10.33
C GLN C 510 17.39 -30.85 10.27
N ALA C 511 17.78 -29.57 10.37
CA ALA C 511 19.19 -29.17 10.30
C ALA C 511 20.01 -29.71 11.47
N VAL C 512 19.42 -29.72 12.67
CA VAL C 512 20.04 -30.36 13.83
C VAL C 512 20.40 -31.81 13.47
N ASP C 513 19.42 -32.56 12.95
CA ASP C 513 19.63 -33.96 12.57
C ASP C 513 20.71 -34.12 11.51
N LEU C 514 20.71 -33.23 10.52
CA LEU C 514 21.72 -33.26 9.47
C LEU C 514 23.13 -32.93 10.01
N ARG C 515 23.23 -32.02 10.97
CA ARG C 515 24.50 -31.67 11.58
C ARG C 515 25.08 -32.77 12.46
N GLN C 516 24.20 -33.48 13.18
CA GLN C 516 24.62 -34.60 14.02
C GLN C 516 25.03 -35.80 13.19
N LEU C 517 24.24 -36.09 12.16
CA LEU C 517 24.61 -37.11 11.17
C LEU C 517 25.91 -36.74 10.43
N GLU C 518 26.10 -35.45 10.14
CA GLU C 518 27.30 -34.99 9.44
C GLU C 518 28.56 -35.26 10.25
N GLU C 519 28.52 -34.93 11.55
CA GLU C 519 29.64 -35.17 12.44
C GLU C 519 29.99 -36.66 12.47
N ALA C 520 28.96 -37.49 12.62
CA ALA C 520 29.11 -38.95 12.63
C ALA C 520 29.61 -39.51 11.28
N LEU C 521 29.18 -38.91 10.18
CA LEU C 521 29.61 -39.36 8.86
C LEU C 521 31.09 -39.06 8.60
N VAL C 522 31.52 -37.86 9.00
CA VAL C 522 32.91 -37.45 8.82
C VAL C 522 33.86 -38.36 9.62
N LYS C 523 33.48 -38.65 10.87
CA LYS C 523 34.28 -39.53 11.73
C LYS C 523 34.42 -40.94 11.14
N VAL C 524 33.38 -41.40 10.45
CA VAL C 524 33.41 -42.68 9.78
C VAL C 524 34.35 -42.67 8.57
N VAL C 525 34.27 -41.61 7.76
CA VAL C 525 35.16 -41.44 6.63
C VAL C 525 36.63 -41.38 7.08
N GLU C 526 36.89 -40.58 8.12
CA GLU C 526 38.22 -40.46 8.71
C GLU C 526 38.77 -41.81 9.16
N ASN C 527 37.93 -42.58 9.86
CA ASN C 527 38.33 -43.88 10.36
C ASN C 527 38.64 -44.86 9.23
N VAL C 528 37.75 -44.96 8.26
CA VAL C 528 37.95 -45.83 7.10
C VAL C 528 39.23 -45.47 6.35
N VAL C 529 39.43 -44.17 6.09
CA VAL C 529 40.62 -43.69 5.38
C VAL C 529 41.90 -43.98 6.16
N SER C 530 41.89 -43.68 7.46
CA SER C 530 43.04 -43.92 8.35
C SER C 530 43.41 -45.41 8.47
N THR C 531 42.41 -46.26 8.68
CA THR C 531 42.65 -47.70 8.82
C THR C 531 43.08 -48.34 7.48
N LEU C 532 42.56 -47.81 6.37
CA LEU C 532 42.95 -48.31 5.03
C LEU C 532 44.33 -47.83 4.61
N ALA C 533 44.71 -46.63 5.03
CA ALA C 533 46.06 -46.13 4.80
C ALA C 533 47.09 -47.06 5.45
N ASP C 534 46.75 -47.57 6.62
CA ASP C 534 47.59 -48.51 7.36
C ASP C 534 47.67 -49.87 6.68
N GLU C 535 46.51 -50.45 6.36
CA GLU C 535 46.42 -51.76 5.72
C GLU C 535 47.22 -51.83 4.42
N CYS C 536 47.26 -50.72 3.70
CA CYS C 536 47.92 -50.65 2.40
C CYS C 536 49.38 -50.19 2.54
N GLY C 537 49.79 -49.88 3.77
CA GLY C 537 51.16 -49.48 4.06
C GLY C 537 51.55 -48.20 3.34
N LEU C 538 50.69 -47.20 3.44
CA LEU C 538 50.95 -45.88 2.85
C LEU C 538 51.85 -45.08 3.79
N PRO C 539 52.81 -44.32 3.23
CA PRO C 539 53.68 -43.42 4.00
C PRO C 539 52.91 -42.42 4.86
N ASN C 540 53.61 -41.79 5.80
CA ASN C 540 53.00 -40.80 6.70
C ASN C 540 52.57 -39.52 5.97
N ASP C 541 53.33 -39.11 4.96
CA ASP C 541 52.98 -37.97 4.12
C ASP C 541 51.66 -38.22 3.39
N THR C 542 51.51 -39.42 2.85
CA THR C 542 50.29 -39.84 2.15
C THR C 542 49.10 -39.87 3.12
N LYS C 543 49.30 -40.52 4.27
CA LYS C 543 48.26 -40.68 5.30
C LYS C 543 47.70 -39.34 5.77
N ALA C 544 48.59 -38.36 5.99
CA ALA C 544 48.19 -37.03 6.47
C ALA C 544 47.48 -36.18 5.42
N ARG C 545 47.84 -36.36 4.14
CA ARG C 545 47.18 -35.64 3.05
C ARG C 545 45.77 -36.16 2.84
N LEU C 546 45.63 -37.49 2.85
CA LEU C 546 44.33 -38.13 2.65
C LEU C 546 43.36 -37.91 3.80
N LEU C 547 43.89 -37.86 5.02
CA LEU C 547 43.07 -37.63 6.20
C LEU C 547 42.59 -36.18 6.30
N TYR C 548 43.39 -35.27 5.74
CA TYR C 548 43.01 -33.87 5.65
C TYR C 548 41.80 -33.69 4.72
N VAL C 549 41.83 -34.40 3.60
CA VAL C 549 40.73 -34.38 2.63
C VAL C 549 39.43 -34.90 3.28
N ALA C 550 39.56 -35.96 4.07
CA ALA C 550 38.44 -36.60 4.75
C ALA C 550 37.78 -35.67 5.76
N LYS C 551 38.57 -34.76 6.33
CA LYS C 551 38.08 -33.80 7.29
C LYS C 551 37.53 -32.52 6.62
N ALA C 552 38.16 -32.13 5.51
CA ALA C 552 37.90 -30.81 4.90
C ALA C 552 36.69 -30.78 3.97
N VAL C 553 36.46 -31.88 3.26
CA VAL C 553 35.40 -31.97 2.25
C VAL C 553 34.04 -32.10 2.92
N PRO C 554 33.07 -31.22 2.55
CA PRO C 554 31.71 -31.32 3.07
C PRO C 554 31.09 -32.67 2.70
N VAL C 555 30.73 -33.47 3.70
CA VAL C 555 30.24 -34.83 3.46
C VAL C 555 28.98 -34.89 2.57
N TYR C 556 28.12 -33.86 2.65
CA TYR C 556 26.88 -33.87 1.87
C TYR C 556 27.08 -33.64 0.37
N THR C 557 28.27 -33.18 -0.01
CA THR C 557 28.60 -33.07 -1.45
C THR C 557 28.90 -34.43 -2.12
N TYR C 558 29.14 -35.47 -1.33
CA TYR C 558 29.41 -36.80 -1.91
C TYR C 558 28.60 -37.96 -1.33
N LEU C 559 27.77 -37.67 -0.33
CA LEU C 559 26.94 -38.70 0.31
C LEU C 559 26.15 -39.55 -0.69
N GLU C 560 25.67 -38.93 -1.77
CA GLU C 560 24.88 -39.60 -2.82
C GLU C 560 25.58 -40.81 -3.45
N SER C 561 26.90 -40.71 -3.58
CA SER C 561 27.73 -41.79 -4.16
C SER C 561 29.17 -41.51 -3.76
N PRO C 562 29.57 -41.96 -2.56
CA PRO C 562 30.90 -41.62 -2.01
C PRO C 562 32.09 -41.98 -2.89
N CYS C 563 32.01 -43.09 -3.62
CA CYS C 563 33.11 -43.53 -4.49
C CYS C 563 32.99 -43.07 -5.96
N ASP C 564 32.08 -42.15 -6.23
CA ASP C 564 32.00 -41.51 -7.54
C ASP C 564 33.27 -40.67 -7.75
N PRO C 565 34.05 -40.98 -8.81
CA PRO C 565 35.31 -40.29 -9.08
C PRO C 565 35.15 -38.85 -9.53
N THR C 566 33.91 -38.44 -9.81
CA THR C 566 33.63 -37.05 -10.21
C THR C 566 33.08 -36.21 -9.06
N LEU C 567 32.97 -36.81 -7.87
CA LEU C 567 32.49 -36.12 -6.68
C LEU C 567 33.63 -35.74 -5.73
N PRO C 568 33.42 -34.72 -4.88
CA PRO C 568 34.53 -34.08 -4.16
C PRO C 568 35.44 -34.97 -3.29
N LEU C 569 34.93 -36.05 -2.68
CA LEU C 569 35.82 -36.91 -1.88
C LEU C 569 36.90 -37.56 -2.73
N LEU C 570 36.50 -38.27 -3.78
CA LEU C 570 37.46 -38.93 -4.65
C LEU C 570 38.36 -37.96 -5.43
N LEU C 571 37.79 -36.84 -5.88
CA LEU C 571 38.58 -35.78 -6.53
C LEU C 571 39.71 -35.32 -5.62
N GLY C 572 39.37 -35.04 -4.35
CA GLY C 572 40.35 -34.60 -3.37
C GLY C 572 41.43 -35.63 -3.07
N LEU C 573 41.02 -36.89 -3.02
CA LEU C 573 41.94 -38.00 -2.74
C LEU C 573 42.89 -38.25 -3.92
N LYS C 574 42.35 -38.18 -5.13
CA LYS C 574 43.14 -38.30 -6.37
C LYS C 574 44.17 -37.18 -6.49
N GLN C 575 43.76 -35.95 -6.13
CA GLN C 575 44.65 -34.79 -6.12
C GLN C 575 45.80 -34.98 -5.14
N SER C 576 45.48 -35.41 -3.92
CA SER C 576 46.48 -35.67 -2.90
C SER C 576 47.41 -36.84 -3.25
N CYS C 577 46.88 -37.82 -3.98
CA CYS C 577 47.67 -38.97 -4.44
C CYS C 577 48.71 -38.57 -5.47
N PHE C 578 48.35 -37.66 -6.39
CA PHE C 578 49.33 -37.12 -7.32
C PHE C 578 50.38 -36.30 -6.57
N ASP C 579 49.94 -35.51 -5.59
CA ASP C 579 50.84 -34.70 -4.77
C ASP C 579 51.82 -35.52 -3.93
N THR C 580 51.38 -36.69 -3.47
CA THR C 580 52.25 -37.57 -2.68
C THR C 580 53.28 -38.27 -3.58
N ILE C 581 52.85 -38.71 -4.76
CA ILE C 581 53.76 -39.31 -5.74
C ILE C 581 54.87 -38.32 -6.10
N LEU C 582 54.49 -37.06 -6.36
CA LEU C 582 55.45 -36.03 -6.72
C LEU C 582 56.42 -35.68 -5.58
N ALA C 583 55.92 -35.66 -4.34
CA ALA C 583 56.73 -35.30 -3.18
C ALA C 583 57.67 -36.42 -2.71
N LEU C 584 57.29 -37.68 -2.95
CA LEU C 584 58.09 -38.82 -2.50
C LEU C 584 58.95 -39.45 -3.61
N HIS C 585 58.90 -38.84 -4.79
CA HIS C 585 59.63 -39.33 -5.97
C HIS C 585 61.13 -39.09 -5.85
N LYS C 586 61.90 -40.16 -5.98
CA LYS C 586 63.37 -40.14 -5.86
C LYS C 586 63.86 -40.06 -4.40
N LYS C 587 63.02 -40.49 -3.47
CA LYS C 587 63.34 -40.48 -2.04
C LYS C 587 62.91 -41.77 -1.35
N GLU C 591 60.35 -45.89 -3.65
CA GLU C 591 60.09 -46.74 -4.81
C GLU C 591 58.69 -46.46 -5.38
N THR C 592 58.67 -45.80 -6.53
CA THR C 592 57.43 -45.29 -7.14
C THR C 592 56.43 -46.38 -7.54
N ASP C 593 56.90 -47.44 -8.20
CA ASP C 593 56.02 -48.51 -8.67
C ASP C 593 55.23 -49.21 -7.56
N THR C 594 55.87 -49.40 -6.40
CA THR C 594 55.22 -50.04 -5.25
C THR C 594 54.21 -49.08 -4.60
N LEU C 595 54.57 -47.80 -4.54
CA LEU C 595 53.66 -46.76 -4.02
C LEU C 595 52.36 -46.71 -4.80
N VAL C 596 52.46 -46.70 -6.13
CA VAL C 596 51.29 -46.72 -7.02
C VAL C 596 50.45 -47.97 -6.80
N ASP C 597 51.13 -49.12 -6.67
CA ASP C 597 50.47 -50.41 -6.36
C ASP C 597 49.61 -50.28 -5.11
N ARG C 598 50.18 -49.67 -4.08
CA ARG C 598 49.52 -49.51 -2.79
C ARG C 598 48.41 -48.46 -2.82
N LEU C 599 48.60 -47.41 -3.63
CA LEU C 599 47.57 -46.38 -3.82
C LEU C 599 46.38 -46.90 -4.63
N ALA C 600 46.66 -47.77 -5.60
CA ALA C 600 45.61 -48.44 -6.39
C ALA C 600 44.80 -49.39 -5.53
N GLU C 601 45.50 -50.08 -4.62
CA GLU C 601 44.86 -50.99 -3.67
C GLU C 601 43.99 -50.21 -2.68
N PHE C 602 44.50 -49.07 -2.21
CA PHE C 602 43.75 -48.15 -1.35
C PHE C 602 42.39 -47.79 -1.96
N GLU C 603 42.40 -47.38 -3.23
CA GLU C 603 41.17 -47.03 -3.94
C GLU C 603 40.19 -48.20 -4.04
N LYS C 604 40.71 -49.40 -4.30
CA LYS C 604 39.87 -50.59 -4.48
C LYS C 604 39.26 -51.08 -3.16
N ARG C 605 40.03 -50.99 -2.08
CA ARG C 605 39.54 -51.30 -0.73
C ARG C 605 38.48 -50.29 -0.30
N LEU C 606 38.70 -49.02 -0.64
CA LEU C 606 37.75 -47.95 -0.37
C LEU C 606 36.44 -48.20 -1.12
N SER C 607 36.57 -48.71 -2.34
CA SER C 607 35.44 -49.03 -3.20
C SER C 607 34.60 -50.20 -2.66
N ASP C 608 35.24 -51.07 -1.87
CA ASP C 608 34.54 -52.23 -1.32
C ASP C 608 33.96 -51.99 0.07
N ARG C 609 34.47 -50.98 0.79
CA ARG C 609 34.10 -50.81 2.20
C ARG C 609 33.51 -49.47 2.67
N LEU C 610 33.92 -48.36 2.03
CA LEU C 610 33.52 -47.02 2.49
C LEU C 610 32.01 -46.76 2.47
N GLU C 611 31.36 -47.06 1.35
CA GLU C 611 29.92 -46.89 1.23
C GLU C 611 29.13 -47.59 2.33
N ASN C 612 29.46 -48.87 2.55
CA ASN C 612 28.80 -49.68 3.57
C ASN C 612 28.87 -49.08 4.98
N GLU C 613 30.04 -48.56 5.32
CA GLU C 613 30.27 -47.95 6.63
C GLU C 613 29.47 -46.65 6.79
N MET C 614 29.38 -45.89 5.71
CA MET C 614 28.62 -44.63 5.70
C MET C 614 27.12 -44.91 5.75
N THR C 615 26.67 -45.90 4.99
CA THR C 615 25.28 -46.35 4.98
C THR C 615 24.86 -46.81 6.39
N ALA C 616 25.68 -47.67 7.00
CA ALA C 616 25.37 -48.23 8.32
C ALA C 616 25.17 -47.18 9.41
N VAL C 617 26.00 -46.15 9.41
CA VAL C 617 25.91 -45.06 10.39
C VAL C 617 24.63 -44.24 10.17
N ARG C 618 24.29 -44.02 8.90
CA ARG C 618 23.06 -43.30 8.54
C ARG C 618 21.80 -44.10 8.87
N VAL C 619 21.80 -45.39 8.57
CA VAL C 619 20.68 -46.27 8.90
C VAL C 619 20.49 -46.36 10.41
N LEU C 620 21.62 -46.39 11.15
CA LEU C 620 21.57 -46.37 12.60
C LEU C 620 20.96 -45.08 13.11
N TYR C 621 21.43 -43.94 12.59
CA TYR C 621 20.91 -42.63 13.01
C TYR C 621 19.41 -42.51 12.74
N GLU C 622 18.97 -43.03 11.59
CA GLU C 622 17.55 -43.00 11.23
C GLU C 622 16.68 -43.86 12.14
N LYS C 623 17.21 -45.01 12.59
CA LYS C 623 16.52 -45.88 13.53
C LYS C 623 16.31 -45.12 14.85
N LYS C 624 17.37 -44.44 15.28
CA LYS C 624 17.38 -43.40 16.33
C LYS C 624 18.49 -43.66 17.33
N VAL C 636 25.85 -36.85 21.81
CA VAL C 636 25.04 -36.14 20.80
C VAL C 636 24.93 -34.64 21.11
N ARG C 637 25.10 -33.83 20.07
CA ARG C 637 25.34 -32.39 20.17
C ARG C 637 24.18 -31.56 20.77
N ILE C 638 22.95 -31.89 20.40
CA ILE C 638 21.78 -31.16 20.88
C ILE C 638 21.61 -31.28 22.40
N GLN C 639 22.05 -32.41 22.96
CA GLN C 639 21.94 -32.68 24.41
C GLN C 639 22.62 -31.63 25.30
N GLY C 640 23.62 -30.93 24.77
CA GLY C 640 24.28 -29.84 25.50
C GLY C 640 23.83 -28.43 25.08
N SER C 641 22.89 -28.36 24.15
CA SER C 641 22.39 -27.10 23.61
C SER C 641 21.17 -26.58 24.37
N LYS C 642 21.08 -25.27 24.53
CA LYS C 642 19.90 -24.65 25.15
C LYS C 642 18.61 -24.85 24.34
N PHE C 643 18.74 -25.36 23.12
CA PHE C 643 17.59 -25.60 22.24
C PHE C 643 17.10 -27.04 22.28
N LEU C 644 17.69 -27.85 23.15
CA LEU C 644 17.23 -29.22 23.39
C LEU C 644 15.72 -29.34 23.67
N PRO C 645 15.16 -28.47 24.55
CA PRO C 645 13.70 -28.54 24.79
C PRO C 645 12.87 -28.42 23.50
N PHE C 646 13.30 -27.56 22.57
CA PHE C 646 12.63 -27.41 21.27
C PHE C 646 12.78 -28.65 20.39
N TYR C 647 14.01 -29.17 20.31
CA TYR C 647 14.27 -30.38 19.57
C TYR C 647 13.51 -31.58 20.16
N ARG C 648 13.59 -31.78 21.48
CA ARG C 648 12.86 -32.86 22.15
C ARG C 648 11.37 -32.72 21.89
N PHE C 649 10.85 -31.51 22.05
CA PHE C 649 9.43 -31.25 21.88
C PHE C 649 8.96 -31.71 20.48
N VAL C 650 9.62 -31.21 19.45
CA VAL C 650 9.26 -31.55 18.06
C VAL C 650 9.48 -33.03 17.74
N ARG C 651 10.62 -33.58 18.16
CA ARG C 651 10.95 -34.96 17.86
C ARG C 651 10.18 -35.96 18.73
N GLU C 652 10.29 -35.83 20.05
CA GLU C 652 9.73 -36.82 20.98
C GLU C 652 8.24 -36.59 21.31
N GLU C 653 7.90 -35.41 21.81
CA GLU C 653 6.52 -35.13 22.24
C GLU C 653 5.54 -35.08 21.06
N LEU C 654 5.97 -34.51 19.93
CA LEU C 654 5.12 -34.45 18.73
C LEU C 654 5.27 -35.68 17.82
N ASP C 655 6.24 -36.52 18.13
CA ASP C 655 6.51 -37.76 17.37
C ASP C 655 6.85 -37.51 15.91
N THR C 656 8.03 -36.95 15.67
CA THR C 656 8.54 -36.76 14.32
C THR C 656 9.95 -37.34 14.17
N GLY C 657 10.51 -37.23 12.97
CA GLY C 657 11.86 -37.70 12.69
C GLY C 657 12.47 -36.95 11.53
N VAL C 658 13.77 -37.15 11.33
CA VAL C 658 14.49 -36.55 10.21
C VAL C 658 13.74 -36.85 8.91
N MET C 659 13.51 -35.83 8.10
CA MET C 659 12.71 -35.98 6.87
C MET C 659 13.51 -36.61 5.74
N SER C 660 12.87 -37.53 5.01
CA SER C 660 13.49 -38.27 3.90
C SER C 660 12.45 -39.04 3.11
N ALA C 661 12.90 -39.71 2.04
CA ALA C 661 12.03 -40.56 1.20
C ALA C 661 11.63 -41.86 1.89
N ARG C 662 12.30 -42.18 3.00
CA ARG C 662 12.02 -43.37 3.78
C ARG C 662 11.02 -43.09 4.93
N ARG C 663 10.71 -41.82 5.14
CA ARG C 663 9.71 -41.44 6.14
C ARG C 663 8.40 -41.11 5.42
N GLU C 664 7.36 -41.89 5.70
CA GLU C 664 6.10 -41.79 4.96
C GLU C 664 5.29 -40.54 5.29
N GLN C 665 5.52 -39.95 6.46
CA GLN C 665 4.87 -38.69 6.85
C GLN C 665 5.24 -37.56 5.89
N THR C 666 4.21 -36.86 5.39
CA THR C 666 4.40 -35.71 4.51
C THR C 666 4.90 -34.48 5.28
N PRO C 667 5.50 -33.50 4.57
CA PRO C 667 5.87 -32.25 5.24
C PRO C 667 4.68 -31.61 5.95
N GLN C 668 3.49 -31.69 5.34
CA GLN C 668 2.25 -31.21 5.96
C GLN C 668 2.07 -31.77 7.36
N GLU C 669 2.18 -33.09 7.49
CA GLU C 669 1.88 -33.78 8.75
C GLU C 669 2.82 -33.38 9.86
N ASP C 670 4.10 -33.17 9.52
CA ASP C 670 5.11 -32.69 10.46
C ASP C 670 4.87 -31.24 10.91
N VAL C 671 4.68 -30.34 9.94
CA VAL C 671 4.51 -28.92 10.23
C VAL C 671 3.17 -28.62 10.93
N GLN C 672 2.11 -29.30 10.51
CA GLN C 672 0.80 -29.19 11.16
C GLN C 672 0.90 -29.41 12.67
N LYS C 673 1.67 -30.42 13.07
CA LYS C 673 1.87 -30.73 14.49
C LYS C 673 2.54 -29.57 15.24
N VAL C 674 3.58 -29.01 14.62
CA VAL C 674 4.30 -27.87 15.19
C VAL C 674 3.38 -26.64 15.24
N PHE C 675 2.64 -26.42 14.14
CA PHE C 675 1.75 -25.26 14.05
C PHE C 675 0.65 -25.31 15.12
N ASP C 676 0.01 -26.47 15.27
CA ASP C 676 -1.07 -26.65 16.25
C ASP C 676 -0.57 -26.36 17.67
N ALA C 677 0.65 -26.77 17.95
CA ALA C 677 1.29 -26.53 19.25
C ALA C 677 1.65 -25.07 19.48
N ILE C 678 1.88 -24.34 18.39
CA ILE C 678 2.11 -22.89 18.48
C ILE C 678 0.76 -22.19 18.66
N ALA C 679 -0.23 -22.61 17.89
CA ALA C 679 -1.57 -22.04 17.94
C ALA C 679 -2.24 -22.20 19.31
N ASP C 680 -2.02 -23.35 19.97
CA ASP C 680 -2.71 -23.62 21.24
C ASP C 680 -1.87 -23.34 22.51
N GLY C 681 -0.62 -22.91 22.33
CA GLY C 681 0.21 -22.46 23.46
C GLY C 681 1.12 -23.50 24.09
N ARG C 682 1.03 -24.74 23.63
CA ARG C 682 1.93 -25.80 24.09
C ARG C 682 3.40 -25.46 23.80
N ILE C 683 3.64 -24.68 22.75
CA ILE C 683 4.99 -24.26 22.38
C ILE C 683 5.70 -23.46 23.49
N THR C 684 4.93 -22.89 24.42
CA THR C 684 5.50 -22.12 25.52
C THR C 684 6.21 -22.99 26.57
N VAL C 685 5.91 -24.28 26.59
CA VAL C 685 6.57 -25.20 27.52
C VAL C 685 8.08 -25.37 27.18
N PRO C 686 8.41 -25.78 25.93
CA PRO C 686 9.84 -25.81 25.58
C PRO C 686 10.50 -24.42 25.61
N LEU C 687 9.73 -23.37 25.29
CA LEU C 687 10.22 -22.00 25.36
C LEU C 687 10.68 -21.59 26.76
N LEU C 688 9.81 -21.79 27.76
CA LEU C 688 10.14 -21.48 29.15
C LEU C 688 11.25 -22.38 29.70
N HIS C 689 11.26 -23.64 29.27
CA HIS C 689 12.33 -24.58 29.64
C HIS C 689 13.66 -24.07 29.08
N CYS C 690 13.64 -23.63 27.83
CA CYS C 690 14.83 -23.12 27.16
C CYS C 690 15.42 -21.89 27.85
N LEU C 691 14.55 -21.01 28.36
CA LEU C 691 14.97 -19.75 28.97
C LEU C 691 15.15 -19.80 30.49
N GLN C 692 15.04 -21.00 31.07
CA GLN C 692 15.27 -21.21 32.50
C GLN C 692 16.62 -20.68 32.94
N GLY C 693 16.60 -19.77 33.92
CA GLY C 693 17.84 -19.23 34.49
C GLY C 693 18.33 -17.93 33.87
N PHE C 694 17.67 -17.47 32.81
CA PHE C 694 18.06 -16.22 32.15
C PHE C 694 17.69 -15.03 33.02
N LEU C 695 18.69 -14.22 33.35
CA LEU C 695 18.53 -13.04 34.23
C LEU C 695 17.85 -13.39 35.57
N GLY C 696 18.30 -14.48 36.18
CA GLY C 696 17.80 -14.92 37.48
C GLY C 696 16.44 -15.57 37.39
N SER D 29 5.44 17.02 30.66
CA SER D 29 4.61 17.04 29.44
C SER D 29 5.49 17.08 28.19
N HIS D 30 5.03 16.40 27.13
CA HIS D 30 5.69 16.48 25.82
C HIS D 30 5.72 17.91 25.28
N VAL D 31 4.69 18.69 25.63
CA VAL D 31 4.63 20.11 25.25
C VAL D 31 5.90 20.86 25.70
N LYS D 32 6.36 20.56 26.91
CA LYS D 32 7.60 21.15 27.44
C LYS D 32 8.84 20.62 26.72
N ASP D 33 8.82 19.33 26.37
CA ASP D 33 9.91 18.73 25.61
C ASP D 33 10.07 19.39 24.24
N ILE D 34 8.94 19.65 23.57
CA ILE D 34 8.94 20.27 22.26
C ILE D 34 9.36 21.74 22.33
N LEU D 35 8.90 22.46 23.36
CA LEU D 35 9.35 23.83 23.61
C LEU D 35 10.85 23.86 23.86
N GLY D 36 11.36 22.88 24.59
CA GLY D 36 12.80 22.70 24.80
C GLY D 36 13.60 22.48 23.53
N LEU D 37 13.05 21.69 22.60
CA LEU D 37 13.67 21.47 21.29
C LEU D 37 13.71 22.74 20.45
N ILE D 38 12.60 23.47 20.43
CA ILE D 38 12.52 24.75 19.71
C ILE D 38 13.57 25.76 20.22
N ASN D 39 13.64 25.91 21.54
CA ASN D 39 14.59 26.84 22.16
C ASN D 39 16.04 26.47 21.86
N ALA D 40 16.34 25.18 21.90
CA ALA D 40 17.68 24.67 21.62
C ALA D 40 18.08 24.90 20.16
N PHE D 41 17.10 24.76 19.26
CA PHE D 41 17.30 25.02 17.84
C PHE D 41 17.62 26.50 17.55
N ASN D 42 16.95 27.40 18.25
CA ASN D 42 17.16 28.84 18.10
C ASN D 42 18.46 29.35 18.73
N GLU D 43 18.87 28.70 19.82
CA GLU D 43 19.88 29.24 20.73
C GLU D 43 21.29 28.66 20.58
N VAL D 44 21.40 27.46 20.02
CA VAL D 44 22.70 26.80 19.91
C VAL D 44 23.61 27.57 18.94
N LYS D 45 24.87 27.72 19.33
CA LYS D 45 25.88 28.40 18.52
C LYS D 45 26.97 27.43 18.11
N LYS D 46 27.29 26.51 19.02
CA LYS D 46 28.30 25.48 18.78
C LYS D 46 27.77 24.11 19.13
N ILE D 47 27.91 23.16 18.21
CA ILE D 47 27.60 21.77 18.50
C ILE D 47 28.86 21.06 18.94
N THR D 48 28.85 20.60 20.20
CA THR D 48 29.97 19.89 20.78
C THR D 48 29.95 18.43 20.33
N VAL D 49 31.05 18.01 19.70
CA VAL D 49 31.22 16.64 19.23
C VAL D 49 32.43 16.04 19.97
N ASP D 50 32.16 15.13 20.90
CA ASP D 50 33.17 14.68 21.86
C ASP D 50 33.02 13.24 22.38
N GLY D 51 32.04 12.50 21.86
CA GLY D 51 31.81 11.12 22.29
C GLY D 51 31.00 10.91 23.56
N THR D 52 30.62 11.99 24.25
CA THR D 52 29.82 11.87 25.48
C THR D 52 28.59 12.77 25.45
N THR D 53 28.77 14.00 24.99
CA THR D 53 27.67 14.96 24.89
C THR D 53 26.71 14.52 23.79
N PRO D 54 25.43 14.31 24.15
CA PRO D 54 24.46 13.85 23.16
C PRO D 54 24.14 14.95 22.14
N ILE D 55 23.98 14.56 20.87
CA ILE D 55 23.45 15.45 19.85
C ILE D 55 21.94 15.18 19.73
N THR D 56 21.14 16.23 19.80
CA THR D 56 19.69 16.11 19.63
C THR D 56 19.28 16.38 18.18
N VAL D 57 18.01 16.18 17.87
CA VAL D 57 17.50 16.47 16.53
C VAL D 57 17.44 17.98 16.25
N ALA D 58 17.33 18.76 17.31
CA ALA D 58 17.38 20.22 17.21
C ALA D 58 18.77 20.70 16.82
N HIS D 59 19.81 20.03 17.34
CA HIS D 59 21.19 20.32 16.99
C HIS D 59 21.46 20.03 15.51
N VAL D 60 21.07 18.83 15.05
CA VAL D 60 21.24 18.46 13.64
C VAL D 60 20.51 19.46 12.73
N ALA D 61 19.24 19.72 13.04
CA ALA D 61 18.46 20.67 12.24
C ALA D 61 19.06 22.08 12.25
N ALA D 62 19.61 22.51 13.39
CA ALA D 62 20.24 23.84 13.48
C ALA D 62 21.49 23.94 12.61
N LEU D 63 22.31 22.90 12.66
CA LEU D 63 23.48 22.79 11.78
C LEU D 63 23.09 22.90 10.31
N ALA D 64 22.02 22.19 9.93
CA ALA D 64 21.60 22.10 8.54
C ALA D 64 21.06 23.43 8.02
N ARG D 65 20.37 24.17 8.88
CA ARG D 65 19.55 25.31 8.45
C ARG D 65 20.10 26.69 8.84
N ARG D 66 20.94 26.73 9.88
CA ARG D 66 21.55 27.97 10.35
C ARG D 66 23.07 27.86 10.16
N HIS D 67 23.61 28.56 9.17
CA HIS D 67 25.03 28.41 8.85
C HIS D 67 25.98 29.13 9.82
N ASP D 68 25.43 30.00 10.67
CA ASP D 68 26.17 30.54 11.80
C ASP D 68 26.49 29.47 12.85
N VAL D 69 25.72 28.37 12.86
CA VAL D 69 25.97 27.25 13.77
C VAL D 69 27.23 26.49 13.37
N LYS D 70 28.15 26.30 14.32
CA LYS D 70 29.45 25.68 14.05
C LYS D 70 29.65 24.38 14.81
N VAL D 71 30.52 23.53 14.27
CA VAL D 71 30.87 22.27 14.92
C VAL D 71 32.15 22.45 15.74
N ALA D 72 32.14 21.92 16.95
CA ALA D 72 33.32 21.93 17.80
C ALA D 72 33.74 20.51 18.17
N LEU D 73 34.75 20.02 17.46
CA LEU D 73 35.35 18.73 17.75
C LEU D 73 36.35 18.91 18.88
N GLU D 74 36.12 18.20 19.99
CA GLU D 74 36.92 18.39 21.20
C GLU D 74 38.01 17.33 21.33
N ALA D 75 39.26 17.78 21.19
CA ALA D 75 40.44 16.93 21.27
C ALA D 75 40.63 16.27 22.64
N GLU D 76 40.54 17.07 23.71
CA GLU D 76 40.75 16.57 25.07
C GLU D 76 39.83 15.40 25.40
N GLN D 77 38.60 15.46 24.92
CA GLN D 77 37.59 14.45 25.23
C GLN D 77 37.81 13.09 24.56
N CYS D 78 38.21 13.09 23.29
CA CYS D 78 38.16 11.86 22.49
C CYS D 78 39.32 11.59 21.52
N ARG D 79 40.25 12.53 21.37
CA ARG D 79 41.40 12.35 20.48
C ARG D 79 42.22 11.10 20.80
N ALA D 80 42.53 10.92 22.08
CA ALA D 80 43.35 9.79 22.55
C ALA D 80 42.72 8.44 22.18
N ARG D 81 41.41 8.33 22.42
CA ARG D 81 40.60 7.18 22.06
C ARG D 81 40.68 6.88 20.55
N VAL D 82 40.46 7.92 19.75
CA VAL D 82 40.51 7.82 18.28
C VAL D 82 41.88 7.36 17.76
N GLU D 83 42.94 7.98 18.28
CA GLU D 83 44.29 7.66 17.84
C GLU D 83 44.77 6.28 18.30
N THR D 84 44.36 5.88 19.51
CA THR D 84 44.65 4.54 20.01
C THR D 84 44.02 3.50 19.08
N CYS D 85 42.77 3.72 18.71
CA CYS D 85 42.02 2.80 17.85
C CYS D 85 42.62 2.76 16.45
N SER D 86 43.01 3.95 15.95
CA SER D 86 43.62 4.12 14.63
C SER D 86 44.94 3.35 14.49
N SER D 87 45.80 3.49 15.49
CA SER D 87 47.09 2.80 15.48
C SER D 87 46.92 1.30 15.70
N TRP D 88 45.94 0.91 16.52
CA TRP D 88 45.61 -0.50 16.70
C TRP D 88 45.28 -1.18 15.37
N VAL D 89 44.36 -0.58 14.62
CA VAL D 89 43.91 -1.11 13.32
C VAL D 89 45.08 -1.22 12.33
N GLN D 90 45.81 -0.11 12.15
CA GLN D 90 46.93 -0.07 11.21
C GLN D 90 48.00 -1.11 11.54
N ARG D 91 48.32 -1.27 12.82
CA ARG D 91 49.30 -2.25 13.28
C ARG D 91 48.85 -3.69 13.02
N LYS D 92 47.62 -4.01 13.43
CA LYS D 92 47.06 -5.36 13.29
C LYS D 92 46.92 -5.77 11.83
N ALA D 93 46.53 -4.82 10.99
CA ALA D 93 46.42 -5.05 9.56
C ALA D 93 47.79 -5.32 8.93
N GLU D 94 48.81 -4.59 9.37
CA GLU D 94 50.17 -4.77 8.84
C GLU D 94 50.78 -6.11 9.26
N ASP D 95 50.47 -6.56 10.47
CA ASP D 95 50.89 -7.89 10.94
C ASP D 95 50.03 -9.03 10.38
N GLY D 96 49.08 -8.70 9.49
CA GLY D 96 48.28 -9.70 8.80
C GLY D 96 47.19 -10.38 9.62
N ALA D 97 46.58 -9.66 10.55
CA ALA D 97 45.47 -10.19 11.33
C ALA D 97 44.24 -10.31 10.45
N ASP D 98 43.41 -11.32 10.74
CA ASP D 98 42.24 -11.59 9.92
C ASP D 98 41.03 -10.80 10.43
N ILE D 99 40.75 -9.67 9.77
CA ILE D 99 39.68 -8.75 10.18
C ILE D 99 38.85 -8.33 8.97
N TYR D 100 37.52 -8.42 9.09
CA TYR D 100 36.63 -8.10 7.97
C TYR D 100 36.87 -6.67 7.47
N GLY D 101 37.00 -6.55 6.15
CA GLY D 101 37.08 -5.24 5.50
C GLY D 101 38.34 -4.44 5.78
N VAL D 102 39.35 -5.09 6.34
CA VAL D 102 40.68 -4.48 6.51
C VAL D 102 41.76 -5.36 5.85
N THR D 103 41.63 -6.67 6.01
CA THR D 103 42.45 -7.63 5.28
C THR D 103 41.54 -8.62 4.56
N THR D 104 40.28 -8.22 4.39
CA THR D 104 39.22 -9.09 3.91
C THR D 104 38.38 -8.35 2.87
N GLY D 105 37.86 -9.09 1.89
CA GLY D 105 36.92 -8.53 0.90
C GLY D 105 35.60 -8.12 1.51
N PHE D 106 34.80 -7.38 0.76
CA PHE D 106 33.59 -6.75 1.30
C PHE D 106 32.31 -7.51 0.98
N GLY D 107 31.33 -7.38 1.88
CA GLY D 107 30.02 -7.99 1.72
C GLY D 107 30.12 -9.48 1.50
N ALA D 108 29.57 -9.93 0.38
CA ALA D 108 29.58 -11.34 0.01
C ALA D 108 30.98 -11.88 -0.35
N CYS D 109 31.94 -10.98 -0.57
CA CYS D 109 33.27 -11.36 -1.07
C CYS D 109 34.25 -11.63 0.06
N SER D 110 33.72 -11.58 2.02
CA SER D 110 34.54 -11.78 3.24
C SER D 110 35.48 -13.00 3.18
N SER D 111 35.29 -13.87 2.18
CA SER D 111 36.16 -15.05 2.00
C SER D 111 37.55 -14.70 1.51
N ARG D 112 37.65 -13.62 0.74
CA ARG D 112 38.89 -13.24 0.10
C ARG D 112 39.75 -12.41 1.03
N ARG D 113 41.00 -12.84 1.19
CA ARG D 113 41.97 -12.13 2.01
C ARG D 113 42.96 -11.38 1.12
N THR D 114 43.46 -10.27 1.64
CA THR D 114 44.51 -9.50 0.96
C THR D 114 45.39 -8.73 1.95
N ASN D 115 46.63 -8.49 1.55
CA ASN D 115 47.54 -7.62 2.29
C ASN D 115 47.73 -6.25 1.60
N ARG D 116 47.01 -6.03 0.50
CA ARG D 116 47.02 -4.76 -0.21
C ARG D 116 46.08 -3.80 0.54
N LEU D 117 46.54 -3.33 1.69
CA LEU D 117 45.70 -2.65 2.69
C LEU D 117 45.03 -1.38 2.18
N SER D 118 45.84 -0.50 1.60
CA SER D 118 45.36 0.78 1.10
C SER D 118 44.53 0.62 -0.18
N GLU D 119 44.95 -0.28 -1.06
CA GLU D 119 44.22 -0.49 -2.31
C GLU D 119 42.88 -1.23 -2.13
N LEU D 120 42.78 -2.01 -1.06
CA LEU D 120 41.51 -2.62 -0.68
C LEU D 120 40.46 -1.54 -0.36
N GLN D 121 40.87 -0.54 0.41
CA GLN D 121 40.03 0.59 0.79
C GLN D 121 39.71 1.48 -0.41
N GLU D 122 40.70 1.68 -1.28
CA GLU D 122 40.55 2.47 -2.49
C GLU D 122 39.54 1.83 -3.44
N SER D 123 39.60 0.51 -3.56
CA SER D 123 38.74 -0.23 -4.47
C SER D 123 37.26 -0.18 -4.05
N LEU D 124 37.02 -0.10 -2.75
CA LEU D 124 35.66 0.00 -2.19
C LEU D 124 34.99 1.31 -2.59
N ILE D 125 35.71 2.43 -2.44
CA ILE D 125 35.19 3.74 -2.81
C ILE D 125 34.89 3.81 -4.30
N ARG D 126 35.83 3.34 -5.13
CA ARG D 126 35.65 3.29 -6.58
C ARG D 126 34.36 2.54 -6.95
N CYS D 127 34.19 1.38 -6.34
CA CYS D 127 33.02 0.55 -6.59
C CYS D 127 31.70 1.20 -6.15
N LEU D 128 31.75 2.00 -5.08
CA LEU D 128 30.56 2.64 -4.52
C LEU D 128 30.16 3.98 -5.16
N LEU D 129 31.08 4.59 -5.90
CA LEU D 129 30.76 5.81 -6.65
C LEU D 129 29.96 5.42 -7.90
N ALA D 130 28.66 5.19 -7.67
CA ALA D 130 27.83 4.41 -8.57
C ALA D 130 26.40 4.95 -8.63
N GLY D 131 26.18 6.09 -7.99
CA GLY D 131 24.92 6.81 -8.10
C GLY D 131 24.83 7.55 -9.42
N VAL D 132 23.63 8.06 -9.71
CA VAL D 132 23.35 8.76 -10.95
C VAL D 132 22.54 10.01 -10.67
N PHE D 133 22.92 11.12 -11.30
CA PHE D 133 22.14 12.35 -11.20
C PHE D 133 21.03 12.32 -12.25
N THR D 134 19.79 12.24 -11.76
CA THR D 134 18.61 12.19 -12.62
C THR D 134 18.03 13.59 -12.81
N LYS D 135 17.58 13.87 -14.03
CA LYS D 135 17.20 15.21 -14.49
C LYS D 135 18.38 16.19 -14.41
N VAL D 141 18.68 19.27 -11.00
CA VAL D 141 18.83 17.81 -10.91
C VAL D 141 18.34 17.27 -9.57
N ASP D 142 18.00 15.98 -9.54
CA ASP D 142 17.68 15.30 -8.29
C ASP D 142 18.98 14.99 -7.56
N GLU D 143 18.98 15.23 -6.25
CA GLU D 143 20.15 15.00 -5.40
C GLU D 143 19.74 15.08 -3.94
N LEU D 144 20.52 14.47 -3.06
CA LEU D 144 20.40 14.77 -1.65
C LEU D 144 20.83 16.23 -1.52
N PRO D 145 20.01 17.08 -0.88
CA PRO D 145 20.40 18.48 -0.72
C PRO D 145 21.60 18.68 0.23
N ALA D 146 22.19 19.87 0.22
CA ALA D 146 23.31 20.21 1.08
C ALA D 146 22.95 20.05 2.57
N THR D 147 21.72 20.39 2.93
CA THR D 147 21.26 20.25 4.32
C THR D 147 21.37 18.81 4.81
N ALA D 148 20.95 17.87 3.97
CA ALA D 148 21.03 16.45 4.30
C ALA D 148 22.48 15.96 4.32
N THR D 149 23.28 16.43 3.35
CA THR D 149 24.68 16.00 3.19
C THR D 149 25.56 16.50 4.34
N ARG D 150 25.39 17.76 4.74
CA ARG D 150 26.14 18.30 5.87
C ARG D 150 25.72 17.65 7.20
N SER D 151 24.43 17.36 7.34
CA SER D 151 23.90 16.60 8.48
C SER D 151 24.53 15.22 8.60
N ALA D 152 24.62 14.52 7.47
CA ALA D 152 25.30 13.23 7.40
C ALA D 152 26.79 13.35 7.75
N MET D 153 27.44 14.43 7.32
CA MET D 153 28.86 14.65 7.65
C MET D 153 29.02 14.81 9.17
N LEU D 154 28.11 15.58 9.78
CA LEU D 154 28.06 15.72 11.24
C LEU D 154 27.91 14.38 11.94
N LEU D 155 26.92 13.59 11.49
CA LEU D 155 26.62 12.30 12.09
C LEU D 155 27.75 11.30 11.92
N ARG D 156 28.41 11.29 10.77
CA ARG D 156 29.56 10.41 10.57
C ARG D 156 30.72 10.81 11.46
N LEU D 157 30.95 12.12 11.59
CA LEU D 157 31.95 12.64 12.52
C LEU D 157 31.67 12.18 13.95
N ASN D 158 30.43 12.35 14.39
CA ASN D 158 30.01 11.95 15.74
C ASN D 158 30.24 10.45 16.00
N SER D 159 29.89 9.62 15.01
CA SER D 159 30.11 8.18 15.06
C SER D 159 31.57 7.83 15.35
N PHE D 160 32.47 8.56 14.71
CA PHE D 160 33.90 8.36 14.87
C PHE D 160 34.43 8.69 16.27
N THR D 161 33.70 9.52 17.02
CA THR D 161 34.17 9.98 18.34
C THR D 161 34.14 8.90 19.43
N TYR D 162 33.41 7.81 19.17
CA TYR D 162 33.31 6.71 20.12
C TYR D 162 34.54 5.81 20.09
N GLY D 163 35.42 6.03 19.12
CA GLY D 163 36.70 5.33 19.05
C GLY D 163 36.61 3.84 18.74
N CYS D 164 35.59 3.47 17.94
CA CYS D 164 35.41 2.08 17.51
C CYS D 164 35.73 1.89 16.02
N SER D 165 36.03 2.98 15.34
CA SER D 165 36.07 2.98 13.87
C SER D 165 37.44 2.78 13.23
N GLY D 166 38.51 3.23 13.90
CA GLY D 166 39.87 3.07 13.38
C GLY D 166 40.31 4.15 12.40
N ILE D 167 39.44 5.13 12.17
CA ILE D 167 39.74 6.29 11.32
C ILE D 167 40.79 7.20 12.00
N ARG D 168 41.62 7.87 11.20
CA ARG D 168 42.62 8.80 11.73
C ARG D 168 41.96 10.07 12.25
N TRP D 169 42.47 10.57 13.37
CA TRP D 169 42.02 11.85 13.92
C TRP D 169 42.04 12.97 12.86
N GLU D 170 43.10 13.00 12.04
CA GLU D 170 43.28 14.02 11.00
C GLU D 170 42.13 14.06 9.99
N VAL D 171 41.55 12.90 9.66
CA VAL D 171 40.37 12.83 8.79
C VAL D 171 39.16 13.50 9.46
N MET D 172 38.97 13.20 10.75
CA MET D 172 37.93 13.83 11.57
C MET D 172 38.06 15.37 11.62
N GLU D 173 39.30 15.86 11.73
CA GLU D 173 39.58 17.30 11.72
C GLU D 173 39.21 17.94 10.38
N ALA D 174 39.49 17.23 9.29
CA ALA D 174 39.08 17.66 7.95
C ALA D 174 37.55 17.73 7.82
N LEU D 175 36.86 16.75 8.40
CA LEU D 175 35.39 16.75 8.39
C LEU D 175 34.84 17.95 9.14
N GLU D 176 35.45 18.25 10.29
CA GLU D 176 35.09 19.43 11.06
C GLU D 176 35.31 20.70 10.26
N LYS D 177 36.45 20.79 9.58
CA LYS D 177 36.79 21.99 8.80
C LYS D 177 35.90 22.14 7.57
N LEU D 178 35.62 21.05 6.88
CA LEU D 178 34.68 21.06 5.74
C LEU D 178 33.28 21.47 6.19
N LEU D 179 32.85 20.96 7.35
CA LEU D 179 31.56 21.36 7.93
C LEU D 179 31.50 22.86 8.22
N ASN D 180 32.50 23.37 8.93
CA ASN D 180 32.54 24.80 9.26
C ASN D 180 32.81 25.73 8.07
N SER D 181 33.39 25.18 7.01
CA SER D 181 33.68 25.98 5.80
C SER D 181 32.55 25.92 4.77
N ASN D 182 31.49 25.17 5.09
CA ASN D 182 30.34 25.01 4.21
C ASN D 182 30.70 24.29 2.89
N VAL D 183 31.60 23.31 2.97
CA VAL D 183 31.99 22.49 1.82
C VAL D 183 31.38 21.08 1.93
N SER D 184 30.65 20.67 0.90
CA SER D 184 30.02 19.34 0.86
C SER D 184 29.87 18.86 -0.58
N PRO D 185 29.97 17.53 -0.80
CA PRO D 185 29.85 16.98 -2.14
C PRO D 185 28.41 16.97 -2.67
N LYS D 186 28.27 17.02 -4.00
CA LYS D 186 26.97 16.79 -4.65
C LYS D 186 26.70 15.28 -4.61
N VAL D 187 25.55 14.88 -4.09
CA VAL D 187 25.26 13.46 -3.85
C VAL D 187 23.97 12.99 -4.54
N PRO D 188 24.06 11.91 -5.35
CA PRO D 188 22.87 11.31 -5.95
C PRO D 188 21.80 10.93 -4.92
N LEU D 189 20.53 11.13 -5.30
CA LEU D 189 19.41 10.89 -4.41
C LEU D 189 19.28 9.42 -3.98
N ARG D 190 19.47 8.51 -4.94
CA ARG D 190 19.12 7.11 -4.77
C ARG D 190 20.30 6.17 -4.91
N GLY D 191 20.13 4.95 -4.39
CA GLY D 191 21.18 3.92 -4.43
C GLY D 191 21.40 3.21 -3.10
N SER D 192 20.94 3.82 -2.01
CA SER D 192 21.11 3.24 -0.68
C SER D 192 19.90 2.42 -0.23
N VAL D 193 20.20 1.25 0.37
CA VAL D 193 19.21 0.42 1.09
C VAL D 193 19.44 0.53 2.59
N SER D 194 20.38 1.39 2.98
CA SER D 194 20.64 1.74 4.40
C SER D 194 20.95 0.51 5.27
N1 MDO D 195 21.76 -0.28 4.69
CA1 MDO D 195 22.46 -1.32 5.44
C1 MDO D 195 23.99 -1.26 5.18
CB MDO D 195 21.89 -2.73 5.12
N2 MDO D 195 24.74 -2.31 4.80
CA2 MDO D 195 25.99 -1.88 4.71
C2 MDO D 195 26.01 -0.53 5.04
O2 MDO D 195 27.07 0.32 5.08
CB2 MDO D 195 27.21 -2.72 4.31
N3 MDO D 195 24.77 -0.18 5.32
CA3 MDO D 195 24.38 1.19 5.72
C3 MDO D 195 24.40 2.11 4.50
O3 MDO D 195 23.91 1.44 3.33
N ASP D 196 24.56 3.36 4.50
CA ASP D 196 24.31 4.30 3.36
C ASP D 196 25.54 4.37 2.46
N LEU D 197 25.91 3.22 1.90
CA LEU D 197 27.18 3.03 1.19
C LEU D 197 27.45 4.00 0.05
N ILE D 198 26.52 4.06 -0.91
CA ILE D 198 26.71 4.90 -2.10
C ILE D 198 26.78 6.39 -1.78
N PRO D 199 25.77 6.94 -1.07
CA PRO D 199 25.86 8.37 -0.71
C PRO D 199 27.08 8.76 0.15
N LEU D 200 27.44 7.94 1.12
CA LEU D 200 28.60 8.22 1.98
C LEU D 200 29.93 8.16 1.23
N ALA D 201 29.98 7.35 0.18
CA ALA D 201 31.18 7.26 -0.67
C ALA D 201 31.52 8.60 -1.34
N TYR D 202 30.51 9.47 -1.50
CA TYR D 202 30.73 10.80 -2.05
C TYR D 202 31.42 11.74 -1.07
N ILE D 203 31.16 11.56 0.23
CA ILE D 203 31.91 12.25 1.29
C ILE D 203 33.34 11.71 1.34
N ALA D 204 33.50 10.39 1.19
CA ALA D 204 34.81 9.77 1.14
C ALA D 204 35.57 10.23 -0.12
N GLY D 205 34.87 10.33 -1.24
CA GLY D 205 35.44 10.81 -2.49
C GLY D 205 35.98 12.23 -2.38
N LEU D 206 35.21 13.10 -1.74
CA LEU D 206 35.65 14.48 -1.50
C LEU D 206 36.94 14.47 -0.69
N LEU D 207 36.95 13.71 0.40
CA LEU D 207 38.10 13.59 1.27
C LEU D 207 39.36 13.05 0.56
N ILE D 208 39.18 12.13 -0.39
CA ILE D 208 40.35 11.58 -1.13
C ILE D 208 40.65 12.31 -2.46
N GLY D 209 39.90 13.39 -2.73
CA GLY D 209 40.14 14.23 -3.90
C GLY D 209 39.87 13.57 -5.24
N LYS D 210 38.76 12.82 -5.32
CA LYS D 210 38.33 12.23 -6.59
C LYS D 210 37.88 13.35 -7.55
N PRO D 211 38.45 13.37 -8.77
CA PRO D 211 38.12 14.41 -9.77
C PRO D 211 36.65 14.42 -10.18
N SER D 212 36.02 13.24 -10.24
CA SER D 212 34.61 13.11 -10.66
C SER D 212 33.58 13.59 -9.63
N VAL D 213 34.00 13.71 -8.38
CA VAL D 213 33.12 14.22 -7.32
C VAL D 213 33.12 15.75 -7.32
N ILE D 214 31.93 16.33 -7.44
CA ILE D 214 31.75 17.78 -7.43
C ILE D 214 31.40 18.23 -6.01
N ALA D 215 32.03 19.30 -5.56
CA ALA D 215 31.76 19.85 -4.23
C ALA D 215 31.19 21.26 -4.30
N ARG D 216 30.22 21.55 -3.43
CA ARG D 216 29.71 22.90 -3.24
C ARG D 216 30.57 23.62 -2.22
N ILE D 217 30.86 24.89 -2.49
CA ILE D 217 31.43 25.78 -1.48
C ILE D 217 30.45 26.94 -1.32
N GLY D 218 29.69 26.91 -0.23
CA GLY D 218 28.61 27.87 -0.01
C GLY D 218 27.44 27.58 -0.96
N ASP D 219 26.76 28.65 -1.39
CA ASP D 219 25.58 28.53 -2.27
C ASP D 219 25.88 28.68 -3.75
N ASP D 220 26.96 29.39 -4.07
CA ASP D 220 27.22 29.81 -5.44
C ASP D 220 28.25 28.98 -6.20
N VAL D 221 29.34 28.59 -5.53
CA VAL D 221 30.41 27.89 -6.24
C VAL D 221 30.31 26.37 -6.12
N GLU D 222 30.65 25.70 -7.22
CA GLU D 222 30.91 24.27 -7.19
C GLU D 222 32.09 23.94 -8.10
N VAL D 223 33.03 23.18 -7.55
CA VAL D 223 34.29 22.86 -8.21
C VAL D 223 34.62 21.39 -7.97
N PRO D 224 35.49 20.80 -8.81
CA PRO D 224 35.94 19.43 -8.52
C PRO D 224 36.53 19.30 -7.11
N ALA D 225 36.41 18.10 -6.54
CA ALA D 225 36.87 17.82 -5.18
C ALA D 225 38.32 18.22 -4.86
N PRO D 226 39.29 17.97 -5.79
CA PRO D 226 40.66 18.45 -5.53
C PRO D 226 40.73 19.96 -5.29
N GLU D 227 40.02 20.74 -6.10
CA GLU D 227 40.03 22.19 -6.01
C GLU D 227 39.36 22.69 -4.73
N ALA D 228 38.29 22.03 -4.31
CA ALA D 228 37.58 22.39 -3.08
C ALA D 228 38.47 22.19 -1.86
N LEU D 229 39.16 21.05 -1.80
CA LEU D 229 40.08 20.79 -0.70
C LEU D 229 41.18 21.86 -0.57
N SER D 230 41.80 22.25 -1.69
CA SER D 230 42.88 23.24 -1.63
C SER D 230 42.39 24.64 -1.29
N ARG D 231 41.14 24.95 -1.65
CA ARG D 231 40.53 26.24 -1.31
C ARG D 231 40.30 26.42 0.20
N VAL D 232 40.19 25.31 0.92
CA VAL D 232 40.06 25.34 2.38
C VAL D 232 41.32 24.80 3.07
N GLY D 233 42.43 24.79 2.33
CA GLY D 233 43.74 24.42 2.87
C GLY D 233 43.94 22.96 3.23
N LEU D 234 43.14 22.07 2.64
CA LEU D 234 43.29 20.64 2.87
C LEU D 234 43.96 19.96 1.70
N ARG D 235 44.61 18.83 1.98
CA ARG D 235 45.22 17.99 0.95
C ARG D 235 44.45 16.67 0.89
N PRO D 236 44.40 16.04 -0.30
CA PRO D 236 43.70 14.75 -0.42
C PRO D 236 44.34 13.68 0.46
N PHE D 237 43.53 12.95 1.22
CA PHE D 237 44.00 11.81 2.01
C PHE D 237 44.21 10.56 1.13
N LYS D 238 45.25 9.80 1.46
CA LYS D 238 45.39 8.45 0.97
C LYS D 238 44.85 7.55 2.08
N LEU D 239 43.86 6.73 1.74
CA LEU D 239 43.18 5.89 2.72
C LEU D 239 44.10 4.81 3.30
N GLN D 240 44.06 4.67 4.63
CA GLN D 240 44.79 3.61 5.33
C GLN D 240 43.82 2.48 5.65
N ALA D 241 44.32 1.43 6.31
CA ALA D 241 43.52 0.25 6.67
C ALA D 241 42.18 0.60 7.35
N LYS D 242 41.10 0.01 6.85
CA LYS D 242 39.72 0.21 7.35
C LYS D 242 39.07 1.58 7.05
N GLU D 243 39.85 2.55 6.61
CA GLU D 243 39.37 3.93 6.50
C GLU D 243 38.29 4.15 5.45
N GLY D 244 38.37 3.44 4.32
CA GLY D 244 37.33 3.50 3.30
C GLY D 244 36.02 2.96 3.86
N LEU D 245 36.11 1.79 4.48
CA LEU D 245 34.94 1.14 5.08
C LEU D 245 34.33 1.97 6.21
N ALA D 246 35.19 2.53 7.06
CA ALA D 246 34.73 3.33 8.19
C ALA D 246 33.91 4.54 7.72
N LEU D 247 34.35 5.14 6.63
CA LEU D 247 33.71 6.33 6.06
C LEU D 247 32.33 6.05 5.46
N VAL D 248 32.13 4.84 4.95
CA VAL D 248 30.90 4.50 4.21
C VAL D 248 29.95 3.58 4.98
N ASN D 249 30.44 2.92 6.03
CA ASN D 249 29.67 1.87 6.69
C ASN D 249 28.74 2.37 7.79
N GLY D 250 28.02 3.45 7.52
CA GLY D 250 27.15 4.04 8.53
C GLY D 250 25.74 4.30 8.04
N THR D 251 24.89 4.79 8.94
CA THR D 251 23.50 5.10 8.63
C THR D 251 23.31 6.62 8.56
N SER D 252 24.40 7.33 8.27
CA SER D 252 24.48 8.78 8.34
C SER D 252 23.44 9.54 7.53
N PHE D 253 23.14 9.08 6.33
CA PHE D 253 22.17 9.79 5.49
C PHE D 253 20.72 9.59 5.90
N ALA D 254 20.34 8.35 6.19
CA ALA D 254 19.01 8.04 6.69
C ALA D 254 18.77 8.75 8.01
N THR D 255 19.79 8.74 8.86
CA THR D 255 19.68 9.33 10.19
C THR D 255 19.72 10.86 10.12
N ALA D 256 20.36 11.40 9.09
CA ALA D 256 20.38 12.86 8.84
C ALA D 256 19.00 13.36 8.45
N VAL D 257 18.42 12.74 7.43
CA VAL D 257 17.09 13.08 6.95
C VAL D 257 16.05 12.87 8.04
N ALA D 258 16.15 11.74 8.76
CA ALA D 258 15.24 11.43 9.87
C ALA D 258 15.32 12.44 11.00
N SER D 259 16.50 13.01 11.23
CA SER D 259 16.70 13.98 12.31
C SER D 259 15.91 15.26 12.04
N THR D 260 16.06 15.81 10.84
CA THR D 260 15.30 17.01 10.45
C THR D 260 13.83 16.69 10.33
N VAL D 261 13.51 15.48 9.85
CA VAL D 261 12.13 14.98 9.84
C VAL D 261 11.53 15.05 11.25
N MET D 262 12.25 14.50 12.22
CA MET D 262 11.74 14.41 13.59
C MET D 262 11.64 15.76 14.28
N TYR D 263 12.59 16.66 14.02
CA TYR D 263 12.49 18.02 14.54
C TYR D 263 11.21 18.70 14.03
N ASP D 264 11.01 18.65 12.71
CA ASP D 264 9.80 19.21 12.09
C ASP D 264 8.52 18.55 12.60
N ALA D 265 8.54 17.22 12.75
CA ALA D 265 7.36 16.49 13.24
C ALA D 265 6.94 16.93 14.64
N ASN D 266 7.94 17.19 15.50
CA ASN D 266 7.69 17.73 16.84
C ASN D 266 7.08 19.12 16.80
N VAL D 267 7.67 20.02 16.01
CA VAL D 267 7.18 21.40 15.90
C VAL D 267 5.79 21.47 15.28
N LEU D 268 5.60 20.76 14.17
CA LEU D 268 4.30 20.75 13.48
C LEU D 268 3.20 20.06 14.29
N LEU D 269 3.56 19.01 15.04
CA LEU D 269 2.63 18.38 15.99
C LEU D 269 2.14 19.37 17.04
N LEU D 270 3.07 20.04 17.74
CA LEU D 270 2.67 21.02 18.76
C LEU D 270 1.81 22.10 18.13
N LEU D 271 2.19 22.54 16.94
CA LEU D 271 1.43 23.50 16.16
C LEU D 271 0.01 23.00 15.86
N VAL D 272 -0.11 21.74 15.42
CA VAL D 272 -1.42 21.14 15.13
C VAL D 272 -2.29 21.06 16.39
N GLU D 273 -1.71 20.58 17.48
CA GLU D 273 -2.41 20.51 18.79
C GLU D 273 -2.96 21.89 19.16
N THR D 274 -2.09 22.88 19.18
CA THR D 274 -2.43 24.25 19.58
C THR D 274 -3.58 24.81 18.74
N LEU D 275 -3.52 24.57 17.43
CA LEU D 275 -4.53 25.08 16.50
C LEU D 275 -5.90 24.42 16.62
N CYS D 276 -5.96 23.28 17.30
CA CYS D 276 -7.23 22.65 17.65
C CYS D 276 -8.03 23.57 18.58
N GLY D 277 -7.33 24.30 19.44
CA GLY D 277 -7.96 25.28 20.31
C GLY D 277 -8.51 26.46 19.52
N MET D 278 -7.72 26.95 18.56
CA MET D 278 -8.13 28.07 17.73
C MET D 278 -9.36 27.67 16.91
N PHE D 279 -9.36 26.41 16.45
CA PHE D 279 -10.48 25.85 15.72
C PHE D 279 -11.75 25.83 16.58
N CYS D 280 -11.61 25.41 17.83
CA CYS D 280 -12.73 25.44 18.79
C CYS D 280 -13.29 26.86 18.93
N GLU D 281 -12.40 27.85 19.10
CA GLU D 281 -12.83 29.24 19.21
C GLU D 281 -13.66 29.74 18.04
N VAL D 282 -13.23 29.47 16.80
CA VAL D 282 -13.91 30.01 15.61
C VAL D 282 -15.11 29.18 15.15
N ILE D 283 -15.13 27.90 15.48
CA ILE D 283 -16.23 27.02 15.07
C ILE D 283 -17.42 27.09 16.04
N PHE D 284 -17.22 27.72 17.20
CA PHE D 284 -18.22 27.73 18.28
C PHE D 284 -18.33 26.32 18.89
N GLY D 285 -17.19 25.78 19.29
CA GLY D 285 -17.13 24.48 19.93
C GLY D 285 -17.45 24.59 21.40
N ARG D 286 -17.66 23.44 22.03
CA ARG D 286 -17.82 23.32 23.48
C ARG D 286 -16.51 22.80 24.07
N GLU D 287 -15.83 23.64 24.86
CA GLU D 287 -14.49 23.33 25.37
C GLU D 287 -14.45 22.16 26.35
N GLU D 288 -15.63 21.70 26.77
CA GLU D 288 -15.79 20.58 27.69
C GLU D 288 -15.14 19.28 27.19
N PHE D 289 -14.90 19.18 25.89
CA PHE D 289 -14.25 18.00 25.31
C PHE D 289 -12.85 17.77 25.89
N ALA D 290 -12.24 18.84 26.42
CA ALA D 290 -10.89 18.80 26.99
C ALA D 290 -10.86 18.67 28.51
N HIS D 291 -12.02 18.46 29.12
CA HIS D 291 -12.13 18.31 30.59
C HIS D 291 -11.26 17.14 31.09
N PRO D 292 -10.39 17.41 32.08
CA PRO D 292 -9.41 16.42 32.57
C PRO D 292 -10.00 15.08 33.03
N LEU D 293 -11.25 15.07 33.50
CA LEU D 293 -11.86 13.83 33.98
C LEU D 293 -12.10 12.82 32.85
N ILE D 294 -12.54 13.32 31.70
CA ILE D 294 -12.78 12.48 30.52
C ILE D 294 -11.53 11.68 30.19
N HIS D 295 -10.38 12.33 30.26
CA HIS D 295 -9.12 11.75 29.83
C HIS D 295 -8.39 11.02 30.94
N LYS D 296 -8.70 11.37 32.17
CA LYS D 296 -8.21 10.64 33.34
C LYS D 296 -8.72 9.20 33.31
N VAL D 297 -9.96 9.01 32.87
CA VAL D 297 -10.56 7.67 32.79
C VAL D 297 -10.18 6.90 31.52
N LYS D 298 -9.46 7.55 30.61
CA LYS D 298 -8.88 6.90 29.42
C LYS D 298 -7.45 7.44 29.23
N PRO D 299 -6.52 7.03 30.11
CA PRO D 299 -5.26 7.75 30.31
C PRO D 299 -4.08 7.44 29.35
N HIS D 300 -4.34 7.39 28.04
CA HIS D 300 -3.23 7.44 27.08
C HIS D 300 -2.52 8.77 27.31
N PRO D 301 -1.19 8.74 27.54
CA PRO D 301 -0.43 9.94 27.91
C PRO D 301 -0.63 11.10 26.93
N GLY D 302 -0.68 10.79 25.64
CA GLY D 302 -0.91 11.81 24.60
C GLY D 302 -2.31 12.40 24.63
N GLN D 303 -3.29 11.60 25.05
CA GLN D 303 -4.65 12.08 25.26
C GLN D 303 -4.70 13.06 26.44
N ILE D 304 -4.19 12.64 27.59
CA ILE D 304 -4.14 13.49 28.79
C ILE D 304 -3.43 14.81 28.50
N GLU D 305 -2.23 14.71 27.90
CA GLU D 305 -1.39 15.88 27.68
C GLU D 305 -1.94 16.87 26.64
N SER D 306 -2.51 16.36 25.54
CA SER D 306 -3.09 17.25 24.53
C SER D 306 -4.35 17.93 25.08
N ALA D 307 -5.12 17.21 25.89
CA ALA D 307 -6.32 17.78 26.51
C ALA D 307 -5.95 18.83 27.55
N GLU D 308 -4.90 18.57 28.33
CA GLU D 308 -4.39 19.53 29.31
C GLU D 308 -4.05 20.86 28.64
N LEU D 309 -3.35 20.77 27.52
CA LEU D 309 -2.99 21.94 26.74
C LEU D 309 -4.23 22.68 26.25
N LEU D 310 -5.18 21.93 25.69
CA LEU D 310 -6.39 22.52 25.13
C LEU D 310 -7.27 23.20 26.20
N GLU D 311 -7.43 22.55 27.37
CA GLU D 311 -8.20 23.12 28.48
C GLU D 311 -7.64 24.49 28.87
N TRP D 312 -6.32 24.55 28.98
CA TRP D 312 -5.60 25.76 29.35
C TRP D 312 -5.80 26.85 28.30
N LEU D 313 -5.67 26.48 27.02
CA LEU D 313 -5.82 27.45 25.91
C LEU D 313 -7.20 28.04 25.84
N LEU D 314 -8.20 27.26 26.23
CA LEU D 314 -9.60 27.64 26.07
C LEU D 314 -10.26 28.16 27.35
N ARG D 315 -9.55 28.11 28.47
CA ARG D 315 -10.10 28.58 29.75
C ARG D 315 -10.35 30.08 29.73
N SER D 316 -11.57 30.48 30.08
CA SER D 316 -11.99 31.89 30.06
C SER D 316 -11.77 32.59 28.71
N SER D 317 -11.89 31.83 27.63
CA SER D 317 -11.78 32.39 26.29
C SER D 317 -12.98 33.29 26.00
N PRO D 318 -12.73 34.47 25.40
CA PRO D 318 -13.82 35.35 24.99
C PRO D 318 -14.67 34.75 23.87
N PHE D 319 -14.06 33.93 23.01
CA PHE D 319 -14.82 33.25 21.95
C PHE D 319 -15.73 32.17 22.51
N GLN D 320 -15.26 31.46 23.53
CA GLN D 320 -16.09 30.46 24.21
C GLN D 320 -17.33 31.06 24.87
N GLU D 321 -17.23 32.32 25.30
CA GLU D 321 -18.42 33.09 25.77
C GLU D 321 -19.43 33.32 24.64
N LEU D 322 -18.95 33.66 23.45
CA LEU D 322 -19.83 33.78 22.28
C LEU D 322 -20.50 32.45 21.95
N SER D 323 -19.72 31.37 21.99
CA SER D 323 -20.26 30.02 21.76
C SER D 323 -21.37 29.72 22.77
N ARG D 324 -21.12 30.03 24.04
CA ARG D 324 -22.14 29.86 25.08
C ARG D 324 -23.43 30.62 24.79
N GLU D 325 -23.30 31.89 24.39
CA GLU D 325 -24.45 32.69 24.00
C GLU D 325 -25.17 32.07 22.83
N TYR D 326 -24.41 31.69 21.80
CA TYR D 326 -24.96 31.06 20.60
C TYR D 326 -25.87 29.86 20.92
N TYR D 327 -25.38 28.93 21.72
CA TYR D 327 -26.15 27.73 22.04
C TYR D 327 -27.30 27.99 23.00
N SER D 328 -27.31 29.15 23.65
CA SER D 328 -28.40 29.51 24.57
C SER D 328 -29.61 30.09 23.81
N ILE D 329 -29.40 30.46 22.55
CA ILE D 329 -30.46 30.96 21.67
C ILE D 329 -30.95 29.83 20.76
N ASP D 330 -32.22 29.47 20.89
CA ASP D 330 -32.82 28.31 20.21
C ASP D 330 -32.18 27.00 20.65
N LYS D 331 -31.89 26.92 21.95
CA LYS D 331 -31.11 25.83 22.55
C LYS D 331 -31.46 24.45 21.98
N LEU D 332 -32.75 24.15 21.94
CA LEU D 332 -33.23 22.80 21.61
C LEU D 332 -33.31 22.51 20.11
N LYS D 333 -32.84 23.45 19.29
CA LYS D 333 -32.77 23.24 17.85
C LYS D 333 -31.33 23.22 17.33
N LYS D 334 -30.37 23.28 18.26
CA LYS D 334 -28.94 23.26 17.93
C LYS D 334 -28.26 22.03 18.54
N PRO D 335 -27.18 21.52 17.91
CA PRO D 335 -26.52 20.29 18.35
C PRO D 335 -26.08 20.32 19.81
N LYS D 336 -26.37 19.25 20.54
CA LYS D 336 -25.91 19.09 21.92
C LYS D 336 -24.39 18.85 21.96
N GLN D 337 -23.87 18.22 20.91
CA GLN D 337 -22.45 17.91 20.79
C GLN D 337 -21.83 18.44 19.50
N ASP D 338 -20.54 18.76 19.56
CA ASP D 338 -19.74 19.08 18.38
C ASP D 338 -19.47 17.81 17.58
N ARG D 339 -19.09 17.97 16.32
CA ARG D 339 -18.61 16.85 15.49
C ARG D 339 -17.21 16.41 15.91
N TYR D 340 -16.79 15.24 15.43
CA TYR D 340 -15.57 14.57 15.91
C TYR D 340 -14.27 15.33 15.68
N ALA D 341 -14.19 16.11 14.61
CA ALA D 341 -12.92 16.78 14.24
C ALA D 341 -12.39 17.67 15.38
N LEU D 342 -13.29 18.23 16.18
CA LEU D 342 -12.89 18.90 17.40
C LEU D 342 -12.99 17.99 18.63
N ARG D 343 -14.19 17.46 18.86
CA ARG D 343 -14.53 16.81 20.14
C ARG D 343 -13.68 15.56 20.40
N SER D 344 -13.30 14.88 19.32
CA SER D 344 -12.50 13.68 19.38
C SER D 344 -11.01 13.96 19.15
N SER D 345 -10.62 15.24 19.09
CA SER D 345 -9.23 15.58 18.80
C SER D 345 -8.17 15.06 19.79
N PRO D 346 -8.44 15.10 21.12
CA PRO D 346 -7.41 14.59 22.03
C PRO D 346 -7.18 13.07 21.90
N GLN D 347 -8.26 12.31 21.67
CA GLN D 347 -8.20 10.87 21.44
C GLN D 347 -7.43 10.53 20.16
N TRP D 348 -7.69 11.32 19.12
CA TRP D 348 -7.02 11.18 17.82
C TRP D 348 -5.53 11.50 17.96
N LEU D 349 -5.23 12.63 18.61
CA LEU D 349 -3.87 13.11 18.79
C LEU D 349 -2.98 12.16 19.61
N ALA D 350 -3.57 11.43 20.56
CA ALA D 350 -2.81 10.60 21.50
C ALA D 350 -1.76 9.66 20.86
N PRO D 351 -2.17 8.77 19.94
CA PRO D 351 -1.15 7.89 19.35
C PRO D 351 -0.12 8.68 18.53
N LEU D 352 -0.57 9.77 17.92
CA LEU D 352 0.27 10.61 17.07
C LEU D 352 1.34 11.33 17.90
N VAL D 353 0.94 11.88 19.04
CA VAL D 353 1.89 12.46 20.00
C VAL D 353 2.94 11.41 20.41
N GLN D 354 2.45 10.24 20.80
CA GLN D 354 3.33 9.19 21.32
C GLN D 354 4.28 8.62 20.27
N THR D 355 3.79 8.50 19.03
CA THR D 355 4.61 8.00 17.92
C THR D 355 5.76 8.97 17.62
N ILE D 356 5.41 10.25 17.50
CA ILE D 356 6.38 11.30 17.20
C ILE D 356 7.41 11.45 18.31
N ARG D 357 6.98 11.36 19.57
CA ARG D 357 7.93 11.45 20.71
C ARG D 357 8.84 10.22 20.85
N ASP D 358 8.28 9.02 20.73
CA ASP D 358 9.09 7.79 20.78
C ASP D 358 10.07 7.67 19.61
N ALA D 359 9.69 8.17 18.44
CA ALA D 359 10.58 8.13 17.28
C ALA D 359 11.75 9.09 17.44
N THR D 360 11.52 10.22 18.11
CA THR D 360 12.56 11.21 18.40
C THR D 360 13.67 10.57 19.23
N THR D 361 13.27 9.90 20.31
CA THR D 361 14.18 9.11 21.15
C THR D 361 14.98 8.12 20.30
N THR D 362 14.27 7.31 19.50
CA THR D 362 14.90 6.30 18.65
C THR D 362 15.87 6.90 17.63
N VAL D 363 15.48 7.98 16.96
CA VAL D 363 16.39 8.65 16.02
C VAL D 363 17.64 9.21 16.73
N GLU D 364 17.44 9.88 17.86
CA GLU D 364 18.58 10.44 18.64
C GLU D 364 19.55 9.37 19.13
N THR D 365 19.03 8.21 19.52
CA THR D 365 19.87 7.06 19.87
C THR D 365 20.78 6.67 18.71
N GLU D 366 20.23 6.73 17.49
CA GLU D 366 20.99 6.40 16.29
C GLU D 366 22.03 7.46 15.98
N VAL D 367 21.66 8.73 16.17
CA VAL D 367 22.57 9.86 16.00
C VAL D 367 23.79 9.67 16.90
N ASN D 368 23.54 9.23 18.13
CA ASN D 368 24.58 9.05 19.12
C ASN D 368 24.98 7.58 19.24
N SER D 369 25.41 7.00 18.13
CA SER D 369 25.80 5.61 18.07
C SER D 369 27.03 5.43 17.19
N ALA D 370 27.78 4.37 17.47
CA ALA D 370 28.85 3.96 16.57
C ALA D 370 28.24 3.03 15.52
N ASN D 371 27.72 3.63 14.46
CA ASN D 371 27.14 2.87 13.35
C ASN D 371 28.23 2.58 12.32
N ASP D 372 28.81 1.40 12.45
CA ASP D 372 30.02 1.01 11.74
C ASP D 372 30.23 -0.48 11.99
N ASN D 373 31.11 -1.08 11.18
CA ASN D 373 31.50 -2.47 11.35
C ASN D 373 32.84 -2.76 10.63
N PRO D 374 33.72 -3.56 11.25
CA PRO D 374 33.65 -4.15 12.60
C PRO D 374 33.81 -3.09 13.69
N ILE D 375 33.26 -3.39 14.88
CA ILE D 375 33.43 -2.53 16.05
C ILE D 375 34.75 -2.91 16.72
N ILE D 376 35.69 -1.96 16.76
CA ILE D 376 37.03 -2.22 17.30
C ILE D 376 37.09 -2.06 18.82
N ASP D 377 37.29 -3.17 19.52
CA ASP D 377 37.46 -3.20 20.97
C ASP D 377 38.96 -3.26 21.26
N HIS D 378 39.63 -2.12 21.09
CA HIS D 378 41.08 -2.05 21.26
C HIS D 378 41.57 -2.48 22.64
N ALA D 379 40.80 -2.16 23.68
CA ALA D 379 41.12 -2.53 25.05
C ALA D 379 41.33 -4.04 25.22
N ASN D 380 40.51 -4.84 24.53
CA ASN D 380 40.58 -6.30 24.61
C ASN D 380 41.14 -6.97 23.36
N ASP D 381 41.68 -6.16 22.44
CA ASP D 381 42.27 -6.64 21.18
C ASP D 381 41.31 -7.51 20.36
N ARG D 382 40.11 -6.98 20.14
CA ARG D 382 39.07 -7.69 19.40
C ARG D 382 38.47 -6.78 18.36
N ALA D 383 38.41 -7.27 17.12
CA ALA D 383 37.59 -6.68 16.08
C ALA D 383 36.26 -7.41 16.11
N LEU D 384 35.21 -6.72 16.52
CA LEU D 384 33.89 -7.34 16.73
C LEU D 384 33.01 -7.24 15.50
N HIS D 385 32.60 -8.39 14.98
CA HIS D 385 31.84 -8.47 13.74
C HIS D 385 30.34 -8.53 13.96
N GLY D 386 29.65 -7.49 13.52
CA GLY D 386 28.21 -7.30 13.73
C GLY D 386 27.60 -6.49 12.61
N ALA D 387 26.56 -5.72 12.92
CA ALA D 387 25.78 -5.06 11.89
C ALA D 387 25.18 -3.71 12.27
N ASN D 388 25.98 -2.85 12.88
CA ASN D 388 25.50 -1.53 13.32
C ASN D 388 25.25 -0.54 12.19
N PHE D 389 25.58 -0.95 10.97
CA PHE D 389 25.27 -0.22 9.74
C PHE D 389 23.79 -0.38 9.35
N GLN D 390 23.09 -1.28 10.03
CA GLN D 390 21.70 -1.59 9.71
C GLN D 390 20.78 -0.53 10.29
N GLY D 391 20.19 0.28 9.43
CA GLY D 391 19.32 1.38 9.88
C GLY D 391 17.89 1.01 10.22
N SER D 392 17.68 -0.20 10.74
CA SER D 392 16.31 -0.73 10.96
C SER D 392 15.48 0.04 12.00
N ALA D 393 16.12 0.50 13.06
CA ALA D 393 15.41 1.29 14.07
C ALA D 393 14.84 2.55 13.43
N VAL D 394 15.67 3.25 12.65
CA VAL D 394 15.22 4.44 11.93
C VAL D 394 14.18 4.11 10.84
N GLY D 395 14.44 3.07 10.06
CA GLY D 395 13.54 2.63 8.98
C GLY D 395 12.11 2.38 9.41
N PHE D 396 11.92 1.48 10.36
CA PHE D 396 10.59 1.17 10.88
C PHE D 396 9.90 2.38 11.51
N TYR D 397 10.66 3.19 12.24
CA TYR D 397 10.09 4.36 12.88
C TYR D 397 9.72 5.49 11.91
N MET D 398 10.43 5.58 10.79
CA MET D 398 10.02 6.47 9.70
C MET D 398 8.67 6.06 9.09
N ASP D 399 8.45 4.75 8.95
CA ASP D 399 7.17 4.22 8.50
C ASP D 399 6.03 4.58 9.46
N TYR D 400 6.29 4.47 10.76
CA TYR D 400 5.27 4.80 11.78
C TYR D 400 4.95 6.28 11.77
N VAL D 401 5.98 7.12 11.70
CA VAL D 401 5.79 8.57 11.74
C VAL D 401 4.99 9.05 10.54
N ARG D 402 5.26 8.46 9.38
CA ARG D 402 4.57 8.84 8.17
C ARG D 402 3.07 8.56 8.30
N ILE D 403 2.73 7.44 8.92
CA ILE D 403 1.33 7.11 9.24
C ILE D 403 0.75 8.12 10.24
N ALA D 404 1.54 8.50 11.25
CA ALA D 404 1.10 9.50 12.23
C ALA D 404 0.91 10.89 11.59
N VAL D 405 1.82 11.27 10.69
CA VAL D 405 1.73 12.53 9.95
C VAL D 405 0.44 12.53 9.11
N ALA D 406 0.17 11.40 8.47
CA ALA D 406 -1.07 11.22 7.70
C ALA D 406 -2.31 11.40 8.58
N GLY D 407 -2.24 10.90 9.81
CA GLY D 407 -3.30 11.10 10.80
C GLY D 407 -3.49 12.55 11.21
N LEU D 408 -2.39 13.30 11.29
CA LEU D 408 -2.45 14.74 11.57
C LEU D 408 -3.07 15.48 10.39
N GLY D 409 -2.68 15.12 9.18
CA GLY D 409 -3.29 15.67 7.97
C GLY D 409 -4.80 15.41 7.88
N LYS D 410 -5.21 14.20 8.23
CA LYS D 410 -6.64 13.84 8.18
C LYS D 410 -7.47 14.67 9.18
N LEU D 411 -6.91 14.91 10.37
CA LEU D 411 -7.56 15.78 11.36
C LEU D 411 -7.74 17.21 10.83
N LEU D 412 -6.68 17.77 10.26
CA LEU D 412 -6.73 19.12 9.67
C LEU D 412 -7.72 19.22 8.53
N PHE D 413 -7.75 18.20 7.69
CA PHE D 413 -8.69 18.14 6.57
C PHE D 413 -10.14 18.16 7.05
N ALA D 414 -10.44 17.34 8.06
CA ALA D 414 -11.80 17.23 8.60
C ALA D 414 -12.21 18.54 9.27
N GLN D 415 -11.27 19.18 9.95
CA GLN D 415 -11.54 20.47 10.59
C GLN D 415 -11.78 21.57 9.54
N PHE D 416 -10.92 21.60 8.52
CA PHE D 416 -11.05 22.57 7.42
C PHE D 416 -12.38 22.41 6.70
N THR D 417 -12.76 21.16 6.43
CA THR D 417 -14.01 20.81 5.75
C THR D 417 -15.24 21.35 6.49
N GLU D 418 -15.26 21.17 7.81
CA GLU D 418 -16.36 21.66 8.65
C GLU D 418 -16.49 23.18 8.55
N LEU D 419 -15.34 23.85 8.58
CA LEU D 419 -15.27 25.30 8.53
C LEU D 419 -15.79 25.90 7.22
N MET D 420 -15.77 25.12 6.14
CA MET D 420 -16.19 25.61 4.82
C MET D 420 -17.69 25.44 4.57
N ILE D 421 -18.33 24.61 5.37
CA ILE D 421 -19.72 24.23 5.13
C ILE D 421 -20.63 24.85 6.18
N GLU D 422 -21.56 25.68 5.72
CA GLU D 422 -22.42 26.47 6.62
C GLU D 422 -23.30 25.62 7.53
N TYR D 423 -23.65 24.42 7.07
CA TYR D 423 -24.40 23.47 7.88
C TYR D 423 -23.65 23.04 9.14
N TYR D 424 -22.33 23.15 9.10
CA TYR D 424 -21.45 22.64 10.16
C TYR D 424 -20.58 23.70 10.84
N SER D 425 -20.71 24.96 10.41
CA SER D 425 -19.83 26.00 10.93
C SER D 425 -20.53 26.97 11.90
N ASN D 426 -21.78 26.64 12.26
CA ASN D 426 -22.53 27.36 13.30
C ASN D 426 -22.59 28.90 13.13
N GLY D 427 -22.95 29.34 11.93
CA GLY D 427 -23.13 30.76 11.65
C GLY D 427 -22.21 31.32 10.59
N LEU D 428 -21.08 30.68 10.37
CA LEU D 428 -20.11 31.14 9.39
C LEU D 428 -20.61 30.93 7.96
N PRO D 429 -20.28 31.85 7.05
CA PRO D 429 -20.72 31.70 5.66
C PRO D 429 -20.02 30.54 4.99
N GLY D 430 -20.69 29.89 4.05
CA GLY D 430 -20.07 28.85 3.22
C GLY D 430 -18.78 29.37 2.64
N ASN D 431 -17.74 28.53 2.64
CA ASN D 431 -16.43 28.86 2.08
C ASN D 431 -15.71 30.01 2.79
N LEU D 432 -16.28 30.45 3.90
CA LEU D 432 -15.82 31.65 4.60
C LEU D 432 -15.79 32.86 3.64
N SER D 433 -16.76 32.88 2.71
CA SER D 433 -16.94 33.99 1.78
C SER D 433 -17.55 35.20 2.50
N LEU D 434 -16.77 36.27 2.62
CA LEU D 434 -17.23 37.53 3.21
C LEU D 434 -18.39 38.15 2.40
N GLY D 435 -18.29 38.11 1.08
CA GLY D 435 -19.28 38.76 0.22
C GLY D 435 -19.13 40.27 0.31
N PRO D 436 -20.26 41.00 0.50
CA PRO D 436 -21.64 40.52 0.67
C PRO D 436 -22.21 39.78 -0.53
N ASP D 437 -21.79 40.14 -1.74
CA ASP D 437 -22.25 39.47 -2.95
C ASP D 437 -21.48 38.17 -3.11
N LEU D 438 -22.15 37.05 -2.80
CA LEU D 438 -21.52 35.74 -2.78
C LEU D 438 -21.31 35.15 -4.19
N SER D 439 -22.03 35.68 -5.17
CA SER D 439 -21.92 35.20 -6.55
C SER D 439 -20.63 35.64 -7.24
N VAL D 440 -19.91 36.57 -6.63
CA VAL D 440 -18.60 36.99 -7.13
C VAL D 440 -17.51 36.85 -6.06
N ASP D 441 -17.78 36.01 -5.06
CA ASP D 441 -16.80 35.73 -4.01
C ASP D 441 -16.94 34.30 -3.52
N TYR D 442 -16.07 33.42 -4.00
CA TYR D 442 -16.12 32.00 -3.63
C TYR D 442 -15.14 31.68 -2.50
N GLY D 443 -14.71 32.74 -1.83
CA GLY D 443 -13.90 32.65 -0.62
C GLY D 443 -12.69 31.75 -0.73
N LEU D 444 -12.63 30.77 0.17
CA LEU D 444 -11.50 29.88 0.29
C LEU D 444 -11.74 28.53 -0.37
N LYS D 445 -12.66 28.50 -1.33
CA LYS D 445 -12.99 27.28 -2.08
C LYS D 445 -11.76 26.65 -2.74
N GLY D 446 -10.87 27.49 -3.27
CA GLY D 446 -9.63 27.03 -3.90
C GLY D 446 -8.75 26.31 -2.90
N LEU D 447 -8.66 26.86 -1.70
CA LEU D 447 -7.91 26.23 -0.61
C LEU D 447 -8.58 24.93 -0.15
N ASP D 448 -9.91 24.91 -0.17
CA ASP D 448 -10.68 23.72 0.20
C ASP D 448 -10.40 22.54 -0.72
N ILE D 449 -10.43 22.80 -2.03
CA ILE D 449 -10.11 21.77 -3.01
C ILE D 449 -8.68 21.29 -2.82
N ALA D 450 -7.76 22.23 -2.60
CA ALA D 450 -6.35 21.89 -2.41
C ALA D 450 -6.13 21.03 -1.16
N MET D 451 -6.89 21.29 -0.10
CA MET D 451 -6.81 20.47 1.14
C MET D 451 -7.13 19.00 0.88
N ALA D 452 -8.11 18.74 0.03
CA ALA D 452 -8.41 17.38 -0.39
C ALA D 452 -7.25 16.75 -1.17
N ALA D 453 -6.69 17.50 -2.11
CA ALA D 453 -5.54 17.05 -2.89
C ALA D 453 -4.33 16.75 -2.01
N TYR D 454 -4.09 17.62 -1.03
CA TYR D 454 -3.00 17.40 -0.07
C TYR D 454 -3.23 16.14 0.76
N SER D 455 -4.42 16.01 1.33
CA SER D 455 -4.73 14.88 2.19
C SER D 455 -4.68 13.56 1.41
N SER D 456 -5.19 13.57 0.19
CA SER D 456 -5.17 12.38 -0.66
C SER D 456 -3.76 11.85 -0.91
N GLU D 457 -2.87 12.72 -1.38
CA GLU D 457 -1.49 12.34 -1.66
C GLU D 457 -0.79 11.89 -0.37
N LEU D 458 -1.05 12.60 0.73
CA LEU D 458 -0.47 12.26 2.03
C LEU D 458 -0.87 10.87 2.54
N GLN D 459 -2.14 10.51 2.41
CA GLN D 459 -2.60 9.17 2.79
C GLN D 459 -1.89 8.06 1.99
N TYR D 460 -1.74 8.30 0.68
CA TYR D 460 -1.01 7.42 -0.21
C TYR D 460 0.46 7.28 0.20
N LEU D 461 1.08 8.40 0.58
CA LEU D 461 2.51 8.39 0.92
C LEU D 461 2.79 7.50 2.12
N ALA D 462 1.79 7.35 2.98
CA ALA D 462 1.93 6.69 4.29
C ALA D 462 1.94 5.17 4.28
N ASN D 463 1.82 4.56 3.09
CA ASN D 463 2.12 3.13 2.97
C ASN D 463 3.57 2.87 3.38
N PRO D 464 3.87 1.67 3.90
CA PRO D 464 5.24 1.45 4.37
C PRO D 464 6.25 1.18 3.25
N VAL D 465 7.50 1.56 3.53
CA VAL D 465 8.64 1.24 2.69
C VAL D 465 9.28 -0.07 3.18
N THR D 466 9.26 -0.31 4.50
CA THR D 466 9.99 -1.46 5.10
C THR D 466 9.47 -2.83 4.70
N THR D 467 8.25 -2.88 4.18
CA THR D 467 7.67 -4.12 3.67
C THR D 467 8.22 -4.50 2.28
N HIS D 468 9.12 -3.69 1.71
CA HIS D 468 9.61 -3.91 0.35
C HIS D 468 11.08 -4.34 0.30
N VAL D 469 11.50 -5.09 1.32
CA VAL D 469 12.86 -5.58 1.40
C VAL D 469 13.13 -6.61 0.28
N HIS D 470 14.16 -6.33 -0.52
CA HIS D 470 14.64 -7.27 -1.54
C HIS D 470 15.89 -7.94 -1.00
N SER D 471 16.12 -9.19 -1.38
CA SER D 471 17.38 -9.86 -1.04
C SER D 471 18.47 -9.29 -1.94
N ALA D 472 19.39 -8.53 -1.34
CA ALA D 472 20.33 -7.64 -2.04
C ALA D 472 21.80 -8.04 -1.91
N GLU D 473 22.62 -7.55 -2.84
CA GLU D 473 24.09 -7.68 -2.81
C GLU D 473 24.56 -9.15 -2.75
N GLN D 474 24.34 -9.86 -3.85
CA GLN D 474 24.64 -11.31 -3.94
C GLN D 474 24.02 -12.11 -2.80
N HIS D 475 22.80 -11.70 -2.42
CA HIS D 475 22.05 -12.29 -1.30
C HIS D 475 22.73 -12.22 0.07
N ASN D 476 23.77 -11.39 0.17
CA ASN D 476 24.41 -11.11 1.46
C ASN D 476 23.52 -10.24 2.34
N GLN D 477 22.88 -9.27 1.72
CA GLN D 477 22.05 -8.32 2.46
C GLN D 477 20.59 -8.76 2.34
N ASP D 478 20.28 -9.93 2.90
CA ASP D 478 18.94 -10.52 2.75
C ASP D 478 17.87 -9.89 3.64
N ILE D 479 18.30 -9.03 4.56
CA ILE D 479 17.42 -8.05 5.21
C ILE D 479 18.12 -6.69 5.16
N ASN D 480 17.36 -5.65 4.86
CA ASN D 480 17.92 -4.30 4.82
C ASN D 480 16.85 -3.28 5.13
N SER D 481 17.25 -2.21 5.82
CA SER D 481 16.32 -1.31 6.47
C SER D 481 15.51 -0.39 5.55
N LEU D 482 16.10 -0.01 4.42
CA LEU D 482 15.50 1.00 3.52
C LEU D 482 15.20 2.32 4.24
N ALA D 483 15.93 2.60 5.31
CA ALA D 483 15.67 3.75 6.18
C ALA D 483 15.72 5.08 5.44
N LEU D 484 16.70 5.25 4.55
CA LEU D 484 16.84 6.52 3.81
C LEU D 484 15.65 6.78 2.92
N ILE D 485 15.27 5.76 2.14
CA ILE D 485 14.07 5.84 1.32
C ILE D 485 12.84 6.16 2.19
N SER D 486 12.69 5.48 3.32
CA SER D 486 11.54 5.73 4.21
C SER D 486 11.58 7.14 4.80
N ALA D 487 12.76 7.57 5.24
CA ALA D 487 12.96 8.93 5.74
C ALA D 487 12.56 9.97 4.72
N ARG D 488 13.00 9.77 3.47
CA ARG D 488 12.65 10.64 2.34
C ARG D 488 11.14 10.77 2.11
N LYS D 489 10.41 9.67 2.21
CA LYS D 489 8.95 9.69 2.04
C LYS D 489 8.25 10.41 3.21
N THR D 490 8.76 10.22 4.41
CA THR D 490 8.22 10.89 5.60
C THR D 490 8.45 12.39 5.49
N GLU D 491 9.58 12.77 4.91
CA GLU D 491 9.93 14.16 4.66
C GLU D 491 8.97 14.81 3.67
N GLU D 492 8.66 14.08 2.59
CA GLU D 492 7.68 14.52 1.59
C GLU D 492 6.29 14.68 2.23
N ALA D 493 5.92 13.75 3.09
CA ALA D 493 4.65 13.81 3.84
C ALA D 493 4.57 15.07 4.74
N LEU D 494 5.70 15.46 5.33
CA LEU D 494 5.75 16.65 6.20
C LEU D 494 5.66 17.95 5.42
N ASP D 495 6.15 17.96 4.18
CA ASP D 495 6.00 19.10 3.27
C ASP D 495 4.51 19.36 3.01
N ILE D 496 3.79 18.28 2.72
CA ILE D 496 2.35 18.34 2.52
C ILE D 496 1.61 18.78 3.80
N LEU D 497 2.05 18.28 4.96
CA LEU D 497 1.49 18.71 6.24
C LEU D 497 1.67 20.22 6.46
N LYS D 498 2.86 20.74 6.15
CA LYS D 498 3.15 22.17 6.21
C LYS D 498 2.16 22.98 5.36
N LEU D 499 1.95 22.53 4.13
CA LEU D 499 0.95 23.09 3.23
C LEU D 499 -0.42 23.13 3.90
N MET D 500 -0.78 22.03 4.58
CA MET D 500 -2.09 21.89 5.19
C MET D 500 -2.23 22.77 6.42
N ILE D 501 -1.14 22.90 7.19
CA ILE D 501 -1.15 23.79 8.36
C ILE D 501 -1.28 25.25 7.92
N ALA D 502 -0.46 25.65 6.94
CA ALA D 502 -0.53 27.00 6.36
C ALA D 502 -1.95 27.40 5.94
N SER D 503 -2.63 26.54 5.19
CA SER D 503 -4.01 26.80 4.76
C SER D 503 -5.01 26.88 5.92
N HIS D 504 -4.87 25.96 6.87
CA HIS D 504 -5.74 25.87 8.04
C HIS D 504 -5.65 27.13 8.91
N LEU D 505 -4.43 27.56 9.23
CA LEU D 505 -4.21 28.81 10.00
C LEU D 505 -4.76 30.04 9.26
N THR D 506 -4.50 30.12 7.97
CA THR D 506 -5.01 31.18 7.12
C THR D 506 -6.53 31.23 7.20
N ALA D 507 -7.18 30.07 7.11
CA ALA D 507 -8.64 29.98 7.14
C ALA D 507 -9.21 30.40 8.49
N MET D 508 -8.49 30.11 9.56
CA MET D 508 -8.95 30.43 10.91
C MET D 508 -8.82 31.91 11.26
N CYS D 509 -7.79 32.56 10.74
CA CYS D 509 -7.70 34.01 10.82
C CYS D 509 -8.86 34.63 10.06
N GLN D 510 -9.18 34.08 8.88
CA GLN D 510 -10.36 34.49 8.12
C GLN D 510 -11.61 34.37 8.99
N ALA D 511 -11.79 33.22 9.63
CA ALA D 511 -12.95 32.98 10.49
C ALA D 511 -12.97 33.88 11.73
N VAL D 512 -11.78 34.23 12.25
CA VAL D 512 -11.68 35.19 13.36
C VAL D 512 -12.27 36.54 12.93
N ASP D 513 -11.82 37.04 11.77
CA ASP D 513 -12.35 38.30 11.23
C ASP D 513 -13.86 38.23 11.00
N LEU D 514 -14.33 37.07 10.52
CA LEU D 514 -15.76 36.85 10.28
C LEU D 514 -16.61 36.75 11.56
N ARG D 515 -16.04 36.21 12.64
CA ARG D 515 -16.76 36.13 13.91
C ARG D 515 -16.91 37.50 14.58
N GLN D 516 -15.81 38.27 14.56
CA GLN D 516 -15.82 39.62 15.12
C GLN D 516 -16.70 40.55 14.29
N LEU D 517 -16.69 40.37 12.98
CA LEU D 517 -17.60 41.14 12.11
C LEU D 517 -19.04 40.72 12.36
N GLU D 518 -19.26 39.43 12.59
CA GLU D 518 -20.59 38.92 12.92
C GLU D 518 -21.15 39.61 14.18
N GLU D 519 -20.34 39.68 15.22
CA GLU D 519 -20.74 40.29 16.49
C GLU D 519 -21.15 41.75 16.31
N ALA D 520 -20.35 42.50 15.56
CA ALA D 520 -20.64 43.91 15.25
C ALA D 520 -21.90 44.08 14.42
N LEU D 521 -22.07 43.21 13.42
CA LEU D 521 -23.24 43.25 12.53
C LEU D 521 -24.55 42.98 13.26
N VAL D 522 -24.54 42.01 14.18
CA VAL D 522 -25.72 41.68 14.97
C VAL D 522 -26.16 42.86 15.83
N LYS D 523 -25.20 43.53 16.48
CA LYS D 523 -25.47 44.72 17.29
C LYS D 523 -26.13 45.83 16.46
N VAL D 524 -25.57 46.08 15.28
CA VAL D 524 -26.13 47.05 14.34
C VAL D 524 -27.59 46.75 13.98
N VAL D 525 -27.89 45.48 13.65
CA VAL D 525 -29.26 45.08 13.30
C VAL D 525 -30.18 45.25 14.51
N GLU D 526 -29.73 44.77 15.67
CA GLU D 526 -30.47 44.93 16.92
C GLU D 526 -30.78 46.41 17.22
N ASN D 527 -29.78 47.27 17.05
CA ASN D 527 -29.94 48.71 17.23
C ASN D 527 -30.97 49.33 16.28
N VAL D 528 -30.84 49.01 14.98
CA VAL D 528 -31.76 49.51 13.97
C VAL D 528 -33.20 49.04 14.25
N VAL D 529 -33.38 47.74 14.50
CA VAL D 529 -34.69 47.20 14.85
C VAL D 529 -35.29 47.84 16.11
N SER D 530 -34.46 48.00 17.15
CA SER D 530 -34.91 48.58 18.42
C SER D 530 -35.33 50.05 18.28
N THR D 531 -34.46 50.85 17.67
CA THR D 531 -34.74 52.27 17.47
C THR D 531 -35.93 52.51 16.55
N LEU D 532 -36.05 51.71 15.49
CA LEU D 532 -37.15 51.85 14.53
C LEU D 532 -38.48 51.34 15.07
N ALA D 533 -38.41 50.48 16.09
CA ALA D 533 -39.61 50.02 16.78
C ALA D 533 -40.23 51.15 17.57
N ASP D 534 -39.35 51.97 18.17
CA ASP D 534 -39.76 53.15 18.92
C ASP D 534 -40.26 54.26 17.99
N GLU D 535 -39.49 54.57 16.95
CA GLU D 535 -39.86 55.58 15.96
C GLU D 535 -41.23 55.32 15.35
N CYS D 536 -41.54 54.05 15.14
CA CYS D 536 -42.82 53.65 14.54
C CYS D 536 -43.88 53.37 15.61
N GLY D 537 -43.52 53.58 16.87
CA GLY D 537 -44.44 53.43 17.99
C GLY D 537 -45.08 52.06 18.10
N LEU D 538 -44.25 51.03 17.92
CA LEU D 538 -44.71 49.64 18.01
C LEU D 538 -44.95 49.22 19.46
N PRO D 539 -45.93 48.33 19.69
CA PRO D 539 -46.17 47.81 21.04
C PRO D 539 -44.96 47.05 21.57
N ASN D 540 -44.84 46.97 22.90
CA ASN D 540 -43.73 46.28 23.57
C ASN D 540 -43.66 44.79 23.24
N ASP D 541 -44.80 44.18 22.92
CA ASP D 541 -44.87 42.80 22.45
C ASP D 541 -44.16 42.66 21.11
N THR D 542 -44.49 43.56 20.17
CA THR D 542 -43.89 43.57 18.84
C THR D 542 -42.37 43.81 18.92
N LYS D 543 -41.96 44.79 19.72
CA LYS D 543 -40.56 45.17 19.86
C LYS D 543 -39.69 43.99 20.31
N ALA D 544 -40.08 43.36 21.42
CA ALA D 544 -39.35 42.21 21.97
C ALA D 544 -39.27 41.02 21.02
N ARG D 545 -40.37 40.75 20.31
CA ARG D 545 -40.45 39.65 19.35
C ARG D 545 -39.57 39.89 18.12
N LEU D 546 -39.46 41.15 17.71
CA LEU D 546 -38.63 41.56 16.58
C LEU D 546 -37.14 41.55 16.93
N LEU D 547 -36.83 41.94 18.17
CA LEU D 547 -35.44 41.96 18.64
C LEU D 547 -34.86 40.56 18.85
N TYR D 548 -35.74 39.60 19.16
CA TYR D 548 -35.34 38.21 19.31
C TYR D 548 -34.95 37.62 17.95
N VAL D 549 -35.70 37.99 16.91
CA VAL D 549 -35.38 37.59 15.53
C VAL D 549 -34.02 38.16 15.11
N ALA D 550 -33.77 39.42 15.44
CA ALA D 550 -32.49 40.06 15.13
C ALA D 550 -31.31 39.41 15.88
N LYS D 551 -31.63 38.77 16.99
CA LYS D 551 -30.64 38.09 17.83
C LYS D 551 -30.43 36.64 17.34
N ALA D 552 -31.53 35.96 17.01
CA ALA D 552 -31.51 34.54 16.68
C ALA D 552 -31.02 34.21 15.27
N VAL D 553 -31.37 35.04 14.29
CA VAL D 553 -31.10 34.74 12.89
C VAL D 553 -29.62 34.93 12.55
N PRO D 554 -28.94 33.88 12.07
CA PRO D 554 -27.53 34.00 11.69
C PRO D 554 -27.36 35.09 10.62
N VAL D 555 -26.54 36.10 10.93
CA VAL D 555 -26.43 37.29 10.08
C VAL D 555 -25.89 37.01 8.67
N TYR D 556 -25.02 36.01 8.56
CA TYR D 556 -24.42 35.65 7.26
C TYR D 556 -25.41 35.00 6.29
N THR D 557 -26.58 34.60 6.79
CA THR D 557 -27.63 34.06 5.92
C THR D 557 -28.37 35.15 5.13
N TYR D 558 -28.20 36.40 5.53
CA TYR D 558 -28.87 37.50 4.82
C TYR D 558 -27.99 38.72 4.55
N LEU D 559 -26.70 38.64 4.87
CA LEU D 559 -25.77 39.75 4.64
C LEU D 559 -25.78 40.20 3.17
N GLU D 560 -25.98 39.25 2.25
CA GLU D 560 -26.00 39.52 0.81
C GLU D 560 -27.05 40.56 0.39
N SER D 561 -28.25 40.45 0.96
CA SER D 561 -29.34 41.37 0.69
C SER D 561 -30.30 41.40 1.88
N PRO D 562 -29.97 42.23 2.87
CA PRO D 562 -30.64 42.22 4.19
C PRO D 562 -32.15 42.43 4.16
N CYS D 563 -32.65 43.15 3.16
CA CYS D 563 -34.09 43.43 3.04
C CYS D 563 -34.77 42.63 1.94
N ASP D 564 -34.10 41.58 1.47
CA ASP D 564 -34.70 40.61 0.55
C ASP D 564 -35.77 39.85 1.33
N PRO D 565 -37.03 39.90 0.84
CA PRO D 565 -38.13 39.29 1.60
C PRO D 565 -38.10 37.76 1.65
N THR D 566 -37.22 37.12 0.86
CA THR D 566 -37.09 35.65 0.86
C THR D 566 -35.91 35.16 1.67
N LEU D 567 -35.13 36.09 2.25
CA LEU D 567 -34.00 35.74 3.10
C LEU D 567 -34.38 35.78 4.58
N PRO D 568 -33.68 34.99 5.42
CA PRO D 568 -34.10 34.68 6.80
C PRO D 568 -34.48 35.84 7.74
N LEU D 569 -33.82 36.99 7.65
CA LEU D 569 -34.18 38.12 8.52
C LEU D 569 -35.61 38.59 8.29
N LEU D 570 -35.95 38.91 7.04
CA LEU D 570 -37.28 39.41 6.73
C LEU D 570 -38.32 38.31 6.90
N LEU D 571 -37.92 37.06 6.68
CA LEU D 571 -38.82 35.93 6.92
C LEU D 571 -39.20 35.83 8.40
N GLY D 572 -38.21 35.99 9.28
CA GLY D 572 -38.45 35.94 10.73
C GLY D 572 -39.27 37.11 11.23
N LEU D 573 -39.02 38.29 10.67
CA LEU D 573 -39.76 39.49 11.04
C LEU D 573 -41.22 39.42 10.54
N LYS D 574 -41.42 38.83 9.36
CA LYS D 574 -42.76 38.65 8.80
C LYS D 574 -43.64 37.73 9.67
N GLN D 575 -43.13 36.56 10.03
CA GLN D 575 -43.86 35.62 10.87
C GLN D 575 -44.19 36.21 12.25
N SER D 576 -43.25 36.95 12.82
CA SER D 576 -43.44 37.65 14.09
C SER D 576 -44.47 38.78 13.97
N CYS D 577 -44.56 39.38 12.78
CA CYS D 577 -45.51 40.46 12.55
C CYS D 577 -46.93 39.94 12.37
N PHE D 578 -47.07 38.74 11.83
CA PHE D 578 -48.37 38.06 11.80
C PHE D 578 -48.77 37.60 13.21
N ASP D 579 -47.79 37.16 14.00
CA ASP D 579 -48.04 36.69 15.35
C ASP D 579 -48.49 37.81 16.29
N THR D 580 -47.83 38.96 16.21
CA THR D 580 -48.19 40.13 17.02
C THR D 580 -49.54 40.74 16.62
N ILE D 581 -49.91 40.63 15.35
CA ILE D 581 -51.25 41.05 14.88
C ILE D 581 -52.32 40.14 15.47
N LEU D 582 -52.04 38.84 15.48
CA LEU D 582 -52.97 37.83 15.98
C LEU D 582 -53.11 37.88 17.50
N ALA D 583 -52.02 38.20 18.19
CA ALA D 583 -52.00 38.26 19.65
C ALA D 583 -52.70 39.50 20.21
N LEU D 584 -52.66 40.60 19.45
CA LEU D 584 -53.22 41.88 19.92
C LEU D 584 -54.56 42.22 19.27
N HIS D 585 -55.05 41.31 18.43
CA HIS D 585 -56.32 41.47 17.72
C HIS D 585 -57.53 41.46 18.67
N GLU D 591 -56.62 49.57 18.02
CA GLU D 591 -57.14 49.43 16.66
C GLU D 591 -56.13 48.66 15.82
N THR D 592 -56.62 47.64 15.10
CA THR D 592 -55.73 46.75 14.34
C THR D 592 -55.27 47.36 13.01
N ASP D 593 -56.09 48.23 12.42
CA ASP D 593 -55.71 48.95 11.20
C ASP D 593 -54.49 49.86 11.40
N THR D 594 -54.38 50.44 12.60
CA THR D 594 -53.28 51.32 12.94
C THR D 594 -51.99 50.53 13.22
N LEU D 595 -52.17 49.33 13.79
CA LEU D 595 -51.05 48.43 14.06
C LEU D 595 -50.43 47.95 12.74
N VAL D 596 -51.28 47.60 11.78
CA VAL D 596 -50.84 47.22 10.43
C VAL D 596 -50.17 48.38 9.72
N ASP D 597 -50.65 49.60 9.96
CA ASP D 597 -50.04 50.82 9.43
C ASP D 597 -48.64 51.04 10.00
N ARG D 598 -48.49 50.79 11.29
CA ARG D 598 -47.21 50.96 11.98
C ARG D 598 -46.19 49.88 11.58
N LEU D 599 -46.68 48.67 11.31
CA LEU D 599 -45.82 47.57 10.85
C LEU D 599 -45.35 47.80 9.42
N ALA D 600 -46.22 48.35 8.58
CA ALA D 600 -45.87 48.67 7.19
C ALA D 600 -44.88 49.83 7.13
N GLU D 601 -44.99 50.75 8.07
CA GLU D 601 -44.04 51.85 8.21
C GLU D 601 -42.69 51.34 8.72
N PHE D 602 -42.73 50.31 9.58
CA PHE D 602 -41.52 49.65 10.07
C PHE D 602 -40.75 48.97 8.92
N GLU D 603 -41.47 48.27 8.05
CA GLU D 603 -40.87 47.62 6.88
C GLU D 603 -40.19 48.59 5.92
N LYS D 604 -40.82 49.76 5.71
CA LYS D 604 -40.28 50.76 4.80
C LYS D 604 -39.04 51.43 5.38
N ARG D 605 -39.10 51.78 6.66
CA ARG D 605 -37.99 52.43 7.36
C ARG D 605 -36.76 51.52 7.47
N LEU D 606 -36.99 50.23 7.63
CA LEU D 606 -35.94 49.24 7.63
C LEU D 606 -35.30 49.13 6.25
N SER D 607 -36.15 49.20 5.22
CA SER D 607 -35.72 48.95 3.83
C SER D 607 -34.87 50.05 3.22
N ASP D 608 -34.70 51.17 3.92
CA ASP D 608 -33.84 52.25 3.44
C ASP D 608 -32.74 52.65 4.42
N ARG D 609 -32.77 52.07 5.62
CA ARG D 609 -31.77 52.36 6.65
C ARG D 609 -30.88 51.18 7.04
N LEU D 610 -31.44 49.97 7.06
CA LEU D 610 -30.71 48.80 7.59
C LEU D 610 -29.44 48.42 6.81
N GLU D 611 -29.55 48.28 5.49
CA GLU D 611 -28.39 47.88 4.67
C GLU D 611 -27.22 48.86 4.78
N ASN D 612 -27.52 50.16 4.72
CA ASN D 612 -26.51 51.20 4.85
C ASN D 612 -25.73 51.17 6.16
N GLU D 613 -26.42 50.91 7.26
CA GLU D 613 -25.80 50.83 8.59
C GLU D 613 -24.89 49.61 8.68
N MET D 614 -25.31 48.51 8.03
CA MET D 614 -24.52 47.28 8.00
C MET D 614 -23.29 47.41 7.10
N THR D 615 -23.48 47.97 5.91
CA THR D 615 -22.39 48.29 5.00
C THR D 615 -21.33 49.16 5.71
N ALA D 616 -21.78 50.19 6.42
CA ALA D 616 -20.88 51.12 7.11
C ALA D 616 -19.97 50.44 8.12
N VAL D 617 -20.53 49.54 8.93
CA VAL D 617 -19.75 48.82 9.95
C VAL D 617 -18.79 47.82 9.30
N ARG D 618 -19.21 47.21 8.19
CA ARG D 618 -18.35 46.28 7.44
C ARG D 618 -17.17 46.99 6.80
N VAL D 619 -17.42 48.12 6.15
CA VAL D 619 -16.35 48.96 5.59
C VAL D 619 -15.39 49.42 6.70
N LEU D 620 -15.95 49.89 7.82
CA LEU D 620 -15.17 50.24 9.00
C LEU D 620 -14.22 49.10 9.39
N TYR D 621 -14.77 47.89 9.53
CA TYR D 621 -13.96 46.72 9.91
C TYR D 621 -12.84 46.42 8.90
N GLU D 622 -13.13 46.64 7.62
CA GLU D 622 -12.16 46.38 6.54
C GLU D 622 -11.02 47.39 6.43
N LYS D 623 -11.16 48.55 7.07
CA LYS D 623 -10.14 49.62 7.01
C LYS D 623 -8.71 49.12 7.17
N VAL D 636 -13.21 43.83 20.58
CA VAL D 636 -12.54 42.88 19.67
C VAL D 636 -12.03 41.67 20.46
N ARG D 637 -12.63 40.51 20.18
CA ARG D 637 -12.49 39.33 21.03
C ARG D 637 -11.17 38.56 20.91
N ILE D 638 -10.47 38.73 19.79
CA ILE D 638 -9.13 38.14 19.63
C ILE D 638 -8.13 38.74 20.62
N GLN D 639 -8.35 39.99 21.01
CA GLN D 639 -7.47 40.66 21.97
C GLN D 639 -7.38 39.94 23.33
N GLY D 640 -8.45 39.24 23.70
CA GLY D 640 -8.45 38.45 24.94
C GLY D 640 -8.17 36.96 24.77
N SER D 641 -7.83 36.53 23.56
CA SER D 641 -7.60 35.12 23.26
C SER D 641 -6.13 34.74 23.30
N LYS D 642 -5.84 33.51 23.71
CA LYS D 642 -4.48 32.96 23.67
C LYS D 642 -3.90 32.91 22.25
N PHE D 643 -4.78 32.94 21.25
CA PHE D 643 -4.38 32.83 19.84
C PHE D 643 -4.16 34.18 19.16
N LEU D 644 -4.19 35.25 19.95
CA LEU D 644 -3.85 36.59 19.47
C LEU D 644 -2.46 36.66 18.79
N PRO D 645 -1.42 36.06 19.40
CA PRO D 645 -0.12 36.02 18.72
C PRO D 645 -0.17 35.49 17.28
N PHE D 646 -0.90 34.40 17.05
CA PHE D 646 -1.04 33.85 15.69
C PHE D 646 -1.75 34.82 14.76
N TYR D 647 -2.85 35.41 15.23
CA TYR D 647 -3.61 36.37 14.45
C TYR D 647 -2.80 37.64 14.12
N ARG D 648 -2.15 38.22 15.13
CA ARG D 648 -1.26 39.37 14.97
C ARG D 648 -0.14 39.08 13.97
N PHE D 649 0.46 37.91 14.10
CA PHE D 649 1.54 37.50 13.21
C PHE D 649 1.10 37.44 11.75
N VAL D 650 -0.05 36.82 11.50
CA VAL D 650 -0.55 36.63 10.14
C VAL D 650 -1.07 37.94 9.53
N ARG D 651 -1.80 38.71 10.34
CA ARG D 651 -2.37 39.98 9.87
C ARG D 651 -1.38 41.15 9.81
N GLU D 652 -0.59 41.34 10.87
CA GLU D 652 0.30 42.50 10.99
C GLU D 652 1.71 42.24 10.47
N GLU D 653 2.39 41.26 11.05
CA GLU D 653 3.76 40.96 10.68
C GLU D 653 3.90 40.46 9.23
N LEU D 654 2.91 39.69 8.78
CA LEU D 654 2.91 39.16 7.42
C LEU D 654 2.11 40.05 6.48
N ASP D 655 1.47 41.08 7.05
CA ASP D 655 0.71 42.08 6.29
C ASP D 655 -0.35 41.43 5.40
N THR D 656 -1.39 40.91 6.03
CA THR D 656 -2.55 40.36 5.32
C THR D 656 -3.83 41.02 5.82
N GLY D 657 -4.96 40.64 5.24
CA GLY D 657 -6.27 41.12 5.69
C GLY D 657 -7.36 40.10 5.44
N VAL D 658 -8.58 40.43 5.85
CA VAL D 658 -9.73 39.59 5.53
C VAL D 658 -9.82 39.40 4.02
N MET D 659 -10.09 38.18 3.61
CA MET D 659 -10.14 37.83 2.19
C MET D 659 -11.51 38.17 1.61
N SER D 660 -11.50 38.79 0.43
CA SER D 660 -12.72 39.26 -0.23
C SER D 660 -12.43 39.66 -1.68
N ALA D 661 -13.48 40.04 -2.40
CA ALA D 661 -13.36 40.60 -3.75
C ALA D 661 -12.68 41.96 -3.78
N ARG D 662 -12.62 42.65 -2.63
CA ARG D 662 -12.00 43.98 -2.55
C ARG D 662 -10.52 43.94 -2.15
N ARG D 663 -10.04 42.74 -1.81
CA ARG D 663 -8.63 42.53 -1.52
C ARG D 663 -7.99 41.89 -2.75
N GLU D 664 -7.05 42.60 -3.38
CA GLU D 664 -6.47 42.16 -4.65
C GLU D 664 -5.55 40.95 -4.50
N GLN D 665 -4.86 40.85 -3.36
CA GLN D 665 -3.99 39.72 -3.07
C GLN D 665 -4.73 38.39 -3.19
N THR D 666 -4.09 37.41 -3.85
CA THR D 666 -4.71 36.10 -4.07
C THR D 666 -4.52 35.18 -2.86
N PRO D 667 -5.34 34.11 -2.75
CA PRO D 667 -5.13 33.11 -1.70
C PRO D 667 -3.69 32.62 -1.66
N GLN D 668 -3.08 32.42 -2.83
CA GLN D 668 -1.68 32.02 -2.96
C GLN D 668 -0.76 32.97 -2.20
N GLU D 669 -0.94 34.27 -2.41
CA GLU D 669 -0.10 35.29 -1.81
C GLU D 669 -0.19 35.28 -0.29
N ASP D 670 -1.40 35.04 0.22
CA ASP D 670 -1.63 34.99 1.66
C ASP D 670 -1.06 33.70 2.28
N VAL D 671 -1.34 32.56 1.63
CA VAL D 671 -0.91 31.27 2.17
C VAL D 671 0.60 31.04 2.06
N GLN D 672 1.19 31.49 0.96
CA GLN D 672 2.65 31.45 0.78
C GLN D 672 3.41 32.10 1.94
N LYS D 673 2.96 33.28 2.34
CA LYS D 673 3.56 34.02 3.46
C LYS D 673 3.54 33.16 4.71
N VAL D 674 2.40 32.51 4.96
CA VAL D 674 2.22 31.66 6.12
C VAL D 674 3.06 30.39 6.00
N PHE D 675 3.06 29.78 4.81
CA PHE D 675 3.90 28.60 4.55
C PHE D 675 5.38 28.87 4.79
N ASP D 676 5.89 29.96 4.22
CA ASP D 676 7.30 30.33 4.37
C ASP D 676 7.68 30.52 5.83
N ALA D 677 6.76 31.10 6.61
CA ALA D 677 6.98 31.32 8.04
C ALA D 677 7.00 29.99 8.82
N ILE D 678 6.21 29.02 8.37
CA ILE D 678 6.26 27.66 8.92
C ILE D 678 7.58 26.96 8.53
N ALA D 679 7.93 27.07 7.25
CA ALA D 679 9.13 26.45 6.69
C ALA D 679 10.43 26.95 7.34
N ASP D 680 10.59 28.27 7.47
CA ASP D 680 11.83 28.82 8.04
C ASP D 680 11.85 28.92 9.57
N GLY D 681 10.72 28.61 10.22
CA GLY D 681 10.66 28.55 11.68
C GLY D 681 10.20 29.83 12.37
N ARG D 682 9.84 30.85 11.61
CA ARG D 682 9.32 32.09 12.19
C ARG D 682 7.97 31.89 12.90
N ILE D 683 7.26 30.85 12.51
CA ILE D 683 5.98 30.48 13.13
C ILE D 683 6.13 30.14 14.61
N THR D 684 7.34 29.77 15.03
CA THR D 684 7.59 29.39 16.42
C THR D 684 7.54 30.56 17.40
N VAL D 685 7.74 31.78 16.89
CA VAL D 685 7.63 32.97 17.75
C VAL D 685 6.20 33.16 18.27
N PRO D 686 5.20 33.30 17.37
CA PRO D 686 3.85 33.39 17.91
C PRO D 686 3.42 32.16 18.74
N LEU D 687 3.96 30.99 18.40
CA LEU D 687 3.64 29.75 19.13
C LEU D 687 4.17 29.74 20.56
N LEU D 688 5.41 30.19 20.75
CA LEU D 688 5.99 30.27 22.08
C LEU D 688 5.31 31.35 22.93
N HIS D 689 4.95 32.45 22.29
CA HIS D 689 4.16 33.54 22.89
C HIS D 689 2.77 33.04 23.32
N CYS D 690 2.09 32.31 22.44
CA CYS D 690 0.78 31.73 22.74
C CYS D 690 0.83 30.83 23.98
N LEU D 691 1.94 30.12 24.15
CA LEU D 691 2.08 29.07 25.15
C LEU D 691 2.76 29.50 26.46
N GLN D 692 3.24 30.74 26.54
CA GLN D 692 3.99 31.16 27.72
C GLN D 692 3.13 31.14 28.99
N GLY D 693 3.67 30.52 30.04
CA GLY D 693 2.94 30.35 31.29
C GLY D 693 2.25 29.00 31.45
N PHE D 694 2.18 28.23 30.36
CA PHE D 694 1.61 26.88 30.41
C PHE D 694 2.53 26.00 31.25
N LEU D 695 1.98 25.47 32.35
CA LEU D 695 2.73 24.60 33.28
C LEU D 695 4.02 25.23 33.82
C1 BME E . 17.98 -32.13 -3.85
C2 BME E . 17.42 -31.47 -5.11
O1 BME E . 17.83 -31.28 -2.71
S2 BME E . 18.53 -30.17 -5.82
C1 BME F . 9.03 -27.27 -9.96
C2 BME F . 9.39 -25.77 -9.88
O1 BME F . 8.48 -27.57 -11.26
S2 BME F . 7.95 -24.68 -10.23
C FMT G . 8.95 -25.82 -14.23
O1 FMT G . 8.21 -26.36 -15.09
O2 FMT G . 10.05 -25.29 -14.44
C1 BME H . -19.91 31.53 -2.24
C2 BME H . -21.27 30.93 -2.67
O1 BME H . -19.52 30.98 -0.95
S2 BME H . -21.45 29.13 -2.32
C1 BME I . -15.86 24.40 -10.63
C2 BME I . -15.77 23.32 -9.54
O1 BME I . -16.77 23.97 -11.64
S2 BME I . -14.96 21.77 -10.09
C1 GOL J . 34.29 -0.57 -9.61
O1 GOL J . 34.43 -1.78 -8.89
C2 GOL J . 35.00 -0.67 -10.96
O2 GOL J . 35.02 0.61 -11.56
C3 GOL J . 36.43 -1.12 -10.71
O3 GOL J . 36.53 -2.47 -11.05
C FMT K . -18.54 21.66 -12.98
O1 FMT K . -18.41 21.85 -14.23
O2 FMT K . -19.33 20.85 -12.47
C1 BME L . -33.24 10.88 12.63
C2 BME L . -33.11 12.31 13.13
O1 BME L . -33.17 10.84 11.19
S2 BME L . -31.42 12.99 12.93
C1 BME M . -23.89 8.05 18.32
C2 BME M . -23.21 7.19 17.25
O1 BME M . -23.37 7.75 19.62
S2 BME M . -21.38 7.26 17.28
C FMT N . -21.21 9.61 21.09
O1 FMT N . -21.14 10.74 20.57
O2 FMT N . -21.33 9.36 22.30
C1 BME O . 34.82 -9.42 -6.15
C2 BME O . 35.19 -10.49 -5.12
O1 BME O . 33.93 -9.96 -7.12
S2 BME O . 33.72 -11.38 -4.44
C1 BME P . 30.26 -3.42 2.61
C2 BME P . 29.02 -4.24 2.21
O1 BME P . 30.53 -3.61 4.00
S2 BME P . 27.48 -3.68 3.03
C FMT Q . 29.59 -4.89 6.73
O1 FMT Q . 29.36 -6.11 6.74
O2 FMT Q . 30.33 -4.26 7.53
#